data_3WFP
#
_entry.id   3WFP
#
_cell.length_a   126.910
_cell.length_b   138.360
_cell.length_c   147.620
_cell.angle_alpha   90.00
_cell.angle_beta   111.04
_cell.angle_gamma   90.00
#
_symmetry.space_group_name_H-M   'P 1 21 1'
#
loop_
_entity.id
_entity.type
_entity.pdbx_description
1 polymer 'Poly A polymerase'
2 non-polymer 'SULFATE ION'
#
_entity_poly.entity_id   1
_entity_poly.type   'polypeptide(L)'
_entity_poly.pdbx_seq_one_letter_code
;MLNFYLSYFDDVAKVLPREHYCFIVGGWVRDRILGEPVGYNIDVDFLTTADPVELAKNFAKRIGGHFFVFEKRGFLIKRP
TIASVVLHLPPYRYRFDFSPLKGKDLEKALIEDLKERDFTANAIAVNLDDVLSIGAKQTIVYDPTGGIKDLEQGLLRPVS
IENLKRDPVRVLRGFRIAIEKNLQLTEDFYEFVKEDPRIVLKSAVERITHELFKIMKEKTAHKVIRELYEYGVLEAIIPE
IGRLREVKDQGEHHIYPLDEHTLKTLEYLEQVIEDRAKYLSAELLENFGKKRVLGEFTDVELLKWGALFHDIGKPQTFAV
REGKVTFYEHDKVGAQIVREIGERLRWGDEATEFVAKLVRHHLRPFFLREAFKKGELKRRGMANFWRECGDIAPHLFLLS
IADAMASGDEEEDIKALMETIAELESFNRNEMKEE(UNK)(UNK)(UNK)(UNK)(UNK)(UNK)(UNK)(UNK)(UNK)
(UNK)(UNK)(UNK)(UNK)(UNK)(UNK)(UNK)(UNK)(UNK)(UNK)(UNK)(UNK)(UNK)(UNK)(UNK)(UNK)
(UNK)(UNK)(UNK)(UNK)(UNK)(UNK)(UNK)(UNK)(UNK)(UNK)(UNK)(UNK)(UNK)(UNK)(UNK)(UNK)
(UNK)(UNK)(UNK)(UNK)(UNK)(UNK)(UNK)(UNK)(UNK)(UNK)(UNK)(UNK)(UNK)(UNK)(UNK)(UNK)
(UNK)(UNK)(UNK)(UNK)(UNK)
;
_entity_poly.pdbx_strand_id   A,B,C,D,E,F,G,H
#
loop_
_chem_comp.id
_chem_comp.type
_chem_comp.name
_chem_comp.formula
SO4 non-polymer 'SULFATE ION' 'O4 S -2'
#
# COMPACT_ATOMS: atom_id res chain seq x y z
N LEU A 2 -13.73 54.95 -9.79
CA LEU A 2 -13.56 54.53 -8.40
C LEU A 2 -12.83 53.19 -8.32
N ASN A 3 -13.46 52.16 -8.87
CA ASN A 3 -12.88 50.82 -8.89
C ASN A 3 -11.63 50.77 -9.75
N PHE A 4 -11.63 51.56 -10.83
CA PHE A 4 -10.57 51.52 -11.83
C PHE A 4 -9.41 52.43 -11.51
N TYR A 5 -9.43 53.04 -10.33
CA TYR A 5 -8.43 54.07 -10.01
C TYR A 5 -7.08 53.52 -9.56
N LEU A 6 -6.04 54.27 -9.93
CA LEU A 6 -4.67 54.03 -9.45
C LEU A 6 -3.99 55.39 -9.31
N SER A 7 -3.11 55.53 -8.32
CA SER A 7 -2.48 56.81 -8.03
C SER A 7 -1.63 57.33 -9.19
N TYR A 8 -0.75 56.49 -9.72
CA TYR A 8 0.19 56.88 -10.77
C TYR A 8 -0.50 57.36 -12.05
N PHE A 9 -1.78 57.02 -12.20
CA PHE A 9 -2.58 57.50 -13.32
C PHE A 9 -2.54 59.02 -13.42
N ASP A 10 -2.58 59.68 -12.27
CA ASP A 10 -2.44 61.14 -12.21
C ASP A 10 -1.15 61.60 -12.88
N ASP A 11 -0.05 60.95 -12.53
CA ASP A 11 1.24 61.22 -13.14
C ASP A 11 1.15 61.06 -14.66
N VAL A 12 0.47 60.00 -15.10
CA VAL A 12 0.27 59.81 -16.53
C VAL A 12 -0.46 61.01 -17.14
N ALA A 13 -1.51 61.47 -16.48
CA ALA A 13 -2.29 62.61 -16.96
C ALA A 13 -1.45 63.88 -17.02
N LYS A 14 -0.45 63.99 -16.14
CA LYS A 14 0.46 65.13 -16.17
C LYS A 14 1.46 65.00 -17.31
N VAL A 15 1.86 63.77 -17.63
CA VAL A 15 2.77 63.52 -18.74
C VAL A 15 2.03 63.57 -20.08
N LEU A 16 0.82 63.02 -20.08
CA LEU A 16 0.01 62.96 -21.29
C LEU A 16 -0.30 64.35 -21.83
N PRO A 17 0.04 64.59 -23.11
CA PRO A 17 -0.22 65.87 -23.77
C PRO A 17 -1.71 66.21 -23.78
N ARG A 18 -2.02 67.49 -23.94
CA ARG A 18 -3.39 67.97 -23.88
C ARG A 18 -4.22 67.46 -25.06
N GLU A 19 -3.58 67.26 -26.21
CA GLU A 19 -4.29 66.82 -27.42
C GLU A 19 -4.22 65.31 -27.64
N HIS A 20 -3.57 64.60 -26.72
CA HIS A 20 -3.43 63.16 -26.86
C HIS A 20 -4.07 62.42 -25.68
N TYR A 21 -4.48 61.18 -25.91
CA TYR A 21 -5.27 60.42 -24.93
C TYR A 21 -4.63 59.11 -24.54
N CYS A 22 -5.12 58.54 -23.45
CA CYS A 22 -4.67 57.25 -22.97
C CYS A 22 -5.86 56.38 -22.59
N PHE A 23 -5.72 55.07 -22.76
CA PHE A 23 -6.79 54.14 -22.44
C PHE A 23 -6.27 52.95 -21.65
N ILE A 24 -6.95 52.60 -20.56
CA ILE A 24 -6.56 51.44 -19.77
C ILE A 24 -7.16 50.19 -20.39
N VAL A 25 -6.30 49.26 -20.81
CA VAL A 25 -6.73 48.10 -21.58
C VAL A 25 -6.25 46.79 -20.97
N GLY A 26 -6.91 45.69 -21.34
CA GLY A 26 -6.46 44.36 -21.00
C GLY A 26 -6.59 43.91 -19.56
N GLY A 27 -5.52 43.33 -19.04
CA GLY A 27 -5.54 42.63 -17.77
C GLY A 27 -6.02 43.41 -16.56
N TRP A 28 -5.63 44.68 -16.46
CA TRP A 28 -5.93 45.47 -15.27
C TRP A 28 -7.43 45.72 -15.14
N VAL A 29 -8.06 46.16 -16.23
CA VAL A 29 -9.50 46.38 -16.25
C VAL A 29 -10.24 45.07 -15.96
N ARG A 30 -9.73 43.98 -16.53
CA ARG A 30 -10.29 42.65 -16.32
C ARG A 30 -10.33 42.28 -14.84
N ASP A 31 -9.16 42.31 -14.21
CA ASP A 31 -9.03 41.99 -12.79
C ASP A 31 -9.84 42.94 -11.92
N ARG A 32 -9.98 44.18 -12.38
CA ARG A 32 -10.72 45.19 -11.63
C ARG A 32 -12.23 44.95 -11.69
N ILE A 33 -12.70 44.47 -12.84
CA ILE A 33 -14.10 44.10 -12.98
C ILE A 33 -14.38 42.83 -12.17
N LEU A 34 -13.40 41.93 -12.16
CA LEU A 34 -13.53 40.70 -11.38
C LEU A 34 -13.59 40.98 -9.88
N GLY A 35 -13.13 42.16 -9.48
CA GLY A 35 -13.18 42.57 -8.09
C GLY A 35 -12.10 41.92 -7.25
N GLU A 36 -11.02 41.48 -7.90
CA GLU A 36 -9.90 40.87 -7.21
C GLU A 36 -9.03 41.93 -6.55
N PRO A 37 -8.66 41.70 -5.27
CA PRO A 37 -7.78 42.61 -4.53
C PRO A 37 -6.43 42.77 -5.22
N VAL A 38 -5.90 43.98 -5.21
CA VAL A 38 -4.61 44.26 -5.83
C VAL A 38 -3.49 43.52 -5.12
N GLY A 39 -2.71 42.76 -5.88
CA GLY A 39 -1.59 42.00 -5.32
C GLY A 39 -0.36 42.86 -5.16
N TYR A 40 0.80 42.20 -5.09
CA TYR A 40 2.06 42.91 -4.96
C TYR A 40 2.64 43.26 -6.33
N ASN A 41 2.02 42.72 -7.38
CA ASN A 41 2.44 43.00 -8.74
C ASN A 41 1.36 43.74 -9.51
N ILE A 42 1.68 44.93 -10.01
CA ILE A 42 0.72 45.75 -10.74
C ILE A 42 1.13 45.95 -12.19
N ASP A 43 0.33 45.41 -13.11
CA ASP A 43 0.61 45.55 -14.53
C ASP A 43 -0.56 46.22 -15.25
N VAL A 44 -0.32 47.40 -15.80
CA VAL A 44 -1.36 48.16 -16.48
C VAL A 44 -1.01 48.43 -17.93
N ASP A 45 -1.89 48.01 -18.84
CA ASP A 45 -1.67 48.22 -20.27
C ASP A 45 -2.39 49.47 -20.75
N PHE A 46 -1.77 50.21 -21.67
CA PHE A 46 -2.33 51.46 -22.17
C PHE A 46 -2.36 51.55 -23.69
N LEU A 47 -3.37 52.24 -24.20
CA LEU A 47 -3.45 52.59 -25.62
C LEU A 47 -3.51 54.11 -25.76
N THR A 48 -2.46 54.69 -26.34
CA THR A 48 -2.36 56.14 -26.42
C THR A 48 -2.24 56.64 -27.86
N THR A 49 -2.76 57.86 -28.10
CA THR A 49 -2.63 58.50 -29.39
C THR A 49 -1.35 59.34 -29.44
N ALA A 50 -0.72 59.50 -28.29
CA ALA A 50 0.55 60.22 -28.20
C ALA A 50 1.70 59.33 -28.64
N ASP A 51 2.92 59.87 -28.59
CA ASP A 51 4.11 59.08 -28.81
C ASP A 51 4.39 58.28 -27.53
N PRO A 52 4.28 56.94 -27.61
CA PRO A 52 4.49 56.08 -26.45
C PRO A 52 5.88 56.24 -25.85
N VAL A 53 6.86 56.47 -26.71
CA VAL A 53 8.24 56.65 -26.29
C VAL A 53 8.39 57.82 -25.33
N GLU A 54 7.96 59.00 -25.78
CA GLU A 54 8.09 60.22 -24.99
C GLU A 54 7.25 60.14 -23.71
N LEU A 55 6.01 59.69 -23.87
CA LEU A 55 5.07 59.56 -22.76
C LEU A 55 5.63 58.68 -21.64
N ALA A 56 6.01 57.45 -22.00
CA ALA A 56 6.54 56.53 -21.02
C ALA A 56 7.90 56.96 -20.50
N LYS A 57 8.67 57.70 -21.31
CA LYS A 57 9.97 58.18 -20.86
C LYS A 57 9.83 59.23 -19.77
N ASN A 58 8.91 60.18 -19.98
CA ASN A 58 8.70 61.24 -19.00
C ASN A 58 7.97 60.74 -17.76
N PHE A 59 7.05 59.79 -17.95
CA PHE A 59 6.42 59.12 -16.83
C PHE A 59 7.48 58.41 -16.00
N ALA A 60 8.43 57.79 -16.70
CA ALA A 60 9.56 57.12 -16.07
C ALA A 60 10.49 58.13 -15.40
N LYS A 61 10.44 59.37 -15.86
CA LYS A 61 11.24 60.41 -15.24
C LYS A 61 10.57 60.88 -13.95
N ARG A 62 9.24 60.84 -13.93
CA ARG A 62 8.49 61.22 -12.74
C ARG A 62 8.55 60.18 -11.63
N ILE A 63 8.21 58.94 -11.94
CA ILE A 63 8.11 57.91 -10.89
C ILE A 63 9.34 57.02 -10.75
N GLY A 64 10.36 57.26 -11.56
CA GLY A 64 11.45 56.30 -11.67
C GLY A 64 10.99 55.24 -12.66
N GLY A 65 11.47 54.01 -12.53
CA GLY A 65 11.04 52.99 -13.46
C GLY A 65 11.57 53.24 -14.86
N HIS A 66 12.90 53.22 -14.99
CA HIS A 66 13.61 53.74 -16.16
C HIS A 66 13.06 53.25 -17.50
N PHE A 67 13.09 54.16 -18.47
CA PHE A 67 12.44 54.04 -19.77
C PHE A 67 12.76 52.75 -20.54
N PHE A 68 11.74 52.04 -21.02
CA PHE A 68 12.00 50.89 -21.90
C PHE A 68 11.27 51.02 -23.23
N VAL A 69 12.02 51.18 -24.32
CA VAL A 69 11.42 51.10 -25.65
C VAL A 69 12.20 50.17 -26.58
N PHE A 70 11.59 49.05 -26.95
CA PHE A 70 12.13 48.24 -28.04
C PHE A 70 11.07 47.76 -29.03
N GLU A 71 11.12 48.30 -30.24
CA GLU A 71 10.45 47.69 -31.39
C GLU A 71 11.02 48.28 -32.68
N LYS A 72 10.81 47.61 -33.80
CA LYS A 72 11.31 48.10 -35.08
C LYS A 72 10.43 49.20 -35.64
N ARG A 73 11.06 50.13 -36.36
CA ARG A 73 10.30 51.18 -37.03
C ARG A 73 10.49 51.18 -38.54
N GLY A 74 9.42 51.46 -39.26
CA GLY A 74 9.39 51.28 -40.70
C GLY A 74 8.22 52.01 -41.33
N PHE A 75 8.25 52.17 -42.65
CA PHE A 75 7.13 52.85 -43.30
C PHE A 75 5.86 52.04 -43.12
N LEU A 76 5.97 50.73 -43.33
CA LEU A 76 4.92 49.78 -43.01
C LEU A 76 5.49 48.38 -43.15
N ILE A 77 4.72 47.37 -42.76
CA ILE A 77 3.37 47.49 -42.25
C ILE A 77 3.39 48.14 -40.89
N LYS A 78 2.25 48.73 -40.52
CA LYS A 78 2.18 49.48 -39.29
C LYS A 78 2.97 48.64 -38.31
N ARG A 79 4.07 49.20 -37.81
CA ARG A 79 4.89 48.46 -36.86
C ARG A 79 4.71 49.08 -35.52
N PRO A 80 4.22 48.27 -34.61
CA PRO A 80 3.88 48.68 -33.25
C PRO A 80 5.14 49.11 -32.50
N THR A 81 5.02 50.11 -31.63
CA THR A 81 6.13 50.47 -30.76
C THR A 81 5.60 50.62 -29.33
N ILE A 82 6.02 49.74 -28.44
CA ILE A 82 5.51 49.79 -27.08
C ILE A 82 6.58 50.21 -26.10
N ALA A 83 6.21 51.15 -25.23
CA ALA A 83 7.14 51.72 -24.27
C ALA A 83 6.67 51.41 -22.86
N SER A 84 7.49 50.67 -22.11
CA SER A 84 7.08 50.29 -20.77
C SER A 84 7.92 50.90 -19.67
N VAL A 85 7.26 51.12 -18.53
CA VAL A 85 7.89 51.62 -17.32
C VAL A 85 7.88 50.54 -16.25
N VAL A 86 9.06 50.14 -15.78
CA VAL A 86 9.18 49.11 -14.76
C VAL A 86 9.76 49.69 -13.46
N LEU A 87 8.93 49.83 -12.44
CA LEU A 87 9.37 50.35 -11.14
C LEU A 87 9.41 49.22 -10.12
N HIS A 88 10.61 48.83 -9.72
CA HIS A 88 10.78 47.62 -8.92
C HIS A 88 11.38 47.87 -7.54
N LEU A 89 10.59 47.58 -6.50
CA LEU A 89 11.11 47.54 -5.14
C LEU A 89 10.67 46.19 -4.56
N PRO A 90 11.42 45.65 -3.59
CA PRO A 90 11.24 44.24 -3.22
C PRO A 90 9.78 43.81 -2.91
N PRO A 91 9.02 44.57 -2.10
CA PRO A 91 7.64 44.10 -1.95
C PRO A 91 6.73 44.33 -3.16
N TYR A 92 7.00 45.37 -3.97
CA TYR A 92 6.08 45.73 -5.06
C TYR A 92 6.75 45.98 -6.41
N ARG A 93 6.14 45.45 -7.46
CA ARG A 93 6.62 45.65 -8.83
C ARG A 93 5.56 46.32 -9.69
N TYR A 94 5.98 47.33 -10.46
CA TYR A 94 5.09 48.08 -11.35
C TYR A 94 5.51 47.96 -12.80
N ARG A 95 4.56 47.62 -13.68
CA ARG A 95 4.82 47.64 -15.11
C ARG A 95 3.70 48.34 -15.85
N PHE A 96 4.03 49.44 -16.51
CA PHE A 96 3.05 50.15 -17.33
C PHE A 96 3.43 50.05 -18.80
N ASP A 97 2.59 49.35 -19.56
CA ASP A 97 2.74 49.22 -21.01
C ASP A 97 2.10 50.41 -21.72
N PHE A 98 2.72 50.88 -22.79
CA PHE A 98 2.15 51.95 -23.60
C PHE A 98 2.19 51.60 -25.08
N SER A 99 1.03 51.50 -25.71
CA SER A 99 0.94 51.09 -27.11
C SER A 99 0.37 52.22 -27.96
N PRO A 100 0.79 52.31 -29.24
CA PRO A 100 0.33 53.38 -30.12
C PRO A 100 -1.12 53.18 -30.57
N LEU A 101 -1.87 54.28 -30.66
CA LEU A 101 -3.22 54.24 -31.22
C LEU A 101 -3.34 55.28 -32.32
N LYS A 102 -3.53 54.82 -33.56
CA LYS A 102 -3.54 55.71 -34.71
C LYS A 102 -4.73 55.45 -35.62
N GLY A 103 -5.34 56.53 -36.11
CA GLY A 103 -6.45 56.44 -37.03
C GLY A 103 -7.18 57.77 -37.17
N LYS A 104 -8.03 57.87 -38.18
CA LYS A 104 -8.82 59.07 -38.40
C LYS A 104 -10.01 59.10 -37.44
N ASP A 105 -10.62 57.95 -37.21
CA ASP A 105 -11.72 57.83 -36.26
C ASP A 105 -11.20 57.16 -34.98
N LEU A 106 -11.17 57.93 -33.90
CA LEU A 106 -10.62 57.46 -32.63
C LEU A 106 -11.35 56.23 -32.09
N GLU A 107 -12.67 56.32 -32.00
CA GLU A 107 -13.48 55.23 -31.45
C GLU A 107 -13.37 53.99 -32.31
N LYS A 108 -13.45 54.17 -33.63
CA LYS A 108 -13.35 53.06 -34.57
C LYS A 108 -11.98 52.41 -34.50
N ALA A 109 -10.95 53.20 -34.26
CA ALA A 109 -9.59 52.69 -34.15
C ALA A 109 -9.41 51.90 -32.87
N LEU A 110 -9.97 52.42 -31.77
CA LEU A 110 -9.93 51.74 -30.49
C LEU A 110 -10.63 50.39 -30.57
N ILE A 111 -11.84 50.39 -31.13
CA ILE A 111 -12.59 49.16 -31.33
C ILE A 111 -11.79 48.19 -32.21
N GLU A 112 -11.25 48.72 -33.30
CA GLU A 112 -10.44 47.93 -34.24
C GLU A 112 -9.28 47.24 -33.55
N ASP A 113 -8.62 47.95 -32.64
CA ASP A 113 -7.51 47.39 -31.88
C ASP A 113 -7.99 46.35 -30.87
N LEU A 114 -9.16 46.60 -30.29
CA LEU A 114 -9.73 45.69 -29.29
C LEU A 114 -10.15 44.36 -29.91
N LYS A 115 -10.58 44.41 -31.17
CA LYS A 115 -11.03 43.21 -31.88
C LYS A 115 -9.85 42.30 -32.22
N GLU A 116 -8.65 42.85 -32.18
CA GLU A 116 -7.44 42.09 -32.53
C GLU A 116 -6.86 41.35 -31.34
N ARG A 117 -7.34 41.66 -30.14
CA ARG A 117 -6.82 41.05 -28.93
C ARG A 117 -7.29 39.61 -28.76
N ASP A 118 -6.54 38.86 -27.95
CA ASP A 118 -6.74 37.42 -27.80
C ASP A 118 -8.10 37.02 -27.21
N PHE A 119 -8.41 37.52 -26.01
CA PHE A 119 -9.62 37.07 -25.32
C PHE A 119 -10.57 38.22 -25.00
N THR A 120 -11.84 37.88 -24.79
CA THR A 120 -12.87 38.88 -24.50
C THR A 120 -12.61 39.60 -23.18
N ALA A 121 -12.07 38.87 -22.21
CA ALA A 121 -11.77 39.44 -20.90
C ALA A 121 -10.67 40.50 -21.01
N ASN A 122 -9.81 40.35 -22.01
CA ASN A 122 -8.73 41.30 -22.24
C ASN A 122 -9.10 42.37 -23.26
N ALA A 123 -10.31 42.27 -23.80
CA ALA A 123 -10.76 43.19 -24.84
C ALA A 123 -11.52 44.38 -24.26
N ILE A 124 -11.61 44.44 -22.94
CA ILE A 124 -12.32 45.53 -22.27
C ILE A 124 -11.38 46.69 -21.98
N ALA A 125 -11.74 47.88 -22.45
CA ALA A 125 -10.89 49.05 -22.29
C ALA A 125 -11.69 50.26 -21.80
N VAL A 126 -11.06 51.08 -20.98
CA VAL A 126 -11.69 52.29 -20.45
C VAL A 126 -10.84 53.51 -20.79
N ASN A 127 -11.42 54.70 -20.67
CA ASN A 127 -10.71 55.93 -20.97
C ASN A 127 -10.08 56.55 -19.72
N LEU A 128 -8.85 57.03 -19.86
CA LEU A 128 -8.11 57.60 -18.74
C LEU A 128 -8.80 58.84 -18.17
N ASP A 129 -9.21 59.75 -19.05
CA ASP A 129 -9.90 60.96 -18.64
C ASP A 129 -11.23 60.63 -17.96
N ASP A 130 -11.80 59.49 -18.33
CA ASP A 130 -13.07 59.04 -17.76
C ASP A 130 -12.88 58.45 -16.36
N VAL A 131 -11.73 57.81 -16.14
CA VAL A 131 -11.42 57.27 -14.83
C VAL A 131 -11.14 58.38 -13.84
N LEU A 132 -10.48 59.44 -14.31
CA LEU A 132 -10.14 60.58 -13.47
C LEU A 132 -11.32 61.55 -13.35
N SER A 133 -12.38 61.29 -14.10
CA SER A 133 -13.59 62.12 -14.06
C SER A 133 -14.16 62.15 -12.65
N ILE A 134 -14.61 63.33 -12.22
CA ILE A 134 -14.96 63.56 -10.83
C ILE A 134 -16.30 62.94 -10.42
N GLY A 135 -17.35 63.16 -11.22
CA GLY A 135 -18.65 62.63 -10.83
C GLY A 135 -19.80 62.68 -11.81
N ALA A 136 -20.96 62.22 -11.33
CA ALA A 136 -22.24 62.27 -12.03
C ALA A 136 -22.30 61.46 -13.33
N LYS A 137 -21.48 60.41 -13.42
CA LYS A 137 -21.56 59.50 -14.57
C LYS A 137 -20.99 58.12 -14.24
N GLN A 138 -21.45 57.10 -14.97
CA GLN A 138 -20.79 55.80 -14.96
C GLN A 138 -19.75 55.81 -16.06
N THR A 139 -18.48 55.70 -15.69
CA THR A 139 -17.39 55.81 -16.65
C THR A 139 -17.55 54.78 -17.78
N ILE A 140 -17.50 55.27 -19.01
CA ILE A 140 -17.81 54.43 -20.16
C ILE A 140 -16.72 53.39 -20.43
N VAL A 141 -17.16 52.14 -20.58
CA VAL A 141 -16.24 51.04 -20.87
C VAL A 141 -16.42 50.59 -22.31
N TYR A 142 -15.32 50.14 -22.93
CA TYR A 142 -15.37 49.66 -24.30
C TYR A 142 -15.10 48.16 -24.37
N ASP A 143 -16.14 47.38 -24.67
CA ASP A 143 -15.99 45.95 -24.87
C ASP A 143 -16.85 45.48 -26.03
N PRO A 144 -16.37 45.67 -27.26
CA PRO A 144 -17.09 45.27 -28.47
C PRO A 144 -17.29 43.76 -28.55
N THR A 145 -16.41 43.02 -27.89
CA THR A 145 -16.50 41.56 -27.85
C THR A 145 -17.40 41.09 -26.72
N GLY A 146 -17.79 42.03 -25.86
CA GLY A 146 -18.67 41.72 -24.75
C GLY A 146 -18.00 40.88 -23.68
N GLY A 147 -16.82 41.32 -23.24
CA GLY A 147 -16.06 40.61 -22.25
C GLY A 147 -16.74 40.55 -20.90
N ILE A 148 -17.45 41.62 -20.56
CA ILE A 148 -18.17 41.71 -19.29
C ILE A 148 -19.19 40.58 -19.16
N LYS A 149 -19.92 40.34 -20.25
CA LYS A 149 -20.95 39.29 -20.27
C LYS A 149 -20.34 37.91 -20.03
N ASP A 150 -19.17 37.67 -20.60
CA ASP A 150 -18.48 36.40 -20.44
C ASP A 150 -17.93 36.24 -19.02
N LEU A 151 -17.44 37.35 -18.46
CA LEU A 151 -16.90 37.35 -17.10
C LEU A 151 -18.02 37.13 -16.08
N GLU A 152 -19.21 37.62 -16.39
CA GLU A 152 -20.36 37.43 -15.51
C GLU A 152 -20.80 35.97 -15.51
N GLN A 153 -20.62 35.30 -16.65
CA GLN A 153 -20.97 33.89 -16.77
C GLN A 153 -19.77 33.01 -16.42
N GLY A 154 -18.66 33.64 -16.07
CA GLY A 154 -17.46 32.91 -15.67
C GLY A 154 -16.81 32.15 -16.80
N LEU A 155 -16.91 32.69 -18.01
CA LEU A 155 -16.34 32.04 -19.19
C LEU A 155 -15.19 32.85 -19.77
N LEU A 156 -14.13 32.17 -20.16
CA LEU A 156 -13.03 32.83 -20.86
C LEU A 156 -13.07 32.46 -22.33
N ARG A 157 -13.48 33.43 -23.15
CA ARG A 157 -13.71 33.20 -24.57
C ARG A 157 -12.79 34.04 -25.46
N PRO A 158 -11.97 33.38 -26.28
CA PRO A 158 -11.16 34.10 -27.27
C PRO A 158 -12.03 34.87 -28.24
N VAL A 159 -11.59 36.07 -28.62
CA VAL A 159 -12.33 36.91 -29.56
C VAL A 159 -12.55 36.16 -30.88
N SER A 160 -11.46 35.65 -31.44
CA SER A 160 -11.54 34.79 -32.62
C SER A 160 -10.37 33.81 -32.63
N ILE A 161 -10.58 32.64 -33.22
CA ILE A 161 -9.54 31.62 -33.29
C ILE A 161 -8.37 32.10 -34.14
N GLU A 162 -8.67 32.97 -35.10
CA GLU A 162 -7.64 33.52 -35.98
C GLU A 162 -6.64 34.37 -35.19
N ASN A 163 -7.13 35.06 -34.16
CA ASN A 163 -6.27 35.83 -33.29
C ASN A 163 -5.31 34.95 -32.52
N LEU A 164 -5.77 33.74 -32.19
CA LEU A 164 -4.93 32.77 -31.49
C LEU A 164 -3.93 32.14 -32.44
N LYS A 165 -4.33 31.94 -33.69
CA LYS A 165 -3.45 31.37 -34.70
C LYS A 165 -2.39 32.39 -35.14
N ARG A 166 -2.69 33.67 -34.95
CA ARG A 166 -1.75 34.74 -35.27
C ARG A 166 -0.65 34.81 -34.22
N ASP A 167 -1.05 34.76 -32.95
CA ASP A 167 -0.12 34.75 -31.84
C ASP A 167 -0.37 33.53 -30.96
N PRO A 168 0.31 32.41 -31.27
CA PRO A 168 0.06 31.10 -30.65
C PRO A 168 0.41 31.02 -29.17
N VAL A 169 1.35 31.83 -28.70
CA VAL A 169 1.77 31.79 -27.31
C VAL A 169 0.60 32.06 -26.37
N ARG A 170 -0.38 32.81 -26.85
CA ARG A 170 -1.57 33.15 -26.07
C ARG A 170 -2.37 31.91 -25.69
N VAL A 171 -2.20 30.83 -26.45
CA VAL A 171 -2.91 29.59 -26.16
C VAL A 171 -2.46 29.04 -24.81
N LEU A 172 -1.28 29.48 -24.36
CA LEU A 172 -0.82 29.15 -23.03
C LEU A 172 -1.59 30.00 -22.01
N ARG A 173 -1.65 31.30 -22.28
CA ARG A 173 -2.36 32.25 -21.42
C ARG A 173 -3.77 31.76 -21.13
N GLY A 174 -4.46 31.34 -22.20
CA GLY A 174 -5.82 30.85 -22.10
C GLY A 174 -5.97 29.79 -21.03
N PHE A 175 -5.00 28.91 -20.90
CA PHE A 175 -5.02 27.95 -19.82
C PHE A 175 -4.75 28.63 -18.49
N ARG A 176 -3.63 29.35 -18.43
CA ARG A 176 -3.14 29.92 -17.17
C ARG A 176 -4.21 30.77 -16.50
N ILE A 177 -4.67 31.78 -17.22
CA ILE A 177 -5.70 32.67 -16.73
C ILE A 177 -6.92 31.88 -16.26
N ALA A 178 -7.30 30.87 -17.03
CA ALA A 178 -8.48 30.07 -16.71
C ALA A 178 -8.34 29.44 -15.34
N ILE A 179 -7.12 29.00 -15.01
CA ILE A 179 -6.85 28.44 -13.69
C ILE A 179 -6.62 29.55 -12.68
N GLU A 180 -6.01 30.64 -13.13
CA GLU A 180 -5.61 31.72 -12.23
C GLU A 180 -6.80 32.55 -11.77
N LYS A 181 -7.69 32.89 -12.71
CA LYS A 181 -8.88 33.67 -12.40
C LYS A 181 -10.07 32.75 -12.11
N ASN A 182 -9.81 31.45 -12.14
CA ASN A 182 -10.85 30.43 -11.95
C ASN A 182 -12.00 30.63 -12.94
N LEU A 183 -11.69 30.46 -14.22
CA LEU A 183 -12.68 30.63 -15.27
C LEU A 183 -12.69 29.42 -16.20
N GLN A 184 -13.86 29.09 -16.74
CA GLN A 184 -13.99 27.96 -17.64
C GLN A 184 -13.84 28.40 -19.10
N LEU A 185 -12.89 27.80 -19.80
CA LEU A 185 -12.66 28.09 -21.21
C LEU A 185 -13.81 27.58 -22.06
N THR A 186 -14.09 28.26 -23.17
CA THR A 186 -15.18 27.88 -24.04
C THR A 186 -14.84 26.63 -24.85
N GLU A 187 -15.77 26.20 -25.69
CA GLU A 187 -15.62 24.97 -26.46
C GLU A 187 -14.68 25.14 -27.65
N ASP A 188 -14.83 26.23 -28.38
CA ASP A 188 -14.04 26.49 -29.58
C ASP A 188 -12.54 26.52 -29.29
N PHE A 189 -12.17 27.10 -28.16
CA PHE A 189 -10.78 27.11 -27.72
C PHE A 189 -10.24 25.69 -27.60
N TYR A 190 -10.83 24.91 -26.68
CA TYR A 190 -10.43 23.53 -26.44
C TYR A 190 -10.37 22.71 -27.73
N GLU A 191 -11.35 22.91 -28.61
CA GLU A 191 -11.37 22.22 -29.89
C GLU A 191 -10.15 22.61 -30.73
N PHE A 192 -9.86 23.91 -30.77
CA PHE A 192 -8.72 24.43 -31.52
C PHE A 192 -7.40 23.85 -31.00
N VAL A 193 -7.27 23.78 -29.69
CA VAL A 193 -6.07 23.20 -29.08
C VAL A 193 -5.98 21.72 -29.40
N LYS A 194 -7.14 21.06 -29.44
CA LYS A 194 -7.21 19.64 -29.75
C LYS A 194 -6.73 19.35 -31.18
N GLU A 195 -7.16 20.19 -32.13
CA GLU A 195 -6.81 19.97 -33.53
C GLU A 195 -5.31 20.03 -33.79
N ASP A 196 -4.69 21.16 -33.46
CA ASP A 196 -3.26 21.34 -33.70
C ASP A 196 -2.54 21.90 -32.48
N PRO A 197 -2.10 21.01 -31.58
CA PRO A 197 -1.44 21.37 -30.31
C PRO A 197 -0.04 21.97 -30.48
N ARG A 198 0.63 21.65 -31.59
CA ARG A 198 2.02 22.04 -31.77
C ARG A 198 2.16 23.48 -32.28
N ILE A 199 1.02 24.11 -32.56
CA ILE A 199 0.99 25.46 -33.11
C ILE A 199 1.78 26.46 -32.25
N VAL A 200 1.87 26.16 -30.96
CA VAL A 200 2.57 27.00 -29.99
C VAL A 200 4.03 27.24 -30.39
N LEU A 201 4.57 26.35 -31.20
CA LEU A 201 5.96 26.46 -31.60
C LEU A 201 6.21 27.58 -32.61
N LYS A 202 5.14 28.21 -33.10
CA LYS A 202 5.31 29.30 -34.06
C LYS A 202 5.95 30.53 -33.43
N SER A 203 5.44 30.93 -32.27
CA SER A 203 5.90 32.15 -31.61
C SER A 203 7.34 32.05 -31.12
N ALA A 204 7.96 33.20 -30.87
CA ALA A 204 9.34 33.27 -30.40
C ALA A 204 9.53 32.50 -29.11
N VAL A 205 10.71 31.92 -28.95
CA VAL A 205 11.02 31.06 -27.81
C VAL A 205 11.07 31.84 -26.49
N GLU A 206 11.54 33.08 -26.55
CA GLU A 206 11.66 33.92 -25.36
C GLU A 206 10.31 34.16 -24.70
N ARG A 207 9.30 34.45 -25.53
CA ARG A 207 7.95 34.69 -25.02
C ARG A 207 7.33 33.42 -24.46
N ILE A 208 7.68 32.28 -25.07
CA ILE A 208 7.24 30.98 -24.58
C ILE A 208 7.78 30.73 -23.18
N THR A 209 9.09 30.95 -23.03
CA THR A 209 9.75 30.80 -21.74
C THR A 209 9.14 31.73 -20.70
N HIS A 210 8.96 32.98 -21.08
CA HIS A 210 8.35 33.99 -20.21
C HIS A 210 6.97 33.54 -19.73
N GLU A 211 6.16 33.04 -20.66
CA GLU A 211 4.81 32.61 -20.35
C GLU A 211 4.81 31.39 -19.42
N LEU A 212 5.69 30.42 -19.71
CA LEU A 212 5.78 29.22 -18.90
C LEU A 212 6.26 29.53 -17.49
N PHE A 213 7.13 30.53 -17.37
CA PHE A 213 7.57 30.98 -16.06
C PHE A 213 6.44 31.68 -15.33
N LYS A 214 5.63 32.43 -16.07
CA LYS A 214 4.43 33.04 -15.50
C LYS A 214 3.48 31.97 -14.98
N ILE A 215 3.45 30.83 -15.67
CA ILE A 215 2.64 29.70 -15.23
C ILE A 215 3.22 29.08 -13.96
N MET A 216 4.54 28.93 -13.92
CA MET A 216 5.22 28.35 -12.76
C MET A 216 5.18 29.28 -11.55
N LYS A 217 4.85 30.55 -11.78
CA LYS A 217 4.83 31.52 -10.69
C LYS A 217 3.68 31.27 -9.71
N GLU A 218 2.49 31.03 -10.24
CA GLU A 218 1.29 30.85 -9.41
C GLU A 218 1.31 29.56 -8.60
N LYS A 219 0.50 29.51 -7.55
CA LYS A 219 0.42 28.35 -6.67
C LYS A 219 -0.44 27.25 -7.27
N THR A 220 -1.19 27.58 -8.31
CA THR A 220 -2.05 26.61 -8.99
C THR A 220 -1.34 26.00 -10.19
N ALA A 221 -0.05 26.30 -10.31
CA ALA A 221 0.77 25.94 -11.47
C ALA A 221 0.64 24.48 -11.93
N HIS A 222 0.57 23.56 -10.97
CA HIS A 222 0.54 22.13 -11.31
C HIS A 222 -0.69 21.77 -12.15
N LYS A 223 -1.79 22.46 -11.91
CA LYS A 223 -3.01 22.23 -12.67
C LYS A 223 -2.82 22.65 -14.12
N VAL A 224 -2.22 23.82 -14.33
CA VAL A 224 -1.98 24.34 -15.67
C VAL A 224 -0.98 23.47 -16.42
N ILE A 225 0.04 22.99 -15.70
CA ILE A 225 1.03 22.10 -16.28
C ILE A 225 0.38 20.79 -16.72
N ARG A 226 -0.49 20.26 -15.87
CA ARG A 226 -1.23 19.05 -16.18
C ARG A 226 -2.11 19.26 -17.42
N GLU A 227 -2.74 20.43 -17.50
CA GLU A 227 -3.58 20.76 -18.65
C GLU A 227 -2.76 20.85 -19.93
N LEU A 228 -1.55 21.40 -19.82
CA LEU A 228 -0.67 21.51 -20.99
C LEU A 228 -0.13 20.15 -21.41
N TYR A 229 -0.01 19.24 -20.45
CA TYR A 229 0.48 17.90 -20.73
C TYR A 229 -0.60 17.03 -21.35
N GLU A 230 -1.84 17.23 -20.92
CA GLU A 230 -2.96 16.44 -21.41
C GLU A 230 -3.29 16.76 -22.87
N TYR A 231 -3.10 18.02 -23.27
CA TYR A 231 -3.37 18.43 -24.63
C TYR A 231 -2.15 18.29 -25.53
N GLY A 232 -1.02 17.89 -24.95
CA GLY A 232 0.19 17.64 -25.70
C GLY A 232 0.99 18.88 -26.01
N VAL A 233 0.58 20.01 -25.42
CA VAL A 233 1.29 21.26 -25.61
C VAL A 233 2.65 21.24 -24.94
N LEU A 234 2.70 20.71 -23.72
CA LEU A 234 3.94 20.60 -22.96
C LEU A 234 4.94 19.69 -23.66
N GLU A 235 4.42 18.70 -24.40
CA GLU A 235 5.27 17.80 -25.17
C GLU A 235 5.81 18.50 -26.41
N ALA A 236 5.01 19.40 -26.97
CA ALA A 236 5.43 20.17 -28.14
C ALA A 236 6.51 21.17 -27.76
N ILE A 237 6.35 21.81 -26.62
CA ILE A 237 7.34 22.76 -26.12
C ILE A 237 8.57 22.03 -25.59
N ILE A 238 8.32 21.01 -24.77
CA ILE A 238 9.40 20.22 -24.17
C ILE A 238 9.23 18.74 -24.51
N PRO A 239 9.86 18.30 -25.60
CA PRO A 239 9.78 16.91 -26.10
C PRO A 239 10.24 15.87 -25.09
N GLU A 240 11.14 16.25 -24.19
CA GLU A 240 11.70 15.32 -23.21
C GLU A 240 10.65 14.83 -22.22
N ILE A 241 9.66 15.68 -21.93
CA ILE A 241 8.59 15.34 -21.00
C ILE A 241 7.74 14.20 -21.55
N GLY A 242 7.50 14.22 -22.86
CA GLY A 242 6.71 13.19 -23.52
C GLY A 242 7.35 11.83 -23.46
N ARG A 243 8.67 11.80 -23.28
CA ARG A 243 9.41 10.54 -23.23
C ARG A 243 9.28 9.87 -21.87
N LEU A 244 8.68 10.56 -20.91
CA LEU A 244 8.47 10.00 -19.58
C LEU A 244 7.32 9.01 -19.76
N ARG A 245 6.61 9.13 -20.87
CA ARG A 245 5.47 8.27 -21.15
C ARG A 245 5.80 6.77 -21.36
N GLU A 246 6.82 6.56 -22.20
CA GLU A 246 7.25 5.20 -22.56
C GLU A 246 7.82 4.28 -21.49
N VAL A 247 8.31 4.86 -20.40
CA VAL A 247 8.83 4.07 -19.29
C VAL A 247 7.74 3.88 -18.22
N LYS A 248 7.41 2.62 -17.95
CA LYS A 248 6.37 2.29 -17.00
C LYS A 248 6.95 1.75 -15.69
N ASP A 249 6.32 2.08 -14.58
CA ASP A 249 6.79 1.66 -13.27
C ASP A 249 6.20 0.31 -12.88
N PRO A 257 3.47 4.58 -13.61
CA PRO A 257 3.35 5.83 -14.37
C PRO A 257 4.32 6.90 -13.85
N LEU A 258 5.28 7.28 -14.68
CA LEU A 258 6.28 8.27 -14.30
C LEU A 258 5.74 9.70 -14.41
N ASP A 259 4.96 9.95 -15.45
CA ASP A 259 4.40 11.28 -15.70
C ASP A 259 3.45 11.72 -14.58
N GLU A 260 2.58 10.80 -14.17
CA GLU A 260 1.66 11.07 -13.06
C GLU A 260 2.45 11.33 -11.78
N HIS A 261 3.52 10.57 -11.61
CA HIS A 261 4.41 10.72 -10.45
C HIS A 261 5.06 12.11 -10.44
N THR A 262 5.38 12.61 -11.63
CA THR A 262 6.01 13.93 -11.76
C THR A 262 5.01 15.05 -11.49
N LEU A 263 3.83 14.95 -12.10
CA LEU A 263 2.78 15.94 -11.88
C LEU A 263 2.39 16.01 -10.40
N LYS A 264 2.28 14.83 -9.78
CA LYS A 264 1.99 14.75 -8.36
C LYS A 264 3.16 15.29 -7.54
N THR A 265 4.37 15.13 -8.07
CA THR A 265 5.55 15.67 -7.40
C THR A 265 5.49 17.19 -7.34
N LEU A 266 5.06 17.80 -8.44
CA LEU A 266 4.88 19.25 -8.48
C LEU A 266 3.75 19.70 -7.55
N GLU A 267 2.59 19.03 -7.70
CA GLU A 267 1.41 19.34 -6.90
C GLU A 267 1.70 19.29 -5.41
N TYR A 268 2.45 18.27 -5.00
CA TYR A 268 2.87 18.15 -3.61
C TYR A 268 3.91 19.20 -3.26
N LEU A 269 4.80 19.50 -4.20
CA LEU A 269 5.86 20.48 -3.96
C LEU A 269 5.28 21.84 -3.62
N GLU A 270 4.18 22.21 -4.28
CA GLU A 270 3.54 23.49 -3.97
C GLU A 270 3.07 23.54 -2.52
N GLN A 271 2.44 22.45 -2.06
CA GLN A 271 1.96 22.36 -0.69
C GLN A 271 3.14 22.40 0.30
N VAL A 272 4.24 21.76 -0.07
CA VAL A 272 5.44 21.74 0.77
C VAL A 272 6.04 23.14 0.89
N ILE A 273 6.09 23.85 -0.23
CA ILE A 273 6.58 25.23 -0.26
C ILE A 273 5.69 26.13 0.59
N GLU A 274 4.40 25.85 0.58
CA GLU A 274 3.47 26.57 1.46
C GLU A 274 3.81 26.30 2.92
N ASP A 275 4.27 25.09 3.20
CA ASP A 275 4.62 24.65 4.55
C ASP A 275 6.10 24.83 4.87
N ARG A 276 6.84 25.48 3.97
CA ARG A 276 8.30 25.56 4.05
C ARG A 276 8.85 26.06 5.40
N ALA A 277 8.05 26.81 6.13
CA ALA A 277 8.47 27.31 7.44
C ALA A 277 8.66 26.16 8.43
N LYS A 278 7.81 25.15 8.31
CA LYS A 278 7.86 23.95 9.14
C LYS A 278 9.20 23.22 9.04
N TYR A 279 9.49 22.70 7.85
CA TYR A 279 10.65 21.83 7.64
C TYR A 279 11.98 22.59 7.62
N LEU A 280 12.03 23.69 6.88
CA LEU A 280 13.28 24.42 6.68
C LEU A 280 13.68 25.28 7.87
N SER A 281 14.98 25.50 8.00
CA SER A 281 15.53 26.39 9.04
C SER A 281 15.39 27.85 8.65
N ALA A 282 15.36 28.73 9.65
CA ALA A 282 15.14 30.15 9.43
C ALA A 282 16.24 30.81 8.59
N GLU A 283 17.48 30.37 8.79
CA GLU A 283 18.60 30.94 8.05
C GLU A 283 18.52 30.58 6.56
N LEU A 284 17.90 29.45 6.27
CA LEU A 284 17.66 29.05 4.89
C LEU A 284 16.45 29.79 4.32
N LEU A 285 15.42 29.94 5.15
CA LEU A 285 14.19 30.61 4.74
C LEU A 285 14.40 32.09 4.46
N GLU A 286 15.40 32.69 5.11
CA GLU A 286 15.67 34.11 4.97
C GLU A 286 16.06 34.47 3.54
N ASN A 287 16.98 33.72 2.97
CA ASN A 287 17.46 33.97 1.62
C ASN A 287 16.75 33.14 0.55
N PHE A 288 15.78 32.34 0.97
CA PHE A 288 15.03 31.50 0.04
C PHE A 288 13.94 32.30 -0.68
N GLY A 289 13.93 32.21 -2.00
CA GLY A 289 12.92 32.89 -2.79
C GLY A 289 13.29 34.31 -3.15
N LYS A 290 14.39 34.79 -2.59
CA LYS A 290 14.84 36.16 -2.83
C LYS A 290 15.87 36.23 -3.97
N LYS A 291 16.13 35.09 -4.61
CA LYS A 291 17.05 35.06 -5.73
C LYS A 291 16.30 35.28 -7.04
N ARG A 292 16.58 36.40 -7.70
CA ARG A 292 15.83 36.81 -8.88
C ARG A 292 16.33 36.12 -10.16
N VAL A 293 15.43 35.69 -11.00
CA VAL A 293 15.87 35.36 -12.35
C VAL A 293 14.97 35.85 -13.46
N LEU A 294 15.62 36.42 -14.45
CA LEU A 294 14.95 36.92 -15.63
C LEU A 294 14.17 38.17 -15.32
N GLY A 295 14.38 38.69 -14.12
CA GLY A 295 14.00 40.04 -13.73
C GLY A 295 12.62 40.21 -13.12
N GLU A 296 11.77 39.21 -13.29
CA GLU A 296 10.47 39.18 -12.63
C GLU A 296 10.20 37.86 -11.89
N PHE A 297 11.12 36.91 -11.99
CA PHE A 297 10.90 35.59 -11.43
C PHE A 297 11.94 35.22 -10.38
N THR A 298 11.60 34.26 -9.53
CA THR A 298 12.48 33.85 -8.44
C THR A 298 12.98 32.42 -8.63
N ASP A 299 13.74 31.93 -7.67
CA ASP A 299 14.29 30.58 -7.72
C ASP A 299 13.24 29.52 -7.36
N VAL A 300 12.10 29.96 -6.87
CA VAL A 300 10.99 29.05 -6.55
C VAL A 300 10.47 28.40 -7.83
N GLU A 301 10.35 29.20 -8.88
CA GLU A 301 9.94 28.69 -10.18
C GLU A 301 10.97 27.69 -10.70
N LEU A 302 12.24 27.92 -10.37
CA LEU A 302 13.30 27.01 -10.74
C LEU A 302 13.19 25.71 -9.94
N LEU A 303 12.63 25.81 -8.74
CA LEU A 303 12.40 24.64 -7.91
C LEU A 303 11.26 23.81 -8.51
N LYS A 304 10.24 24.50 -9.01
CA LYS A 304 9.11 23.81 -9.63
C LYS A 304 9.52 23.16 -10.95
N TRP A 305 10.35 23.86 -11.72
CA TRP A 305 10.95 23.26 -12.91
C TRP A 305 11.83 22.08 -12.52
N GLY A 306 12.42 22.16 -11.34
CA GLY A 306 13.20 21.08 -10.80
C GLY A 306 12.31 19.91 -10.38
N ALA A 307 11.04 20.21 -10.14
CA ALA A 307 10.07 19.17 -9.80
C ALA A 307 9.60 18.47 -11.07
N LEU A 308 9.33 19.25 -12.10
CA LEU A 308 8.90 18.70 -13.38
C LEU A 308 10.03 17.89 -14.02
N PHE A 309 11.26 18.37 -13.84
CA PHE A 309 12.43 17.74 -14.43
C PHE A 309 13.16 16.80 -13.47
N HIS A 310 12.58 16.57 -12.28
CA HIS A 310 13.27 15.84 -11.21
C HIS A 310 13.86 14.52 -11.72
N ASP A 311 13.06 13.71 -12.40
CA ASP A 311 13.63 12.68 -13.24
C ASP A 311 13.21 12.89 -14.70
N ILE A 312 14.12 13.43 -15.51
CA ILE A 312 13.94 13.43 -16.95
C ILE A 312 14.84 12.36 -17.58
N GLY A 313 15.64 11.72 -16.74
CA GLY A 313 16.67 10.81 -17.21
C GLY A 313 16.29 9.34 -17.14
N LYS A 314 15.23 9.05 -16.40
CA LYS A 314 14.73 7.68 -16.29
C LYS A 314 14.32 7.05 -17.63
N PRO A 315 13.72 7.82 -18.55
CA PRO A 315 13.47 7.19 -19.86
C PRO A 315 14.74 6.91 -20.65
N GLN A 316 15.79 7.69 -20.43
CA GLN A 316 17.03 7.52 -21.16
C GLN A 316 17.76 6.24 -20.75
N THR A 317 17.64 5.87 -19.47
CA THR A 317 18.30 4.69 -18.95
C THR A 317 17.32 3.54 -18.79
N PHE A 318 17.80 2.31 -19.01
CA PHE A 318 16.97 1.13 -18.86
C PHE A 318 17.81 -0.10 -18.58
N VAL A 325 16.06 -2.58 -16.11
CA VAL A 325 15.67 -3.01 -14.77
C VAL A 325 15.74 -1.85 -13.78
N THR A 326 16.91 -1.22 -13.69
CA THR A 326 17.10 -0.09 -12.79
C THR A 326 17.67 1.12 -13.53
N PHE A 327 17.55 2.29 -12.91
CA PHE A 327 18.13 3.51 -13.45
C PHE A 327 19.25 3.97 -12.52
N TYR A 328 20.45 4.15 -13.06
CA TYR A 328 21.59 4.51 -12.22
C TYR A 328 22.27 5.85 -12.52
N GLU A 329 22.78 6.00 -13.75
CA GLU A 329 23.58 7.16 -14.10
C GLU A 329 22.78 8.30 -14.74
N HIS A 330 21.48 8.07 -14.91
CA HIS A 330 20.63 9.02 -15.61
C HIS A 330 20.50 10.38 -14.92
N ASP A 331 20.41 10.37 -13.60
CA ASP A 331 20.00 11.55 -12.86
C ASP A 331 21.02 12.63 -13.17
N LYS A 332 22.28 12.23 -13.28
CA LYS A 332 23.32 13.12 -13.77
C LYS A 332 22.97 13.50 -15.20
N VAL A 333 22.47 12.53 -15.97
CA VAL A 333 22.03 12.79 -17.34
C VAL A 333 20.87 13.77 -17.34
N GLY A 334 19.95 13.58 -16.41
CA GLY A 334 18.90 14.55 -16.15
C GLY A 334 19.45 15.97 -16.12
N ALA A 335 20.60 16.14 -15.48
CA ALA A 335 21.26 17.44 -15.41
C ALA A 335 21.62 17.95 -16.81
N GLN A 336 22.22 17.07 -17.61
CA GLN A 336 22.62 17.42 -18.97
C GLN A 336 21.41 17.80 -19.83
N ILE A 337 20.35 16.99 -19.73
CA ILE A 337 19.13 17.26 -20.47
C ILE A 337 18.53 18.61 -20.09
N VAL A 338 18.46 18.86 -18.78
CA VAL A 338 17.96 20.14 -18.27
C VAL A 338 18.80 21.29 -18.81
N ARG A 339 20.11 21.08 -18.90
CA ARG A 339 21.00 22.10 -19.45
C ARG A 339 20.67 22.37 -20.93
N GLU A 340 20.45 21.29 -21.68
CA GLU A 340 20.11 21.41 -23.09
C GLU A 340 18.79 22.16 -23.29
N ILE A 341 17.78 21.81 -22.51
CA ILE A 341 16.49 22.47 -22.58
C ILE A 341 16.63 23.94 -22.21
N GLY A 342 17.46 24.21 -21.21
CA GLY A 342 17.72 25.57 -20.76
C GLY A 342 18.35 26.40 -21.85
N GLU A 343 19.25 25.79 -22.63
CA GLU A 343 19.86 26.46 -23.76
C GLU A 343 18.84 26.69 -24.88
N ARG A 344 18.03 25.68 -25.15
CA ARG A 344 17.05 25.72 -26.22
C ARG A 344 15.90 26.68 -25.90
N LEU A 345 15.51 26.74 -24.63
CA LEU A 345 14.42 27.61 -24.19
C LEU A 345 14.93 28.99 -23.79
N ARG A 346 16.23 29.22 -24.01
CA ARG A 346 16.86 30.51 -23.77
C ARG A 346 16.79 30.92 -22.30
N TRP A 347 16.85 29.94 -21.42
CA TRP A 347 16.86 30.21 -19.99
C TRP A 347 18.16 30.91 -19.59
N GLY A 348 18.12 31.62 -18.46
CA GLY A 348 19.31 32.24 -17.92
C GLY A 348 20.36 31.18 -17.63
N ASP A 349 21.63 31.52 -17.87
CA ASP A 349 22.72 30.57 -17.68
C ASP A 349 22.74 30.03 -16.25
N GLU A 350 22.73 30.94 -15.28
CA GLU A 350 22.72 30.56 -13.88
C GLU A 350 21.40 29.86 -13.51
N ALA A 351 20.34 30.18 -14.23
CA ALA A 351 19.04 29.57 -13.99
C ALA A 351 19.02 28.11 -14.40
N THR A 352 19.40 27.84 -15.65
CA THR A 352 19.43 26.48 -16.15
C THR A 352 20.51 25.67 -15.45
N GLU A 353 21.56 26.35 -15.00
CA GLU A 353 22.61 25.69 -14.21
C GLU A 353 22.06 25.31 -12.83
N PHE A 354 21.21 26.18 -12.28
CA PHE A 354 20.60 25.93 -10.98
C PHE A 354 19.64 24.74 -11.05
N VAL A 355 18.79 24.72 -12.09
CA VAL A 355 17.85 23.63 -12.26
C VAL A 355 18.58 22.32 -12.54
N ALA A 356 19.63 22.38 -13.37
CA ALA A 356 20.43 21.20 -13.68
C ALA A 356 21.09 20.63 -12.43
N LYS A 357 21.69 21.51 -11.63
CA LYS A 357 22.33 21.10 -10.39
C LYS A 357 21.29 20.55 -9.41
N LEU A 358 20.08 21.08 -9.46
CA LEU A 358 19.00 20.63 -8.59
C LEU A 358 18.52 19.24 -8.98
N VAL A 359 18.51 18.95 -10.28
CA VAL A 359 18.10 17.64 -10.78
C VAL A 359 19.18 16.60 -10.52
N ARG A 360 20.44 17.00 -10.69
CA ARG A 360 21.58 16.11 -10.51
C ARG A 360 21.62 15.49 -9.10
N HIS A 361 21.39 16.33 -8.08
CA HIS A 361 21.48 15.89 -6.70
C HIS A 361 20.13 15.46 -6.11
N HIS A 362 19.11 15.38 -6.95
CA HIS A 362 17.74 15.14 -6.49
C HIS A 362 17.57 13.88 -5.64
N LEU A 363 18.45 12.90 -5.81
CA LEU A 363 18.36 11.66 -5.06
C LEU A 363 19.26 11.62 -3.82
N ARG A 364 20.02 12.70 -3.60
CA ARG A 364 20.96 12.76 -2.48
C ARG A 364 20.30 12.71 -1.10
N PRO A 365 19.24 13.51 -0.84
CA PRO A 365 18.66 13.43 0.49
C PRO A 365 18.03 12.08 0.80
N PHE A 366 17.71 11.31 -0.22
CA PHE A 366 17.19 9.95 -0.03
C PHE A 366 18.31 9.02 0.44
N PHE A 367 19.49 9.20 -0.13
CA PHE A 367 20.66 8.44 0.29
C PHE A 367 21.05 8.79 1.72
N LEU A 368 21.07 10.08 2.03
CA LEU A 368 21.37 10.52 3.38
C LEU A 368 20.30 10.07 4.37
N ARG A 369 19.07 9.95 3.88
CA ARG A 369 17.97 9.44 4.68
C ARG A 369 18.19 7.96 4.99
N GLU A 370 18.60 7.21 3.99
CA GLU A 370 18.84 5.78 4.15
C GLU A 370 20.02 5.55 5.09
N ALA A 371 20.98 6.47 5.06
CA ALA A 371 22.12 6.42 5.97
C ALA A 371 21.72 6.85 7.37
N PHE A 372 20.65 7.65 7.46
CA PHE A 372 20.14 8.13 8.74
C PHE A 372 19.31 7.06 9.45
N LYS A 373 18.56 6.29 8.68
CA LYS A 373 17.71 5.25 9.23
C LYS A 373 18.53 4.11 9.80
N LYS A 374 19.71 3.89 9.23
CA LYS A 374 20.61 2.84 9.70
C LYS A 374 21.56 3.38 10.75
N GLY A 375 21.48 4.68 11.01
CA GLY A 375 22.33 5.32 12.00
C GLY A 375 23.76 5.48 11.51
N GLU A 376 23.95 5.36 10.21
CA GLU A 376 25.27 5.48 9.60
C GLU A 376 25.62 6.94 9.31
N LEU A 377 24.61 7.81 9.40
CA LEU A 377 24.80 9.21 9.09
C LEU A 377 25.67 9.88 10.15
N LYS A 378 26.76 10.49 9.72
CA LYS A 378 27.71 11.11 10.63
C LYS A 378 28.21 12.44 10.07
N ARG A 379 29.17 13.04 10.75
CA ARG A 379 29.71 14.34 10.37
C ARG A 379 30.33 14.33 8.98
N ARG A 380 30.87 13.19 8.58
CA ARG A 380 31.51 13.04 7.27
C ARG A 380 30.52 13.28 6.12
N GLY A 381 29.44 12.52 6.11
CA GLY A 381 28.44 12.62 5.07
C GLY A 381 27.75 13.97 5.04
N MET A 382 27.50 14.51 6.22
CA MET A 382 26.87 15.83 6.34
C MET A 382 27.78 16.92 5.78
N ALA A 383 29.03 16.93 6.21
CA ALA A 383 30.00 17.90 5.75
C ALA A 383 30.20 17.81 4.24
N ASN A 384 30.29 16.58 3.73
CA ASN A 384 30.40 16.35 2.29
C ASN A 384 29.20 16.92 1.55
N PHE A 385 28.02 16.65 2.09
CA PHE A 385 26.77 17.18 1.53
C PHE A 385 26.81 18.70 1.42
N TRP A 386 26.92 19.37 2.57
CA TRP A 386 26.90 20.83 2.61
C TRP A 386 28.05 21.48 1.83
N ARG A 387 29.17 20.77 1.71
CA ARG A 387 30.29 21.29 0.93
C ARG A 387 30.01 21.20 -0.56
N GLU A 388 29.52 20.05 -1.01
CA GLU A 388 29.22 19.85 -2.42
C GLU A 388 28.15 20.83 -2.90
N CYS A 389 26.97 20.78 -2.28
CA CYS A 389 25.96 21.79 -2.54
C CYS A 389 25.38 22.36 -1.25
N GLY A 390 25.69 23.63 -0.98
CA GLY A 390 25.05 24.36 0.10
C GLY A 390 24.05 25.35 -0.46
N ASP A 391 24.15 25.59 -1.76
CA ASP A 391 23.32 26.58 -2.44
C ASP A 391 21.92 26.05 -2.74
N ILE A 392 21.85 24.83 -3.27
CA ILE A 392 20.57 24.24 -3.66
C ILE A 392 19.97 23.42 -2.53
N ALA A 393 20.62 23.45 -1.37
CA ALA A 393 20.22 22.65 -0.22
C ALA A 393 18.74 22.81 0.16
N PRO A 394 18.23 24.05 0.33
CA PRO A 394 16.82 24.13 0.72
C PRO A 394 15.88 23.61 -0.37
N HIS A 395 16.18 23.98 -1.62
CA HIS A 395 15.40 23.56 -2.77
C HIS A 395 15.44 22.05 -2.91
N LEU A 396 16.62 21.48 -2.67
CA LEU A 396 16.82 20.03 -2.74
C LEU A 396 16.03 19.33 -1.64
N PHE A 397 15.94 19.99 -0.48
CA PHE A 397 15.19 19.44 0.64
C PHE A 397 13.70 19.40 0.33
N LEU A 398 13.16 20.54 -0.09
CA LEU A 398 11.74 20.62 -0.44
C LEU A 398 11.39 19.65 -1.56
N LEU A 399 12.26 19.58 -2.57
CA LEU A 399 12.06 18.67 -3.69
C LEU A 399 12.10 17.22 -3.23
N SER A 400 12.97 16.93 -2.27
CA SER A 400 13.08 15.58 -1.73
C SER A 400 11.82 15.19 -0.98
N ILE A 401 11.31 16.10 -0.17
CA ILE A 401 10.06 15.86 0.57
C ILE A 401 8.90 15.63 -0.40
N ALA A 402 8.81 16.50 -1.40
CA ALA A 402 7.76 16.41 -2.40
C ALA A 402 7.82 15.07 -3.14
N ASP A 403 9.01 14.69 -3.58
CA ASP A 403 9.19 13.44 -4.31
C ASP A 403 8.93 12.24 -3.40
N ALA A 404 9.13 12.43 -2.10
CA ALA A 404 8.84 11.39 -1.12
C ALA A 404 7.34 11.24 -0.95
N MET A 405 6.62 12.35 -1.08
CA MET A 405 5.16 12.32 -0.99
C MET A 405 4.54 11.74 -2.26
N ALA A 406 5.17 12.00 -3.39
CA ALA A 406 4.68 11.54 -4.68
C ALA A 406 4.98 10.07 -4.92
N SER A 407 6.06 9.57 -4.30
CA SER A 407 6.47 8.18 -4.49
C SER A 407 5.68 7.24 -3.59
N GLY A 408 4.81 7.82 -2.77
CA GLY A 408 3.98 7.02 -1.87
C GLY A 408 4.76 6.40 -0.74
N ASP A 409 5.81 7.09 -0.31
CA ASP A 409 6.62 6.62 0.82
C ASP A 409 5.80 6.59 2.11
N GLU A 410 6.11 5.65 2.98
CA GLU A 410 5.42 5.52 4.26
C GLU A 410 5.68 6.77 5.11
N GLU A 411 4.72 7.11 5.96
CA GLU A 411 4.80 8.30 6.80
C GLU A 411 6.02 8.27 7.70
N GLU A 412 6.39 7.07 8.15
CA GLU A 412 7.58 6.90 8.97
C GLU A 412 8.83 7.26 8.17
N ASP A 413 8.87 6.81 6.92
CA ASP A 413 10.01 7.07 6.03
C ASP A 413 10.10 8.55 5.72
N ILE A 414 8.95 9.19 5.50
CA ILE A 414 8.90 10.62 5.23
C ILE A 414 9.41 11.40 6.44
N LYS A 415 9.00 10.97 7.64
CA LYS A 415 9.47 11.59 8.86
C LYS A 415 10.96 11.42 9.00
N ALA A 416 11.47 10.27 8.56
CA ALA A 416 12.90 10.01 8.58
C ALA A 416 13.62 10.97 7.62
N LEU A 417 12.99 11.27 6.49
CA LEU A 417 13.56 12.20 5.54
C LEU A 417 13.60 13.61 6.12
N MET A 418 12.49 14.06 6.66
CA MET A 418 12.39 15.39 7.27
C MET A 418 13.40 15.57 8.39
N GLU A 419 13.48 14.56 9.26
CA GLU A 419 14.40 14.60 10.39
C GLU A 419 15.85 14.53 9.92
N THR A 420 16.10 13.83 8.83
CA THR A 420 17.43 13.81 8.23
C THR A 420 17.81 15.21 7.77
N ILE A 421 16.88 15.84 7.05
CA ILE A 421 17.04 17.20 6.56
C ILE A 421 17.36 18.17 7.70
N ALA A 422 16.55 18.13 8.75
CA ALA A 422 16.74 19.02 9.88
C ALA A 422 17.99 18.66 10.68
N GLU A 423 18.46 17.43 10.55
CA GLU A 423 19.72 17.03 11.17
C GLU A 423 20.88 17.68 10.42
N LEU A 424 20.77 17.69 9.09
CA LEU A 424 21.75 18.38 8.26
C LEU A 424 21.79 19.86 8.59
N GLU A 425 20.60 20.47 8.62
CA GLU A 425 20.46 21.89 8.91
C GLU A 425 21.02 22.24 10.29
N SER A 426 20.68 21.42 11.29
CA SER A 426 21.15 21.64 12.65
C SER A 426 22.66 21.48 12.73
N PHE A 427 23.19 20.54 11.96
CA PHE A 427 24.63 20.31 11.92
C PHE A 427 25.36 21.50 11.29
N ASN A 428 24.74 22.11 10.30
CA ASN A 428 25.34 23.24 9.60
C ASN A 428 25.24 24.55 10.39
N ARG A 429 24.08 24.81 10.94
CA ARG A 429 23.91 26.10 11.60
C ARG A 429 24.78 26.20 12.84
N ASN A 430 24.89 25.11 13.58
CA ASN A 430 25.69 25.13 14.81
C ASN A 430 26.97 24.29 14.87
N GLU A 431 26.90 23.03 14.48
CA GLU A 431 28.06 22.16 14.66
C GLU A 431 29.24 22.62 13.85
N MET A 432 28.97 23.14 12.67
CA MET A 432 30.01 23.44 11.70
C MET A 432 30.63 24.79 12.01
N LYS A 433 31.84 24.75 12.56
CA LYS A 433 32.59 25.96 12.87
C LYS A 433 34.06 25.78 12.55
N GLU A 434 34.61 26.65 11.71
CA GLU A 434 36.05 26.70 11.51
C GLU A 434 36.65 27.47 12.69
N GLU A 435 37.68 26.88 13.30
CA GLU A 435 38.31 27.49 14.47
C GLU A 435 39.64 28.13 14.12
N UNK A 446 44.65 26.82 13.14
CA UNK A 446 44.82 27.40 11.80
C UNK A 446 46.23 27.17 11.16
N UNK A 447 46.66 28.07 10.28
CA UNK A 447 47.99 27.96 9.65
C UNK A 447 49.17 28.03 10.66
N UNK A 448 49.06 28.89 11.67
CA UNK A 448 50.07 28.97 12.73
C UNK A 448 50.20 27.67 13.57
N UNK A 449 49.08 27.02 13.85
CA UNK A 449 49.10 25.73 14.56
C UNK A 449 49.64 24.55 13.69
N UNK A 450 49.30 24.54 12.40
CA UNK A 450 49.80 23.52 11.47
C UNK A 450 51.33 23.65 11.16
N UNK A 451 51.84 24.88 11.15
CA UNK A 451 53.27 25.12 10.91
C UNK A 451 54.15 24.91 12.19
N UNK A 452 53.51 24.78 13.35
CA UNK A 452 54.24 24.58 14.62
C UNK A 452 54.87 23.16 14.78
N UNK A 456 50.03 28.15 -2.09
CA UNK A 456 48.90 27.44 -1.48
C UNK A 456 49.25 26.02 -0.94
N UNK A 457 50.53 25.65 -0.96
CA UNK A 457 50.98 24.36 -0.39
C UNK A 457 50.59 24.21 1.11
N UNK A 458 50.66 25.30 1.87
CA UNK A 458 50.16 25.33 3.25
C UNK A 458 48.62 25.52 3.32
N UNK A 459 48.04 26.18 2.32
CA UNK A 459 46.58 26.32 2.23
C UNK A 459 45.87 25.01 1.78
N UNK A 460 46.45 24.29 0.83
CA UNK A 460 45.93 22.98 0.42
C UNK A 460 45.95 21.94 1.58
N UNK A 461 47.06 21.87 2.31
CA UNK A 461 47.13 21.03 3.51
C UNK A 461 46.18 21.52 4.65
N UNK A 462 45.93 22.82 4.71
CA UNK A 462 44.94 23.37 5.65
C UNK A 462 43.48 22.96 5.31
N UNK A 463 43.17 22.87 4.02
CA UNK A 463 41.86 22.36 3.56
C UNK A 463 41.69 20.83 3.82
N UNK A 464 42.75 20.05 3.59
CA UNK A 464 42.74 18.62 3.93
C UNK A 464 42.63 18.37 5.46
N UNK A 465 43.34 19.15 6.26
CA UNK A 465 43.19 19.10 7.71
C UNK A 465 41.79 19.61 8.18
N UNK A 466 41.21 20.53 7.43
CA UNK A 466 39.83 20.97 7.69
C UNK A 466 38.78 19.87 7.42
N UNK A 467 38.96 19.13 6.33
CA UNK A 467 38.11 17.97 6.05
C UNK A 467 38.25 16.84 7.11
N UNK A 468 39.45 16.67 7.65
CA UNK A 468 39.69 15.72 8.75
C UNK A 468 39.02 16.17 10.08
N UNK A 469 38.98 17.48 10.34
CA UNK A 469 38.26 18.02 11.50
C UNK A 469 36.72 18.01 11.31
N UNK A 470 36.26 18.09 10.06
CA UNK A 470 34.83 17.98 9.75
C UNK A 470 34.32 16.52 9.69
N UNK A 471 35.23 15.55 9.65
CA UNK A 471 34.85 14.13 9.62
C UNK A 471 34.88 13.43 11.02
N UNK A 476 48.77 12.83 19.81
CA UNK A 476 48.32 11.95 18.72
C UNK A 476 47.42 12.67 17.65
N UNK A 477 46.75 13.75 18.03
CA UNK A 477 45.89 14.50 17.09
C UNK A 477 46.66 15.26 15.96
N UNK A 478 47.63 16.08 16.35
CA UNK A 478 48.45 16.81 15.37
C UNK A 478 49.32 15.89 14.44
N UNK A 479 49.90 14.85 15.00
CA UNK A 479 50.69 13.88 14.21
C UNK A 479 49.85 13.09 13.16
N UNK A 480 48.64 12.69 13.53
CA UNK A 480 47.73 12.01 12.59
C UNK A 480 47.31 12.90 11.39
N UNK A 481 47.18 14.22 11.62
CA UNK A 481 46.89 15.16 10.54
C UNK A 481 48.12 15.46 9.63
N UNK A 482 49.29 15.66 10.25
CA UNK A 482 50.53 15.84 9.48
C UNK A 482 50.92 14.60 8.62
N UNK A 483 50.65 13.41 9.12
CA UNK A 483 50.89 12.17 8.36
C UNK A 483 49.85 11.92 7.22
N UNK A 484 48.59 12.24 7.48
CA UNK A 484 47.53 12.13 6.46
C UNK A 484 47.70 13.15 5.29
N UNK A 485 48.37 14.28 5.56
CA UNK A 485 48.64 15.28 4.52
C UNK A 485 49.77 14.86 3.52
N UNK A 486 50.84 14.25 4.02
CA UNK A 486 51.94 13.80 3.15
C UNK A 486 51.62 12.52 2.32
N LEU B 2 4.80 12.92 12.61
CA LEU B 2 5.05 13.51 11.31
C LEU B 2 4.48 14.92 11.19
N ASN B 3 3.20 15.05 11.52
CA ASN B 3 2.53 16.35 11.45
C ASN B 3 3.00 17.30 12.55
N PHE B 4 3.46 16.72 13.66
CA PHE B 4 3.85 17.51 14.82
C PHE B 4 5.32 17.93 14.80
N TYR B 5 6.01 17.63 13.71
CA TYR B 5 7.44 17.88 13.65
C TYR B 5 7.81 19.34 13.40
N LEU B 6 8.94 19.75 13.99
CA LEU B 6 9.58 21.03 13.70
C LEU B 6 11.09 20.84 13.80
N SER B 7 11.83 21.51 12.94
CA SER B 7 13.28 21.34 12.88
C SER B 7 13.97 21.65 14.21
N TYR B 8 13.64 22.81 14.78
CA TYR B 8 14.32 23.29 15.98
C TYR B 8 14.12 22.37 17.18
N PHE B 9 13.12 21.50 17.10
CA PHE B 9 12.90 20.49 18.14
C PHE B 9 14.17 19.68 18.36
N ASP B 10 14.87 19.39 17.26
CA ASP B 10 16.13 18.67 17.34
C ASP B 10 17.09 19.39 18.28
N ASP B 11 17.22 20.70 18.09
CA ASP B 11 18.06 21.50 18.97
C ASP B 11 17.62 21.33 20.41
N VAL B 12 16.31 21.37 20.64
CA VAL B 12 15.77 21.17 21.98
C VAL B 12 16.21 19.82 22.51
N ALA B 13 16.12 18.79 21.65
CA ALA B 13 16.51 17.45 22.04
C ALA B 13 17.99 17.39 22.39
N LYS B 14 18.78 18.26 21.78
CA LYS B 14 20.20 18.34 22.08
C LYS B 14 20.43 19.11 23.37
N VAL B 15 19.57 20.09 23.64
CA VAL B 15 19.68 20.88 24.86
C VAL B 15 19.10 20.14 26.06
N LEU B 16 18.00 19.44 25.83
CA LEU B 16 17.29 18.73 26.89
C LEU B 16 18.17 17.66 27.54
N PRO B 17 18.25 17.68 28.88
CA PRO B 17 18.99 16.67 29.63
C PRO B 17 18.48 15.26 29.32
N ARG B 18 19.35 14.27 29.49
CA ARG B 18 19.03 12.90 29.13
C ARG B 18 17.98 12.29 30.07
N GLU B 19 18.00 12.70 31.32
CA GLU B 19 17.09 12.15 32.32
C GLU B 19 15.80 12.94 32.48
N HIS B 20 15.67 14.03 31.73
CA HIS B 20 14.48 14.87 31.84
C HIS B 20 13.68 14.89 30.55
N TYR B 21 12.39 15.16 30.67
CA TYR B 21 11.49 15.19 29.52
C TYR B 21 10.80 16.51 29.29
N CYS B 22 10.38 16.69 28.03
CA CYS B 22 9.75 17.92 27.59
C CYS B 22 8.53 17.57 26.76
N PHE B 23 7.48 18.38 26.88
CA PHE B 23 6.24 18.14 26.17
C PHE B 23 5.82 19.35 25.35
N ILE B 24 5.21 19.10 24.20
CA ILE B 24 4.70 20.17 23.35
C ILE B 24 3.22 20.35 23.63
N VAL B 25 2.86 21.56 24.06
CA VAL B 25 1.52 21.83 24.58
C VAL B 25 0.87 23.04 23.92
N GLY B 26 -0.46 23.11 23.98
CA GLY B 26 -1.20 24.30 23.62
C GLY B 26 -1.28 24.65 22.15
N GLY B 27 -0.98 25.92 21.86
CA GLY B 27 -1.23 26.52 20.55
C GLY B 27 -0.71 25.78 19.34
N TRP B 28 0.56 25.38 19.37
CA TRP B 28 1.17 24.75 18.20
C TRP B 28 0.52 23.40 17.91
N VAL B 29 0.30 22.61 18.96
CA VAL B 29 -0.38 21.32 18.82
C VAL B 29 -1.78 21.50 18.28
N ARG B 30 -2.50 22.49 18.83
CA ARG B 30 -3.85 22.79 18.39
C ARG B 30 -3.90 23.13 16.90
N ASP B 31 -3.05 24.07 16.49
CA ASP B 31 -3.00 24.51 15.10
C ASP B 31 -2.59 23.37 14.17
N ARG B 32 -1.73 22.50 14.65
CA ARG B 32 -1.28 21.36 13.86
C ARG B 32 -2.37 20.31 13.70
N ILE B 33 -3.19 20.12 14.74
CA ILE B 33 -4.30 19.20 14.67
C ILE B 33 -5.40 19.74 13.75
N LEU B 34 -5.48 21.06 13.66
CA LEU B 34 -6.44 21.71 12.78
C LEU B 34 -5.99 21.68 11.32
N GLY B 35 -4.74 21.30 11.11
CA GLY B 35 -4.20 21.19 9.77
C GLY B 35 -3.93 22.52 9.11
N GLU B 36 -3.85 23.58 9.91
CA GLU B 36 -3.57 24.90 9.39
C GLU B 36 -2.10 25.02 9.00
N PRO B 37 -1.84 25.54 7.78
CA PRO B 37 -0.47 25.75 7.29
C PRO B 37 0.32 26.70 8.18
N VAL B 38 1.57 26.36 8.48
CA VAL B 38 2.40 27.19 9.33
C VAL B 38 2.68 28.55 8.66
N GLY B 39 2.40 29.62 9.38
CA GLY B 39 2.56 30.96 8.85
C GLY B 39 3.96 31.51 9.09
N TYR B 40 4.06 32.83 9.17
CA TYR B 40 5.35 33.48 9.38
C TYR B 40 5.65 33.63 10.87
N ASN B 41 4.66 33.34 11.70
CA ASN B 41 4.81 33.41 13.15
C ASN B 41 4.68 32.04 13.79
N ILE B 42 5.76 31.55 14.39
CA ILE B 42 5.76 30.23 15.02
C ILE B 42 5.91 30.33 16.53
N ASP B 43 4.85 29.95 17.24
CA ASP B 43 4.86 29.96 18.70
C ASP B 43 4.62 28.56 19.26
N VAL B 44 5.59 28.05 20.01
CA VAL B 44 5.49 26.71 20.57
C VAL B 44 5.63 26.74 22.10
N ASP B 45 4.72 26.07 22.80
CA ASP B 45 4.76 26.03 24.25
C ASP B 45 5.26 24.67 24.75
N PHE B 46 6.13 24.71 25.76
CA PHE B 46 6.74 23.48 26.29
C PHE B 46 6.53 23.31 27.79
N LEU B 47 6.37 22.06 28.20
CA LEU B 47 6.34 21.70 29.61
C LEU B 47 7.49 20.73 29.93
N THR B 48 8.47 21.18 30.71
CA THR B 48 9.64 20.35 30.95
C THR B 48 9.90 20.08 32.43
N THR B 49 10.50 18.93 32.70
CA THR B 49 10.86 18.55 34.06
C THR B 49 12.27 19.02 34.42
N ALA B 50 12.99 19.49 33.41
CA ALA B 50 14.33 20.03 33.63
C ALA B 50 14.22 21.50 34.03
N ASP B 51 15.36 22.15 34.22
CA ASP B 51 15.38 23.57 34.54
C ASP B 51 15.04 24.38 33.29
N PRO B 52 13.89 25.05 33.29
CA PRO B 52 13.41 25.81 32.12
C PRO B 52 14.34 26.96 31.77
N VAL B 53 14.96 27.56 32.79
CA VAL B 53 15.85 28.69 32.58
C VAL B 53 17.12 28.27 31.83
N GLU B 54 17.76 27.22 32.31
CA GLU B 54 18.97 26.70 31.69
C GLU B 54 18.66 26.14 30.31
N LEU B 55 17.56 25.40 30.22
CA LEU B 55 17.10 24.83 28.96
C LEU B 55 16.91 25.90 27.89
N ALA B 56 16.15 26.93 28.24
CA ALA B 56 15.88 28.04 27.33
C ALA B 56 17.17 28.79 26.99
N LYS B 57 18.05 28.92 27.97
CA LYS B 57 19.32 29.62 27.77
C LYS B 57 20.18 28.93 26.73
N ASN B 58 20.38 27.62 26.91
CA ASN B 58 21.21 26.85 25.99
C ASN B 58 20.56 26.69 24.62
N PHE B 59 19.23 26.58 24.60
CA PHE B 59 18.50 26.47 23.35
C PHE B 59 18.65 27.75 22.53
N ALA B 60 18.45 28.89 23.20
CA ALA B 60 18.60 30.19 22.56
C ALA B 60 20.05 30.43 22.15
N LYS B 61 20.98 29.81 22.89
CA LYS B 61 22.38 29.89 22.52
C LYS B 61 22.68 29.07 21.28
N ARG B 62 21.93 27.98 21.09
CA ARG B 62 22.12 27.13 19.92
C ARG B 62 21.49 27.73 18.66
N ILE B 63 20.27 28.26 18.79
CA ILE B 63 19.59 28.83 17.62
C ILE B 63 19.92 30.29 17.43
N GLY B 64 20.62 30.89 18.39
CA GLY B 64 21.01 32.29 18.29
C GLY B 64 19.86 33.23 18.54
N GLY B 65 18.98 32.85 19.48
CA GLY B 65 17.83 33.67 19.81
C GLY B 65 17.98 34.34 21.17
N HIS B 66 17.10 35.29 21.47
CA HIS B 66 17.19 36.02 22.73
C HIS B 66 16.56 35.22 23.87
N PHE B 67 17.14 35.36 25.06
CA PHE B 67 16.71 34.59 26.22
C PHE B 67 16.00 35.46 27.24
N PHE B 68 14.78 35.08 27.59
CA PHE B 68 13.90 35.86 28.47
C PHE B 68 13.44 35.05 29.68
N VAL B 69 13.30 35.72 30.82
CA VAL B 69 12.76 35.08 32.03
C VAL B 69 11.71 35.95 32.72
N PHE B 70 10.50 35.43 32.88
CA PHE B 70 9.45 36.23 33.54
C PHE B 70 8.53 35.37 34.40
N GLU B 71 7.36 35.92 34.73
CA GLU B 71 6.42 35.33 35.69
C GLU B 71 7.13 34.76 36.92
N PRO B 80 5.88 30.99 40.18
CA PRO B 80 6.59 30.12 39.23
C PRO B 80 7.09 30.88 38.00
N THR B 81 8.40 30.88 37.81
CA THR B 81 9.03 31.64 36.73
C THR B 81 9.17 30.84 35.43
N ILE B 82 8.58 31.34 34.35
CA ILE B 82 8.68 30.67 33.06
C ILE B 82 9.67 31.40 32.16
N ALA B 83 10.40 30.65 31.34
CA ALA B 83 11.43 31.23 30.49
C ALA B 83 11.10 31.13 29.00
N SER B 84 11.35 32.19 28.24
CA SER B 84 11.01 32.22 26.82
C SER B 84 12.23 32.43 25.92
N VAL B 85 12.09 32.01 24.67
CA VAL B 85 13.16 32.16 23.68
C VAL B 85 12.61 32.77 22.39
N VAL B 86 13.11 33.96 22.04
CA VAL B 86 12.62 34.65 20.85
C VAL B 86 13.69 34.76 19.77
N LEU B 87 13.34 34.40 18.54
CA LEU B 87 14.23 34.55 17.40
C LEU B 87 13.54 35.33 16.30
N HIS B 88 14.01 36.55 16.04
CA HIS B 88 13.28 37.46 15.16
C HIS B 88 14.07 37.87 13.92
N LEU B 89 13.58 37.47 12.75
CA LEU B 89 14.08 38.00 11.48
C LEU B 89 12.88 38.51 10.70
N PRO B 90 13.08 39.51 9.81
CA PRO B 90 11.93 40.25 9.27
C PRO B 90 10.78 39.41 8.70
N PRO B 91 11.04 38.39 7.86
CA PRO B 91 9.87 37.61 7.46
C PRO B 91 9.32 36.66 8.54
N TYR B 92 10.16 36.15 9.44
CA TYR B 92 9.73 35.14 10.40
C TYR B 92 10.05 35.44 11.86
N ARG B 93 9.08 35.21 12.73
CA ARG B 93 9.25 35.35 14.17
C ARG B 93 9.04 34.03 14.89
N TYR B 94 9.97 33.68 15.77
CA TYR B 94 9.90 32.46 16.57
C TYR B 94 9.80 32.75 18.06
N ARG B 95 8.87 32.08 18.73
CA ARG B 95 8.76 32.17 20.18
C ARG B 95 8.57 30.80 20.80
N PHE B 96 9.46 30.43 21.71
CA PHE B 96 9.38 29.16 22.40
C PHE B 96 9.23 29.39 23.89
N ASP B 97 8.06 29.05 24.43
CA ASP B 97 7.81 29.18 25.85
C ASP B 97 8.22 27.92 26.59
N PHE B 98 8.83 28.08 27.76
CA PHE B 98 9.25 26.96 28.58
C PHE B 98 8.72 27.10 30.00
N SER B 99 7.89 26.13 30.39
CA SER B 99 7.27 26.09 31.70
C SER B 99 7.69 24.84 32.46
N PRO B 100 7.83 24.95 33.79
CA PRO B 100 8.25 23.83 34.64
C PRO B 100 7.16 22.76 34.82
N LEU B 101 7.57 21.50 34.85
CA LEU B 101 6.67 20.40 35.17
C LEU B 101 7.26 19.54 36.29
N LYS B 102 6.63 19.54 37.45
CA LYS B 102 7.16 18.85 38.62
C LYS B 102 6.13 17.96 39.31
N GLY B 103 6.59 16.81 39.78
CA GLY B 103 5.74 15.89 40.53
C GLY B 103 6.37 14.52 40.67
N LYS B 104 5.83 13.70 41.56
CA LYS B 104 6.33 12.34 41.74
C LYS B 104 5.88 11.47 40.57
N ASP B 105 4.60 11.55 40.22
CA ASP B 105 4.08 10.86 39.06
C ASP B 105 4.10 11.80 37.87
N LEU B 106 4.87 11.44 36.85
CA LEU B 106 5.05 12.29 35.68
C LEU B 106 3.76 12.48 34.91
N GLU B 107 3.11 11.37 34.58
CA GLU B 107 1.87 11.41 33.79
C GLU B 107 0.76 12.14 34.54
N LYS B 108 0.63 11.83 35.83
CA LYS B 108 -0.38 12.47 36.67
C LYS B 108 -0.15 13.98 36.78
N ALA B 109 1.12 14.37 36.86
CA ALA B 109 1.47 15.79 36.92
C ALA B 109 1.16 16.49 35.59
N LEU B 110 1.44 15.80 34.50
CA LEU B 110 1.15 16.32 33.17
C LEU B 110 -0.34 16.57 33.00
N ILE B 111 -1.14 15.55 33.30
CA ILE B 111 -2.60 15.66 33.23
C ILE B 111 -3.09 16.78 34.15
N GLU B 112 -2.55 16.83 35.36
CA GLU B 112 -2.90 17.85 36.33
C GLU B 112 -2.66 19.24 35.79
N ASP B 113 -1.56 19.42 35.06
CA ASP B 113 -1.23 20.71 34.47
C ASP B 113 -2.15 21.02 33.29
N LEU B 114 -2.49 19.99 32.52
CA LEU B 114 -3.36 20.15 31.36
C LEU B 114 -4.78 20.54 31.77
N LYS B 115 -5.21 20.07 32.94
CA LYS B 115 -6.55 20.36 33.44
C LYS B 115 -6.67 21.80 33.94
N GLU B 116 -5.54 22.45 34.14
CA GLU B 116 -5.54 23.83 34.65
C GLU B 116 -5.59 24.86 33.52
N ARG B 117 -5.42 24.39 32.28
CA ARG B 117 -5.40 25.28 31.14
C ARG B 117 -6.80 25.77 30.77
N ASP B 118 -6.86 26.89 30.05
CA ASP B 118 -8.12 27.56 29.75
C ASP B 118 -9.09 26.73 28.90
N PHE B 119 -8.66 26.30 27.72
CA PHE B 119 -9.56 25.63 26.79
C PHE B 119 -9.05 24.23 26.42
N THR B 120 -9.99 23.35 26.07
CA THR B 120 -9.69 21.97 25.71
C THR B 120 -8.73 21.89 24.52
N ALA B 121 -8.90 22.79 23.55
CA ALA B 121 -8.04 22.83 22.38
C ALA B 121 -6.59 23.13 22.76
N ASN B 122 -6.42 23.93 23.81
CA ASN B 122 -5.09 24.29 24.28
C ASN B 122 -4.58 23.33 25.36
N ALA B 123 -5.40 22.37 25.74
CA ALA B 123 -5.05 21.43 26.80
C ALA B 123 -4.43 20.15 26.25
N ILE B 124 -4.23 20.11 24.95
CA ILE B 124 -3.64 18.93 24.30
C ILE B 124 -2.12 19.01 24.32
N ALA B 125 -1.48 17.91 24.70
CA ALA B 125 -0.02 17.86 24.80
C ALA B 125 0.54 16.55 24.28
N VAL B 126 1.76 16.61 23.75
CA VAL B 126 2.45 15.42 23.23
C VAL B 126 3.86 15.33 23.78
N ASN B 127 4.46 14.16 23.67
CA ASN B 127 5.84 13.95 24.12
C ASN B 127 6.84 14.24 23.01
N LEU B 128 7.87 15.01 23.33
CA LEU B 128 8.89 15.40 22.35
C LEU B 128 9.60 14.19 21.76
N ASP B 129 9.95 13.22 22.61
CA ASP B 129 10.62 12.00 22.16
C ASP B 129 9.73 11.20 21.21
N ASP B 130 8.44 11.17 21.51
CA ASP B 130 7.49 10.45 20.65
C ASP B 130 7.42 11.10 19.28
N VAL B 131 7.50 12.43 19.26
CA VAL B 131 7.49 13.16 18.01
C VAL B 131 8.77 12.90 17.24
N LEU B 132 9.90 12.80 17.94
CA LEU B 132 11.16 12.57 17.25
C LEU B 132 11.47 11.09 17.00
N SER B 133 10.63 10.20 17.53
CA SER B 133 10.90 8.77 17.37
C SER B 133 10.59 8.33 15.95
N ILE B 134 11.57 7.70 15.31
CA ILE B 134 11.47 7.39 13.89
C ILE B 134 10.63 6.18 13.47
N GLY B 135 10.90 5.00 14.01
CA GLY B 135 10.33 3.81 13.39
C GLY B 135 9.05 3.24 13.98
N ALA B 136 8.17 2.79 13.09
CA ALA B 136 7.00 1.97 13.41
C ALA B 136 6.16 2.48 14.58
N LYS B 137 6.04 3.79 14.74
CA LYS B 137 5.37 4.31 15.93
C LYS B 137 4.09 5.10 15.67
N GLN B 138 3.08 4.81 16.47
CA GLN B 138 1.88 5.64 16.52
C GLN B 138 2.08 6.64 17.67
N THR B 139 2.01 7.93 17.33
CA THR B 139 2.30 8.97 18.32
C THR B 139 1.19 9.05 19.36
N ILE B 140 1.57 9.19 20.62
CA ILE B 140 0.58 9.25 21.68
C ILE B 140 0.36 10.70 22.12
N VAL B 141 -0.90 11.11 22.12
CA VAL B 141 -1.26 12.47 22.49
C VAL B 141 -2.02 12.49 23.81
N TYR B 142 -1.89 13.57 24.55
CA TYR B 142 -2.57 13.71 25.84
C TYR B 142 -3.58 14.84 25.83
N ASP B 143 -4.87 14.49 25.87
CA ASP B 143 -5.93 15.47 25.98
C ASP B 143 -7.03 14.95 26.91
N PRO B 144 -6.79 15.03 28.23
CA PRO B 144 -7.74 14.55 29.24
C PRO B 144 -9.02 15.37 29.25
N THR B 145 -8.96 16.55 28.65
CA THR B 145 -10.11 17.43 28.56
C THR B 145 -10.91 17.15 27.29
N GLY B 146 -10.37 16.28 26.45
CA GLY B 146 -11.03 15.93 25.19
C GLY B 146 -10.95 17.04 24.18
N GLY B 147 -9.75 17.59 23.99
CA GLY B 147 -9.53 18.67 23.06
C GLY B 147 -9.75 18.27 21.62
N ILE B 148 -9.31 17.05 21.29
CA ILE B 148 -9.48 16.52 19.94
C ILE B 148 -10.96 16.38 19.63
N LYS B 149 -11.71 15.86 20.60
CA LYS B 149 -13.15 15.68 20.45
C LYS B 149 -13.85 17.00 20.15
N ASP B 150 -13.41 18.06 20.82
CA ASP B 150 -13.99 19.38 20.63
C ASP B 150 -13.58 20.04 19.31
N LEU B 151 -12.32 19.86 18.92
CA LEU B 151 -11.83 20.43 17.66
C LEU B 151 -12.41 19.73 16.44
N GLU B 152 -12.66 18.43 16.56
CA GLU B 152 -13.25 17.65 15.48
C GLU B 152 -14.70 18.08 15.23
N GLN B 153 -15.38 18.52 16.29
CA GLN B 153 -16.76 18.99 16.17
C GLN B 153 -16.79 20.49 15.94
N GLY B 154 -15.61 21.10 15.84
CA GLY B 154 -15.50 22.52 15.58
C GLY B 154 -15.96 23.40 16.74
N LEU B 155 -15.78 22.90 17.95
CA LEU B 155 -16.20 23.63 19.15
C LEU B 155 -15.01 24.01 20.01
N LEU B 156 -15.00 25.26 20.49
CA LEU B 156 -13.99 25.67 21.46
C LEU B 156 -14.61 25.70 22.85
N ARG B 157 -14.24 24.73 23.68
CA ARG B 157 -14.83 24.56 24.99
C ARG B 157 -13.84 24.76 26.13
N PRO B 158 -14.09 25.73 27.01
CA PRO B 158 -13.27 25.91 28.20
C PRO B 158 -13.29 24.67 29.09
N VAL B 159 -12.13 24.31 29.64
CA VAL B 159 -12.01 23.14 30.51
C VAL B 159 -12.95 23.27 31.71
N SER B 160 -12.86 24.40 32.39
CA SER B 160 -13.79 24.72 33.47
C SER B 160 -13.94 26.23 33.59
N ILE B 161 -15.10 26.68 34.03
CA ILE B 161 -15.36 28.11 34.20
C ILE B 161 -14.45 28.69 35.27
N GLU B 162 -14.03 27.85 36.21
CA GLU B 162 -13.13 28.27 37.28
C GLU B 162 -11.77 28.66 36.71
N ASN B 163 -11.34 27.96 35.67
CA ASN B 163 -10.08 28.29 35.01
C ASN B 163 -10.14 29.65 34.33
N LEU B 164 -11.32 30.04 33.87
CA LEU B 164 -11.53 31.33 33.25
C LEU B 164 -11.61 32.43 34.31
N LYS B 165 -12.24 32.10 35.43
CA LYS B 165 -12.36 33.05 36.54
C LYS B 165 -11.00 33.30 37.20
N ARG B 166 -10.12 32.30 37.13
CA ARG B 166 -8.79 32.42 37.69
C ARG B 166 -7.91 33.35 36.85
N ASP B 167 -8.01 33.20 35.54
CA ASP B 167 -7.29 34.07 34.62
C ASP B 167 -8.26 34.67 33.60
N PRO B 168 -8.83 35.85 33.93
CA PRO B 168 -9.92 36.46 33.18
C PRO B 168 -9.52 36.96 31.78
N VAL B 169 -8.25 37.28 31.59
CA VAL B 169 -7.80 37.80 30.30
C VAL B 169 -8.02 36.77 29.18
N ARG B 170 -8.06 35.50 29.57
CA ARG B 170 -8.30 34.41 28.63
C ARG B 170 -9.68 34.52 27.98
N VAL B 171 -10.60 35.23 28.62
CA VAL B 171 -11.92 35.43 28.07
C VAL B 171 -11.83 36.23 26.77
N LEU B 172 -10.73 36.95 26.59
CA LEU B 172 -10.47 37.61 25.32
C LEU B 172 -10.05 36.58 24.29
N ARG B 173 -9.10 35.73 24.69
CA ARG B 173 -8.59 34.66 23.83
C ARG B 173 -9.73 33.85 23.27
N GLY B 174 -10.65 33.47 24.14
CA GLY B 174 -11.83 32.69 23.78
C GLY B 174 -12.56 33.25 22.59
N PHE B 175 -12.68 34.58 22.53
CA PHE B 175 -13.27 35.22 21.37
C PHE B 175 -12.32 35.11 20.18
N ARG B 176 -11.09 35.58 20.37
CA ARG B 176 -10.13 35.71 19.28
C ARG B 176 -9.93 34.38 18.54
N ILE B 177 -9.52 33.37 19.30
CA ILE B 177 -9.33 32.03 18.76
C ILE B 177 -10.58 31.58 17.99
N ALA B 178 -11.75 31.80 18.58
CA ALA B 178 -13.00 31.34 17.98
C ALA B 178 -13.18 31.95 16.60
N ILE B 179 -12.77 33.21 16.46
CA ILE B 179 -12.82 33.88 15.17
C ILE B 179 -11.61 33.50 14.32
N GLU B 180 -10.47 33.29 14.98
CA GLU B 180 -9.22 33.03 14.27
C GLU B 180 -9.18 31.63 13.67
N LYS B 181 -9.59 30.65 14.46
CA LYS B 181 -9.58 29.25 14.02
C LYS B 181 -10.93 28.86 13.44
N ASN B 182 -11.84 29.83 13.35
CA ASN B 182 -13.21 29.61 12.89
C ASN B 182 -13.90 28.52 13.70
N LEU B 183 -14.07 28.77 15.00
CA LEU B 183 -14.69 27.82 15.89
C LEU B 183 -15.87 28.45 16.62
N GLN B 184 -16.81 27.62 17.05
CA GLN B 184 -17.99 28.11 17.77
C GLN B 184 -17.79 27.97 19.28
N LEU B 185 -17.94 29.09 19.99
CA LEU B 185 -17.88 29.08 21.45
C LEU B 185 -19.11 28.40 22.04
N THR B 186 -18.89 27.59 23.07
CA THR B 186 -19.98 26.82 23.69
C THR B 186 -20.90 27.71 24.50
N GLU B 187 -21.92 27.11 25.09
CA GLU B 187 -22.97 27.83 25.80
C GLU B 187 -22.49 28.39 27.14
N ASP B 188 -21.78 27.56 27.91
CA ASP B 188 -21.32 27.94 29.25
C ASP B 188 -20.39 29.15 29.22
N PHE B 189 -19.54 29.22 28.19
CA PHE B 189 -18.65 30.36 28.02
C PHE B 189 -19.44 31.65 27.84
N TYR B 190 -20.33 31.66 26.84
CA TYR B 190 -21.17 32.80 26.55
C TYR B 190 -21.95 33.24 27.79
N GLU B 191 -22.56 32.28 28.48
CA GLU B 191 -23.28 32.56 29.71
C GLU B 191 -22.38 33.25 30.73
N PHE B 192 -21.19 32.69 30.92
CA PHE B 192 -20.21 33.23 31.86
C PHE B 192 -19.85 34.68 31.53
N VAL B 193 -19.66 34.97 30.25
CA VAL B 193 -19.35 36.33 29.82
C VAL B 193 -20.53 37.26 30.07
N LYS B 194 -21.74 36.78 29.80
CA LYS B 194 -22.95 37.56 30.01
C LYS B 194 -23.17 37.93 31.47
N GLU B 195 -22.92 36.99 32.38
CA GLU B 195 -23.18 37.22 33.80
C GLU B 195 -22.34 38.37 34.39
N ASP B 196 -21.02 38.28 34.24
CA ASP B 196 -20.13 39.30 34.79
C ASP B 196 -19.01 39.66 33.82
N PRO B 197 -19.29 40.57 32.87
CA PRO B 197 -18.36 40.99 31.82
C PRO B 197 -17.14 41.76 32.33
N ARG B 198 -17.26 42.38 33.50
CA ARG B 198 -16.18 43.23 34.02
C ARG B 198 -15.03 42.43 34.62
N ILE B 199 -15.22 41.11 34.72
CA ILE B 199 -14.25 40.22 35.33
C ILE B 199 -12.85 40.36 34.72
N VAL B 200 -12.80 40.74 33.45
CA VAL B 200 -11.55 40.90 32.71
C VAL B 200 -10.60 41.89 33.37
N LEU B 201 -11.16 42.79 34.18
CA LEU B 201 -10.35 43.79 34.85
C LEU B 201 -9.46 43.21 35.95
N LYS B 202 -9.68 41.96 36.32
CA LYS B 202 -8.86 41.33 37.35
C LYS B 202 -7.40 41.18 36.93
N SER B 203 -7.17 40.70 35.71
CA SER B 203 -5.82 40.44 35.22
C SER B 203 -5.02 41.72 35.01
N ALA B 204 -3.70 41.59 34.96
CA ALA B 204 -2.80 42.72 34.76
C ALA B 204 -3.08 43.45 33.45
N VAL B 205 -2.89 44.78 33.47
CA VAL B 205 -3.23 45.62 32.34
C VAL B 205 -2.32 45.37 31.12
N GLU B 206 -1.07 45.01 31.38
CA GLU B 206 -0.12 44.76 30.30
C GLU B 206 -0.56 43.57 29.45
N ARG B 207 -1.07 42.55 30.12
CA ARG B 207 -1.58 41.36 29.45
C ARG B 207 -2.83 41.69 28.64
N ILE B 208 -3.66 42.57 29.18
CA ILE B 208 -4.85 43.04 28.49
C ILE B 208 -4.48 43.75 27.19
N THR B 209 -3.52 44.67 27.29
CA THR B 209 -3.02 45.39 26.13
C THR B 209 -2.44 44.45 25.10
N HIS B 210 -1.63 43.50 25.57
CA HIS B 210 -0.99 42.51 24.71
C HIS B 210 -2.03 41.70 23.94
N GLU B 211 -3.04 41.22 24.65
CA GLU B 211 -4.08 40.40 24.03
C GLU B 211 -4.95 41.20 23.06
N LEU B 212 -5.25 42.45 23.43
CA LEU B 212 -6.04 43.32 22.57
C LEU B 212 -5.31 43.62 21.27
N PHE B 213 -4.00 43.85 21.37
CA PHE B 213 -3.17 44.05 20.20
C PHE B 213 -3.10 42.78 19.36
N LYS B 214 -3.04 41.64 20.04
CA LYS B 214 -3.10 40.35 19.35
C LYS B 214 -4.39 40.20 18.57
N ILE B 215 -5.47 40.73 19.11
CA ILE B 215 -6.75 40.75 18.42
C ILE B 215 -6.69 41.69 17.22
N MET B 216 -6.10 42.86 17.41
CA MET B 216 -5.97 43.84 16.34
C MET B 216 -5.02 43.42 15.23
N LYS B 217 -4.24 42.38 15.48
CA LYS B 217 -3.24 41.93 14.51
C LYS B 217 -3.87 41.21 13.32
N GLU B 218 -4.86 40.37 13.60
CA GLU B 218 -5.51 39.59 12.56
C GLU B 218 -6.43 40.44 11.68
N LYS B 219 -6.72 39.95 10.48
CA LYS B 219 -7.55 40.67 9.52
C LYS B 219 -9.02 40.50 9.81
N THR B 220 -9.36 39.59 10.71
CA THR B 220 -10.74 39.35 11.12
C THR B 220 -11.08 40.15 12.37
N ALA B 221 -10.14 41.02 12.77
CA ALA B 221 -10.19 41.75 14.03
C ALA B 221 -11.53 42.45 14.31
N HIS B 222 -12.13 43.03 13.28
CA HIS B 222 -13.35 43.81 13.47
C HIS B 222 -14.50 42.97 14.03
N LYS B 223 -14.53 41.69 13.67
CA LYS B 223 -15.55 40.78 14.18
C LYS B 223 -15.35 40.55 15.67
N VAL B 224 -14.11 40.33 16.07
CA VAL B 224 -13.78 40.11 17.47
C VAL B 224 -14.07 41.36 18.30
N ILE B 225 -13.74 42.52 17.76
CA ILE B 225 -13.99 43.79 18.42
C ILE B 225 -15.49 44.01 18.60
N ARG B 226 -16.26 43.72 17.56
CA ARG B 226 -17.71 43.83 17.62
C ARG B 226 -18.28 42.89 18.69
N GLU B 227 -17.73 41.68 18.74
CA GLU B 227 -18.15 40.70 19.75
C GLU B 227 -17.85 41.20 21.16
N LEU B 228 -16.68 41.82 21.34
CA LEU B 228 -16.28 42.35 22.63
C LEU B 228 -17.15 43.54 23.03
N TYR B 229 -17.59 44.30 22.05
CA TYR B 229 -18.44 45.46 22.30
C TYR B 229 -19.85 45.05 22.69
N GLU B 230 -20.39 44.05 21.98
CA GLU B 230 -21.76 43.60 22.23
C GLU B 230 -21.90 42.96 23.60
N TYR B 231 -20.83 42.35 24.10
CA TYR B 231 -20.87 41.69 25.40
C TYR B 231 -20.37 42.61 26.53
N GLY B 232 -20.02 43.83 26.17
CA GLY B 232 -19.64 44.83 27.15
C GLY B 232 -18.23 44.73 27.68
N VAL B 233 -17.44 43.80 27.15
CA VAL B 233 -16.06 43.62 27.57
C VAL B 233 -15.21 44.84 27.18
N LEU B 234 -15.41 45.29 25.94
CA LEU B 234 -14.69 46.45 25.42
C LEU B 234 -14.99 47.70 26.25
N GLU B 235 -16.23 47.83 26.69
CA GLU B 235 -16.63 48.95 27.54
C GLU B 235 -15.95 48.86 28.91
N ALA B 236 -15.82 47.63 29.41
CA ALA B 236 -15.16 47.40 30.69
C ALA B 236 -13.69 47.79 30.62
N ILE B 237 -13.04 47.40 29.51
CA ILE B 237 -11.65 47.74 29.30
C ILE B 237 -11.49 49.21 28.94
N ILE B 238 -12.32 49.67 28.01
CA ILE B 238 -12.29 51.06 27.54
C ILE B 238 -13.67 51.71 27.63
N PRO B 239 -13.96 52.39 28.75
CA PRO B 239 -15.24 53.06 29.00
C PRO B 239 -15.58 54.12 27.95
N GLU B 240 -14.55 54.73 27.37
CA GLU B 240 -14.72 55.77 26.37
C GLU B 240 -15.49 55.23 25.16
N ILE B 241 -15.27 53.96 24.86
CA ILE B 241 -16.02 53.28 23.80
C ILE B 241 -17.49 53.17 24.18
N GLY B 242 -17.74 52.91 25.46
CA GLY B 242 -19.09 52.83 25.97
C GLY B 242 -19.80 54.18 25.90
N ARG B 243 -19.02 55.25 25.98
CA ARG B 243 -19.60 56.60 25.90
C ARG B 243 -20.05 56.98 24.49
N LEU B 244 -19.64 56.21 23.48
CA LEU B 244 -20.01 56.50 22.09
C LEU B 244 -21.50 56.26 21.81
N ARG B 245 -22.17 55.55 22.72
CA ARG B 245 -23.56 55.18 22.51
C ARG B 245 -24.53 56.31 22.81
N GLU B 246 -24.18 57.17 23.76
CA GLU B 246 -25.07 58.23 24.22
C GLU B 246 -25.34 59.28 23.14
N VAL B 247 -24.40 59.42 22.21
CA VAL B 247 -24.57 60.37 21.11
C VAL B 247 -25.20 59.69 19.90
N LYS B 248 -26.34 60.21 19.46
CA LYS B 248 -27.05 59.65 18.31
C LYS B 248 -26.87 60.54 17.08
N ASP B 249 -26.74 59.91 15.92
CA ASP B 249 -26.54 60.65 14.68
C ASP B 249 -27.87 61.09 14.07
N PRO B 257 -26.23 56.12 14.71
CA PRO B 257 -25.40 55.39 15.67
C PRO B 257 -23.90 55.58 15.41
N LEU B 258 -23.18 56.08 16.43
CA LEU B 258 -21.76 56.34 16.30
C LEU B 258 -20.93 55.06 16.45
N ASP B 259 -21.35 54.20 17.36
CA ASP B 259 -20.64 52.95 17.62
C ASP B 259 -20.61 52.05 16.39
N GLU B 260 -21.76 51.92 15.73
CA GLU B 260 -21.85 51.12 14.52
C GLU B 260 -21.01 51.75 13.41
N HIS B 261 -20.97 53.08 13.40
CA HIS B 261 -20.15 53.82 12.44
C HIS B 261 -18.67 53.52 12.63
N THR B 262 -18.25 53.41 13.90
CA THR B 262 -16.86 53.11 14.21
C THR B 262 -16.50 51.67 13.87
N LEU B 263 -17.38 50.74 14.22
CA LEU B 263 -17.17 49.33 13.92
C LEU B 263 -17.09 49.11 12.41
N LYS B 264 -17.97 49.77 11.68
CA LYS B 264 -17.96 49.70 10.22
C LYS B 264 -16.73 50.41 9.66
N THR B 265 -16.25 51.43 10.38
CA THR B 265 -15.03 52.12 9.98
C THR B 265 -13.85 51.18 10.03
N LEU B 266 -13.78 50.38 11.10
CA LEU B 266 -12.73 49.37 11.23
C LEU B 266 -12.87 48.28 10.16
N GLU B 267 -14.09 47.76 10.05
CA GLU B 267 -14.40 46.70 9.09
C GLU B 267 -14.00 47.09 7.68
N TYR B 268 -14.28 48.33 7.30
CA TYR B 268 -13.89 48.83 5.99
C TYR B 268 -12.39 49.10 5.94
N LEU B 269 -11.81 49.51 7.08
CA LEU B 269 -10.39 49.81 7.14
C LEU B 269 -9.55 48.58 6.82
N GLU B 270 -10.00 47.42 7.28
CA GLU B 270 -9.28 46.18 6.99
C GLU B 270 -9.25 45.90 5.49
N GLN B 271 -10.40 46.07 4.84
CA GLN B 271 -10.51 45.88 3.39
C GLN B 271 -9.65 46.89 2.62
N VAL B 272 -9.60 48.12 3.11
CA VAL B 272 -8.75 49.15 2.50
C VAL B 272 -7.29 48.78 2.65
N ILE B 273 -6.94 48.23 3.81
CA ILE B 273 -5.58 47.78 4.09
C ILE B 273 -5.19 46.66 3.12
N GLU B 274 -6.13 45.77 2.83
CA GLU B 274 -5.88 44.73 1.84
C GLU B 274 -5.63 45.34 0.45
N ASP B 275 -6.31 46.44 0.17
CA ASP B 275 -6.22 47.13 -1.12
C ASP B 275 -5.20 48.27 -1.12
N ARG B 276 -4.44 48.41 -0.04
CA ARG B 276 -3.56 49.55 0.19
C ARG B 276 -2.64 49.90 -0.98
N ALA B 277 -2.29 48.90 -1.79
CA ALA B 277 -1.40 49.13 -2.93
C ALA B 277 -2.05 49.99 -4.00
N LYS B 278 -3.39 49.95 -4.05
CA LYS B 278 -4.14 50.69 -5.06
C LYS B 278 -4.12 52.20 -4.80
N TYR B 279 -4.48 52.61 -3.60
CA TYR B 279 -4.62 54.03 -3.26
C TYR B 279 -3.28 54.70 -2.94
N LEU B 280 -2.44 54.01 -2.18
CA LEU B 280 -1.18 54.58 -1.69
C LEU B 280 -0.06 54.47 -2.72
N SER B 281 0.84 55.46 -2.72
CA SER B 281 2.02 55.42 -3.57
C SER B 281 3.05 54.43 -3.05
N ALA B 282 3.94 53.99 -3.93
CA ALA B 282 4.90 52.93 -3.59
C ALA B 282 5.89 53.33 -2.50
N GLU B 283 6.33 54.59 -2.52
CA GLU B 283 7.28 55.07 -1.54
C GLU B 283 6.67 55.10 -0.14
N LEU B 284 5.35 55.30 -0.08
CA LEU B 284 4.63 55.25 1.19
C LEU B 284 4.38 53.80 1.61
N LEU B 285 4.25 52.92 0.63
CA LEU B 285 3.97 51.51 0.86
C LEU B 285 5.21 50.76 1.32
N GLU B 286 6.38 51.30 0.97
CA GLU B 286 7.65 50.64 1.26
C GLU B 286 7.88 50.49 2.77
N ASN B 287 7.74 51.58 3.50
CA ASN B 287 7.98 51.57 4.93
C ASN B 287 6.71 51.36 5.76
N PHE B 288 5.58 51.20 5.07
CA PHE B 288 4.30 50.97 5.74
C PHE B 288 4.24 49.58 6.36
N GLY B 289 3.91 49.53 7.65
CA GLY B 289 3.77 48.27 8.36
C GLY B 289 5.08 47.69 8.84
N LYS B 290 6.19 48.37 8.53
CA LYS B 290 7.50 47.90 8.92
C LYS B 290 7.97 48.56 10.21
N LYS B 291 7.12 49.41 10.78
CA LYS B 291 7.44 50.06 12.05
C LYS B 291 7.00 49.19 13.22
N ARG B 292 7.96 48.78 14.04
CA ARG B 292 7.69 47.85 15.13
C ARG B 292 7.15 48.54 16.38
N VAL B 293 6.11 47.97 16.96
CA VAL B 293 5.48 48.53 18.16
C VAL B 293 5.27 47.46 19.22
N LEU B 294 5.93 47.61 20.36
CA LEU B 294 5.87 46.64 21.45
C LEU B 294 6.43 45.32 20.99
N GLY B 295 7.26 45.41 19.97
CA GLY B 295 8.19 44.37 19.56
C GLY B 295 7.64 43.20 18.78
N GLU B 296 6.40 42.81 19.03
CA GLU B 296 5.74 41.83 18.17
C GLU B 296 4.67 42.44 17.26
N PHE B 297 4.42 43.73 17.41
CA PHE B 297 3.32 44.37 16.68
C PHE B 297 3.82 45.50 15.77
N THR B 298 3.00 45.86 14.80
CA THR B 298 3.35 46.91 13.84
C THR B 298 2.46 48.13 14.00
N ASP B 299 2.66 49.12 13.14
CA ASP B 299 1.87 50.35 13.18
C ASP B 299 0.49 50.16 12.56
N VAL B 300 0.27 48.99 11.97
CA VAL B 300 -1.03 48.65 11.38
C VAL B 300 -2.08 48.52 12.48
N GLU B 301 -1.70 47.87 13.58
CA GLU B 301 -2.56 47.75 14.74
C GLU B 301 -2.87 49.13 15.31
N LEU B 302 -1.88 50.02 15.28
CA LEU B 302 -2.08 51.40 15.70
C LEU B 302 -3.04 52.13 14.78
N LEU B 303 -3.03 51.74 13.50
CA LEU B 303 -3.94 52.30 12.52
C LEU B 303 -5.37 51.86 12.82
N LYS B 304 -5.53 50.58 13.14
CA LYS B 304 -6.84 50.03 13.47
C LYS B 304 -7.38 50.63 14.77
N TRP B 305 -6.49 50.81 15.75
CA TRP B 305 -6.85 51.51 16.98
C TRP B 305 -7.23 52.95 16.64
N GLY B 306 -6.59 53.47 15.61
CA GLY B 306 -6.91 54.79 15.09
C GLY B 306 -8.29 54.81 14.48
N ALA B 307 -8.73 53.66 13.97
CA ALA B 307 -10.06 53.53 13.40
C ALA B 307 -11.12 53.47 14.47
N LEU B 308 -10.86 52.67 15.51
CA LEU B 308 -11.79 52.57 16.63
C LEU B 308 -11.89 53.90 17.37
N PHE B 309 -10.78 54.61 17.46
CA PHE B 309 -10.70 55.87 18.19
C PHE B 309 -10.86 57.10 17.31
N HIS B 310 -11.16 56.90 16.02
CA HIS B 310 -11.15 58.00 15.05
C HIS B 310 -11.98 59.19 15.54
N ASP B 311 -13.22 58.94 15.97
CA ASP B 311 -13.89 59.90 16.83
C ASP B 311 -14.22 59.26 18.17
N ILE B 312 -13.43 59.58 19.20
CA ILE B 312 -13.79 59.24 20.56
C ILE B 312 -14.29 60.48 21.28
N GLY B 313 -14.25 61.61 20.59
CA GLY B 313 -14.53 62.90 21.21
C GLY B 313 -15.89 63.47 20.90
N LYS B 314 -16.60 62.84 19.98
CA LYS B 314 -17.95 63.25 19.63
C LYS B 314 -18.93 63.18 20.81
N PRO B 315 -18.84 62.16 21.67
CA PRO B 315 -19.72 62.23 22.85
C PRO B 315 -19.33 63.34 23.83
N GLN B 316 -18.07 63.76 23.81
CA GLN B 316 -17.60 64.80 24.73
C GLN B 316 -18.14 66.17 24.35
N THR B 317 -18.18 66.47 23.05
CA THR B 317 -18.67 67.75 22.58
C THR B 317 -20.11 67.65 22.09
N PHE B 318 -20.90 68.68 22.35
CA PHE B 318 -22.30 68.70 21.94
C PHE B 318 -22.79 70.13 21.71
N VAL B 325 -25.24 70.36 18.73
CA VAL B 325 -25.62 70.41 17.32
C VAL B 325 -24.47 69.94 16.44
N THR B 326 -23.31 70.55 16.60
CA THR B 326 -22.13 70.20 15.82
C THR B 326 -20.95 69.88 16.72
N PHE B 327 -20.04 69.03 16.23
CA PHE B 327 -18.87 68.66 17.00
C PHE B 327 -17.63 69.38 16.47
N TYR B 328 -17.14 70.32 17.27
CA TYR B 328 -16.08 71.22 16.81
C TYR B 328 -14.64 70.89 17.13
N GLU B 329 -14.31 70.61 18.40
CA GLU B 329 -12.90 70.34 18.74
C GLU B 329 -12.63 68.86 18.98
N HIS B 330 -13.68 68.07 18.89
CA HIS B 330 -13.66 66.66 19.25
C HIS B 330 -12.40 65.94 18.78
N ASP B 331 -11.74 66.47 17.76
CA ASP B 331 -10.48 65.91 17.29
C ASP B 331 -9.34 66.01 18.30
N LYS B 332 -9.13 67.22 18.85
CA LYS B 332 -8.10 67.43 19.86
C LYS B 332 -8.45 66.69 21.14
N VAL B 333 -9.71 66.81 21.55
CA VAL B 333 -10.22 66.10 22.71
C VAL B 333 -10.02 64.60 22.51
N GLY B 334 -10.31 64.13 21.30
CA GLY B 334 -10.11 62.75 20.94
C GLY B 334 -8.65 62.32 21.10
N ALA B 335 -7.74 63.18 20.65
CA ALA B 335 -6.31 62.91 20.77
C ALA B 335 -5.90 62.79 22.23
N GLN B 336 -6.37 63.71 23.06
CA GLN B 336 -6.05 63.70 24.49
C GLN B 336 -6.59 62.44 25.16
N ILE B 337 -7.83 62.09 24.84
CA ILE B 337 -8.44 60.88 25.38
C ILE B 337 -7.63 59.65 24.99
N VAL B 338 -7.21 59.60 23.73
CA VAL B 338 -6.37 58.51 23.24
C VAL B 338 -5.07 58.44 24.04
N ARG B 339 -4.50 59.62 24.33
CA ARG B 339 -3.29 59.69 25.15
C ARG B 339 -3.51 59.10 26.54
N GLU B 340 -4.63 59.47 27.16
CA GLU B 340 -4.99 58.99 28.49
C GLU B 340 -5.17 57.47 28.50
N ILE B 341 -5.87 56.96 27.50
CA ILE B 341 -6.11 55.52 27.38
C ILE B 341 -4.78 54.78 27.19
N GLY B 342 -3.93 55.33 26.33
CA GLY B 342 -2.62 54.75 26.06
C GLY B 342 -1.76 54.72 27.31
N GLU B 343 -1.92 55.74 28.15
CA GLU B 343 -1.21 55.78 29.43
C GLU B 343 -1.75 54.71 30.38
N ARG B 344 -3.08 54.64 30.48
CA ARG B 344 -3.74 53.69 31.36
C ARG B 344 -3.51 52.24 30.92
N LEU B 345 -3.48 52.02 29.61
CA LEU B 345 -3.31 50.68 29.06
C LEU B 345 -1.85 50.34 28.85
N ARG B 346 -0.97 51.24 29.29
CA ARG B 346 0.48 51.03 29.25
C ARG B 346 1.01 50.85 27.83
N TRP B 347 0.40 51.52 26.87
CA TRP B 347 0.88 51.50 25.50
C TRP B 347 2.23 52.19 25.41
N GLY B 348 3.01 51.84 24.39
CA GLY B 348 4.28 52.51 24.15
C GLY B 348 4.07 53.98 23.95
N ASP B 349 5.03 54.79 24.41
CA ASP B 349 4.91 56.24 24.35
C ASP B 349 4.76 56.72 22.91
N GLU B 350 5.66 56.26 22.04
CA GLU B 350 5.61 56.62 20.63
C GLU B 350 4.37 56.02 19.97
N ALA B 351 3.90 54.90 20.52
CA ALA B 351 2.70 54.24 20.01
C ALA B 351 1.45 55.05 20.31
N THR B 352 1.25 55.39 21.58
CA THR B 352 0.07 56.14 21.98
C THR B 352 0.12 57.55 21.39
N GLU B 353 1.33 58.07 21.20
CA GLU B 353 1.50 59.36 20.55
C GLU B 353 1.11 59.25 19.08
N PHE B 354 1.47 58.13 18.46
CA PHE B 354 1.13 57.86 17.08
C PHE B 354 -0.38 57.80 16.89
N VAL B 355 -1.05 57.03 17.74
CA VAL B 355 -2.50 56.91 17.65
C VAL B 355 -3.19 58.24 17.95
N ALA B 356 -2.67 58.97 18.92
CA ALA B 356 -3.23 60.28 19.27
C ALA B 356 -3.13 61.26 18.10
N LYS B 357 -1.96 61.34 17.50
CA LYS B 357 -1.74 62.22 16.35
C LYS B 357 -2.58 61.76 15.16
N LEU B 358 -2.81 60.46 15.06
CA LEU B 358 -3.63 59.90 13.99
C LEU B 358 -5.09 60.30 14.14
N VAL B 359 -5.59 60.27 15.37
CA VAL B 359 -6.97 60.66 15.65
C VAL B 359 -7.16 62.17 15.49
N ARG B 360 -6.14 62.92 15.91
CA ARG B 360 -6.19 64.39 15.84
C ARG B 360 -6.43 64.91 14.41
N HIS B 361 -5.71 64.36 13.45
CA HIS B 361 -5.76 64.84 12.07
C HIS B 361 -6.74 64.06 11.19
N HIS B 362 -7.51 63.16 11.80
CA HIS B 362 -8.37 62.24 11.05
C HIS B 362 -9.30 62.93 10.04
N LEU B 363 -9.67 64.18 10.31
CA LEU B 363 -10.60 64.92 9.44
C LEU B 363 -9.89 65.81 8.43
N ARG B 364 -8.56 65.83 8.46
CA ARG B 364 -7.78 66.67 7.56
C ARG B 364 -7.92 66.29 6.07
N PRO B 365 -7.85 65.00 5.72
CA PRO B 365 -8.01 64.68 4.30
C PRO B 365 -9.40 65.02 3.77
N PHE B 366 -10.39 65.10 4.66
CA PHE B 366 -11.73 65.50 4.26
C PHE B 366 -11.76 66.99 3.90
N PHE B 367 -11.05 67.79 4.68
CA PHE B 367 -10.93 69.22 4.40
C PHE B 367 -10.18 69.45 3.09
N LEU B 368 -9.07 68.74 2.93
CA LEU B 368 -8.28 68.85 1.70
C LEU B 368 -9.08 68.36 0.50
N ARG B 369 -9.97 67.38 0.74
CA ARG B 369 -10.85 66.88 -0.29
C ARG B 369 -11.89 67.93 -0.68
N GLU B 370 -12.43 68.60 0.32
CA GLU B 370 -13.42 69.65 0.09
C GLU B 370 -12.78 70.81 -0.67
N ALA B 371 -11.50 71.06 -0.38
CA ALA B 371 -10.75 72.08 -1.11
C ALA B 371 -10.44 71.61 -2.53
N PHE B 372 -10.32 70.30 -2.71
CA PHE B 372 -10.04 69.74 -4.02
C PHE B 372 -11.25 69.80 -4.93
N LYS B 373 -12.43 69.56 -4.37
CA LYS B 373 -13.68 69.56 -5.13
C LYS B 373 -14.01 70.97 -5.64
N LYS B 374 -13.55 71.97 -4.91
CA LYS B 374 -13.80 73.36 -5.28
C LYS B 374 -12.65 73.89 -6.14
N GLY B 375 -11.64 73.05 -6.34
CA GLY B 375 -10.48 73.41 -7.14
C GLY B 375 -9.57 74.41 -6.49
N GLU B 376 -9.75 74.60 -5.19
CA GLU B 376 -8.93 75.56 -4.43
C GLU B 376 -7.74 74.89 -3.75
N LEU B 377 -7.58 73.59 -3.95
CA LEU B 377 -6.46 72.88 -3.35
C LEU B 377 -5.21 73.20 -4.16
N LYS B 378 -4.24 73.81 -3.50
CA LYS B 378 -3.02 74.26 -4.19
C LYS B 378 -1.77 73.90 -3.41
N ARG B 379 -0.63 74.40 -3.90
CA ARG B 379 0.67 74.09 -3.33
C ARG B 379 0.76 74.45 -1.85
N ARG B 380 0.05 75.50 -1.46
CA ARG B 380 0.08 75.97 -0.07
C ARG B 380 -0.46 74.93 0.92
N GLY B 381 -1.71 74.51 0.69
CA GLY B 381 -2.36 73.54 1.56
C GLY B 381 -1.67 72.19 1.57
N MET B 382 -1.20 71.77 0.41
CA MET B 382 -0.51 70.49 0.27
C MET B 382 0.82 70.50 1.03
N ALA B 383 1.63 71.53 0.78
CA ALA B 383 2.92 71.67 1.46
C ALA B 383 2.72 71.77 2.97
N ASN B 384 1.71 72.52 3.38
CA ASN B 384 1.37 72.62 4.80
C ASN B 384 0.99 71.26 5.39
N PHE B 385 0.23 70.49 4.63
CA PHE B 385 -0.18 69.15 5.06
C PHE B 385 1.01 68.24 5.25
N TRP B 386 1.88 68.18 4.25
CA TRP B 386 3.04 67.30 4.30
C TRP B 386 4.06 67.74 5.34
N ARG B 387 4.11 69.04 5.62
CA ARG B 387 5.01 69.56 6.64
C ARG B 387 4.50 69.26 8.04
N GLU B 388 3.20 69.49 8.26
CA GLU B 388 2.60 69.22 9.56
C GLU B 388 2.70 67.76 9.93
N CYS B 389 2.11 66.89 9.10
CA CYS B 389 2.27 65.45 9.29
C CYS B 389 2.68 64.75 7.99
N GLY B 390 3.91 64.27 7.95
CA GLY B 390 4.36 63.41 6.86
C GLY B 390 4.49 61.97 7.32
N ASP B 391 4.48 61.78 8.64
CA ASP B 391 4.71 60.47 9.22
C ASP B 391 3.45 59.61 9.23
N ILE B 392 2.33 60.21 9.58
CA ILE B 392 1.07 59.48 9.68
C ILE B 392 0.29 59.55 8.38
N ALA B 393 0.89 60.16 7.37
CA ALA B 393 0.23 60.41 6.09
C ALA B 393 -0.44 59.18 5.46
N PRO B 394 0.28 58.06 5.28
CA PRO B 394 -0.41 56.93 4.65
C PRO B 394 -1.54 56.37 5.50
N HIS B 395 -1.27 56.26 6.80
CA HIS B 395 -2.25 55.78 7.76
C HIS B 395 -3.45 56.71 7.80
N LEU B 396 -3.18 58.01 7.73
CA LEU B 396 -4.23 59.02 7.73
C LEU B 396 -5.08 58.90 6.46
N PHE B 397 -4.43 58.55 5.35
CA PHE B 397 -5.12 58.37 4.08
C PHE B 397 -6.07 57.18 4.13
N LEU B 398 -5.54 56.02 4.53
CA LEU B 398 -6.34 54.81 4.65
C LEU B 398 -7.49 55.01 5.63
N LEU B 399 -7.20 55.64 6.76
CA LEU B 399 -8.20 55.92 7.77
C LEU B 399 -9.29 56.85 7.22
N SER B 400 -8.88 57.82 6.41
CA SER B 400 -9.82 58.75 5.81
C SER B 400 -10.74 58.05 4.82
N ILE B 401 -10.16 57.17 4.01
CA ILE B 401 -10.95 56.40 3.04
C ILE B 401 -11.95 55.50 3.76
N ALA B 402 -11.48 54.81 4.80
CA ALA B 402 -12.34 53.92 5.59
C ALA B 402 -13.48 54.69 6.24
N ASP B 403 -13.15 55.82 6.85
CA ASP B 403 -14.15 56.66 7.52
C ASP B 403 -15.15 57.20 6.50
N ALA B 404 -14.67 57.47 5.29
CA ALA B 404 -15.54 57.94 4.22
C ALA B 404 -16.50 56.86 3.77
N MET B 405 -16.01 55.62 3.73
CA MET B 405 -16.85 54.48 3.36
C MET B 405 -17.91 54.21 4.43
N ALA B 406 -17.51 54.31 5.69
CA ALA B 406 -18.40 54.03 6.80
C ALA B 406 -19.45 55.13 6.99
N SER B 407 -19.14 56.32 6.50
CA SER B 407 -20.03 57.46 6.64
C SER B 407 -21.12 57.46 5.56
N GLY B 408 -21.03 56.49 4.66
CA GLY B 408 -21.99 56.37 3.57
C GLY B 408 -21.88 57.50 2.57
N ASP B 409 -20.67 57.98 2.34
CA ASP B 409 -20.43 59.05 1.37
C ASP B 409 -20.69 58.55 -0.04
N GLU B 410 -21.05 59.48 -0.93
CA GLU B 410 -21.28 59.15 -2.33
C GLU B 410 -19.99 58.65 -2.99
N GLU B 411 -20.15 57.76 -3.97
CA GLU B 411 -19.02 57.16 -4.66
C GLU B 411 -18.12 58.20 -5.31
N GLU B 412 -18.74 59.26 -5.83
CA GLU B 412 -17.99 60.35 -6.46
C GLU B 412 -17.17 61.10 -5.42
N ASP B 413 -17.71 61.20 -4.21
CA ASP B 413 -17.03 61.87 -3.11
C ASP B 413 -15.85 61.02 -2.64
N ILE B 414 -16.05 59.71 -2.61
CA ILE B 414 -14.99 58.78 -2.25
C ILE B 414 -13.85 58.84 -3.26
N LYS B 415 -14.21 58.84 -4.54
CA LYS B 415 -13.23 58.96 -5.61
C LYS B 415 -12.52 60.31 -5.52
N ALA B 416 -13.26 61.34 -5.12
CA ALA B 416 -12.68 62.66 -4.91
C ALA B 416 -11.64 62.63 -3.80
N LEU B 417 -11.94 61.89 -2.74
CA LEU B 417 -11.02 61.71 -1.64
C LEU B 417 -9.76 60.98 -2.09
N MET B 418 -9.96 59.89 -2.82
CA MET B 418 -8.85 59.09 -3.32
C MET B 418 -7.94 59.89 -4.24
N GLU B 419 -8.55 60.68 -5.11
CA GLU B 419 -7.79 61.50 -6.04
C GLU B 419 -7.13 62.67 -5.33
N THR B 420 -7.73 63.12 -4.23
CA THR B 420 -7.11 64.13 -3.39
C THR B 420 -5.85 63.58 -2.77
N ILE B 421 -5.97 62.39 -2.20
CA ILE B 421 -4.84 61.66 -1.64
C ILE B 421 -3.75 61.47 -2.67
N ALA B 422 -4.15 61.03 -3.86
CA ALA B 422 -3.21 60.80 -4.95
C ALA B 422 -2.56 62.10 -5.41
N GLU B 423 -3.29 63.20 -5.34
CA GLU B 423 -2.73 64.51 -5.67
C GLU B 423 -1.70 64.92 -4.63
N LEU B 424 -1.98 64.60 -3.37
CA LEU B 424 -1.02 64.86 -2.30
C LEU B 424 0.26 64.05 -2.49
N GLU B 425 0.11 62.75 -2.69
CA GLU B 425 1.24 61.85 -2.90
C GLU B 425 2.05 62.19 -4.15
N SER B 426 1.34 62.45 -5.24
CA SER B 426 1.97 62.79 -6.51
C SER B 426 2.69 64.12 -6.39
N PHE B 427 2.08 65.04 -5.66
CA PHE B 427 2.69 66.34 -5.42
C PHE B 427 3.95 66.12 -4.58
N ASN B 428 3.88 65.21 -3.60
CA ASN B 428 4.97 64.97 -2.66
C ASN B 428 6.17 64.22 -3.26
N ARG B 429 5.91 63.40 -4.26
CA ARG B 429 6.93 62.57 -4.88
C ARG B 429 7.90 63.39 -5.73
N ASN B 430 7.35 64.35 -6.48
CA ASN B 430 8.13 65.13 -7.44
C ASN B 430 8.27 66.63 -7.12
N GLU B 431 7.15 67.34 -7.00
CA GLU B 431 7.10 68.80 -7.06
C GLU B 431 7.54 69.72 -5.89
N MET B 432 8.03 69.21 -4.76
CA MET B 432 8.52 70.14 -3.74
C MET B 432 10.02 70.40 -3.79
N LYS B 433 10.71 69.81 -4.77
CA LYS B 433 12.14 70.10 -4.90
C LYS B 433 12.35 71.58 -5.18
N GLU B 434 13.15 72.21 -4.32
CA GLU B 434 13.51 73.61 -4.47
C GLU B 434 14.92 73.67 -4.98
N GLU B 435 15.13 74.47 -6.02
CA GLU B 435 16.44 74.61 -6.63
C GLU B 435 16.95 76.04 -6.50
N UNK B 446 19.62 81.25 -4.57
CA UNK B 446 20.88 80.53 -4.31
C UNK B 446 21.98 81.40 -3.62
N UNK B 447 23.13 80.79 -3.32
CA UNK B 447 24.24 81.51 -2.65
C UNK B 447 24.71 82.80 -3.39
N UNK B 448 25.01 82.70 -4.69
CA UNK B 448 25.40 83.86 -5.50
C UNK B 448 24.35 85.02 -5.45
N UNK B 449 23.07 84.66 -5.43
CA UNK B 449 22.00 85.66 -5.26
C UNK B 449 21.81 86.11 -3.78
N UNK B 450 22.05 85.21 -2.84
CA UNK B 450 21.96 85.54 -1.40
C UNK B 450 23.19 86.32 -0.85
N UNK B 451 24.39 86.00 -1.34
CA UNK B 451 25.61 86.73 -0.94
C UNK B 451 25.61 88.22 -1.37
N UNK B 452 24.80 88.56 -2.37
CA UNK B 452 24.69 89.95 -2.85
C UNK B 452 23.81 90.86 -1.94
N UNK B 456 23.41 82.01 10.46
CA UNK B 456 21.95 81.77 10.39
C UNK B 456 21.17 82.89 9.65
N UNK B 457 21.68 84.11 9.65
CA UNK B 457 21.05 85.22 8.93
C UNK B 457 20.80 84.91 7.42
N UNK B 458 21.81 84.40 6.73
CA UNK B 458 21.64 83.92 5.36
C UNK B 458 20.90 82.55 5.29
N UNK B 459 21.08 81.71 6.31
CA UNK B 459 20.36 80.44 6.40
C UNK B 459 18.83 80.60 6.65
N UNK B 460 18.45 81.43 7.61
CA UNK B 460 17.03 81.74 7.86
C UNK B 460 16.36 82.48 6.66
N UNK B 461 17.10 83.37 6.01
CA UNK B 461 16.60 84.03 4.79
C UNK B 461 16.35 83.05 3.62
N UNK B 462 17.33 82.18 3.34
CA UNK B 462 17.14 81.13 2.32
C UNK B 462 16.03 80.11 2.70
N UNK B 463 15.88 79.81 3.98
CA UNK B 463 14.79 78.94 4.46
C UNK B 463 13.39 79.61 4.34
N UNK B 464 13.31 80.90 4.63
CA UNK B 464 12.07 81.66 4.43
C UNK B 464 11.72 81.91 2.93
N UNK B 465 12.74 82.14 2.10
CA UNK B 465 12.53 82.28 0.64
C UNK B 465 12.04 80.99 -0.01
N UNK B 466 12.62 79.86 0.43
CA UNK B 466 12.16 78.52 0.04
C UNK B 466 10.68 78.28 0.36
N UNK B 467 10.27 78.56 1.60
CA UNK B 467 8.86 78.46 2.00
C UNK B 467 7.94 79.47 1.25
N UNK B 468 8.46 80.66 0.97
CA UNK B 468 7.71 81.65 0.18
C UNK B 468 7.44 81.20 -1.28
N UNK B 469 8.45 80.66 -1.96
CA UNK B 469 8.28 80.10 -3.30
C UNK B 469 7.40 78.82 -3.32
N UNK B 470 7.32 78.12 -2.19
CA UNK B 470 6.48 76.93 -2.06
C UNK B 470 4.98 77.23 -1.74
N UNK B 471 4.70 78.43 -1.25
CA UNK B 471 3.32 78.83 -0.93
C UNK B 471 2.42 79.08 -2.17
N UNK B 476 9.97 84.45 -12.29
CA UNK B 476 9.81 85.56 -11.33
C UNK B 476 10.91 85.62 -10.22
N UNK B 477 12.18 85.52 -10.61
CA UNK B 477 13.29 85.60 -9.64
C UNK B 477 13.35 86.92 -8.83
N UNK B 478 13.09 88.05 -9.49
CA UNK B 478 13.04 89.35 -8.80
C UNK B 478 11.80 89.51 -7.86
N UNK B 479 10.67 88.92 -8.23
CA UNK B 479 9.46 88.97 -7.39
C UNK B 479 9.62 88.24 -6.03
N UNK B 480 10.13 87.01 -6.04
CA UNK B 480 10.38 86.26 -4.80
C UNK B 480 11.51 86.89 -3.93
N UNK B 481 12.54 87.45 -4.56
CA UNK B 481 13.62 88.14 -3.84
C UNK B 481 13.17 89.47 -3.16
N UNK B 482 12.42 90.30 -3.89
CA UNK B 482 11.88 91.54 -3.33
C UNK B 482 10.85 91.29 -2.17
N UNK B 483 9.97 90.31 -2.34
CA UNK B 483 9.03 89.91 -1.28
C UNK B 483 9.74 89.42 0.01
N UNK B 484 10.81 88.64 -0.15
CA UNK B 484 11.63 88.23 1.00
C UNK B 484 12.46 89.39 1.62
N UNK B 485 12.95 90.29 0.78
CA UNK B 485 13.66 91.48 1.25
C UNK B 485 12.73 92.51 1.98
N UNK B 486 11.50 92.64 1.51
CA UNK B 486 10.50 93.50 2.18
C UNK B 486 10.03 92.97 3.57
N UNK B 487 9.83 91.66 3.67
CA UNK B 487 9.46 91.05 4.95
C UNK B 487 10.57 91.15 6.04
N UNK B 488 11.82 90.93 5.66
CA UNK B 488 12.96 91.07 6.58
C UNK B 488 13.32 92.55 6.91
N UNK B 489 12.92 93.48 6.03
CA UNK B 489 13.18 94.91 6.25
C UNK B 489 11.91 95.81 6.20
N LEU C 2 39.15 -33.82 20.62
CA LEU C 2 38.78 -32.43 20.86
C LEU C 2 38.60 -32.18 22.35
N ASN C 3 37.79 -33.02 22.99
CA ASN C 3 37.51 -32.89 24.42
C ASN C 3 38.72 -33.29 25.27
N PHE C 4 39.57 -34.15 24.72
CA PHE C 4 40.71 -34.69 25.45
C PHE C 4 41.96 -33.83 25.27
N TYR C 5 41.81 -32.68 24.62
CA TYR C 5 42.96 -31.85 24.30
C TYR C 5 43.49 -31.01 25.47
N LEU C 6 44.79 -30.79 25.47
CA LEU C 6 45.44 -29.83 26.36
C LEU C 6 46.60 -29.21 25.60
N SER C 7 46.83 -27.92 25.81
CA SER C 7 47.87 -27.19 25.08
C SER C 7 49.26 -27.80 25.23
N TYR C 8 49.65 -28.05 26.48
CA TYR C 8 51.00 -28.52 26.79
C TYR C 8 51.30 -29.89 26.18
N PHE C 9 50.25 -30.61 25.78
CA PHE C 9 50.42 -31.89 25.08
C PHE C 9 51.32 -31.69 23.86
N ASP C 10 51.16 -30.54 23.21
CA ASP C 10 51.98 -30.20 22.05
C ASP C 10 53.45 -30.29 22.41
N ASP C 11 53.82 -29.68 23.54
CA ASP C 11 55.20 -29.74 24.01
C ASP C 11 55.64 -31.19 24.16
N VAL C 12 54.77 -32.01 24.74
CA VAL C 12 55.08 -33.43 24.90
C VAL C 12 55.36 -34.05 23.53
N ALA C 13 54.50 -33.73 22.56
CA ALA C 13 54.65 -34.26 21.21
C ALA C 13 55.98 -33.82 20.61
N LYS C 14 56.45 -32.64 21.02
CA LYS C 14 57.73 -32.14 20.55
C LYS C 14 58.88 -32.81 21.29
N VAL C 15 58.63 -33.16 22.54
CA VAL C 15 59.64 -33.84 23.35
C VAL C 15 59.70 -35.34 23.04
N LEU C 16 58.53 -35.93 22.82
CA LEU C 16 58.42 -37.37 22.59
C LEU C 16 59.20 -37.82 21.36
N PRO C 17 60.04 -38.86 21.53
CA PRO C 17 60.80 -39.46 20.43
C PRO C 17 59.88 -39.96 19.33
N ARG C 18 60.38 -40.00 18.10
CA ARG C 18 59.57 -40.36 16.95
C ARG C 18 59.15 -41.81 16.89
N GLU C 19 60.03 -42.70 17.38
CA GLU C 19 59.76 -44.13 17.32
C GLU C 19 59.06 -44.61 18.57
N HIS C 20 58.81 -43.69 19.49
CA HIS C 20 58.14 -44.03 20.74
C HIS C 20 56.78 -43.34 20.83
N TYR C 21 55.88 -43.95 21.58
CA TYR C 21 54.50 -43.45 21.69
C TYR C 21 54.12 -43.12 23.12
N CYS C 22 53.10 -42.29 23.28
CA CYS C 22 52.66 -41.84 24.60
C CYS C 22 51.14 -41.90 24.70
N PHE C 23 50.65 -42.26 25.89
CA PHE C 23 49.22 -42.37 26.13
C PHE C 23 48.78 -41.55 27.34
N ILE C 24 47.57 -41.00 27.27
CA ILE C 24 46.99 -40.26 28.37
C ILE C 24 46.06 -41.16 29.18
N VAL C 25 46.35 -41.32 30.47
CA VAL C 25 45.67 -42.31 31.29
C VAL C 25 45.10 -41.73 32.58
N GLY C 26 44.12 -42.43 33.15
CA GLY C 26 43.63 -42.16 34.49
C GLY C 26 42.80 -40.91 34.72
N GLY C 27 43.16 -40.16 35.74
CA GLY C 27 42.37 -39.07 36.27
C GLY C 27 41.88 -38.02 35.29
N TRP C 28 42.79 -37.51 34.46
CA TRP C 28 42.45 -36.45 33.53
C TRP C 28 41.43 -36.93 32.49
N VAL C 29 41.66 -38.12 31.95
CA VAL C 29 40.75 -38.72 30.99
C VAL C 29 39.38 -38.93 31.62
N ARG C 30 39.39 -39.44 32.85
CA ARG C 30 38.17 -39.66 33.61
C ARG C 30 37.36 -38.38 33.77
N ASP C 31 38.02 -37.33 34.24
CA ASP C 31 37.37 -36.04 34.46
C ASP C 31 36.86 -35.44 33.15
N ARG C 32 37.58 -35.67 32.06
CA ARG C 32 37.13 -35.14 30.77
C ARG C 32 35.91 -35.90 30.25
N ILE C 33 35.86 -37.20 30.51
CA ILE C 33 34.70 -38.00 30.11
C ILE C 33 33.47 -37.64 30.95
N LEU C 34 33.71 -37.21 32.18
CA LEU C 34 32.62 -36.78 33.06
C LEU C 34 32.13 -35.38 32.70
N GLY C 35 32.89 -34.69 31.84
CA GLY C 35 32.50 -33.36 31.41
C GLY C 35 32.71 -32.31 32.48
N GLU C 36 33.51 -32.63 33.48
CA GLU C 36 33.80 -31.70 34.57
C GLU C 36 34.73 -30.59 34.10
N PRO C 37 34.38 -29.34 34.41
CA PRO C 37 35.21 -28.19 34.04
C PRO C 37 36.60 -28.26 34.67
N VAL C 38 37.63 -27.97 33.87
CA VAL C 38 39.01 -27.99 34.36
C VAL C 38 39.22 -26.91 35.41
N GLY C 39 39.74 -27.31 36.56
CA GLY C 39 39.94 -26.38 37.67
C GLY C 39 41.29 -25.70 37.60
N TYR C 40 41.79 -25.29 38.75
CA TYR C 40 43.08 -24.61 38.83
C TYR C 40 44.22 -25.61 39.00
N ASN C 41 43.85 -26.87 39.25
CA ASN C 41 44.82 -27.94 39.41
C ASN C 41 44.72 -28.96 38.30
N ILE C 42 45.77 -29.09 37.50
CA ILE C 42 45.76 -30.01 36.38
C ILE C 42 46.77 -31.14 36.56
N ASP C 43 46.27 -32.36 36.73
CA ASP C 43 47.12 -33.53 36.89
C ASP C 43 46.90 -34.53 35.77
N VAL C 44 47.95 -34.80 35.00
CA VAL C 44 47.84 -35.72 33.87
C VAL C 44 48.84 -36.87 33.98
N ASP C 45 48.35 -38.09 33.79
CA ASP C 45 49.20 -39.28 33.85
C ASP C 45 49.49 -39.82 32.45
N PHE C 46 50.74 -40.20 32.21
CA PHE C 46 51.15 -40.68 30.89
C PHE C 46 51.76 -42.08 30.93
N LEU C 47 51.52 -42.85 29.87
CA LEU C 47 52.19 -44.12 29.67
C LEU C 47 52.99 -44.09 28.37
N THR C 48 54.32 -44.11 28.49
CA THR C 48 55.18 -43.97 27.31
C THR C 48 56.15 -45.14 27.15
N THR C 49 56.51 -45.43 25.91
CA THR C 49 57.48 -46.48 25.61
C THR C 49 58.90 -45.92 25.59
N ALA C 50 59.00 -44.59 25.63
CA ALA C 50 60.30 -43.93 25.67
C ALA C 50 60.82 -43.85 27.10
N ASP C 51 61.99 -43.24 27.27
CA ASP C 51 62.55 -43.02 28.59
C ASP C 51 61.80 -41.91 29.30
N PRO C 52 61.10 -42.24 30.38
CA PRO C 52 60.27 -41.27 31.11
C PRO C 52 61.07 -40.14 31.74
N VAL C 53 62.30 -40.44 32.17
CA VAL C 53 63.15 -39.45 32.83
C VAL C 53 63.58 -38.36 31.86
N GLU C 54 64.08 -38.76 30.70
CA GLU C 54 64.52 -37.81 29.68
C GLU C 54 63.34 -37.03 29.13
N LEU C 55 62.25 -37.74 28.89
CA LEU C 55 61.00 -37.16 28.41
C LEU C 55 60.53 -36.04 29.34
N ALA C 56 60.43 -36.37 30.62
CA ALA C 56 60.00 -35.41 31.63
C ALA C 56 61.00 -34.26 31.75
N LYS C 57 62.29 -34.57 31.62
CA LYS C 57 63.33 -33.55 31.74
C LYS C 57 63.21 -32.50 30.65
N ASN C 58 63.13 -32.95 29.40
CA ASN C 58 63.02 -32.04 28.27
C ASN C 58 61.67 -31.32 28.24
N PHE C 59 60.61 -32.01 28.66
CA PHE C 59 59.29 -31.40 28.73
C PHE C 59 59.26 -30.27 29.75
N ALA C 60 59.81 -30.54 30.92
CA ALA C 60 59.90 -29.53 31.98
C ALA C 60 60.84 -28.41 31.55
N LYS C 61 61.80 -28.74 30.68
CA LYS C 61 62.69 -27.73 30.12
C LYS C 61 61.94 -26.83 29.14
N ARG C 62 60.94 -27.40 28.48
CA ARG C 62 60.14 -26.63 27.53
C ARG C 62 59.10 -25.75 28.22
N ILE C 63 58.40 -26.29 29.19
CA ILE C 63 57.34 -25.52 29.86
C ILE C 63 57.85 -24.71 31.04
N GLY C 64 59.10 -24.93 31.43
CA GLY C 64 59.70 -24.18 32.52
C GLY C 64 59.18 -24.62 33.88
N GLY C 65 58.92 -25.91 34.03
CA GLY C 65 58.42 -26.45 35.29
C GLY C 65 59.50 -27.25 35.99
N HIS C 66 59.26 -27.62 37.25
CA HIS C 66 60.27 -28.35 37.99
C HIS C 66 60.24 -29.82 37.62
N PHE C 67 61.40 -30.46 37.68
CA PHE C 67 61.59 -31.89 37.41
C PHE C 67 61.95 -32.53 38.75
N PHE C 68 61.35 -33.66 39.12
CA PHE C 68 61.80 -34.48 40.27
C PHE C 68 61.78 -35.91 39.74
N VAL C 69 62.86 -36.68 39.89
CA VAL C 69 62.82 -38.08 39.50
C VAL C 69 63.42 -39.02 40.55
N PHE C 70 62.77 -39.12 41.71
CA PHE C 70 63.19 -40.07 42.74
C PHE C 70 62.01 -40.83 43.35
N GLU C 71 62.12 -42.16 43.43
CA GLU C 71 61.15 -42.94 44.19
C GLU C 71 61.82 -43.85 45.20
N LYS C 72 61.52 -43.63 46.49
CA LYS C 72 62.03 -44.50 47.55
C LYS C 72 60.90 -45.05 48.42
N ARG C 73 59.66 -44.87 47.98
CA ARG C 73 58.49 -45.03 48.84
C ARG C 73 58.08 -46.48 49.10
N GLY C 74 58.10 -47.31 48.07
CA GLY C 74 57.75 -48.71 48.22
C GLY C 74 56.71 -49.32 47.30
N PHE C 75 56.77 -50.65 47.20
CA PHE C 75 55.81 -51.47 46.47
C PHE C 75 55.94 -52.89 47.01
N LEU C 76 54.94 -53.72 46.76
CA LEU C 76 54.95 -55.11 47.24
C LEU C 76 56.22 -55.84 46.82
N ILE C 77 56.55 -55.78 45.54
CA ILE C 77 57.81 -56.32 45.07
C ILE C 77 58.73 -55.39 44.26
N LYS C 78 58.17 -54.68 43.27
CA LYS C 78 58.90 -53.60 42.60
C LYS C 78 57.94 -52.64 41.92
N ARG C 79 58.24 -51.35 42.04
CA ARG C 79 57.49 -50.29 41.36
C ARG C 79 58.37 -49.67 40.28
N PRO C 80 57.92 -49.72 39.02
CA PRO C 80 58.60 -49.06 37.92
C PRO C 80 58.85 -47.59 38.22
N THR C 81 59.95 -47.04 37.70
CA THR C 81 60.33 -45.68 38.06
C THR C 81 59.62 -44.68 37.16
N ILE C 82 58.84 -43.81 37.79
CA ILE C 82 58.08 -42.79 37.08
C ILE C 82 58.71 -41.41 37.24
N ALA C 83 58.60 -40.60 36.20
CA ALA C 83 59.20 -39.27 36.20
C ALA C 83 58.11 -38.20 36.24
N SER C 84 58.32 -37.17 37.04
CA SER C 84 57.28 -36.16 37.20
C SER C 84 57.74 -34.75 36.80
N VAL C 85 56.77 -33.93 36.41
CA VAL C 85 57.01 -32.54 36.03
C VAL C 85 56.01 -31.62 36.74
N VAL C 86 56.51 -30.74 37.58
CA VAL C 86 55.65 -29.83 38.32
C VAL C 86 55.88 -28.39 37.90
N LEU C 87 54.78 -27.68 37.60
CA LEU C 87 54.85 -26.27 37.29
C LEU C 87 53.88 -25.52 38.19
N HIS C 88 54.43 -24.71 39.09
CA HIS C 88 53.61 -24.11 40.14
C HIS C 88 53.60 -22.59 40.09
N LEU C 89 52.44 -22.02 39.80
CA LEU C 89 52.24 -20.57 39.96
C LEU C 89 50.99 -20.39 40.81
N PRO C 90 50.90 -19.28 41.56
CA PRO C 90 49.88 -19.20 42.62
C PRO C 90 48.43 -19.54 42.21
N PRO C 91 47.92 -19.00 41.09
CA PRO C 91 46.56 -19.48 40.77
C PRO C 91 46.50 -20.92 40.20
N TYR C 92 47.54 -21.37 39.50
CA TYR C 92 47.47 -22.67 38.81
C TYR C 92 48.65 -23.60 39.09
N ARG C 93 48.33 -24.87 39.34
CA ARG C 93 49.34 -25.90 39.54
C ARG C 93 49.22 -27.00 38.49
N TYR C 94 50.36 -27.35 37.89
CA TYR C 94 50.43 -28.39 36.87
C TYR C 94 51.30 -29.55 37.34
N ARG C 95 50.79 -30.77 37.17
CA ARG C 95 51.56 -31.96 37.47
C ARG C 95 51.42 -33.00 36.35
N PHE C 96 52.55 -33.38 35.77
CA PHE C 96 52.56 -34.37 34.71
C PHE C 96 53.39 -35.59 35.11
N ASP C 97 52.70 -36.71 35.32
CA ASP C 97 53.37 -37.96 35.66
C ASP C 97 53.72 -38.72 34.40
N PHE C 98 54.89 -39.33 34.38
CA PHE C 98 55.34 -40.11 33.23
C PHE C 98 55.73 -41.52 33.67
N SER C 99 55.01 -42.50 33.15
CA SER C 99 55.25 -43.89 33.53
C SER C 99 55.70 -44.72 32.32
N PRO C 100 56.57 -45.70 32.56
CA PRO C 100 57.09 -46.56 31.48
C PRO C 100 56.05 -47.55 30.97
N LEU C 101 56.06 -47.79 29.66
CA LEU C 101 55.23 -48.83 29.06
C LEU C 101 56.10 -49.73 28.21
N LYS C 102 56.24 -50.99 28.62
CA LYS C 102 57.14 -51.90 27.93
C LYS C 102 56.47 -53.23 27.61
N GLY C 103 56.80 -53.78 26.44
CA GLY C 103 56.30 -55.06 26.01
C GLY C 103 56.52 -55.29 24.54
N LYS C 104 56.36 -56.54 24.10
CA LYS C 104 56.49 -56.87 22.69
C LYS C 104 55.27 -56.39 21.91
N ASP C 105 54.08 -56.68 22.43
CA ASP C 105 52.84 -56.19 21.87
C ASP C 105 52.43 -54.90 22.58
N LEU C 106 52.35 -53.80 21.84
CA LEU C 106 52.05 -52.50 22.41
C LEU C 106 50.64 -52.45 23.03
N GLU C 107 49.65 -52.87 22.24
CA GLU C 107 48.26 -52.85 22.68
C GLU C 107 48.05 -53.78 23.87
N LYS C 108 48.60 -54.98 23.78
CA LYS C 108 48.48 -55.97 24.84
C LYS C 108 49.12 -55.48 26.13
N ALA C 109 50.26 -54.79 26.01
CA ALA C 109 50.95 -54.24 27.16
C ALA C 109 50.15 -53.09 27.78
N LEU C 110 49.54 -52.28 26.92
CA LEU C 110 48.70 -51.18 27.37
C LEU C 110 47.51 -51.69 28.17
N ILE C 111 46.78 -52.65 27.59
CA ILE C 111 45.66 -53.27 28.26
C ILE C 111 46.10 -53.93 29.58
N GLU C 112 47.22 -54.63 29.52
CA GLU C 112 47.79 -55.29 30.69
C GLU C 112 48.05 -54.30 31.82
N ASP C 113 48.52 -53.11 31.46
CA ASP C 113 48.79 -52.06 32.43
C ASP C 113 47.49 -51.45 32.96
N LEU C 114 46.51 -51.31 32.09
CA LEU C 114 45.22 -50.75 32.47
C LEU C 114 44.46 -51.66 33.42
N LYS C 115 44.66 -52.97 33.30
CA LYS C 115 43.97 -53.93 34.13
C LYS C 115 44.54 -53.96 35.56
N GLU C 116 45.72 -53.37 35.73
CA GLU C 116 46.37 -53.35 37.05
C GLU C 116 45.97 -52.12 37.86
N ARG C 117 45.29 -51.19 37.23
CA ARG C 117 44.90 -49.95 37.90
C ARG C 117 43.75 -50.17 38.87
N ASP C 118 43.60 -49.25 39.82
CA ASP C 118 42.64 -49.39 40.91
C ASP C 118 41.19 -49.43 40.45
N PHE C 119 40.74 -48.41 39.74
CA PHE C 119 39.33 -48.29 39.38
C PHE C 119 39.11 -48.21 37.87
N THR C 120 37.95 -48.67 37.43
CA THR C 120 37.59 -48.67 36.02
C THR C 120 37.62 -47.26 35.43
N ALA C 121 37.18 -46.29 36.21
CA ALA C 121 37.17 -44.89 35.78
C ALA C 121 38.58 -44.39 35.51
N ASN C 122 39.54 -44.89 36.30
CA ASN C 122 40.93 -44.50 36.15
C ASN C 122 41.71 -45.43 35.22
N ALA C 123 41.03 -46.46 34.73
CA ALA C 123 41.67 -47.45 33.87
C ALA C 123 41.52 -47.11 32.39
N ILE C 124 40.90 -45.97 32.10
CA ILE C 124 40.68 -45.54 30.73
C ILE C 124 41.89 -44.77 30.19
N ALA C 125 42.30 -45.11 28.98
CA ALA C 125 43.47 -44.48 28.37
C ALA C 125 43.25 -44.18 26.89
N VAL C 126 43.89 -43.12 26.40
CA VAL C 126 43.80 -42.75 24.99
C VAL C 126 45.19 -42.53 24.41
N ASN C 127 45.29 -42.51 23.08
CA ASN C 127 46.55 -42.26 22.41
C ASN C 127 46.80 -40.78 22.16
N LEU C 128 47.99 -40.30 22.51
CA LEU C 128 48.34 -38.90 22.34
C LEU C 128 48.25 -38.46 20.89
N ASP C 129 48.73 -39.32 19.98
CA ASP C 129 48.71 -39.01 18.56
C ASP C 129 47.28 -38.85 18.06
N ASP C 130 46.38 -39.69 18.57
CA ASP C 130 44.98 -39.63 18.17
C ASP C 130 44.32 -38.32 18.61
N VAL C 131 44.67 -37.86 19.81
CA VAL C 131 44.13 -36.61 20.33
C VAL C 131 44.71 -35.41 19.58
N LEU C 132 46.00 -35.48 19.26
CA LEU C 132 46.68 -34.38 18.60
C LEU C 132 46.57 -34.38 17.08
N SER C 133 45.98 -35.43 16.50
CA SER C 133 45.94 -35.52 15.04
C SER C 133 44.85 -34.62 14.47
N ILE C 134 45.29 -33.68 13.66
CA ILE C 134 44.37 -32.86 12.90
C ILE C 134 43.58 -33.82 12.04
N GLY C 135 44.24 -34.88 11.57
CA GLY C 135 43.53 -35.83 10.72
C GLY C 135 42.38 -36.37 11.53
N ALA C 136 41.22 -36.44 10.90
CA ALA C 136 39.98 -36.97 11.46
C ALA C 136 39.72 -38.43 11.06
N LYS C 137 38.46 -38.85 11.18
CA LYS C 137 38.02 -40.18 10.76
C LYS C 137 38.37 -41.31 11.73
N GLN C 138 38.75 -40.89 12.94
CA GLN C 138 38.78 -41.69 14.13
C GLN C 138 39.12 -40.84 15.34
N THR C 139 38.71 -41.33 16.50
CA THR C 139 39.33 -41.07 17.79
C THR C 139 39.03 -42.32 18.62
N ILE C 140 40.04 -42.89 19.27
CA ILE C 140 39.78 -44.17 19.92
C ILE C 140 40.29 -44.23 21.35
N VAL C 141 39.41 -44.71 22.23
CA VAL C 141 39.60 -44.79 23.68
C VAL C 141 39.77 -46.24 24.11
N TYR C 142 40.54 -46.46 25.16
CA TYR C 142 40.79 -47.80 25.67
C TYR C 142 40.30 -47.98 27.11
N ASP C 143 39.27 -48.79 27.28
CA ASP C 143 38.78 -49.12 28.62
C ASP C 143 38.37 -50.59 28.72
N PRO C 144 39.37 -51.49 28.86
CA PRO C 144 39.10 -52.92 28.94
C PRO C 144 38.34 -53.31 30.21
N THR C 145 38.35 -52.41 31.19
CA THR C 145 37.66 -52.64 32.44
C THR C 145 36.21 -52.12 32.37
N GLY C 146 35.89 -51.45 31.26
CA GLY C 146 34.56 -50.89 31.08
C GLY C 146 34.31 -49.68 31.95
N GLY C 147 35.25 -48.75 31.95
CA GLY C 147 35.16 -47.56 32.77
C GLY C 147 34.05 -46.60 32.35
N ILE C 148 33.86 -46.46 31.04
CA ILE C 148 32.83 -45.59 30.51
C ILE C 148 31.44 -46.08 30.91
N LYS C 149 31.22 -47.39 30.80
CA LYS C 149 29.96 -48.01 31.18
C LYS C 149 29.63 -47.76 32.65
N ASP C 150 30.66 -47.82 33.49
CA ASP C 150 30.49 -47.60 34.92
C ASP C 150 30.23 -46.12 35.23
N LEU C 151 30.89 -45.24 34.48
CA LEU C 151 30.70 -43.81 34.66
C LEU C 151 29.31 -43.37 34.21
N GLU C 152 28.76 -44.05 33.21
CA GLU C 152 27.42 -43.76 32.73
C GLU C 152 26.36 -44.10 33.76
N GLN C 153 26.63 -45.13 34.57
CA GLN C 153 25.70 -45.55 35.60
C GLN C 153 26.00 -44.90 36.93
N GLY C 154 27.01 -44.04 36.94
CA GLY C 154 27.40 -43.30 38.14
C GLY C 154 28.00 -44.19 39.21
N LEU C 155 28.71 -45.23 38.80
CA LEU C 155 29.30 -46.17 39.74
C LEU C 155 30.82 -46.13 39.70
N LEU C 156 31.45 -46.13 40.87
CA LEU C 156 32.90 -46.28 40.94
C LEU C 156 33.23 -47.71 41.35
N ARG C 157 33.71 -48.48 40.39
CA ARG C 157 33.97 -49.90 40.61
C ARG C 157 35.44 -50.25 40.46
N PRO C 158 36.04 -50.78 41.54
CA PRO C 158 37.43 -51.28 41.46
C PRO C 158 37.56 -52.39 40.43
N VAL C 159 38.65 -52.38 39.67
CA VAL C 159 38.90 -53.39 38.65
C VAL C 159 38.90 -54.79 39.26
N SER C 160 39.68 -54.96 40.31
CA SER C 160 39.69 -56.20 41.07
C SER C 160 40.08 -55.90 42.52
N ILE C 161 39.57 -56.72 43.43
CA ILE C 161 39.87 -56.55 44.85
C ILE C 161 41.37 -56.77 45.09
N GLU C 162 41.97 -57.59 44.23
CA GLU C 162 43.40 -57.87 44.31
C GLU C 162 44.23 -56.62 44.05
N ASN C 163 43.75 -55.77 43.14
CA ASN C 163 44.41 -54.50 42.85
C ASN C 163 44.37 -53.56 44.04
N LEU C 164 43.31 -53.68 44.85
CA LEU C 164 43.17 -52.86 46.05
C LEU C 164 44.03 -53.41 47.17
N LYS C 165 44.12 -54.73 47.27
CA LYS C 165 44.96 -55.36 48.28
C LYS C 165 46.43 -55.14 47.98
N ARG C 166 46.77 -55.00 46.70
CA ARG C 166 48.16 -54.77 46.31
C ARG C 166 48.58 -53.34 46.65
N ASP C 167 47.69 -52.39 46.38
CA ASP C 167 47.94 -51.00 46.75
C ASP C 167 46.76 -50.46 47.56
N PRO C 168 46.83 -50.62 48.89
CA PRO C 168 45.78 -50.37 49.87
C PRO C 168 45.40 -48.91 50.06
N VAL C 169 46.33 -47.99 49.82
CA VAL C 169 46.07 -46.57 50.02
C VAL C 169 44.94 -46.11 49.11
N ARG C 170 44.76 -46.83 48.01
CA ARG C 170 43.70 -46.52 47.05
C ARG C 170 42.32 -46.68 47.68
N VAL C 171 42.22 -47.47 48.74
CA VAL C 171 40.95 -47.64 49.44
C VAL C 171 40.50 -46.30 50.04
N LEU C 172 41.44 -45.39 50.24
CA LEU C 172 41.11 -44.03 50.65
C LEU C 172 40.56 -43.28 49.45
N ARG C 173 41.28 -43.38 48.33
CA ARG C 173 40.89 -42.73 47.08
C ARG C 173 39.45 -43.06 46.74
N GLY C 174 39.13 -44.35 46.82
CA GLY C 174 37.81 -44.86 46.54
C GLY C 174 36.72 -44.10 47.25
N PHE C 175 36.97 -43.72 48.51
CA PHE C 175 36.03 -42.89 49.23
C PHE C 175 36.02 -41.49 48.66
N ARG C 176 37.19 -40.87 48.62
CA ARG C 176 37.32 -39.45 48.26
C ARG C 176 36.68 -39.17 46.91
N ILE C 177 37.16 -39.87 45.88
CA ILE C 177 36.62 -39.74 44.54
C ILE C 177 35.10 -39.90 44.54
N ALA C 178 34.61 -40.88 45.28
CA ALA C 178 33.18 -41.17 45.31
C ALA C 178 32.39 -39.96 45.78
N ILE C 179 32.95 -39.24 46.74
CA ILE C 179 32.32 -38.01 47.22
C ILE C 179 32.63 -36.85 46.27
N GLU C 180 33.83 -36.86 45.71
CA GLU C 180 34.30 -35.75 44.88
C GLU C 180 33.62 -35.72 43.51
N LYS C 181 33.54 -36.88 42.87
CA LYS C 181 32.94 -36.96 41.54
C LYS C 181 31.46 -37.32 41.62
N ASN C 182 30.96 -37.42 42.84
CA ASN C 182 29.56 -37.81 43.11
C ASN C 182 29.23 -39.15 42.44
N LEU C 183 29.92 -40.19 42.87
CA LEU C 183 29.72 -41.53 42.32
C LEU C 183 29.43 -42.52 43.43
N GLN C 184 28.73 -43.60 43.11
CA GLN C 184 28.39 -44.63 44.08
C GLN C 184 29.38 -45.78 44.03
N LEU C 185 30.00 -46.07 45.16
CA LEU C 185 30.90 -47.22 45.27
C LEU C 185 30.12 -48.53 45.22
N THR C 186 30.65 -49.51 44.50
CA THR C 186 29.95 -50.78 44.32
C THR C 186 29.97 -51.63 45.59
N GLU C 187 29.36 -52.80 45.52
CA GLU C 187 29.19 -53.65 46.69
C GLU C 187 30.48 -54.33 47.16
N ASP C 188 31.23 -54.88 46.20
CA ASP C 188 32.45 -55.61 46.51
C ASP C 188 33.49 -54.75 47.24
N PHE C 189 33.57 -53.48 46.85
CA PHE C 189 34.46 -52.54 47.51
C PHE C 189 34.09 -52.38 48.98
N TYR C 190 32.83 -52.00 49.22
CA TYR C 190 32.32 -51.82 50.57
C TYR C 190 32.54 -53.06 51.43
N GLU C 191 32.22 -54.23 50.88
CA GLU C 191 32.44 -55.49 51.56
C GLU C 191 33.92 -55.65 51.94
N PHE C 192 34.79 -55.36 50.98
CA PHE C 192 36.23 -55.44 51.20
C PHE C 192 36.69 -54.55 52.34
N VAL C 193 36.14 -53.34 52.41
CA VAL C 193 36.46 -52.42 53.50
C VAL C 193 35.93 -52.94 54.84
N LYS C 194 34.74 -53.52 54.82
CA LYS C 194 34.12 -54.07 56.03
C LYS C 194 34.91 -55.22 56.62
N GLU C 195 35.42 -56.11 55.76
CA GLU C 195 36.12 -57.30 56.24
C GLU C 195 37.40 -56.98 57.01
N ASP C 196 38.28 -56.19 56.40
CA ASP C 196 39.56 -55.84 57.03
C ASP C 196 39.91 -54.37 56.84
N PRO C 197 39.38 -53.50 57.72
CA PRO C 197 39.57 -52.04 57.67
C PRO C 197 41.01 -51.60 57.92
N ARG C 198 41.79 -52.43 58.59
CA ARG C 198 43.16 -52.09 58.98
C ARG C 198 44.10 -52.19 57.78
N ILE C 199 43.56 -52.68 56.67
CA ILE C 199 44.31 -52.94 55.44
C ILE C 199 45.10 -51.69 55.00
N VAL C 200 44.57 -50.52 55.31
CA VAL C 200 45.19 -49.25 54.92
C VAL C 200 46.61 -49.09 55.48
N LEU C 201 46.90 -49.81 56.56
CA LEU C 201 48.21 -49.74 57.18
C LEU C 201 49.29 -50.41 56.34
N LYS C 202 48.87 -51.13 55.30
CA LYS C 202 49.82 -51.82 54.42
C LYS C 202 50.74 -50.86 53.69
N SER C 203 50.17 -49.82 53.09
CA SER C 203 50.93 -48.85 52.30
C SER C 203 51.82 -47.95 53.17
N ALA C 204 52.81 -47.34 52.54
CA ALA C 204 53.73 -46.44 53.22
C ALA C 204 52.98 -45.28 53.86
N VAL C 205 53.48 -44.80 54.99
CA VAL C 205 52.79 -43.77 55.77
C VAL C 205 52.74 -42.41 55.06
N GLU C 206 53.77 -42.11 54.27
CA GLU C 206 53.82 -40.84 53.56
C GLU C 206 52.69 -40.71 52.54
N ARG C 207 52.40 -41.79 51.85
CA ARG C 207 51.31 -41.82 50.89
C ARG C 207 49.97 -41.66 51.61
N ILE C 208 49.88 -42.24 52.81
CA ILE C 208 48.69 -42.10 53.64
C ILE C 208 48.47 -40.63 54.00
N THR C 209 49.54 -39.96 54.44
CA THR C 209 49.48 -38.55 54.79
C THR C 209 49.06 -37.71 53.59
N HIS C 210 49.69 -37.98 52.45
CA HIS C 210 49.41 -37.25 51.22
C HIS C 210 47.95 -37.38 50.83
N GLU C 211 47.44 -38.61 50.88
CA GLU C 211 46.06 -38.89 50.49
C GLU C 211 45.07 -38.28 51.47
N LEU C 212 45.40 -38.33 52.76
CA LEU C 212 44.53 -37.76 53.80
C LEU C 212 44.44 -36.25 53.66
N PHE C 213 45.57 -35.61 53.35
CA PHE C 213 45.57 -34.18 53.09
C PHE C 213 44.80 -33.85 51.81
N LYS C 214 44.91 -34.72 50.81
CA LYS C 214 44.12 -34.57 49.59
C LYS C 214 42.63 -34.64 49.91
N ILE C 215 42.27 -35.47 50.87
CA ILE C 215 40.89 -35.55 51.34
C ILE C 215 40.49 -34.25 52.04
N MET C 216 41.40 -33.75 52.88
CA MET C 216 41.16 -32.51 53.62
C MET C 216 41.11 -31.29 52.70
N LYS C 217 41.55 -31.45 51.47
CA LYS C 217 41.62 -30.33 50.53
C LYS C 217 40.24 -29.93 50.00
N GLU C 218 39.42 -30.93 49.69
CA GLU C 218 38.10 -30.67 49.12
C GLU C 218 37.13 -30.13 50.17
N LYS C 219 36.06 -29.48 49.71
CA LYS C 219 35.09 -28.85 50.60
C LYS C 219 34.09 -29.86 51.15
N THR C 220 34.11 -31.07 50.58
CA THR C 220 33.23 -32.15 51.01
C THR C 220 33.93 -33.04 52.03
N ALA C 221 35.11 -32.61 52.45
CA ALA C 221 36.02 -33.40 53.28
C ALA C 221 35.37 -34.09 54.47
N HIS C 222 34.45 -33.39 55.15
CA HIS C 222 33.85 -33.93 56.38
C HIS C 222 33.07 -35.22 56.11
N LYS C 223 32.47 -35.31 54.92
CA LYS C 223 31.73 -36.51 54.54
C LYS C 223 32.67 -37.69 54.38
N VAL C 224 33.81 -37.45 53.73
CA VAL C 224 34.82 -38.47 53.53
C VAL C 224 35.41 -38.92 54.86
N ILE C 225 35.64 -37.96 55.75
CA ILE C 225 36.16 -38.25 57.08
C ILE C 225 35.17 -39.12 57.85
N ARG C 226 33.89 -38.77 57.77
CA ARG C 226 32.83 -39.56 58.42
C ARG C 226 32.80 -40.98 57.85
N GLU C 227 32.95 -41.10 56.54
CA GLU C 227 32.96 -42.41 55.88
C GLU C 227 34.15 -43.25 56.35
N LEU C 228 35.31 -42.62 56.47
CA LEU C 228 36.52 -43.32 56.92
C LEU C 228 36.42 -43.72 58.38
N TYR C 229 35.72 -42.90 59.17
CA TYR C 229 35.55 -43.18 60.59
C TYR C 229 34.56 -44.32 60.84
N GLU C 230 33.47 -44.32 60.07
CA GLU C 230 32.43 -45.33 60.23
C GLU C 230 32.92 -46.74 59.89
N TYR C 231 33.89 -46.82 58.98
CA TYR C 231 34.43 -48.12 58.57
C TYR C 231 35.67 -48.48 59.37
N GLY C 232 36.06 -47.63 60.33
CA GLY C 232 37.17 -47.93 61.21
C GLY C 232 38.53 -47.67 60.59
N VAL C 233 38.54 -47.13 59.38
CA VAL C 233 39.78 -46.79 58.69
C VAL C 233 40.53 -45.67 59.39
N LEU C 234 39.78 -44.64 59.78
CA LEU C 234 40.36 -43.49 60.47
C LEU C 234 40.97 -43.91 61.80
N GLU C 235 40.31 -44.85 62.47
CA GLU C 235 40.81 -45.40 63.73
C GLU C 235 42.08 -46.20 63.49
N ALA C 236 42.13 -46.90 62.36
CA ALA C 236 43.30 -47.69 62.00
C ALA C 236 44.50 -46.79 61.75
N ILE C 237 44.28 -45.70 61.05
CA ILE C 237 45.35 -44.73 60.79
C ILE C 237 45.68 -43.92 62.04
N ILE C 238 44.64 -43.43 62.71
CA ILE C 238 44.80 -42.62 63.92
C ILE C 238 43.96 -43.17 65.07
N PRO C 239 44.58 -44.04 65.90
CA PRO C 239 43.92 -44.69 67.04
C PRO C 239 43.35 -43.70 68.05
N GLU C 240 43.99 -42.53 68.18
CA GLU C 240 43.54 -41.50 69.11
C GLU C 240 42.11 -41.07 68.81
N ILE C 241 41.76 -41.06 67.52
CA ILE C 241 40.40 -40.78 67.09
C ILE C 241 39.46 -41.88 67.58
N GLY C 242 39.94 -43.11 67.54
CA GLY C 242 39.18 -44.24 68.04
C GLY C 242 38.96 -44.15 69.54
N ARG C 243 39.89 -43.50 70.23
CA ARG C 243 39.77 -43.34 71.68
C ARG C 243 38.71 -42.33 72.09
N LEU C 244 38.21 -41.55 71.12
CA LEU C 244 37.20 -40.54 71.41
C LEU C 244 35.85 -41.15 71.79
N ARG C 245 35.70 -42.45 71.52
CA ARG C 245 34.43 -43.13 71.73
C ARG C 245 34.20 -43.50 73.21
N GLU C 246 35.28 -43.78 73.93
CA GLU C 246 35.17 -44.26 75.30
C GLU C 246 34.61 -43.21 76.24
N VAL C 247 34.78 -41.94 75.89
CA VAL C 247 34.25 -40.84 76.69
C VAL C 247 32.88 -40.41 76.21
N LYS C 248 31.89 -40.48 77.11
CA LYS C 248 30.53 -40.09 76.77
C LYS C 248 30.19 -38.73 77.36
N ASP C 249 29.43 -37.93 76.62
CA ASP C 249 29.06 -36.60 77.06
C ASP C 249 27.81 -36.63 77.93
N PRO C 257 28.05 -37.51 72.89
CA PRO C 257 29.03 -38.13 71.99
C PRO C 257 30.11 -37.15 71.53
N LEU C 258 31.36 -37.48 71.78
CA LEU C 258 32.47 -36.60 71.42
C LEU C 258 32.82 -36.72 69.94
N ASP C 259 32.77 -37.95 69.42
CA ASP C 259 33.10 -38.20 68.01
C ASP C 259 32.17 -37.47 67.06
N GLU C 260 30.87 -37.55 67.33
CA GLU C 260 29.86 -36.88 66.53
C GLU C 260 30.03 -35.36 66.64
N HIS C 261 30.42 -34.92 67.83
CA HIS C 261 30.69 -33.51 68.09
C HIS C 261 31.85 -33.02 67.22
N THR C 262 32.86 -33.89 67.06
CA THR C 262 34.03 -33.57 66.26
C THR C 262 33.70 -33.54 64.76
N LEU C 263 32.95 -34.54 64.31
CA LEU C 263 32.54 -34.61 62.92
C LEU C 263 31.68 -33.40 62.55
N LYS C 264 30.79 -33.02 63.46
CA LYS C 264 29.97 -31.84 63.26
C LYS C 264 30.82 -30.57 63.34
N THR C 265 31.89 -30.63 64.12
CA THR C 265 32.81 -29.50 64.22
C THR C 265 33.49 -29.25 62.88
N LEU C 266 33.93 -30.32 62.24
CA LEU C 266 34.54 -30.21 60.91
C LEU C 266 33.52 -29.77 59.87
N GLU C 267 32.37 -30.44 59.87
CA GLU C 267 31.29 -30.15 58.93
C GLU C 267 30.88 -28.68 58.98
N TYR C 268 30.78 -28.14 60.19
CA TYR C 268 30.45 -26.73 60.36
C TYR C 268 31.65 -25.85 60.00
N LEU C 269 32.85 -26.35 60.25
CA LEU C 269 34.07 -25.59 59.95
C LEU C 269 34.20 -25.32 58.47
N GLU C 270 33.79 -26.27 57.64
CA GLU C 270 33.84 -26.07 56.19
C GLU C 270 32.92 -24.93 55.76
N GLN C 271 31.71 -24.92 56.32
CA GLN C 271 30.74 -23.86 56.03
C GLN C 271 31.23 -22.51 56.52
N VAL C 272 31.89 -22.49 57.68
CA VAL C 272 32.46 -21.26 58.22
C VAL C 272 33.58 -20.76 57.32
N ILE C 273 34.38 -21.70 56.79
CA ILE C 273 35.46 -21.37 55.86
C ILE C 273 34.88 -20.76 54.60
N GLU C 274 33.76 -21.30 54.13
CA GLU C 274 33.06 -20.72 52.99
C GLU C 274 32.56 -19.31 53.32
N ASP C 275 32.20 -19.11 54.59
CA ASP C 275 31.69 -17.83 55.07
C ASP C 275 32.77 -16.94 55.68
N ARG C 276 34.03 -17.35 55.57
CA ARG C 276 35.14 -16.72 56.28
C ARG C 276 35.22 -15.20 56.09
N ALA C 277 34.70 -14.69 54.98
CA ALA C 277 34.71 -13.26 54.71
C ALA C 277 33.81 -12.50 55.69
N LYS C 278 32.81 -13.20 56.21
CA LYS C 278 31.86 -12.61 57.14
C LYS C 278 32.47 -12.31 58.52
N TYR C 279 33.08 -13.32 59.12
CA TYR C 279 33.61 -13.20 60.48
C TYR C 279 34.98 -12.53 60.53
N LEU C 280 35.86 -12.91 59.61
CA LEU C 280 37.24 -12.43 59.63
C LEU C 280 37.43 -11.07 58.97
N SER C 281 38.37 -10.29 59.50
CA SER C 281 38.74 -9.01 58.91
C SER C 281 39.58 -9.22 57.64
N ALA C 282 39.63 -8.20 56.79
CA ALA C 282 40.28 -8.31 55.49
C ALA C 282 41.79 -8.56 55.62
N GLU C 283 42.42 -7.94 56.61
CA GLU C 283 43.85 -8.10 56.82
C GLU C 283 44.18 -9.53 57.25
N LEU C 284 43.22 -10.18 57.92
CA LEU C 284 43.37 -11.57 58.30
C LEU C 284 43.08 -12.48 57.11
N LEU C 285 42.20 -12.02 56.22
CA LEU C 285 41.80 -12.80 55.05
C LEU C 285 42.85 -12.77 53.95
N GLU C 286 43.69 -11.74 53.96
CA GLU C 286 44.68 -11.54 52.91
C GLU C 286 45.70 -12.67 52.85
N ASN C 287 46.31 -12.98 53.99
CA ASN C 287 47.34 -14.01 54.04
C ASN C 287 46.79 -15.38 54.43
N PHE C 288 45.48 -15.46 54.65
CA PHE C 288 44.83 -16.72 54.99
C PHE C 288 44.80 -17.66 53.80
N GLY C 289 45.30 -18.87 54.01
CA GLY C 289 45.28 -19.89 52.96
C GLY C 289 46.43 -19.78 51.97
N LYS C 290 47.28 -18.77 52.15
CA LYS C 290 48.40 -18.57 51.26
C LYS C 290 49.69 -19.19 51.80
N LYS C 291 49.60 -19.82 52.97
CA LYS C 291 50.75 -20.49 53.55
C LYS C 291 50.86 -21.93 53.04
N ARG C 292 51.96 -22.23 52.36
CA ARG C 292 52.14 -23.53 51.73
C ARG C 292 52.61 -24.59 52.71
N VAL C 293 51.98 -25.75 52.67
CA VAL C 293 52.34 -26.87 53.55
C VAL C 293 52.49 -28.16 52.76
N LEU C 294 53.73 -28.61 52.70
CA LEU C 294 54.11 -29.84 52.04
C LEU C 294 54.04 -29.65 50.55
N GLY C 295 53.88 -28.40 50.17
CA GLY C 295 54.06 -27.90 48.81
C GLY C 295 52.86 -27.89 47.88
N GLU C 296 51.93 -28.83 48.04
CA GLU C 296 50.67 -28.74 47.32
C GLU C 296 49.49 -28.33 48.20
N PHE C 297 49.73 -28.19 49.51
CA PHE C 297 48.64 -27.94 50.45
C PHE C 297 48.82 -26.63 51.20
N THR C 298 47.71 -26.15 51.78
CA THR C 298 47.71 -24.89 52.51
C THR C 298 47.44 -25.12 53.99
N ASP C 299 47.36 -24.03 54.75
CA ASP C 299 47.11 -24.11 56.19
C ASP C 299 45.63 -24.36 56.48
N VAL C 300 44.80 -24.34 55.45
CA VAL C 300 43.38 -24.62 55.60
C VAL C 300 43.17 -26.09 55.97
N GLU C 301 43.91 -26.97 55.31
CA GLU C 301 43.88 -28.39 55.63
C GLU C 301 44.34 -28.61 57.06
N LEU C 302 45.33 -27.83 57.49
CA LEU C 302 45.81 -27.88 58.87
C LEU C 302 44.74 -27.38 59.83
N LEU C 303 43.90 -26.46 59.36
CA LEU C 303 42.79 -25.95 60.16
C LEU C 303 41.74 -27.06 60.34
N LYS C 304 41.48 -27.79 59.27
CA LYS C 304 40.53 -28.90 59.31
C LYS C 304 41.04 -30.02 60.20
N TRP C 305 42.33 -30.29 60.13
CA TRP C 305 42.97 -31.24 61.03
C TRP C 305 42.86 -30.73 62.46
N GLY C 306 42.88 -29.41 62.61
CA GLY C 306 42.69 -28.77 63.89
C GLY C 306 41.27 -28.97 64.38
N ALA C 307 40.33 -29.14 63.45
CA ALA C 307 38.94 -29.40 63.80
C ALA C 307 38.77 -30.84 64.26
N LEU C 308 39.38 -31.77 63.52
CA LEU C 308 39.33 -33.18 63.89
C LEU C 308 40.05 -33.43 65.22
N PHE C 309 41.14 -32.71 65.43
CA PHE C 309 41.96 -32.87 66.62
C PHE C 309 41.65 -31.87 67.74
N HIS C 310 40.60 -31.06 67.56
CA HIS C 310 40.33 -29.94 68.48
C HIS C 310 40.31 -30.40 69.94
N ASP C 311 39.56 -31.45 70.26
CA ASP C 311 39.79 -32.18 71.50
C ASP C 311 40.18 -33.62 71.21
N ILE C 312 41.46 -33.94 71.32
CA ILE C 312 41.89 -35.34 71.33
C ILE C 312 42.22 -35.77 72.76
N GLY C 313 42.16 -34.82 73.68
CA GLY C 313 42.61 -35.06 75.05
C GLY C 313 41.51 -35.27 76.07
N LYS C 314 40.27 -35.03 75.66
CA LYS C 314 39.12 -35.27 76.54
C LYS C 314 38.99 -36.74 76.98
N PRO C 315 39.25 -37.71 76.08
CA PRO C 315 39.24 -39.08 76.59
C PRO C 315 40.42 -39.37 77.52
N GLN C 316 41.50 -38.61 77.39
CA GLN C 316 42.69 -38.84 78.21
C GLN C 316 42.49 -38.41 79.67
N THR C 317 41.82 -37.27 79.85
CA THR C 317 41.57 -36.76 81.19
C THR C 317 40.17 -37.11 81.67
N PHE C 318 40.04 -37.39 82.96
CA PHE C 318 38.74 -37.75 83.52
C PHE C 318 38.66 -37.37 85.00
N VAL C 325 34.88 -35.85 86.03
CA VAL C 325 33.84 -34.84 86.03
C VAL C 325 34.12 -33.76 84.99
N THR C 326 35.32 -33.16 85.08
CA THR C 326 35.72 -32.12 84.15
C THR C 326 37.06 -32.43 83.49
N PHE C 327 37.33 -31.87 82.31
CA PHE C 327 38.68 -32.03 81.76
C PHE C 327 39.46 -30.71 81.73
N TYR C 328 40.29 -30.50 82.75
CA TYR C 328 41.07 -29.27 82.90
C TYR C 328 42.24 -28.96 81.94
N GLU C 329 43.10 -29.95 81.67
CA GLU C 329 44.40 -29.69 81.04
C GLU C 329 44.69 -30.34 79.69
N HIS C 330 43.68 -30.91 79.06
CA HIS C 330 43.87 -31.76 77.90
C HIS C 330 44.43 -30.90 76.81
N ASP C 331 43.86 -29.72 76.67
CA ASP C 331 44.35 -28.87 75.60
C ASP C 331 45.85 -29.06 75.36
N LYS C 332 46.64 -29.01 76.44
CA LYS C 332 48.08 -29.24 76.35
C LYS C 332 48.37 -30.68 75.94
N VAL C 333 47.67 -31.60 76.58
CA VAL C 333 47.75 -33.02 76.24
C VAL C 333 47.41 -33.20 74.77
N GLY C 334 46.37 -32.50 74.32
CA GLY C 334 45.98 -32.52 72.93
C GLY C 334 47.09 -32.06 72.01
N ALA C 335 47.78 -30.99 72.41
CA ALA C 335 48.89 -30.47 71.64
C ALA C 335 50.01 -31.50 71.51
N GLN C 336 50.36 -32.13 72.64
CA GLN C 336 51.41 -33.14 72.64
C GLN C 336 51.04 -34.34 71.77
N ILE C 337 49.81 -34.81 71.91
CA ILE C 337 49.32 -35.93 71.11
C ILE C 337 49.37 -35.59 69.62
N VAL C 338 48.92 -34.39 69.26
CA VAL C 338 48.97 -33.92 67.88
C VAL C 338 50.42 -33.91 67.37
N ARG C 339 51.34 -33.47 68.22
CA ARG C 339 52.76 -33.47 67.86
C ARG C 339 53.25 -34.90 67.57
N GLU C 340 52.86 -35.83 68.43
CA GLU C 340 53.23 -37.23 68.26
C GLU C 340 52.68 -37.83 66.96
N ILE C 341 51.42 -37.55 66.68
CA ILE C 341 50.78 -38.03 65.46
C ILE C 341 51.46 -37.45 64.23
N GLY C 342 51.76 -36.15 64.29
CA GLY C 342 52.44 -35.46 63.21
C GLY C 342 53.81 -36.04 62.96
N GLU C 343 54.46 -36.48 64.03
CA GLU C 343 55.76 -37.14 63.93
C GLU C 343 55.61 -38.52 63.27
N ARG C 344 54.64 -39.29 63.75
CA ARG C 344 54.39 -40.64 63.26
C ARG C 344 53.94 -40.67 61.80
N LEU C 345 53.12 -39.69 61.41
CA LEU C 345 52.58 -39.63 60.06
C LEU C 345 53.51 -38.85 59.11
N ARG C 346 54.67 -38.46 59.63
CA ARG C 346 55.70 -37.78 58.85
C ARG C 346 55.23 -36.44 58.32
N TRP C 347 54.37 -35.78 59.08
CA TRP C 347 53.91 -34.43 58.73
C TRP C 347 55.07 -33.45 58.82
N GLY C 348 54.97 -32.35 58.09
CA GLY C 348 55.96 -31.29 58.16
C GLY C 348 56.09 -30.77 59.57
N ASP C 349 57.30 -30.37 59.95
CA ASP C 349 57.57 -29.91 61.31
C ASP C 349 56.73 -28.68 61.65
N GLU C 350 56.77 -27.68 60.76
CA GLU C 350 56.00 -26.46 60.95
C GLU C 350 54.51 -26.74 60.87
N ALA C 351 54.14 -27.79 60.13
CA ALA C 351 52.75 -28.18 59.97
C ALA C 351 52.20 -28.77 61.26
N THR C 352 52.90 -29.78 61.78
CA THR C 352 52.46 -30.45 63.01
C THR C 352 52.57 -29.49 64.20
N GLU C 353 53.53 -28.56 64.14
CA GLU C 353 53.64 -27.54 65.16
C GLU C 353 52.46 -26.58 65.08
N PHE C 354 52.05 -26.27 63.86
CA PHE C 354 50.91 -25.40 63.63
C PHE C 354 49.63 -26.02 64.18
N VAL C 355 49.39 -27.28 63.85
CA VAL C 355 48.19 -27.98 64.32
C VAL C 355 48.23 -28.15 65.84
N ALA C 356 49.41 -28.43 66.39
CA ALA C 356 49.56 -28.59 67.82
C ALA C 356 49.22 -27.29 68.55
N LYS C 357 49.80 -26.19 68.09
CA LYS C 357 49.54 -24.88 68.71
C LYS C 357 48.08 -24.49 68.52
N LEU C 358 47.48 -24.93 67.42
CA LEU C 358 46.08 -24.65 67.15
C LEU C 358 45.16 -25.39 68.12
N VAL C 359 45.49 -26.64 68.41
CA VAL C 359 44.70 -27.44 69.35
C VAL C 359 44.90 -26.93 70.79
N ARG C 360 46.12 -26.53 71.10
CA ARG C 360 46.47 -26.03 72.43
C ARG C 360 45.61 -24.84 72.87
N HIS C 361 45.44 -23.87 71.98
CA HIS C 361 44.73 -22.64 72.30
C HIS C 361 43.25 -22.67 71.92
N HIS C 362 42.76 -23.84 71.48
CA HIS C 362 41.42 -23.96 70.93
C HIS C 362 40.30 -23.42 71.84
N LEU C 363 40.53 -23.43 73.15
CA LEU C 363 39.51 -22.98 74.10
C LEU C 363 39.68 -21.53 74.53
N ARG C 364 40.71 -20.88 74.02
CA ARG C 364 40.98 -19.47 74.37
C ARG C 364 39.89 -18.49 73.93
N PRO C 365 39.40 -18.58 72.68
CA PRO C 365 38.36 -17.62 72.29
C PRO C 365 37.07 -17.78 73.09
N PHE C 366 36.85 -18.96 73.66
CA PHE C 366 35.69 -19.18 74.51
C PHE C 366 35.85 -18.43 75.84
N PHE C 367 37.07 -18.45 76.37
CA PHE C 367 37.38 -17.71 77.59
C PHE C 367 37.26 -16.21 77.35
N LEU C 368 37.84 -15.74 76.25
CA LEU C 368 37.75 -14.32 75.89
C LEU C 368 36.31 -13.91 75.63
N ARG C 369 35.52 -14.85 75.13
CA ARG C 369 34.10 -14.63 74.90
C ARG C 369 33.37 -14.49 76.23
N GLU C 370 33.71 -15.34 77.18
CA GLU C 370 33.10 -15.31 78.50
C GLU C 370 33.46 -14.00 79.21
N ALA C 371 34.66 -13.51 78.94
CA ALA C 371 35.09 -12.21 79.48
C ALA C 371 34.36 -11.08 78.76
N PHE C 372 34.00 -11.30 77.50
CA PHE C 372 33.28 -10.31 76.70
C PHE C 372 31.83 -10.16 77.15
N LYS C 373 31.19 -11.29 77.48
CA LYS C 373 29.79 -11.29 77.88
C LYS C 373 29.61 -10.55 79.21
N LYS C 374 30.65 -10.55 80.03
CA LYS C 374 30.62 -9.89 81.32
C LYS C 374 31.14 -8.46 81.22
N GLY C 375 31.60 -8.07 80.03
CA GLY C 375 32.13 -6.74 79.83
C GLY C 375 33.47 -6.60 80.51
N GLU C 376 34.09 -7.74 80.83
CA GLU C 376 35.35 -7.77 81.54
C GLU C 376 36.53 -7.84 80.58
N LEU C 377 36.23 -7.84 79.28
CA LEU C 377 37.27 -7.89 78.26
C LEU C 377 37.89 -6.53 78.05
N LYS C 378 39.20 -6.43 78.27
CA LYS C 378 39.89 -5.15 78.17
C LYS C 378 41.20 -5.28 77.38
N ARG C 379 41.96 -4.19 77.33
CA ARG C 379 43.20 -4.14 76.55
C ARG C 379 44.21 -5.19 76.97
N ARG C 380 44.21 -5.56 78.25
CA ARG C 380 45.15 -6.53 78.78
C ARG C 380 45.00 -7.89 78.12
N GLY C 381 43.80 -8.45 78.19
CA GLY C 381 43.51 -9.76 77.62
C GLY C 381 43.68 -9.80 76.12
N MET C 382 43.30 -8.73 75.45
CA MET C 382 43.43 -8.63 74.00
C MET C 382 44.89 -8.60 73.57
N ALA C 383 45.67 -7.71 74.19
CA ALA C 383 47.09 -7.59 73.89
C ALA C 383 47.82 -8.90 74.19
N ASN C 384 47.47 -9.52 75.32
CA ASN C 384 48.05 -10.82 75.67
C ASN C 384 47.72 -11.87 74.63
N PHE C 385 46.48 -11.87 74.15
CA PHE C 385 46.03 -12.82 73.14
C PHE C 385 46.81 -12.66 71.84
N TRP C 386 46.88 -11.43 71.34
CA TRP C 386 47.55 -11.16 70.07
C TRP C 386 49.07 -11.34 70.17
N ARG C 387 49.63 -11.13 71.36
CA ARG C 387 51.06 -11.33 71.55
C ARG C 387 51.41 -12.82 71.64
N GLU C 388 50.63 -13.57 72.41
CA GLU C 388 50.87 -15.00 72.56
C GLU C 388 50.73 -15.71 71.22
N CYS C 389 49.55 -15.61 70.60
CA CYS C 389 49.37 -16.13 69.25
C CYS C 389 48.73 -15.10 68.32
N GLY C 390 49.52 -14.60 67.37
CA GLY C 390 48.98 -13.77 66.30
C GLY C 390 48.93 -14.52 64.98
N ASP C 391 49.63 -15.65 64.93
CA ASP C 391 49.75 -16.43 63.69
C ASP C 391 48.54 -17.32 63.43
N ILE C 392 48.06 -17.97 64.49
CA ILE C 392 46.95 -18.91 64.37
C ILE C 392 45.61 -18.23 64.62
N ALA C 393 45.66 -16.91 64.83
CA ALA C 393 44.47 -16.14 65.21
C ALA C 393 43.26 -16.37 64.30
N PRO C 394 43.40 -16.20 62.96
CA PRO C 394 42.20 -16.40 62.15
C PRO C 394 41.69 -17.85 62.19
N HIS C 395 42.64 -18.79 62.12
CA HIS C 395 42.33 -20.21 62.16
C HIS C 395 41.65 -20.55 63.48
N LEU C 396 42.16 -19.95 64.56
CA LEU C 396 41.60 -20.15 65.89
C LEU C 396 40.19 -19.57 65.98
N PHE C 397 39.97 -18.48 65.27
CA PHE C 397 38.65 -17.84 65.24
C PHE C 397 37.63 -18.73 64.55
N LEU C 398 37.94 -19.16 63.33
CA LEU C 398 37.06 -20.02 62.56
C LEU C 398 36.79 -21.33 63.31
N LEU C 399 37.85 -21.91 63.87
CA LEU C 399 37.74 -23.15 64.63
C LEU C 399 36.85 -22.95 65.87
N SER C 400 36.97 -21.79 66.50
CA SER C 400 36.18 -21.49 67.69
C SER C 400 34.70 -21.36 67.34
N ILE C 401 34.41 -20.69 66.22
CA ILE C 401 33.03 -20.54 65.77
C ILE C 401 32.43 -21.90 65.43
N ALA C 402 33.19 -22.71 64.69
CA ALA C 402 32.75 -24.05 64.31
C ALA C 402 32.47 -24.91 65.55
N ASP C 403 33.40 -24.89 66.50
CA ASP C 403 33.27 -25.66 67.73
C ASP C 403 32.07 -25.18 68.54
N ALA C 404 31.80 -23.88 68.48
CA ALA C 404 30.66 -23.29 69.16
C ALA C 404 29.36 -23.77 68.53
N MET C 405 29.36 -23.88 67.20
CA MET C 405 28.19 -24.37 66.47
C MET C 405 27.93 -25.84 66.78
N ALA C 406 29.00 -26.63 66.81
CA ALA C 406 28.88 -28.07 67.04
C ALA C 406 28.51 -28.40 68.48
N SER C 407 28.80 -27.49 69.39
CA SER C 407 28.53 -27.72 70.81
C SER C 407 27.08 -27.40 71.16
N GLY C 408 26.32 -26.94 70.16
CA GLY C 408 24.92 -26.60 70.35
C GLY C 408 24.74 -25.39 71.25
N ASP C 409 25.67 -24.46 71.17
CA ASP C 409 25.59 -23.23 71.94
C ASP C 409 24.43 -22.37 71.44
N GLU C 410 23.91 -21.52 72.32
CA GLU C 410 22.82 -20.62 71.95
C GLU C 410 23.30 -19.64 70.88
N GLU C 411 22.38 -19.23 70.01
CA GLU C 411 22.69 -18.34 68.90
C GLU C 411 23.29 -17.04 69.41
N GLU C 412 22.78 -16.59 70.56
CA GLU C 412 23.25 -15.36 71.18
C GLU C 412 24.69 -15.49 71.66
N ASP C 413 25.03 -16.68 72.15
CA ASP C 413 26.37 -16.95 72.63
C ASP C 413 27.34 -17.02 71.45
N ILE C 414 26.87 -17.60 70.35
CA ILE C 414 27.65 -17.69 69.13
C ILE C 414 27.95 -16.30 68.58
N LYS C 415 26.92 -15.46 68.54
CA LYS C 415 27.07 -14.08 68.10
C LYS C 415 28.01 -13.32 69.04
N ALA C 416 27.94 -13.63 70.33
CA ALA C 416 28.84 -13.04 71.30
C ALA C 416 30.29 -13.42 70.97
N LEU C 417 30.50 -14.67 70.57
CA LEU C 417 31.82 -15.14 70.18
C LEU C 417 32.31 -14.42 68.94
N MET C 418 31.44 -14.31 67.95
CA MET C 418 31.76 -13.65 66.69
C MET C 418 32.13 -12.18 66.91
N GLU C 419 31.38 -11.50 67.76
CA GLU C 419 31.65 -10.09 68.05
C GLU C 419 32.88 -9.94 68.91
N THR C 420 33.19 -10.95 69.71
CA THR C 420 34.44 -10.96 70.48
C THR C 420 35.61 -11.02 69.52
N ILE C 421 35.51 -11.93 68.55
CA ILE C 421 36.49 -12.06 67.48
C ILE C 421 36.68 -10.74 66.75
N ALA C 422 35.57 -10.10 66.38
CA ALA C 422 35.62 -8.84 65.67
C ALA C 422 36.24 -7.74 66.52
N GLU C 423 36.03 -7.80 67.82
CA GLU C 423 36.62 -6.84 68.74
C GLU C 423 38.13 -7.04 68.82
N LEU C 424 38.57 -8.29 68.79
CA LEU C 424 39.98 -8.61 68.77
C LEU C 424 40.63 -8.07 67.48
N GLU C 425 39.99 -8.36 66.35
CA GLU C 425 40.48 -7.91 65.05
C GLU C 425 40.55 -6.39 64.99
N SER C 426 39.52 -5.72 65.51
CA SER C 426 39.47 -4.27 65.51
C SER C 426 40.54 -3.69 66.43
N PHE C 427 40.79 -4.37 67.55
CA PHE C 427 41.81 -3.93 68.48
C PHE C 427 43.19 -4.04 67.84
N ASN C 428 43.40 -5.10 67.06
CA ASN C 428 44.68 -5.33 66.40
C ASN C 428 44.89 -4.40 65.20
N ARG C 429 43.80 -4.03 64.54
CA ARG C 429 43.88 -3.25 63.31
C ARG C 429 44.27 -1.78 63.55
N ASN C 430 43.66 -1.16 64.54
CA ASN C 430 43.85 0.27 64.78
C ASN C 430 44.54 0.57 66.11
N GLU C 431 43.92 0.15 67.20
CA GLU C 431 44.34 0.58 68.53
C GLU C 431 45.63 -0.07 69.00
N MET C 432 46.20 -0.97 68.21
CA MET C 432 47.51 -1.53 68.54
C MET C 432 48.62 -0.88 67.73
N LYS C 433 49.30 0.10 68.33
CA LYS C 433 50.42 0.76 67.67
C LYS C 433 51.69 0.63 68.50
N LEU D 2 22.18 -13.15 64.02
CA LEU D 2 23.28 -14.07 63.80
C LEU D 2 23.62 -14.20 62.33
N ASN D 3 22.60 -14.46 61.51
CA ASN D 3 22.79 -14.61 60.08
C ASN D 3 23.08 -13.29 59.39
N PHE D 4 22.63 -12.19 59.99
CA PHE D 4 22.76 -10.86 59.40
C PHE D 4 24.05 -10.18 59.82
N TYR D 5 24.92 -10.89 60.53
CA TYR D 5 26.13 -10.30 61.07
C TYR D 5 27.25 -10.10 60.05
N LEU D 6 28.02 -9.03 60.27
CA LEU D 6 29.27 -8.78 59.57
C LEU D 6 30.23 -8.12 60.56
N SER D 7 31.50 -8.46 60.48
CA SER D 7 32.50 -7.97 61.43
C SER D 7 32.57 -6.44 61.46
N TYR D 8 32.65 -5.83 60.29
CA TYR D 8 32.83 -4.39 60.16
C TYR D 8 31.65 -3.59 60.73
N PHE D 9 30.52 -4.26 60.92
CA PHE D 9 29.35 -3.65 61.56
C PHE D 9 29.72 -3.08 62.92
N ASP D 10 30.60 -3.79 63.64
CA ASP D 10 31.12 -3.33 64.91
C ASP D 10 31.79 -1.96 64.76
N ASP D 11 32.66 -1.86 63.74
CA ASP D 11 33.33 -0.61 63.43
C ASP D 11 32.32 0.49 63.16
N VAL D 12 31.28 0.15 62.40
CA VAL D 12 30.20 1.11 62.13
C VAL D 12 29.56 1.58 63.43
N ALA D 13 29.30 0.64 64.33
CA ALA D 13 28.70 0.93 65.63
C ALA D 13 29.60 1.82 66.47
N LYS D 14 30.91 1.73 66.26
CA LYS D 14 31.86 2.56 66.97
C LYS D 14 31.90 3.96 66.36
N VAL D 15 31.66 4.03 65.05
CA VAL D 15 31.63 5.31 64.35
C VAL D 15 30.28 5.99 64.58
N LEU D 16 29.22 5.19 64.61
CA LEU D 16 27.85 5.68 64.75
C LEU D 16 27.65 6.43 66.05
N PRO D 17 27.08 7.65 65.95
CA PRO D 17 26.75 8.48 67.13
C PRO D 17 25.81 7.74 68.08
N ARG D 18 25.85 8.11 69.35
CA ARG D 18 25.09 7.42 70.39
C ARG D 18 23.58 7.67 70.25
N GLU D 19 23.23 8.85 69.77
CA GLU D 19 21.83 9.24 69.63
C GLU D 19 21.25 8.97 68.24
N HIS D 20 22.06 8.38 67.36
CA HIS D 20 21.62 8.12 65.99
C HIS D 20 21.53 6.63 65.71
N TYR D 21 20.70 6.27 64.74
CA TYR D 21 20.40 4.88 64.45
C TYR D 21 20.85 4.49 63.05
N CYS D 22 21.07 3.20 62.84
CA CYS D 22 21.54 2.71 61.55
C CYS D 22 20.77 1.45 61.13
N PHE D 23 20.50 1.34 59.83
CA PHE D 23 19.78 0.19 59.30
C PHE D 23 20.51 -0.45 58.12
N ILE D 24 20.41 -1.77 58.03
CA ILE D 24 20.97 -2.52 56.92
C ILE D 24 19.88 -2.82 55.90
N VAL D 25 20.07 -2.35 54.67
CA VAL D 25 19.02 -2.39 53.66
C VAL D 25 19.49 -3.02 52.34
N GLY D 26 18.52 -3.49 51.55
CA GLY D 26 18.78 -3.89 50.17
C GLY D 26 19.54 -5.19 49.96
N GLY D 27 20.56 -5.10 49.10
CA GLY D 27 21.26 -6.26 48.57
C GLY D 27 21.78 -7.28 49.57
N TRP D 28 22.48 -6.82 50.59
CA TRP D 28 23.10 -7.72 51.55
C TRP D 28 22.04 -8.50 52.33
N VAL D 29 21.00 -7.81 52.77
CA VAL D 29 19.90 -8.43 53.47
C VAL D 29 19.21 -9.47 52.59
N ARG D 30 18.96 -9.09 51.34
CA ARG D 30 18.35 -9.99 50.37
C ARG D 30 19.15 -11.27 50.17
N ASP D 31 20.44 -11.12 49.89
CA ASP D 31 21.33 -12.26 49.67
C ASP D 31 21.45 -13.13 50.92
N ARG D 32 21.43 -12.51 52.08
CA ARG D 32 21.54 -13.25 53.34
C ARG D 32 20.27 -14.03 53.66
N ILE D 33 19.11 -13.47 53.33
CA ILE D 33 17.83 -14.16 53.55
C ILE D 33 17.68 -15.35 52.61
N LEU D 34 18.32 -15.24 51.44
CA LEU D 34 18.29 -16.34 50.46
C LEU D 34 19.26 -17.45 50.86
N GLY D 35 20.09 -17.19 51.86
CA GLY D 35 21.02 -18.18 52.34
C GLY D 35 22.19 -18.42 51.40
N GLU D 36 22.41 -17.46 50.50
CA GLU D 36 23.51 -17.57 49.55
C GLU D 36 24.84 -17.32 50.26
N PRO D 37 25.82 -18.20 50.02
CA PRO D 37 27.15 -18.06 50.61
C PRO D 37 27.82 -16.75 50.21
N VAL D 38 28.43 -16.06 51.18
CA VAL D 38 29.10 -14.80 50.91
C VAL D 38 30.29 -15.02 49.99
N GLY D 39 30.33 -14.27 48.89
CA GLY D 39 31.38 -14.42 47.91
C GLY D 39 32.56 -13.53 48.23
N TYR D 40 33.31 -13.17 47.19
CA TYR D 40 34.48 -12.32 47.34
C TYR D 40 34.12 -10.84 47.23
N ASN D 41 32.88 -10.57 46.82
CA ASN D 41 32.40 -9.21 46.70
C ASN D 41 31.30 -8.90 47.70
N ILE D 42 31.57 -7.98 48.62
CA ILE D 42 30.61 -7.63 49.66
C ILE D 42 30.12 -6.19 49.54
N ASP D 43 28.84 -6.04 49.23
CA ASP D 43 28.22 -4.72 49.12
C ASP D 43 27.09 -4.57 50.12
N VAL D 44 27.22 -3.59 51.02
CA VAL D 44 26.22 -3.37 52.06
C VAL D 44 25.66 -1.95 51.99
N ASP D 45 24.34 -1.84 52.01
CA ASP D 45 23.68 -0.53 51.97
C ASP D 45 23.12 -0.16 53.35
N PHE D 46 23.29 1.09 53.73
CA PHE D 46 22.87 1.55 55.05
C PHE D 46 21.90 2.75 54.99
N LEU D 47 20.97 2.78 55.93
CA LEU D 47 20.12 3.96 56.12
C LEU D 47 20.33 4.50 57.53
N THR D 48 20.92 5.68 57.63
CA THR D 48 21.26 6.24 58.94
C THR D 48 20.64 7.61 59.17
N THR D 49 20.38 7.92 60.44
CA THR D 49 19.84 9.22 60.82
C THR D 49 20.96 10.20 61.11
N ALA D 50 22.19 9.69 61.17
CA ALA D 50 23.36 10.53 61.39
C ALA D 50 23.84 11.12 60.07
N ASP D 51 24.93 11.88 60.13
CA ASP D 51 25.53 12.43 58.92
C ASP D 51 26.27 11.34 58.17
N PRO D 52 25.78 11.00 56.96
CA PRO D 52 26.36 9.91 56.17
C PRO D 52 27.80 10.20 55.74
N VAL D 53 28.11 11.47 55.50
CA VAL D 53 29.43 11.86 55.05
C VAL D 53 30.47 11.65 56.15
N GLU D 54 30.17 12.14 57.34
CA GLU D 54 31.06 11.99 58.48
C GLU D 54 31.17 10.52 58.90
N LEU D 55 30.02 9.85 58.93
CA LEU D 55 29.95 8.43 59.27
C LEU D 55 30.86 7.61 58.36
N ALA D 56 30.67 7.77 57.05
CA ALA D 56 31.46 7.05 56.06
C ALA D 56 32.93 7.43 56.14
N LYS D 57 33.20 8.71 56.40
CA LYS D 57 34.58 9.18 56.48
C LYS D 57 35.33 8.52 57.62
N ASN D 58 34.74 8.55 58.81
CA ASN D 58 35.38 7.94 59.99
C ASN D 58 35.43 6.43 59.90
N PHE D 59 34.41 5.83 59.30
CA PHE D 59 34.39 4.38 59.12
C PHE D 59 35.51 3.94 58.19
N ALA D 60 35.63 4.65 57.07
CA ALA D 60 36.69 4.38 56.10
C ALA D 60 38.06 4.67 56.71
N LYS D 61 38.10 5.60 57.66
CA LYS D 61 39.34 5.89 58.38
C LYS D 61 39.68 4.74 59.32
N ARG D 62 38.66 4.05 59.82
CA ARG D 62 38.86 2.92 60.71
C ARG D 62 39.31 1.66 59.96
N ILE D 63 38.64 1.35 58.86
CA ILE D 63 38.97 0.14 58.10
C ILE D 63 40.05 0.37 57.06
N GLY D 64 40.43 1.64 56.86
CA GLY D 64 41.47 1.97 55.91
C GLY D 64 41.00 1.86 54.47
N GLY D 65 39.75 2.24 54.23
CA GLY D 65 39.19 2.17 52.89
C GLY D 65 39.02 3.54 52.28
N HIS D 66 38.72 3.59 50.98
CA HIS D 66 38.60 4.87 50.29
C HIS D 66 37.22 5.47 50.53
N PHE D 67 37.17 6.79 50.63
CA PHE D 67 35.92 7.51 50.93
C PHE D 67 35.41 8.26 49.69
N PHE D 68 34.17 8.00 49.31
CA PHE D 68 33.60 8.56 48.10
C PHE D 68 32.31 9.35 48.32
N VAL D 69 32.15 10.42 47.53
CA VAL D 69 30.94 11.22 47.51
C VAL D 69 30.54 11.39 46.05
N PHE D 70 29.33 10.93 45.73
CA PHE D 70 28.85 10.92 44.35
C PHE D 70 27.33 11.05 44.30
N GLU D 71 26.79 10.70 43.13
CA GLU D 71 25.40 10.89 42.75
C GLU D 71 24.85 12.29 42.50
N LYS D 72 25.62 13.07 41.75
CA LYS D 72 25.09 14.30 41.15
C LYS D 72 24.36 14.07 39.83
N ARG D 73 24.19 12.80 39.47
CA ARG D 73 23.49 12.42 38.23
C ARG D 73 22.01 12.23 38.53
N GLY D 74 21.18 13.10 37.95
CA GLY D 74 19.87 13.41 38.50
C GLY D 74 18.80 12.32 38.64
N PHE D 75 18.29 11.86 37.50
CA PHE D 75 17.17 10.94 37.49
C PHE D 75 15.96 11.62 38.10
N LEU D 76 15.92 12.93 38.06
CA LEU D 76 14.69 13.62 38.39
C LEU D 76 14.23 13.31 39.80
N ILE D 77 15.16 13.03 40.71
CA ILE D 77 14.77 12.88 42.11
C ILE D 77 15.46 13.89 42.99
N LYS D 78 16.38 14.60 42.38
CA LYS D 78 17.18 15.65 43.07
C LYS D 78 18.33 15.08 43.92
N ARG D 79 18.55 13.77 43.83
CA ARG D 79 19.82 13.18 44.26
C ARG D 79 20.36 13.46 45.67
N PRO D 80 19.52 13.15 46.75
CA PRO D 80 20.09 13.53 48.06
C PRO D 80 21.38 12.77 48.25
N THR D 81 22.39 13.42 48.77
CA THR D 81 23.73 12.88 48.78
C THR D 81 23.84 11.62 49.60
N ILE D 82 24.62 10.66 49.09
CA ILE D 82 25.00 9.47 49.84
C ILE D 82 26.52 9.29 49.81
N ALA D 83 27.07 8.79 50.91
CA ALA D 83 28.52 8.62 51.01
C ALA D 83 28.90 7.15 51.01
N SER D 84 29.97 6.81 50.30
CA SER D 84 30.37 5.41 50.18
C SER D 84 31.78 5.15 50.70
N VAL D 85 32.03 3.88 51.05
CA VAL D 85 33.32 3.45 51.55
C VAL D 85 33.80 2.21 50.80
N VAL D 86 34.91 2.32 50.09
CA VAL D 86 35.43 1.20 49.31
C VAL D 86 36.76 0.71 49.87
N LEU D 87 36.86 -0.61 50.07
CA LEU D 87 38.10 -1.24 50.49
C LEU D 87 38.45 -2.36 49.54
N HIS D 88 39.54 -2.19 48.79
CA HIS D 88 39.84 -3.11 47.70
C HIS D 88 41.18 -3.82 47.86
N LEU D 89 41.12 -5.13 48.03
CA LEU D 89 42.31 -5.97 47.94
C LEU D 89 42.00 -7.08 46.95
N PRO D 90 43.03 -7.62 46.27
CA PRO D 90 42.77 -8.46 45.09
C PRO D 90 41.74 -9.59 45.25
N PRO D 91 41.82 -10.40 46.32
CA PRO D 91 40.73 -11.38 46.42
C PRO D 91 39.38 -10.81 46.87
N TYR D 92 39.36 -9.74 47.68
CA TYR D 92 38.11 -9.24 48.23
C TYR D 92 37.87 -7.74 48.04
N ARG D 93 36.64 -7.41 47.66
CA ARG D 93 36.20 -6.03 47.52
C ARG D 93 35.04 -5.71 48.46
N TYR D 94 35.17 -4.61 49.19
CA TYR D 94 34.14 -4.15 50.11
C TYR D 94 33.57 -2.79 49.68
N ARG D 95 32.25 -2.69 49.66
CA ARG D 95 31.61 -1.41 49.39
C ARG D 95 30.47 -1.15 50.36
N PHE D 96 30.54 -0.05 51.08
CA PHE D 96 29.50 0.31 52.03
C PHE D 96 28.86 1.64 51.64
N ASP D 97 27.60 1.59 51.22
CA ASP D 97 26.86 2.79 50.88
C ASP D 97 26.16 3.32 52.12
N PHE D 98 26.17 4.63 52.29
CA PHE D 98 25.50 5.26 53.43
C PHE D 98 24.50 6.31 52.95
N SER D 99 23.23 6.08 53.27
CA SER D 99 22.18 6.98 52.82
C SER D 99 21.48 7.63 54.02
N PRO D 100 21.05 8.88 53.84
CA PRO D 100 20.38 9.63 54.90
C PRO D 100 18.96 9.14 55.16
N LEU D 101 18.55 9.13 56.42
CA LEU D 101 17.18 8.85 56.79
C LEU D 101 16.68 9.97 57.70
N LYS D 102 15.72 10.75 57.20
CA LYS D 102 15.25 11.91 57.93
C LYS D 102 13.72 11.97 58.01
N GLY D 103 13.22 12.39 59.16
CA GLY D 103 11.80 12.54 59.37
C GLY D 103 11.46 12.68 60.84
N LYS D 104 10.23 13.10 61.12
CA LYS D 104 9.77 13.19 62.50
C LYS D 104 9.51 11.81 63.07
N ASP D 105 8.81 10.98 62.31
CA ASP D 105 8.58 9.60 62.69
C ASP D 105 9.63 8.70 62.03
N LEU D 106 10.43 8.04 62.86
CA LEU D 106 11.52 7.20 62.36
C LEU D 106 11.02 6.00 61.56
N GLU D 107 10.09 5.24 62.16
CA GLU D 107 9.55 4.05 61.53
C GLU D 107 8.81 4.38 60.24
N LYS D 108 7.99 5.43 60.30
CA LYS D 108 7.22 5.86 59.13
C LYS D 108 8.14 6.29 58.00
N ALA D 109 9.25 6.95 58.33
CA ALA D 109 10.22 7.38 57.34
C ALA D 109 10.95 6.18 56.74
N LEU D 110 11.26 5.20 57.59
CA LEU D 110 11.92 3.99 57.15
C LEU D 110 11.04 3.23 56.15
N ILE D 111 9.79 2.99 56.52
CA ILE D 111 8.83 2.35 55.64
C ILE D 111 8.66 3.14 54.35
N GLU D 112 8.56 4.46 54.49
CA GLU D 112 8.42 5.36 53.36
C GLU D 112 9.57 5.19 52.37
N ASP D 113 10.77 5.02 52.90
CA ASP D 113 11.96 4.83 52.07
C ASP D 113 11.97 3.44 51.42
N LEU D 114 11.51 2.43 52.18
CA LEU D 114 11.47 1.07 51.69
C LEU D 114 10.46 0.91 50.54
N LYS D 115 9.39 1.70 50.59
CA LYS D 115 8.35 1.63 49.57
C LYS D 115 8.80 2.27 48.26
N GLU D 116 9.87 3.06 48.32
CA GLU D 116 10.36 3.74 47.13
C GLU D 116 11.38 2.91 46.37
N ARG D 117 11.82 1.81 46.97
CA ARG D 117 12.82 0.96 46.33
C ARG D 117 12.20 0.14 45.20
N ASP D 118 13.05 -0.33 44.31
CA ASP D 118 12.61 -1.00 43.08
C ASP D 118 11.84 -2.30 43.33
N PHE D 119 12.46 -3.25 44.03
CA PHE D 119 11.87 -4.58 44.20
C PHE D 119 11.66 -4.95 45.66
N THR D 120 10.67 -5.80 45.91
CA THR D 120 10.34 -6.25 47.25
C THR D 120 11.52 -6.94 47.94
N ALA D 121 12.28 -7.70 47.16
CA ALA D 121 13.44 -8.40 47.69
C ALA D 121 14.50 -7.43 48.20
N ASN D 122 14.59 -6.26 47.56
CA ASN D 122 15.54 -5.25 47.96
C ASN D 122 14.95 -4.25 48.94
N ALA D 123 13.67 -4.43 49.26
CA ALA D 123 12.97 -3.50 50.15
C ALA D 123 13.01 -3.95 51.60
N ILE D 124 13.71 -5.04 51.88
CA ILE D 124 13.81 -5.57 53.23
C ILE D 124 14.96 -4.91 53.99
N ALA D 125 14.68 -4.48 55.21
CA ALA D 125 15.69 -3.79 56.01
C ALA D 125 15.64 -4.25 57.47
N VAL D 126 16.79 -4.19 58.14
CA VAL D 126 16.89 -4.57 59.54
C VAL D 126 17.61 -3.49 60.33
N ASN D 127 17.47 -3.53 61.66
CA ASN D 127 18.16 -2.57 62.52
C ASN D 127 19.54 -3.06 62.94
N LEU D 128 20.53 -2.19 62.82
CA LEU D 128 21.91 -2.53 63.15
C LEU D 128 22.02 -2.94 64.62
N ASP D 129 21.35 -2.20 65.49
CA ASP D 129 21.37 -2.51 66.93
C ASP D 129 20.76 -3.88 67.20
N ASP D 130 19.70 -4.21 66.46
CA ASP D 130 19.03 -5.50 66.60
C ASP D 130 19.93 -6.67 66.19
N VAL D 131 20.73 -6.45 65.15
CA VAL D 131 21.67 -7.48 64.68
C VAL D 131 22.77 -7.66 65.71
N LEU D 132 23.18 -6.55 66.32
CA LEU D 132 24.24 -6.53 67.32
C LEU D 132 23.72 -6.85 68.73
N SER D 133 22.41 -7.05 68.83
CA SER D 133 21.77 -7.27 70.13
C SER D 133 22.18 -8.63 70.69
N ILE D 134 22.59 -8.64 71.95
CA ILE D 134 23.24 -9.79 72.54
C ILE D 134 22.35 -10.98 72.89
N GLY D 135 21.10 -10.75 73.26
CA GLY D 135 20.35 -11.85 73.86
C GLY D 135 18.83 -11.89 73.83
N ALA D 136 18.32 -13.12 73.92
CA ALA D 136 16.91 -13.44 74.12
C ALA D 136 15.94 -12.76 73.16
N LYS D 137 16.37 -12.55 71.92
CA LYS D 137 15.54 -11.86 70.93
C LYS D 137 15.25 -12.66 69.67
N GLN D 138 14.02 -12.56 69.21
CA GLN D 138 13.64 -13.08 67.90
C GLN D 138 13.93 -11.91 66.95
N THR D 139 14.73 -12.15 65.91
CA THR D 139 15.20 -11.05 65.09
C THR D 139 14.04 -10.42 64.31
N ILE D 140 14.01 -9.10 64.30
CA ILE D 140 12.93 -8.37 63.64
C ILE D 140 13.37 -7.76 62.31
N VAL D 141 12.61 -8.06 61.27
CA VAL D 141 12.87 -7.55 59.93
C VAL D 141 11.72 -6.64 59.48
N TYR D 142 12.04 -5.68 58.62
CA TYR D 142 11.03 -4.78 58.09
C TYR D 142 10.87 -4.96 56.59
N ASP D 143 9.73 -5.50 56.17
CA ASP D 143 9.42 -5.63 54.76
C ASP D 143 7.94 -5.34 54.50
N PRO D 144 7.58 -4.05 54.44
CA PRO D 144 6.19 -3.62 54.22
C PRO D 144 5.70 -4.00 52.82
N THR D 145 6.63 -4.29 51.92
CA THR D 145 6.28 -4.69 50.56
C THR D 145 6.11 -6.19 50.46
N GLY D 146 6.41 -6.90 51.55
CA GLY D 146 6.29 -8.34 51.59
C GLY D 146 7.39 -9.00 50.77
N GLY D 147 8.62 -8.59 50.99
CA GLY D 147 9.75 -9.12 50.26
C GLY D 147 10.03 -10.57 50.60
N ILE D 148 9.89 -10.92 51.87
CA ILE D 148 10.11 -12.29 52.31
C ILE D 148 9.10 -13.24 51.67
N LYS D 149 7.84 -12.81 51.64
CA LYS D 149 6.78 -13.62 51.04
C LYS D 149 7.06 -13.88 49.57
N ASP D 150 7.60 -12.88 48.88
CA ASP D 150 7.92 -13.02 47.47
C ASP D 150 9.15 -13.90 47.24
N LEU D 151 10.13 -13.78 48.14
CA LEU D 151 11.35 -14.59 48.06
C LEU D 151 11.08 -16.07 48.36
N GLU D 152 10.10 -16.33 49.23
CA GLU D 152 9.71 -17.68 49.57
C GLU D 152 9.07 -18.38 48.38
N GLN D 153 8.39 -17.60 47.55
CA GLN D 153 7.71 -18.13 46.37
C GLN D 153 8.60 -18.07 45.14
N GLY D 154 9.82 -17.58 45.33
CA GLY D 154 10.79 -17.50 44.25
C GLY D 154 10.41 -16.48 43.19
N LEU D 155 9.76 -15.41 43.62
CA LEU D 155 9.32 -14.37 42.70
C LEU D 155 10.03 -13.05 42.96
N LEU D 156 10.46 -12.39 41.89
CA LEU D 156 10.99 -11.04 42.01
C LEU D 156 9.93 -10.05 41.54
N ARG D 157 9.33 -9.34 42.50
CA ARG D 157 8.22 -8.45 42.22
C ARG D 157 8.55 -6.99 42.53
N PRO D 158 8.49 -6.12 41.51
CA PRO D 158 8.67 -4.68 41.73
C PRO D 158 7.62 -4.14 42.70
N VAL D 159 8.03 -3.24 43.59
CA VAL D 159 7.12 -2.64 44.56
C VAL D 159 5.96 -1.96 43.84
N SER D 160 6.29 -1.11 42.88
CA SER D 160 5.29 -0.50 42.02
C SER D 160 5.91 -0.20 40.66
N ILE D 161 5.10 -0.24 39.60
CA ILE D 161 5.57 0.04 38.25
C ILE D 161 6.07 1.48 38.16
N GLU D 162 5.50 2.35 39.00
CA GLU D 162 5.89 3.75 39.06
C GLU D 162 7.33 3.90 39.52
N ASN D 163 7.75 3.03 40.44
CA ASN D 163 9.13 3.03 40.92
C ASN D 163 10.10 2.64 39.81
N LEU D 164 9.63 1.80 38.90
CA LEU D 164 10.44 1.37 37.76
C LEU D 164 10.48 2.45 36.69
N LYS D 165 9.35 3.14 36.50
CA LYS D 165 9.30 4.22 35.53
C LYS D 165 10.13 5.40 36.03
N ARG D 166 10.24 5.52 37.35
CA ARG D 166 11.03 6.59 37.94
C ARG D 166 12.52 6.30 37.77
N ASP D 167 12.88 5.03 37.96
CA ASP D 167 14.26 4.57 37.75
C ASP D 167 14.32 3.37 36.82
N PRO D 168 14.42 3.65 35.52
CA PRO D 168 14.33 2.67 34.42
C PRO D 168 15.46 1.65 34.28
N VAL D 169 16.68 2.01 34.66
CA VAL D 169 17.79 1.09 34.51
C VAL D 169 17.68 -0.09 35.50
N ARG D 170 16.79 0.07 36.47
CA ARG D 170 16.49 -0.96 37.45
C ARG D 170 15.83 -2.09 36.66
N VAL D 171 15.22 -1.75 35.53
CA VAL D 171 14.59 -2.74 34.67
C VAL D 171 15.65 -3.71 34.15
N LEU D 172 16.91 -3.26 34.14
CA LEU D 172 18.02 -4.15 33.81
C LEU D 172 18.27 -5.07 34.98
N ARG D 173 18.36 -4.49 36.18
CA ARG D 173 18.58 -5.25 37.41
C ARG D 173 17.56 -6.37 37.52
N GLY D 174 16.31 -6.02 37.29
CA GLY D 174 15.21 -6.96 37.33
C GLY D 174 15.49 -8.21 36.53
N PHE D 175 16.09 -8.05 35.35
CA PHE D 175 16.50 -9.21 34.57
C PHE D 175 17.67 -9.91 35.25
N ARG D 176 18.74 -9.14 35.50
CA ARG D 176 19.99 -9.69 36.00
C ARG D 176 19.78 -10.50 37.27
N ILE D 177 19.22 -9.85 38.29
CA ILE D 177 18.91 -10.49 39.55
C ILE D 177 18.11 -11.77 39.32
N ALA D 178 17.12 -11.70 38.43
CA ALA D 178 16.24 -12.84 38.18
C ALA D 178 17.06 -14.05 37.71
N ILE D 179 18.08 -13.77 36.90
CA ILE D 179 18.97 -14.83 36.45
C ILE D 179 20.01 -15.15 37.51
N GLU D 180 20.44 -14.12 38.24
CA GLU D 180 21.52 -14.27 39.22
C GLU D 180 21.06 -15.02 40.46
N LYS D 181 19.90 -14.63 40.98
CA LYS D 181 19.36 -15.24 42.19
C LYS D 181 18.42 -16.39 41.85
N ASN D 182 18.30 -16.67 40.56
CA ASN D 182 17.40 -17.70 40.04
C ASN D 182 15.97 -17.47 40.51
N LEU D 183 15.40 -16.34 40.11
CA LEU D 183 14.04 -15.99 40.48
C LEU D 183 13.20 -15.69 39.24
N GLN D 184 11.89 -15.88 39.36
CA GLN D 184 10.99 -15.60 38.25
C GLN D 184 10.37 -14.22 38.38
N LEU D 185 10.54 -13.40 37.35
CA LEU D 185 9.93 -12.08 37.30
C LEU D 185 8.43 -12.18 37.13
N THR D 186 7.69 -11.35 37.86
CA THR D 186 6.24 -11.40 37.85
C THR D 186 5.67 -10.87 36.53
N GLU D 187 4.35 -10.89 36.42
CA GLU D 187 3.68 -10.55 35.17
C GLU D 187 3.71 -9.05 34.86
N ASP D 188 3.42 -8.22 35.85
CA ASP D 188 3.36 -6.78 35.66
C ASP D 188 4.68 -6.20 35.15
N PHE D 189 5.79 -6.75 35.64
CA PHE D 189 7.11 -6.34 35.18
C PHE D 189 7.27 -6.60 33.69
N TYR D 190 7.08 -7.86 33.30
CA TYR D 190 7.19 -8.27 31.90
C TYR D 190 6.29 -7.43 31.00
N GLU D 191 5.05 -7.24 31.42
CA GLU D 191 4.11 -6.40 30.69
C GLU D 191 4.66 -4.99 30.49
N PHE D 192 5.18 -4.42 31.59
CA PHE D 192 5.76 -3.08 31.57
C PHE D 192 6.92 -2.99 30.57
N VAL D 193 7.77 -4.01 30.54
CA VAL D 193 8.89 -4.04 29.60
C VAL D 193 8.38 -4.14 28.15
N LYS D 194 7.35 -4.96 27.95
CA LYS D 194 6.77 -5.14 26.62
C LYS D 194 6.16 -3.85 26.07
N GLU D 195 5.48 -3.09 26.93
CA GLU D 195 4.80 -1.88 26.47
C GLU D 195 5.75 -0.82 25.93
N ASP D 196 6.75 -0.45 26.73
CA ASP D 196 7.71 0.58 26.32
C ASP D 196 9.14 0.22 26.69
N PRO D 197 9.82 -0.58 25.84
CA PRO D 197 11.18 -1.07 26.06
C PRO D 197 12.24 0.03 26.05
N ARG D 198 11.95 1.15 25.39
CA ARG D 198 12.93 2.22 25.21
C ARG D 198 13.11 3.05 26.48
N ILE D 199 12.27 2.76 27.48
CA ILE D 199 12.26 3.51 28.75
C ILE D 199 13.64 3.59 29.40
N VAL D 200 14.48 2.59 29.13
CA VAL D 200 15.82 2.50 29.69
C VAL D 200 16.66 3.74 29.37
N LEU D 201 16.28 4.45 28.30
CA LEU D 201 17.01 5.64 27.89
C LEU D 201 16.85 6.81 28.86
N LYS D 202 15.93 6.70 29.81
CA LYS D 202 15.74 7.79 30.78
C LYS D 202 16.98 8.00 31.64
N SER D 203 17.51 6.92 32.19
CA SER D 203 18.63 7.00 33.12
C SER D 203 19.93 7.43 32.44
N ALA D 204 20.86 7.93 33.26
CA ALA D 204 22.16 8.39 32.78
C ALA D 204 22.91 7.24 32.10
N VAL D 205 23.71 7.59 31.09
CA VAL D 205 24.40 6.60 30.27
C VAL D 205 25.47 5.85 31.07
N GLU D 206 26.08 6.54 32.04
CA GLU D 206 27.12 5.94 32.86
C GLU D 206 26.55 4.78 33.69
N ARG D 207 25.35 4.99 34.23
CA ARG D 207 24.70 3.94 34.97
C ARG D 207 24.40 2.77 34.05
N ILE D 208 23.93 3.07 32.84
CA ILE D 208 23.64 2.03 31.87
C ILE D 208 24.87 1.16 31.63
N THR D 209 26.01 1.82 31.40
CA THR D 209 27.27 1.12 31.20
C THR D 209 27.64 0.27 32.41
N HIS D 210 27.52 0.87 33.59
CA HIS D 210 27.83 0.20 34.85
C HIS D 210 26.99 -1.05 35.05
N GLU D 211 25.69 -0.93 34.82
CA GLU D 211 24.77 -2.04 35.02
C GLU D 211 24.98 -3.13 33.97
N LEU D 212 25.25 -2.72 32.74
CA LEU D 212 25.49 -3.68 31.66
C LEU D 212 26.77 -4.47 31.93
N PHE D 213 27.79 -3.79 32.43
CA PHE D 213 29.02 -4.46 32.82
C PHE D 213 28.79 -5.41 33.99
N LYS D 214 27.94 -4.98 34.94
CA LYS D 214 27.55 -5.84 36.04
C LYS D 214 26.87 -7.10 35.52
N ILE D 215 26.12 -6.96 34.44
CA ILE D 215 25.49 -8.10 33.79
C ILE D 215 26.55 -8.99 33.17
N MET D 216 27.52 -8.37 32.51
CA MET D 216 28.60 -9.10 31.85
C MET D 216 29.54 -9.79 32.85
N LYS D 217 29.43 -9.42 34.12
CA LYS D 217 30.32 -9.96 35.14
C LYS D 217 30.01 -11.40 35.50
N GLU D 218 28.72 -11.72 35.63
CA GLU D 218 28.30 -13.06 36.02
C GLU D 218 28.49 -14.07 34.89
N LYS D 219 28.54 -15.35 35.26
CA LYS D 219 28.76 -16.42 34.28
C LYS D 219 27.48 -16.80 33.55
N THR D 220 26.35 -16.30 34.04
CA THR D 220 25.06 -16.54 33.43
C THR D 220 24.69 -15.42 32.45
N ALA D 221 25.65 -14.53 32.22
CA ALA D 221 25.46 -13.30 31.46
C ALA D 221 24.73 -13.46 30.13
N HIS D 222 25.03 -14.53 29.39
CA HIS D 222 24.48 -14.72 28.06
C HIS D 222 22.95 -14.83 28.07
N LYS D 223 22.41 -15.41 29.13
CA LYS D 223 20.96 -15.53 29.27
C LYS D 223 20.33 -14.16 29.45
N VAL D 224 20.96 -13.34 30.28
CA VAL D 224 20.47 -11.98 30.54
C VAL D 224 20.55 -11.14 29.27
N ILE D 225 21.64 -11.29 28.53
CA ILE D 225 21.83 -10.58 27.27
C ILE D 225 20.76 -10.98 26.26
N ARG D 226 20.49 -12.28 26.19
CA ARG D 226 19.44 -12.79 25.30
C ARG D 226 18.08 -12.22 25.68
N GLU D 227 17.83 -12.15 26.99
CA GLU D 227 16.57 -11.59 27.49
C GLU D 227 16.44 -10.12 27.13
N LEU D 228 17.54 -9.38 27.24
CA LEU D 228 17.54 -7.96 26.90
C LEU D 228 17.36 -7.74 25.40
N TYR D 229 17.86 -8.67 24.61
CA TYR D 229 17.74 -8.59 23.16
C TYR D 229 16.32 -8.91 22.69
N GLU D 230 15.72 -9.94 23.29
CA GLU D 230 14.39 -10.38 22.89
C GLU D 230 13.31 -9.35 23.20
N TYR D 231 13.52 -8.54 24.24
CA TYR D 231 12.56 -7.52 24.62
C TYR D 231 12.91 -6.17 24.02
N GLY D 232 13.97 -6.13 23.22
CA GLY D 232 14.34 -4.92 22.50
C GLY D 232 15.08 -3.90 23.34
N VAL D 233 15.38 -4.25 24.58
CA VAL D 233 16.11 -3.36 25.48
C VAL D 233 17.53 -3.16 24.97
N LEU D 234 18.17 -4.24 24.57
CA LEU D 234 19.53 -4.20 24.04
C LEU D 234 19.59 -3.36 22.78
N GLU D 235 18.54 -3.45 21.96
CA GLU D 235 18.44 -2.64 20.75
C GLU D 235 18.29 -1.16 21.11
N ALA D 236 17.54 -0.90 22.18
CA ALA D 236 17.34 0.47 22.64
C ALA D 236 18.64 1.08 23.12
N ILE D 237 19.42 0.30 23.86
CA ILE D 237 20.72 0.76 24.34
C ILE D 237 21.74 0.77 23.20
N ILE D 238 21.80 -0.32 22.46
CA ILE D 238 22.75 -0.46 21.34
C ILE D 238 22.03 -0.87 20.06
N PRO D 239 21.63 0.13 19.25
CA PRO D 239 20.92 -0.09 17.99
C PRO D 239 21.71 -0.96 17.01
N GLU D 240 23.03 -0.90 17.08
CA GLU D 240 23.90 -1.67 16.20
C GLU D 240 23.65 -3.17 16.35
N ILE D 241 23.32 -3.60 17.57
CA ILE D 241 22.95 -4.99 17.82
C ILE D 241 21.66 -5.31 17.09
N GLY D 242 20.74 -4.35 17.11
CA GLY D 242 19.47 -4.48 16.40
C GLY D 242 19.65 -4.57 14.90
N ARG D 243 20.72 -3.97 14.40
CA ARG D 243 21.01 -3.99 12.97
C ARG D 243 21.51 -5.35 12.49
N LEU D 244 21.87 -6.22 13.43
CA LEU D 244 22.38 -7.54 13.08
C LEU D 244 21.28 -8.43 12.49
N ARG D 245 20.03 -8.01 12.67
CA ARG D 245 18.89 -8.81 12.26
C ARG D 245 18.60 -8.73 10.76
N GLU D 246 18.87 -7.57 10.17
CA GLU D 246 18.52 -7.32 8.77
C GLU D 246 19.33 -8.19 7.80
N VAL D 247 20.51 -8.61 8.23
CA VAL D 247 21.36 -9.47 7.42
C VAL D 247 21.10 -10.94 7.73
N LYS D 248 20.76 -11.71 6.71
CA LYS D 248 20.49 -13.14 6.89
C LYS D 248 21.65 -13.98 6.39
N ASP D 249 21.94 -15.06 7.10
CA ASP D 249 23.06 -15.94 6.75
C ASP D 249 22.65 -16.96 5.71
N PRO D 257 20.82 -16.75 10.65
CA PRO D 257 20.61 -15.69 11.65
C PRO D 257 21.93 -15.26 12.31
N LEU D 258 22.24 -13.97 12.21
CA LEU D 258 23.47 -13.44 12.78
C LEU D 258 23.34 -13.22 14.29
N ASP D 259 22.17 -12.77 14.71
CA ASP D 259 21.92 -12.49 16.13
C ASP D 259 22.05 -13.75 16.97
N GLU D 260 21.45 -14.84 16.51
CA GLU D 260 21.53 -16.12 17.20
C GLU D 260 22.97 -16.62 17.22
N HIS D 261 23.70 -16.36 16.14
CA HIS D 261 25.10 -16.72 16.05
C HIS D 261 25.93 -15.98 17.09
N THR D 262 25.60 -14.71 17.31
CA THR D 262 26.30 -13.89 18.29
C THR D 262 25.97 -14.32 19.72
N LEU D 263 24.69 -14.55 19.97
CA LEU D 263 24.24 -15.00 21.29
C LEU D 263 24.87 -16.35 21.65
N LYS D 264 24.92 -17.25 20.68
CA LYS D 264 25.57 -18.54 20.87
C LYS D 264 27.08 -18.37 21.01
N THR D 265 27.62 -17.35 20.35
CA THR D 265 29.05 -17.06 20.47
C THR D 265 29.40 -16.67 21.90
N LEU D 266 28.56 -15.83 22.50
CA LEU D 266 28.74 -15.44 23.90
C LEU D 266 28.53 -16.62 24.84
N GLU D 267 27.41 -17.32 24.64
CA GLU D 267 27.05 -18.47 25.45
C GLU D 267 28.15 -19.52 25.49
N TYR D 268 28.76 -19.77 24.33
CA TYR D 268 29.88 -20.69 24.24
C TYR D 268 31.14 -20.07 24.83
N LEU D 269 31.27 -18.75 24.69
CA LEU D 269 32.44 -18.05 25.22
C LEU D 269 32.55 -18.19 26.73
N GLU D 270 31.41 -18.18 27.41
CA GLU D 270 31.41 -18.35 28.85
C GLU D 270 31.95 -19.73 29.24
N GLN D 271 31.51 -20.76 28.53
CA GLN D 271 31.97 -22.12 28.75
C GLN D 271 33.46 -22.26 28.45
N VAL D 272 33.92 -21.59 27.40
CA VAL D 272 35.34 -21.60 27.06
C VAL D 272 36.16 -20.91 28.15
N ILE D 273 35.61 -19.83 28.70
CA ILE D 273 36.24 -19.10 29.79
C ILE D 273 36.37 -20.00 31.02
N GLU D 274 35.33 -20.78 31.27
CA GLU D 274 35.40 -21.76 32.36
C GLU D 274 36.48 -22.81 32.07
N ASP D 275 36.68 -23.11 30.79
CA ASP D 275 37.65 -24.11 30.36
C ASP D 275 39.01 -23.51 30.00
N ARG D 276 39.18 -22.21 30.25
CA ARG D 276 40.35 -21.46 29.80
C ARG D 276 41.71 -22.09 30.15
N ALA D 277 41.75 -22.87 31.22
CA ALA D 277 42.99 -23.52 31.64
C ALA D 277 43.42 -24.59 30.63
N LYS D 278 42.44 -25.14 29.92
CA LYS D 278 42.67 -26.19 28.94
C LYS D 278 43.40 -25.69 27.70
N TYR D 279 42.85 -24.66 27.07
CA TYR D 279 43.37 -24.15 25.81
C TYR D 279 44.58 -23.22 25.97
N LEU D 280 44.50 -22.32 26.95
CA LEU D 280 45.52 -21.29 27.14
C LEU D 280 46.72 -21.78 27.95
N SER D 281 47.89 -21.24 27.62
CA SER D 281 49.11 -21.53 28.37
C SER D 281 49.10 -20.79 29.71
N ALA D 282 49.91 -21.28 30.64
CA ALA D 282 49.91 -20.74 32.01
C ALA D 282 50.39 -19.30 32.07
N GLU D 283 51.37 -18.95 31.24
CA GLU D 283 51.90 -17.59 31.21
C GLU D 283 50.86 -16.61 30.69
N LEU D 284 49.96 -17.09 29.83
CA LEU D 284 48.85 -16.29 29.34
C LEU D 284 47.73 -16.22 30.38
N LEU D 285 47.61 -17.28 31.17
CA LEU D 285 46.57 -17.38 32.19
C LEU D 285 46.88 -16.56 33.43
N GLU D 286 48.17 -16.28 33.65
CA GLU D 286 48.60 -15.59 34.85
C GLU D 286 48.02 -14.18 34.94
N ASN D 287 48.19 -13.40 33.87
CA ASN D 287 47.72 -12.03 33.87
C ASN D 287 46.33 -11.88 33.26
N PHE D 288 45.75 -13.01 32.85
CA PHE D 288 44.41 -13.00 32.28
C PHE D 288 43.36 -12.73 33.36
N GLY D 289 42.52 -11.72 33.11
CA GLY D 289 41.45 -11.38 34.02
C GLY D 289 41.89 -10.51 35.18
N LYS D 290 43.18 -10.20 35.23
CA LYS D 290 43.72 -9.37 36.30
C LYS D 290 43.83 -7.91 35.89
N LYS D 291 43.41 -7.60 34.68
CA LYS D 291 43.42 -6.21 34.20
C LYS D 291 42.13 -5.51 34.60
N ARG D 292 42.26 -4.45 35.41
CA ARG D 292 41.10 -3.76 35.95
C ARG D 292 40.51 -2.75 34.97
N VAL D 293 39.20 -2.78 34.81
CA VAL D 293 38.54 -1.74 34.02
C VAL D 293 37.43 -1.06 34.78
N LEU D 294 37.57 0.24 34.94
CA LEU D 294 36.54 1.06 35.51
C LEU D 294 36.51 0.77 36.99
N GLY D 295 37.44 -0.08 37.39
CA GLY D 295 37.79 -0.27 38.78
C GLY D 295 37.14 -1.42 39.53
N GLU D 296 35.90 -1.78 39.17
CA GLU D 296 35.30 -3.00 39.70
C GLU D 296 35.24 -4.15 38.69
N PHE D 297 35.66 -3.89 37.45
CA PHE D 297 35.52 -4.87 36.39
C PHE D 297 36.85 -5.28 35.79
N THR D 298 36.87 -6.43 35.12
CA THR D 298 38.08 -6.95 34.51
C THR D 298 37.98 -6.97 33.00
N ASP D 299 39.03 -7.48 32.34
CA ASP D 299 39.07 -7.54 30.89
C ASP D 299 38.25 -8.72 30.35
N VAL D 300 37.76 -9.57 31.25
CA VAL D 300 36.92 -10.69 30.86
C VAL D 300 35.59 -10.18 30.32
N GLU D 301 35.04 -9.18 31.00
CA GLU D 301 33.82 -8.53 30.55
C GLU D 301 34.04 -7.88 29.19
N LEU D 302 35.23 -7.33 28.99
CA LEU D 302 35.60 -6.75 27.69
C LEU D 302 35.69 -7.83 26.63
N LEU D 303 36.06 -9.04 27.04
CA LEU D 303 36.12 -10.19 26.15
C LEU D 303 34.71 -10.58 25.72
N LYS D 304 33.79 -10.59 26.69
CA LYS D 304 32.40 -10.92 26.41
C LYS D 304 31.75 -9.87 25.52
N TRP D 305 32.08 -8.60 25.76
CA TRP D 305 31.65 -7.52 24.89
C TRP D 305 32.25 -7.71 23.50
N GLY D 306 33.45 -8.30 23.47
CA GLY D 306 34.10 -8.65 22.23
C GLY D 306 33.36 -9.76 21.53
N ALA D 307 32.67 -10.59 22.29
CA ALA D 307 31.87 -11.67 21.72
C ALA D 307 30.58 -11.11 21.12
N LEU D 308 29.93 -10.22 21.86
CA LEU D 308 28.71 -9.59 21.37
C LEU D 308 28.99 -8.72 20.14
N PHE D 309 30.15 -8.08 20.13
CA PHE D 309 30.54 -7.17 19.06
C PHE D 309 31.43 -7.81 18.00
N HIS D 310 31.66 -9.12 18.10
CA HIS D 310 32.65 -9.80 17.24
C HIS D 310 32.42 -9.49 15.76
N ASP D 311 31.20 -9.64 15.27
CA ASP D 311 30.82 -8.99 14.02
C ASP D 311 29.68 -8.02 14.26
N ILE D 312 29.98 -6.73 14.32
CA ILE D 312 28.96 -5.69 14.28
C ILE D 312 28.93 -5.06 12.89
N GLY D 313 29.86 -5.49 12.03
CA GLY D 313 30.07 -4.85 10.75
C GLY D 313 29.48 -5.60 9.56
N LYS D 314 29.03 -6.82 9.81
CA LYS D 314 28.37 -7.61 8.77
C LYS D 314 27.10 -6.95 8.21
N PRO D 315 26.30 -6.28 9.06
CA PRO D 315 25.19 -5.55 8.44
C PRO D 315 25.66 -4.34 7.62
N GLN D 316 26.83 -3.81 7.94
CA GLN D 316 27.36 -2.64 7.24
C GLN D 316 27.79 -2.98 5.82
N THR D 317 28.42 -4.14 5.65
CA THR D 317 28.89 -4.58 4.34
C THR D 317 27.91 -5.57 3.72
N PHE D 318 27.74 -5.48 2.40
CA PHE D 318 26.84 -6.37 1.69
C PHE D 318 27.29 -6.57 0.24
N VAL D 325 27.36 -10.27 -1.16
CA VAL D 325 27.77 -11.67 -1.26
C VAL D 325 28.73 -12.04 -0.13
N THR D 326 29.81 -11.27 -0.01
CA THR D 326 30.81 -11.52 1.02
C THR D 326 31.08 -10.26 1.84
N PHE D 327 31.58 -10.41 3.07
CA PHE D 327 31.92 -9.24 3.89
C PHE D 327 33.33 -9.28 4.50
N TYR D 328 34.34 -9.12 3.66
CA TYR D 328 35.75 -9.18 4.09
C TYR D 328 36.30 -8.09 5.03
N GLU D 329 35.95 -6.82 4.78
CA GLU D 329 36.61 -5.69 5.45
C GLU D 329 35.90 -5.17 6.70
N HIS D 330 34.81 -5.83 7.06
CA HIS D 330 33.87 -5.38 8.09
C HIS D 330 34.63 -5.22 9.38
N ASP D 331 35.73 -5.94 9.49
CA ASP D 331 36.47 -5.97 10.71
C ASP D 331 36.86 -4.55 11.02
N LYS D 332 37.36 -3.81 10.05
CA LYS D 332 37.84 -2.47 10.36
C LYS D 332 36.63 -1.71 10.85
N VAL D 333 35.55 -1.88 10.13
CA VAL D 333 34.28 -1.19 10.36
C VAL D 333 33.74 -1.54 11.73
N GLY D 334 33.84 -2.82 12.09
CA GLY D 334 33.43 -3.29 13.40
C GLY D 334 34.21 -2.60 14.50
N ALA D 335 35.52 -2.45 14.30
CA ALA D 335 36.38 -1.79 15.26
C ALA D 335 35.95 -0.33 15.46
N GLN D 336 35.69 0.36 14.35
CA GLN D 336 35.27 1.76 14.41
C GLN D 336 33.94 1.90 15.13
N ILE D 337 32.99 1.04 14.80
CA ILE D 337 31.67 1.03 15.45
C ILE D 337 31.81 0.81 16.94
N VAL D 338 32.64 -0.16 17.33
CA VAL D 338 32.90 -0.45 18.73
C VAL D 338 33.48 0.78 19.44
N ARG D 339 34.39 1.47 18.75
CA ARG D 339 34.97 2.70 19.29
C ARG D 339 33.88 3.75 19.55
N GLU D 340 32.98 3.88 18.57
CA GLU D 340 31.88 4.83 18.68
C GLU D 340 30.95 4.49 19.84
N ILE D 341 30.63 3.22 20.01
CA ILE D 341 29.79 2.77 21.11
C ILE D 341 30.45 3.04 22.46
N GLY D 342 31.75 2.72 22.54
CA GLY D 342 32.50 2.96 23.76
C GLY D 342 32.58 4.43 24.12
N GLU D 343 32.64 5.28 23.11
CA GLU D 343 32.63 6.73 23.34
C GLU D 343 31.25 7.19 23.81
N ARG D 344 30.22 6.73 23.10
CA ARG D 344 28.84 7.09 23.40
C ARG D 344 28.38 6.58 24.77
N LEU D 345 28.84 5.38 25.13
CA LEU D 345 28.45 4.76 26.38
C LEU D 345 29.40 5.16 27.50
N ARG D 346 30.33 6.06 27.18
CA ARG D 346 31.28 6.61 28.14
C ARG D 346 32.19 5.54 28.73
N TRP D 347 32.51 4.54 27.91
CA TRP D 347 33.46 3.50 28.32
C TRP D 347 34.85 4.11 28.47
N GLY D 348 35.69 3.46 29.28
CA GLY D 348 37.06 3.88 29.42
C GLY D 348 37.76 3.86 28.08
N ASP D 349 38.69 4.79 27.87
CA ASP D 349 39.38 4.91 26.59
C ASP D 349 40.15 3.64 26.26
N GLU D 350 40.95 3.16 27.22
CA GLU D 350 41.71 1.93 27.03
C GLU D 350 40.79 0.72 26.92
N ALA D 351 39.62 0.81 27.55
CA ALA D 351 38.64 -0.27 27.50
C ALA D 351 38.01 -0.39 26.11
N THR D 352 37.48 0.72 25.61
CA THR D 352 36.84 0.73 24.30
C THR D 352 37.87 0.48 23.21
N GLU D 353 39.11 0.90 23.45
CA GLU D 353 40.21 0.61 22.53
C GLU D 353 40.52 -0.88 22.53
N PHE D 354 40.47 -1.47 23.72
CA PHE D 354 40.71 -2.90 23.87
C PHE D 354 39.66 -3.71 23.11
N VAL D 355 38.39 -3.37 23.34
CA VAL D 355 37.30 -4.08 22.66
C VAL D 355 37.35 -3.86 21.15
N ALA D 356 37.69 -2.63 20.74
CA ALA D 356 37.79 -2.30 19.32
C ALA D 356 38.88 -3.12 18.63
N LYS D 357 40.06 -3.15 19.23
CA LYS D 357 41.17 -3.92 18.68
C LYS D 357 40.85 -5.42 18.72
N LEU D 358 40.07 -5.83 19.70
CA LEU D 358 39.66 -7.22 19.84
C LEU D 358 38.73 -7.63 18.71
N VAL D 359 37.80 -6.76 18.36
CA VAL D 359 36.88 -7.02 17.26
C VAL D 359 37.60 -6.96 15.91
N ARG D 360 38.55 -6.03 15.82
CA ARG D 360 39.33 -5.84 14.60
C ARG D 360 40.07 -7.10 14.16
N HIS D 361 40.73 -7.76 15.11
CA HIS D 361 41.56 -8.91 14.82
C HIS D 361 40.84 -10.24 14.97
N HIS D 362 39.52 -10.19 15.22
CA HIS D 362 38.73 -11.37 15.56
C HIS D 362 38.87 -12.52 14.55
N LEU D 363 39.14 -12.19 13.29
CA LEU D 363 39.23 -13.20 12.23
C LEU D 363 40.66 -13.67 11.97
N ARG D 364 41.63 -13.11 12.70
CA ARG D 364 43.04 -13.46 12.52
C ARG D 364 43.37 -14.92 12.86
N PRO D 365 42.91 -15.44 14.01
CA PRO D 365 43.24 -16.85 14.31
C PRO D 365 42.64 -17.83 13.31
N PHE D 366 41.58 -17.43 12.62
CA PHE D 366 40.98 -18.27 11.58
C PHE D 366 41.90 -18.33 10.36
N PHE D 367 42.50 -17.19 10.02
CA PHE D 367 43.46 -17.12 8.93
C PHE D 367 44.70 -17.95 9.27
N LEU D 368 45.20 -17.78 10.49
CA LEU D 368 46.36 -18.55 10.94
C LEU D 368 46.03 -20.04 10.98
N ARG D 369 44.77 -20.36 11.27
CA ARG D 369 44.31 -21.74 11.28
C ARG D 369 44.31 -22.32 9.87
N GLU D 370 43.83 -21.51 8.92
CA GLU D 370 43.79 -21.93 7.53
C GLU D 370 45.20 -22.13 6.99
N ALA D 371 46.13 -21.31 7.47
CA ALA D 371 47.54 -21.47 7.11
C ALA D 371 48.13 -22.70 7.78
N PHE D 372 47.60 -23.06 8.95
CA PHE D 372 48.07 -24.22 9.69
C PHE D 372 47.62 -25.53 9.05
N LYS D 373 46.38 -25.56 8.56
CA LYS D 373 45.82 -26.76 7.97
C LYS D 373 46.55 -27.18 6.69
N LYS D 374 47.12 -26.20 5.99
CA LYS D 374 47.85 -26.47 4.77
C LYS D 374 49.33 -26.69 5.04
N GLY D 375 49.71 -26.55 6.31
CA GLY D 375 51.10 -26.70 6.70
C GLY D 375 51.96 -25.54 6.24
N GLU D 376 51.30 -24.44 5.88
CA GLU D 376 52.01 -23.26 5.38
C GLU D 376 52.29 -22.27 6.51
N LEU D 377 51.89 -22.63 7.73
CA LEU D 377 52.11 -21.77 8.89
C LEU D 377 53.55 -21.90 9.37
N LYS D 378 54.28 -20.78 9.38
CA LYS D 378 55.69 -20.77 9.75
C LYS D 378 56.01 -19.62 10.68
N ARG D 379 57.30 -19.45 10.98
CA ARG D 379 57.78 -18.46 11.92
C ARG D 379 57.36 -17.03 11.56
N ARG D 380 57.24 -16.76 10.27
CA ARG D 380 56.88 -15.43 9.78
C ARG D 380 55.52 -14.99 10.30
N GLY D 381 54.49 -15.78 10.02
CA GLY D 381 53.13 -15.46 10.43
C GLY D 381 52.96 -15.41 11.94
N MET D 382 53.64 -16.31 12.64
CA MET D 382 53.57 -16.35 14.09
C MET D 382 54.20 -15.12 14.72
N ALA D 383 55.42 -14.80 14.30
CA ALA D 383 56.12 -13.62 14.80
C ALA D 383 55.35 -12.35 14.48
N ASN D 384 54.81 -12.28 13.28
CA ASN D 384 53.98 -11.14 12.88
C ASN D 384 52.73 -11.02 13.75
N PHE D 385 52.11 -12.15 14.05
CA PHE D 385 50.92 -12.18 14.90
C PHE D 385 51.23 -11.67 16.30
N TRP D 386 52.28 -12.21 16.91
CA TRP D 386 52.62 -11.83 18.28
C TRP D 386 53.17 -10.40 18.36
N ARG D 387 53.76 -9.92 17.28
CA ARG D 387 54.25 -8.54 17.26
C ARG D 387 53.11 -7.54 17.10
N GLU D 388 52.20 -7.81 16.17
CA GLU D 388 51.06 -6.93 15.94
C GLU D 388 50.18 -6.84 17.19
N CYS D 389 49.66 -7.97 17.64
CA CYS D 389 48.95 -8.01 18.92
C CYS D 389 49.44 -9.15 19.80
N GLY D 390 50.13 -8.80 20.88
CA GLY D 390 50.49 -9.77 21.91
C GLY D 390 49.64 -9.60 23.15
N ASP D 391 48.96 -8.46 23.23
CA ASP D 391 48.18 -8.10 24.42
C ASP D 391 46.82 -8.77 24.43
N ILE D 392 46.16 -8.80 23.29
CA ILE D 392 44.82 -9.35 23.18
C ILE D 392 44.84 -10.83 22.80
N ALA D 393 46.06 -11.37 22.70
CA ALA D 393 46.25 -12.75 22.25
C ALA D 393 45.39 -13.79 22.95
N PRO D 394 45.42 -13.86 24.30
CA PRO D 394 44.60 -14.91 24.93
C PRO D 394 43.10 -14.69 24.71
N HIS D 395 42.67 -13.43 24.86
CA HIS D 395 41.28 -13.05 24.65
C HIS D 395 40.86 -13.35 23.23
N LEU D 396 41.76 -13.08 22.29
CA LEU D 396 41.51 -13.35 20.88
C LEU D 396 41.39 -14.85 20.63
N PHE D 397 42.16 -15.63 21.39
CA PHE D 397 42.14 -17.07 21.29
C PHE D 397 40.79 -17.63 21.75
N LEU D 398 40.39 -17.25 22.96
CA LEU D 398 39.11 -17.71 23.52
C LEU D 398 37.95 -17.27 22.63
N LEU D 399 37.99 -16.02 22.17
CA LEU D 399 36.96 -15.48 21.29
C LEU D 399 36.90 -16.25 19.97
N SER D 400 38.07 -16.63 19.46
CA SER D 400 38.15 -17.38 18.22
C SER D 400 37.56 -18.78 18.38
N ILE D 401 37.87 -19.42 19.50
CA ILE D 401 37.33 -20.75 19.79
C ILE D 401 35.81 -20.69 19.93
N ALA D 402 35.32 -19.71 20.67
CA ALA D 402 33.88 -19.54 20.87
C ALA D 402 33.16 -19.28 19.55
N ASP D 403 33.72 -18.38 18.75
CA ASP D 403 33.14 -18.04 17.44
C ASP D 403 33.15 -19.26 16.53
N ALA D 404 34.18 -20.09 16.67
CA ALA D 404 34.29 -21.32 15.89
C ALA D 404 33.21 -22.31 16.31
N MET D 405 32.93 -22.36 17.60
CA MET D 405 31.89 -23.25 18.12
C MET D 405 30.51 -22.79 17.65
N ALA D 406 30.29 -21.48 17.68
CA ALA D 406 29.00 -20.92 17.30
C ALA D 406 28.76 -20.99 15.78
N SER D 407 29.84 -21.06 15.02
CA SER D 407 29.75 -21.08 13.56
C SER D 407 29.44 -22.47 13.03
N GLY D 408 29.37 -23.44 13.92
CA GLY D 408 29.08 -24.82 13.54
C GLY D 408 30.20 -25.45 12.73
N ASP D 409 31.44 -25.08 13.02
CA ASP D 409 32.59 -25.64 12.36
C ASP D 409 32.77 -27.11 12.74
N GLU D 410 33.39 -27.88 11.86
CA GLU D 410 33.67 -29.28 12.15
C GLU D 410 34.59 -29.41 13.35
N GLU D 411 34.42 -30.49 14.11
CA GLU D 411 35.20 -30.72 15.32
C GLU D 411 36.71 -30.74 15.03
N GLU D 412 37.07 -31.30 13.88
CA GLU D 412 38.47 -31.36 13.47
C GLU D 412 39.00 -29.97 13.18
N ASP D 413 38.15 -29.10 12.65
CA ASP D 413 38.52 -27.73 12.35
C ASP D 413 38.71 -26.93 13.64
N ILE D 414 37.84 -27.18 14.61
CA ILE D 414 37.93 -26.53 15.92
C ILE D 414 39.22 -26.96 16.61
N LYS D 415 39.51 -28.25 16.55
CA LYS D 415 40.74 -28.79 17.10
C LYS D 415 41.95 -28.19 16.39
N ALA D 416 41.81 -27.96 15.10
CA ALA D 416 42.85 -27.32 14.31
C ALA D 416 43.10 -25.89 14.81
N LEU D 417 42.02 -25.19 15.14
CA LEU D 417 42.13 -23.84 15.68
C LEU D 417 42.83 -23.85 17.03
N MET D 418 42.41 -24.76 17.91
CA MET D 418 42.98 -24.88 19.25
C MET D 418 44.47 -25.22 19.21
N GLU D 419 44.84 -26.15 18.33
CA GLU D 419 46.23 -26.56 18.22
C GLU D 419 47.07 -25.49 17.53
N THR D 420 46.44 -24.70 16.68
CA THR D 420 47.11 -23.55 16.07
C THR D 420 47.44 -22.55 17.17
N ILE D 421 46.45 -22.27 18.00
CA ILE D 421 46.62 -21.41 19.17
C ILE D 421 47.76 -21.90 20.05
N ALA D 422 47.77 -23.20 20.33
CA ALA D 422 48.80 -23.79 21.18
C ALA D 422 50.17 -23.70 20.51
N GLU D 423 50.21 -23.76 19.19
CA GLU D 423 51.46 -23.61 18.46
C GLU D 423 51.97 -22.18 18.58
N LEU D 424 51.05 -21.23 18.57
CA LEU D 424 51.40 -19.83 18.78
C LEU D 424 51.97 -19.63 20.18
N GLU D 425 51.28 -20.16 21.18
CA GLU D 425 51.71 -20.06 22.57
C GLU D 425 53.09 -20.68 22.78
N SER D 426 53.28 -21.86 22.19
CA SER D 426 54.55 -22.57 22.30
C SER D 426 55.67 -21.82 21.60
N PHE D 427 55.33 -21.20 20.47
CA PHE D 427 56.31 -20.42 19.72
C PHE D 427 56.74 -19.20 20.52
N ASN D 428 55.79 -18.59 21.21
CA ASN D 428 56.06 -17.41 22.02
C ASN D 428 56.79 -17.71 23.32
N ARG D 429 56.54 -18.89 23.89
CA ARG D 429 57.09 -19.26 25.19
C ARG D 429 58.58 -19.58 25.15
N ASN D 430 59.00 -20.36 24.16
CA ASN D 430 60.38 -20.84 24.09
C ASN D 430 61.14 -20.29 22.89
N GLU D 431 60.65 -20.58 21.68
CA GLU D 431 61.40 -20.33 20.46
C GLU D 431 61.47 -18.84 20.10
N MET D 432 60.82 -17.99 20.88
CA MET D 432 60.96 -16.55 20.69
C MET D 432 61.92 -15.95 21.69
N LYS D 433 63.17 -15.77 21.28
CA LYS D 433 64.17 -15.17 22.15
C LYS D 433 64.75 -13.89 21.54
N LEU E 2 -38.14 9.03 -2.50
CA LEU E 2 -38.73 8.66 -1.22
C LEU E 2 -37.87 7.66 -0.47
N ASN E 3 -37.50 6.58 -1.16
CA ASN E 3 -36.68 5.52 -0.56
C ASN E 3 -35.23 5.97 -0.37
N PHE E 4 -34.79 6.92 -1.17
CA PHE E 4 -33.41 7.37 -1.17
C PHE E 4 -33.16 8.50 -0.18
N TYR E 5 -34.18 8.84 0.60
CA TYR E 5 -34.12 9.98 1.51
C TYR E 5 -33.31 9.71 2.78
N LEU E 6 -32.65 10.75 3.27
CA LEU E 6 -32.03 10.74 4.59
C LEU E 6 -32.15 12.16 5.15
N SER E 7 -32.38 12.28 6.46
CA SER E 7 -32.59 13.58 7.09
C SER E 7 -31.43 14.53 6.86
N TYR E 8 -30.21 14.05 7.13
CA TYR E 8 -29.01 14.87 7.06
C TYR E 8 -28.72 15.38 5.64
N PHE E 9 -29.35 14.77 4.64
CA PHE E 9 -29.25 15.24 3.26
C PHE E 9 -29.68 16.71 3.17
N ASP E 10 -30.68 17.08 3.96
CA ASP E 10 -31.13 18.47 4.06
C ASP E 10 -29.96 19.38 4.45
N ASP E 11 -29.24 18.95 5.49
CA ASP E 11 -28.06 19.67 5.95
C ASP E 11 -27.04 19.79 4.83
N VAL E 12 -26.84 18.70 4.08
CA VAL E 12 -25.94 18.71 2.94
C VAL E 12 -26.37 19.77 1.92
N ALA E 13 -27.66 19.80 1.64
CA ALA E 13 -28.24 20.77 0.69
C ALA E 13 -28.05 22.20 1.18
N LYS E 14 -28.01 22.38 2.49
CA LYS E 14 -27.78 23.70 3.08
C LYS E 14 -26.30 24.09 3.03
N VAL E 15 -25.43 23.09 3.11
CA VAL E 15 -23.99 23.31 3.04
C VAL E 15 -23.54 23.48 1.58
N LEU E 16 -24.14 22.71 0.70
CA LEU E 16 -23.77 22.72 -0.72
C LEU E 16 -24.01 24.07 -1.37
N PRO E 17 -22.98 24.60 -2.05
CA PRO E 17 -23.08 25.85 -2.80
C PRO E 17 -24.18 25.81 -3.86
N ARG E 18 -24.72 26.97 -4.21
CA ARG E 18 -25.85 27.06 -5.12
C ARG E 18 -25.46 26.67 -6.55
N GLU E 19 -24.22 26.94 -6.92
CA GLU E 19 -23.75 26.68 -8.28
C GLU E 19 -23.10 25.31 -8.41
N HIS E 20 -23.06 24.56 -7.32
CA HIS E 20 -22.45 23.23 -7.33
C HIS E 20 -23.49 22.15 -7.07
N TYR E 21 -23.21 20.94 -7.56
CA TYR E 21 -24.16 19.84 -7.47
C TYR E 21 -23.59 18.66 -6.69
N CYS E 22 -24.47 17.81 -6.17
CA CYS E 22 -24.04 16.67 -5.36
C CYS E 22 -24.78 15.39 -5.75
N PHE E 23 -24.07 14.27 -5.72
CA PHE E 23 -24.66 12.98 -6.07
C PHE E 23 -24.43 11.94 -4.98
N ILE E 24 -25.43 11.06 -4.80
CA ILE E 24 -25.32 9.96 -3.86
C ILE E 24 -24.93 8.68 -4.61
N VAL E 25 -23.81 8.09 -4.20
CA VAL E 25 -23.21 6.98 -4.96
C VAL E 25 -22.92 5.77 -4.08
N GLY E 26 -22.80 4.60 -4.71
CA GLY E 26 -22.29 3.40 -4.08
C GLY E 26 -23.18 2.70 -3.06
N GLY E 27 -22.58 2.38 -1.91
CA GLY E 27 -23.18 1.51 -0.91
C GLY E 27 -24.59 1.83 -0.46
N TRP E 28 -24.83 3.08 -0.10
CA TRP E 28 -26.14 3.47 0.43
C TRP E 28 -27.24 3.30 -0.61
N VAL E 29 -26.95 3.74 -1.83
CA VAL E 29 -27.89 3.59 -2.94
C VAL E 29 -28.17 2.12 -3.19
N ARG E 30 -27.11 1.31 -3.20
CA ARG E 30 -27.23 -0.13 -3.41
C ARG E 30 -28.14 -0.78 -2.37
N ASP E 31 -27.85 -0.54 -1.09
CA ASP E 31 -28.63 -1.11 0.00
C ASP E 31 -30.08 -0.62 -0.04
N ARG E 32 -30.28 0.61 -0.46
CA ARG E 32 -31.62 1.18 -0.55
C ARG E 32 -32.43 0.57 -1.70
N ILE E 33 -31.76 0.27 -2.80
CA ILE E 33 -32.41 -0.36 -3.94
C ILE E 33 -32.76 -1.82 -3.60
N LEU E 34 -31.98 -2.42 -2.72
CA LEU E 34 -32.25 -3.78 -2.27
C LEU E 34 -33.37 -3.81 -1.24
N GLY E 35 -33.76 -2.64 -0.77
CA GLY E 35 -34.85 -2.52 0.19
C GLY E 35 -34.47 -2.98 1.58
N GLU E 36 -33.17 -3.06 1.85
CA GLU E 36 -32.71 -3.47 3.17
C GLU E 36 -32.93 -2.37 4.19
N PRO E 37 -33.48 -2.72 5.36
CA PRO E 37 -33.72 -1.76 6.44
C PRO E 37 -32.43 -1.14 6.94
N VAL E 38 -32.43 0.17 7.15
CA VAL E 38 -31.24 0.87 7.63
C VAL E 38 -30.87 0.40 9.03
N GLY E 39 -29.62 -0.01 9.21
CA GLY E 39 -29.15 -0.52 10.49
C GLY E 39 -28.63 0.56 11.40
N TYR E 40 -27.73 0.19 12.30
CA TYR E 40 -27.16 1.13 13.25
C TYR E 40 -25.92 1.81 12.67
N ASN E 41 -25.46 1.31 11.54
CA ASN E 41 -24.31 1.89 10.86
C ASN E 41 -24.72 2.47 9.51
N ILE E 42 -24.57 3.79 9.37
CA ILE E 42 -24.97 4.47 8.14
C ILE E 42 -23.77 5.05 7.40
N ASP E 43 -23.47 4.48 6.23
CA ASP E 43 -22.36 4.97 5.41
C ASP E 43 -22.87 5.46 4.06
N VAL E 44 -22.64 6.74 3.78
CA VAL E 44 -23.10 7.32 2.53
C VAL E 44 -21.94 7.92 1.73
N ASP E 45 -21.87 7.60 0.45
CA ASP E 45 -20.80 8.11 -0.41
C ASP E 45 -21.33 9.21 -1.32
N PHE E 46 -20.55 10.28 -1.47
CA PHE E 46 -20.97 11.43 -2.27
C PHE E 46 -19.98 11.79 -3.37
N LEU E 47 -20.52 12.25 -4.50
CA LEU E 47 -19.70 12.84 -5.57
C LEU E 47 -20.14 14.28 -5.81
N THR E 48 -19.27 15.23 -5.49
CA THR E 48 -19.63 16.64 -5.58
C THR E 48 -18.66 17.41 -6.48
N THR E 49 -19.17 18.47 -7.11
CA THR E 49 -18.35 19.32 -7.95
C THR E 49 -17.74 20.47 -7.14
N ALA E 50 -18.20 20.63 -5.90
CA ALA E 50 -17.66 21.64 -5.01
C ALA E 50 -16.41 21.12 -4.30
N ASP E 51 -15.85 21.94 -3.42
CA ASP E 51 -14.70 21.53 -2.62
C ASP E 51 -15.14 20.56 -1.52
N PRO E 52 -14.68 19.31 -1.59
CA PRO E 52 -15.07 18.26 -0.65
C PRO E 52 -14.63 18.56 0.77
N VAL E 53 -13.48 19.21 0.92
CA VAL E 53 -12.93 19.53 2.23
C VAL E 53 -13.80 20.54 2.98
N GLU E 54 -14.12 21.64 2.31
CA GLU E 54 -14.96 22.68 2.90
C GLU E 54 -16.38 22.17 3.13
N LEU E 55 -16.90 21.46 2.14
CA LEU E 55 -18.23 20.85 2.23
C LEU E 55 -18.34 19.96 3.44
N ALA E 56 -17.39 19.03 3.58
CA ALA E 56 -17.37 18.10 4.70
C ALA E 56 -17.17 18.84 6.02
N LYS E 57 -16.37 19.89 6.00
CA LYS E 57 -16.09 20.67 7.21
C LYS E 57 -17.36 21.33 7.74
N ASN E 58 -18.07 22.05 6.87
CA ASN E 58 -19.29 22.74 7.25
C ASN E 58 -20.42 21.77 7.57
N PHE E 59 -20.47 20.65 6.86
CA PHE E 59 -21.48 19.62 7.11
C PHE E 59 -21.28 19.00 8.49
N ALA E 60 -20.04 18.64 8.79
CA ALA E 60 -19.69 18.10 10.09
C ALA E 60 -19.89 19.12 11.19
N LYS E 61 -19.75 20.40 10.83
CA LYS E 61 -20.00 21.48 11.79
C LYS E 61 -21.50 21.61 12.05
N ARG E 62 -22.32 21.28 11.06
CA ARG E 62 -23.77 21.34 11.22
C ARG E 62 -24.32 20.15 12.00
N ILE E 63 -23.85 18.94 11.69
CA ILE E 63 -24.37 17.75 12.35
C ILE E 63 -23.58 17.42 13.62
N GLY E 64 -22.48 18.14 13.85
CA GLY E 64 -21.68 17.92 15.04
C GLY E 64 -20.86 16.65 14.92
N GLY E 65 -20.37 16.37 13.71
CA GLY E 65 -19.61 15.16 13.46
C GLY E 65 -18.12 15.45 13.29
N HIS E 66 -17.31 14.40 13.30
CA HIS E 66 -15.88 14.55 13.21
C HIS E 66 -15.45 14.73 11.76
N PHE E 67 -14.43 15.57 11.53
CA PHE E 67 -13.99 15.87 10.17
C PHE E 67 -12.63 15.25 9.86
N PHE E 68 -12.56 14.44 8.80
CA PHE E 68 -11.35 13.71 8.45
C PHE E 68 -10.88 13.98 7.03
N VAL E 69 -9.55 14.01 6.85
CA VAL E 69 -8.94 14.18 5.52
C VAL E 69 -7.82 13.17 5.29
N PHE E 70 -7.97 12.38 4.23
CA PHE E 70 -6.99 11.35 3.88
C PHE E 70 -7.19 10.99 2.41
N GLU E 71 -6.34 10.09 1.91
CA GLU E 71 -6.02 9.85 0.50
C GLU E 71 -5.36 11.05 -0.18
N PRO E 80 -5.77 12.30 -5.52
CA PRO E 80 -7.04 12.97 -5.25
C PRO E 80 -7.52 12.77 -3.82
N THR E 81 -7.67 13.87 -3.10
CA THR E 81 -8.02 13.83 -1.67
C THR E 81 -9.53 13.85 -1.42
N ILE E 82 -10.03 12.83 -0.75
CA ILE E 82 -11.45 12.77 -0.39
C ILE E 82 -11.61 13.09 1.10
N ALA E 83 -12.71 13.76 1.44
CA ALA E 83 -12.95 14.19 2.80
C ALA E 83 -14.11 13.43 3.43
N SER E 84 -13.96 13.04 4.70
CA SER E 84 -14.96 12.24 5.38
C SER E 84 -15.52 12.93 6.62
N VAL E 85 -16.73 12.52 7.01
CA VAL E 85 -17.40 13.05 8.19
C VAL E 85 -17.93 11.92 9.08
N VAL E 86 -17.42 11.83 10.29
CA VAL E 86 -17.83 10.76 11.20
C VAL E 86 -18.59 11.29 12.41
N LEU E 87 -19.74 10.70 12.69
CA LEU E 87 -20.51 11.05 13.87
C LEU E 87 -20.82 9.80 14.68
N HIS E 88 -20.23 9.70 15.87
CA HIS E 88 -20.28 8.46 16.63
C HIS E 88 -20.96 8.60 17.99
N LEU E 89 -22.10 7.93 18.13
CA LEU E 89 -22.71 7.77 19.45
C LEU E 89 -22.97 6.26 19.63
N PRO E 90 -23.00 5.80 20.89
CA PRO E 90 -22.92 4.34 21.12
C PRO E 90 -23.88 3.46 20.32
N PRO E 91 -25.19 3.80 20.24
CA PRO E 91 -25.99 2.94 19.36
C PRO E 91 -25.78 3.16 17.86
N TYR E 92 -25.42 4.37 17.43
CA TYR E 92 -25.36 4.67 15.99
C TYR E 92 -24.04 5.31 15.52
N ARG E 93 -23.53 4.81 14.40
CA ARG E 93 -22.34 5.37 13.77
C ARG E 93 -22.66 5.90 12.37
N TYR E 94 -22.21 7.13 12.11
CA TYR E 94 -22.43 7.79 10.82
C TYR E 94 -21.11 8.07 10.11
N ARG E 95 -21.04 7.73 8.83
CA ARG E 95 -19.90 8.08 8.00
C ARG E 95 -20.34 8.62 6.64
N PHE E 96 -19.90 9.83 6.33
CA PHE E 96 -20.22 10.47 5.06
C PHE E 96 -18.94 10.76 4.28
N ASP E 97 -18.76 10.05 3.18
CA ASP E 97 -17.60 10.25 2.33
C ASP E 97 -17.89 11.31 1.26
N PHE E 98 -16.93 12.17 1.00
CA PHE E 98 -17.08 13.20 -0.02
C PHE E 98 -15.95 13.15 -1.03
N SER E 99 -16.31 12.89 -2.29
CA SER E 99 -15.31 12.77 -3.35
C SER E 99 -15.52 13.83 -4.41
N PRO E 100 -14.42 14.32 -5.01
CA PRO E 100 -14.49 15.37 -6.03
C PRO E 100 -15.02 14.85 -7.37
N LEU E 101 -15.81 15.68 -8.04
CA LEU E 101 -16.27 15.38 -9.39
C LEU E 101 -15.97 16.57 -10.30
N LYS E 102 -15.07 16.38 -11.26
CA LYS E 102 -14.64 17.49 -12.11
C LYS E 102 -14.67 17.13 -13.59
N GLY E 103 -15.08 18.08 -14.41
CA GLY E 103 -15.11 17.90 -15.86
C GLY E 103 -15.93 18.99 -16.53
N LYS E 104 -15.80 19.09 -17.84
CA LYS E 104 -16.58 20.06 -18.62
C LYS E 104 -18.03 19.62 -18.75
N ASP E 105 -18.24 18.35 -19.10
CA ASP E 105 -19.58 17.78 -19.17
C ASP E 105 -19.87 17.06 -17.85
N LEU E 106 -20.89 17.53 -17.14
CA LEU E 106 -21.23 16.99 -15.83
C LEU E 106 -21.67 15.52 -15.90
N GLU E 107 -22.63 15.24 -16.77
CA GLU E 107 -23.16 13.89 -16.92
C GLU E 107 -22.10 12.91 -17.40
N LYS E 108 -21.32 13.33 -18.39
CA LYS E 108 -20.25 12.51 -18.94
C LYS E 108 -19.19 12.21 -17.89
N ALA E 109 -18.89 13.19 -17.05
CA ALA E 109 -17.92 13.02 -15.98
C ALA E 109 -18.46 12.06 -14.92
N LEU E 110 -19.75 12.18 -14.62
CA LEU E 110 -20.40 11.31 -13.66
C LEU E 110 -20.33 9.86 -14.12
N ILE E 111 -20.75 9.62 -15.36
CA ILE E 111 -20.69 8.29 -15.95
C ILE E 111 -19.24 7.77 -15.96
N GLU E 112 -18.32 8.65 -16.33
CA GLU E 112 -16.91 8.32 -16.38
C GLU E 112 -16.40 7.84 -15.03
N ASP E 113 -16.88 8.48 -13.97
CA ASP E 113 -16.50 8.10 -12.61
C ASP E 113 -17.16 6.79 -12.20
N LEU E 114 -18.41 6.60 -12.62
CA LEU E 114 -19.15 5.39 -12.29
C LEU E 114 -18.55 4.14 -12.96
N LYS E 115 -17.96 4.32 -14.13
CA LYS E 115 -17.37 3.21 -14.86
C LYS E 115 -16.06 2.75 -14.25
N GLU E 116 -15.49 3.57 -13.37
CA GLU E 116 -14.22 3.25 -12.72
C GLU E 116 -14.41 2.49 -11.41
N ARG E 117 -15.65 2.41 -10.95
CA ARG E 117 -15.95 1.76 -9.68
C ARG E 117 -15.88 0.24 -9.79
N ASP E 118 -15.71 -0.42 -8.64
CA ASP E 118 -15.47 -1.85 -8.58
C ASP E 118 -16.60 -2.71 -9.15
N PHE E 119 -17.81 -2.55 -8.61
CA PHE E 119 -18.93 -3.41 -8.99
C PHE E 119 -20.11 -2.63 -9.53
N THR E 120 -20.89 -3.27 -10.38
CA THR E 120 -22.07 -2.66 -10.99
C THR E 120 -23.06 -2.19 -9.93
N ALA E 121 -23.21 -3.00 -8.89
CA ALA E 121 -24.12 -2.68 -7.79
C ALA E 121 -23.68 -1.40 -7.07
N ASN E 122 -22.37 -1.17 -7.03
CA ASN E 122 -21.82 0.01 -6.38
C ASN E 122 -21.63 1.16 -7.36
N ALA E 123 -21.95 0.92 -8.63
CA ALA E 123 -21.76 1.92 -9.67
C ALA E 123 -23.01 2.75 -9.90
N ILE E 124 -24.03 2.51 -9.10
CA ILE E 124 -25.30 3.23 -9.23
C ILE E 124 -25.27 4.54 -8.44
N ALA E 125 -25.71 5.62 -9.08
CA ALA E 125 -25.70 6.94 -8.45
C ALA E 125 -26.97 7.72 -8.77
N VAL E 126 -27.37 8.59 -7.84
CA VAL E 126 -28.54 9.43 -8.01
C VAL E 126 -28.23 10.89 -7.70
N ASN E 127 -29.09 11.79 -8.14
CA ASN E 127 -28.91 13.21 -7.86
C ASN E 127 -29.61 13.62 -6.56
N LEU E 128 -28.89 14.34 -5.72
CA LEU E 128 -29.42 14.79 -4.43
C LEU E 128 -30.64 15.70 -4.60
N ASP E 129 -30.56 16.60 -5.56
CA ASP E 129 -31.65 17.54 -5.84
C ASP E 129 -32.91 16.80 -6.29
N ASP E 130 -32.72 15.75 -7.07
CA ASP E 130 -33.85 14.94 -7.54
C ASP E 130 -34.54 14.22 -6.38
N VAL E 131 -33.73 13.76 -5.42
CA VAL E 131 -34.26 13.07 -4.25
C VAL E 131 -35.00 14.04 -3.34
N LEU E 132 -34.49 15.25 -3.21
CA LEU E 132 -35.10 16.23 -2.30
C LEU E 132 -36.26 17.04 -2.91
N SER E 133 -36.49 16.92 -4.21
CA SER E 133 -37.51 17.73 -4.87
C SER E 133 -38.95 17.23 -4.68
N ILE E 134 -39.79 18.13 -4.18
CA ILE E 134 -41.19 17.85 -3.82
C ILE E 134 -42.15 17.96 -5.00
N GLY E 135 -41.62 18.14 -6.20
CA GLY E 135 -42.38 18.62 -7.33
C GLY E 135 -42.94 17.56 -8.26
N ALA E 136 -43.23 16.38 -7.71
CA ALA E 136 -43.91 15.32 -8.46
C ALA E 136 -43.11 14.99 -9.72
N LYS E 137 -41.80 14.95 -9.53
CA LYS E 137 -40.84 14.76 -10.62
C LYS E 137 -40.24 13.38 -10.43
N GLN E 138 -40.03 12.69 -11.54
CA GLN E 138 -39.62 11.29 -11.52
C GLN E 138 -38.12 11.14 -11.32
N THR E 139 -37.76 10.37 -10.29
CA THR E 139 -36.38 10.24 -9.88
C THR E 139 -35.59 9.52 -10.95
N ILE E 140 -34.44 10.09 -11.28
CA ILE E 140 -33.58 9.53 -12.31
C ILE E 140 -32.36 8.87 -11.66
N VAL E 141 -32.09 7.62 -12.02
CA VAL E 141 -30.95 6.92 -11.48
C VAL E 141 -29.91 6.73 -12.58
N TYR E 142 -28.64 6.70 -12.21
CA TYR E 142 -27.59 6.53 -13.18
C TYR E 142 -26.82 5.23 -12.92
N ASP E 143 -26.99 4.26 -13.81
CA ASP E 143 -26.26 3.02 -13.75
C ASP E 143 -25.87 2.55 -15.15
N PRO E 144 -24.82 3.16 -15.72
CA PRO E 144 -24.35 2.81 -17.07
C PRO E 144 -23.79 1.40 -17.14
N THR E 145 -23.46 0.83 -15.99
CA THR E 145 -22.93 -0.52 -15.92
C THR E 145 -24.04 -1.54 -15.76
N GLY E 146 -25.26 -1.06 -15.57
CA GLY E 146 -26.42 -1.91 -15.39
C GLY E 146 -26.42 -2.63 -14.05
N GLY E 147 -26.20 -1.86 -12.98
CA GLY E 147 -26.16 -2.41 -11.64
C GLY E 147 -27.52 -2.91 -11.16
N ILE E 148 -28.56 -2.18 -11.51
CA ILE E 148 -29.92 -2.54 -11.11
C ILE E 148 -30.31 -3.88 -11.73
N LYS E 149 -29.98 -4.05 -13.00
CA LYS E 149 -30.26 -5.29 -13.72
C LYS E 149 -29.57 -6.48 -13.07
N ASP E 150 -28.35 -6.25 -12.58
CA ASP E 150 -27.59 -7.29 -11.92
C ASP E 150 -28.16 -7.62 -10.54
N LEU E 151 -28.64 -6.58 -9.85
CA LEU E 151 -29.25 -6.77 -8.54
C LEU E 151 -30.59 -7.51 -8.66
N GLU E 152 -31.26 -7.31 -9.78
CA GLU E 152 -32.53 -7.98 -10.04
C GLU E 152 -32.34 -9.48 -10.19
N GLN E 153 -31.19 -9.88 -10.73
CA GLN E 153 -30.87 -11.28 -10.93
C GLN E 153 -30.08 -11.85 -9.76
N GLY E 154 -29.85 -11.01 -8.75
CA GLY E 154 -29.13 -11.43 -7.56
C GLY E 154 -27.66 -11.72 -7.83
N LEU E 155 -27.08 -10.97 -8.76
CA LEU E 155 -25.68 -11.17 -9.13
C LEU E 155 -24.84 -9.95 -8.77
N LEU E 156 -23.66 -10.21 -8.20
CA LEU E 156 -22.69 -9.15 -7.98
C LEU E 156 -21.61 -9.21 -9.05
N ARG E 157 -21.65 -8.26 -9.96
CA ARG E 157 -20.76 -8.26 -11.13
C ARG E 157 -19.83 -7.06 -11.15
N PRO E 158 -18.51 -7.31 -11.11
CA PRO E 158 -17.52 -6.25 -11.28
C PRO E 158 -17.68 -5.55 -12.63
N VAL E 159 -17.53 -4.22 -12.66
CA VAL E 159 -17.67 -3.45 -13.89
C VAL E 159 -16.67 -3.96 -14.94
N SER E 160 -15.41 -4.04 -14.54
CA SER E 160 -14.38 -4.63 -15.38
C SER E 160 -13.30 -5.25 -14.50
N ILE E 161 -12.67 -6.31 -15.00
CA ILE E 161 -11.60 -6.99 -14.25
C ILE E 161 -10.41 -6.05 -14.06
N GLU E 162 -10.25 -5.11 -14.98
CA GLU E 162 -9.17 -4.13 -14.90
C GLU E 162 -9.35 -3.21 -13.69
N ASN E 163 -10.59 -2.88 -13.36
CA ASN E 163 -10.89 -2.08 -12.19
C ASN E 163 -10.52 -2.81 -10.91
N LEU E 164 -10.61 -4.13 -10.95
CA LEU E 164 -10.25 -4.96 -9.81
C LEU E 164 -8.74 -5.10 -9.70
N LYS E 165 -8.07 -5.20 -10.85
CA LYS E 165 -6.62 -5.29 -10.88
C LYS E 165 -5.98 -3.98 -10.45
N ARG E 166 -6.68 -2.88 -10.70
CA ARG E 166 -6.17 -1.56 -10.31
C ARG E 166 -6.24 -1.38 -8.80
N ASP E 167 -7.34 -1.83 -8.19
CA ASP E 167 -7.48 -1.80 -6.74
C ASP E 167 -7.86 -3.19 -6.25
N PRO E 168 -6.85 -4.01 -5.93
CA PRO E 168 -7.00 -5.43 -5.60
C PRO E 168 -7.72 -5.72 -4.29
N VAL E 169 -7.67 -4.79 -3.34
CA VAL E 169 -8.31 -5.02 -2.03
C VAL E 169 -9.81 -5.21 -2.19
N ARG E 170 -10.36 -4.66 -3.28
CA ARG E 170 -11.78 -4.79 -3.57
C ARG E 170 -12.18 -6.24 -3.79
N VAL E 171 -11.22 -7.08 -4.15
CA VAL E 171 -11.47 -8.50 -4.35
C VAL E 171 -11.93 -9.14 -3.04
N LEU E 172 -11.61 -8.49 -1.92
CA LEU E 172 -12.11 -8.93 -0.63
C LEU E 172 -13.58 -8.53 -0.50
N ARG E 173 -13.87 -7.28 -0.82
CA ARG E 173 -15.23 -6.76 -0.76
C ARG E 173 -16.18 -7.67 -1.52
N GLY E 174 -15.77 -8.04 -2.73
CA GLY E 174 -16.54 -8.92 -3.58
C GLY E 174 -17.02 -10.17 -2.87
N PHE E 175 -16.17 -10.74 -2.02
CA PHE E 175 -16.59 -11.89 -1.23
C PHE E 175 -17.58 -11.43 -0.17
N ARG E 176 -17.17 -10.46 0.64
CA ARG E 176 -17.94 -10.02 1.80
C ARG E 176 -19.37 -9.67 1.41
N ILE E 177 -19.50 -8.69 0.54
CA ILE E 177 -20.79 -8.26 0.03
C ILE E 177 -21.60 -9.44 -0.48
N ALA E 178 -20.95 -10.34 -1.23
CA ALA E 178 -21.64 -11.48 -1.82
C ALA E 178 -22.31 -12.33 -0.75
N ILE E 179 -21.63 -12.47 0.38
CA ILE E 179 -22.19 -13.19 1.52
C ILE E 179 -23.15 -12.30 2.30
N GLU E 180 -22.83 -11.02 2.36
CA GLU E 180 -23.61 -10.08 3.18
C GLU E 180 -24.96 -9.75 2.54
N LYS E 181 -24.95 -9.47 1.25
CA LYS E 181 -26.17 -9.14 0.53
C LYS E 181 -26.80 -10.37 -0.12
N ASN E 182 -26.18 -11.52 0.11
CA ASN E 182 -26.60 -12.78 -0.50
C ASN E 182 -26.63 -12.65 -2.02
N LEU E 183 -25.47 -12.38 -2.60
CA LEU E 183 -25.35 -12.22 -4.06
C LEU E 183 -24.30 -13.17 -4.61
N GLN E 184 -24.42 -13.50 -5.89
CA GLN E 184 -23.47 -14.38 -6.53
C GLN E 184 -22.40 -13.61 -7.29
N LEU E 185 -21.14 -13.89 -6.97
CA LEU E 185 -20.04 -13.31 -7.72
C LEU E 185 -20.04 -13.97 -9.09
N THR E 186 -19.84 -13.18 -10.14
CA THR E 186 -19.94 -13.70 -11.49
C THR E 186 -18.76 -14.59 -11.86
N GLU E 187 -18.79 -15.12 -13.08
CA GLU E 187 -17.80 -16.11 -13.51
C GLU E 187 -16.42 -15.48 -13.72
N ASP E 188 -16.40 -14.34 -14.40
CA ASP E 188 -15.14 -13.65 -14.70
C ASP E 188 -14.39 -13.27 -13.42
N PHE E 189 -15.14 -12.89 -12.40
CA PHE E 189 -14.55 -12.57 -11.10
C PHE E 189 -13.85 -13.78 -10.51
N TYR E 190 -14.60 -14.87 -10.36
CA TYR E 190 -14.06 -16.12 -9.83
C TYR E 190 -12.83 -16.57 -10.60
N GLU E 191 -12.93 -16.53 -11.92
CA GLU E 191 -11.80 -16.87 -12.79
C GLU E 191 -10.59 -16.01 -12.46
N PHE E 192 -10.81 -14.71 -12.33
CA PHE E 192 -9.75 -13.75 -11.99
C PHE E 192 -9.08 -14.09 -10.66
N VAL E 193 -9.88 -14.47 -9.68
CA VAL E 193 -9.35 -14.85 -8.38
C VAL E 193 -8.53 -16.14 -8.49
N LYS E 194 -9.02 -17.09 -9.28
CA LYS E 194 -8.35 -18.36 -9.50
C LYS E 194 -6.98 -18.19 -10.16
N GLU E 195 -6.91 -17.30 -11.15
CA GLU E 195 -5.68 -17.09 -11.91
C GLU E 195 -4.53 -16.57 -11.06
N ASP E 196 -4.76 -15.46 -10.37
CA ASP E 196 -3.72 -14.84 -9.54
C ASP E 196 -4.27 -14.34 -8.20
N PRO E 197 -4.36 -15.25 -7.21
CA PRO E 197 -4.92 -14.96 -5.88
C PRO E 197 -4.06 -13.98 -5.07
N ARG E 198 -2.78 -13.92 -5.38
CA ARG E 198 -1.83 -13.11 -4.59
C ARG E 198 -1.95 -11.61 -4.91
N ILE E 199 -2.73 -11.29 -5.93
CA ILE E 199 -2.89 -9.92 -6.41
C ILE E 199 -3.27 -8.94 -5.29
N VAL E 200 -3.96 -9.46 -4.28
CA VAL E 200 -4.44 -8.67 -3.16
C VAL E 200 -3.29 -7.97 -2.42
N LEU E 201 -2.08 -8.51 -2.56
CA LEU E 201 -0.93 -7.93 -1.90
C LEU E 201 -0.51 -6.58 -2.48
N LYS E 202 -1.06 -6.22 -3.64
CA LYS E 202 -0.73 -4.94 -4.25
C LYS E 202 -1.19 -3.75 -3.42
N SER E 203 -2.44 -3.80 -2.94
CA SER E 203 -3.03 -2.70 -2.19
C SER E 203 -2.37 -2.54 -0.82
N ALA E 204 -2.54 -1.35 -0.24
CA ALA E 204 -1.95 -1.04 1.06
C ALA E 204 -2.44 -1.99 2.14
N VAL E 205 -1.56 -2.30 3.08
CA VAL E 205 -1.84 -3.29 4.13
C VAL E 205 -2.92 -2.81 5.10
N GLU E 206 -2.98 -1.50 5.34
CA GLU E 206 -3.96 -0.92 6.26
C GLU E 206 -5.38 -1.15 5.73
N ARG E 207 -5.55 -1.00 4.42
CA ARG E 207 -6.84 -1.23 3.79
C ARG E 207 -7.21 -2.71 3.88
N ILE E 208 -6.21 -3.57 3.77
CA ILE E 208 -6.40 -5.01 3.90
C ILE E 208 -6.92 -5.34 5.30
N THR E 209 -6.28 -4.76 6.31
CA THR E 209 -6.68 -4.96 7.70
C THR E 209 -8.09 -4.45 7.93
N HIS E 210 -8.38 -3.26 7.42
CA HIS E 210 -9.69 -2.64 7.56
C HIS E 210 -10.78 -3.52 6.96
N GLU E 211 -10.52 -4.02 5.75
CA GLU E 211 -11.49 -4.85 5.05
C GLU E 211 -11.67 -6.20 5.72
N LEU E 212 -10.57 -6.78 6.21
CA LEU E 212 -10.63 -8.06 6.90
C LEU E 212 -11.43 -7.95 8.20
N PHE E 213 -11.25 -6.85 8.92
CA PHE E 213 -12.04 -6.59 10.11
C PHE E 213 -13.50 -6.37 9.75
N LYS E 214 -13.75 -5.70 8.63
CA LYS E 214 -15.10 -5.52 8.12
C LYS E 214 -15.74 -6.88 7.84
N ILE E 215 -14.94 -7.84 7.38
CA ILE E 215 -15.40 -9.19 7.16
C ILE E 215 -15.71 -9.88 8.49
N MET E 216 -14.82 -9.70 9.47
CA MET E 216 -14.99 -10.30 10.78
C MET E 216 -16.15 -9.68 11.55
N LYS E 217 -16.64 -8.55 11.07
CA LYS E 217 -17.71 -7.82 11.76
C LYS E 217 -19.07 -8.51 11.60
N GLU E 218 -19.36 -9.00 10.39
CA GLU E 218 -20.64 -9.63 10.11
C GLU E 218 -20.75 -10.99 10.76
N LYS E 219 -21.98 -11.47 10.93
CA LYS E 219 -22.24 -12.74 11.60
C LYS E 219 -22.05 -13.93 10.65
N THR E 220 -21.92 -13.64 9.36
CA THR E 220 -21.70 -14.66 8.34
C THR E 220 -20.22 -14.83 8.04
N ALA E 221 -19.38 -14.16 8.85
CA ALA E 221 -17.94 -14.04 8.62
C ALA E 221 -17.22 -15.36 8.28
N HIS E 222 -17.60 -16.44 8.94
CA HIS E 222 -16.90 -17.72 8.78
C HIS E 222 -16.96 -18.22 7.34
N LYS E 223 -18.08 -17.94 6.66
CA LYS E 223 -18.25 -18.32 5.27
C LYS E 223 -17.28 -17.57 4.38
N VAL E 224 -17.15 -16.27 4.63
CA VAL E 224 -16.25 -15.41 3.87
C VAL E 224 -14.80 -15.84 4.09
N ILE E 225 -14.48 -16.18 5.34
CA ILE E 225 -13.15 -16.64 5.69
C ILE E 225 -12.84 -17.95 4.98
N ARG E 226 -13.81 -18.86 4.96
CA ARG E 226 -13.67 -20.13 4.26
C ARG E 226 -13.44 -19.90 2.77
N GLU E 227 -14.17 -18.95 2.20
CA GLU E 227 -14.02 -18.60 0.79
C GLU E 227 -12.63 -18.05 0.50
N LEU E 228 -12.13 -17.21 1.40
CA LEU E 228 -10.80 -16.62 1.23
C LEU E 228 -9.70 -17.68 1.37
N TYR E 229 -9.96 -18.68 2.20
CA TYR E 229 -9.00 -19.76 2.41
C TYR E 229 -8.95 -20.71 1.22
N GLU E 230 -10.13 -21.05 0.69
CA GLU E 230 -10.21 -21.99 -0.43
C GLU E 230 -9.60 -21.42 -1.71
N TYR E 231 -9.64 -20.11 -1.87
CA TYR E 231 -9.09 -19.47 -3.05
C TYR E 231 -7.66 -18.99 -2.84
N GLY E 232 -7.12 -19.25 -1.66
CA GLY E 232 -5.72 -18.95 -1.37
C GLY E 232 -5.43 -17.50 -1.07
N VAL E 233 -6.46 -16.67 -1.01
CA VAL E 233 -6.29 -15.25 -0.69
C VAL E 233 -5.81 -15.06 0.74
N LEU E 234 -6.42 -15.80 1.66
CA LEU E 234 -6.07 -15.73 3.07
C LEU E 234 -4.62 -16.14 3.32
N GLU E 235 -4.15 -17.15 2.59
CA GLU E 235 -2.77 -17.59 2.68
C GLU E 235 -1.83 -16.53 2.14
N ALA E 236 -2.25 -15.84 1.08
CA ALA E 236 -1.47 -14.77 0.49
C ALA E 236 -1.31 -13.63 1.49
N ILE E 237 -2.40 -13.29 2.16
CA ILE E 237 -2.36 -12.26 3.20
C ILE E 237 -1.68 -12.76 4.45
N ILE E 238 -2.06 -13.96 4.90
CA ILE E 238 -1.49 -14.55 6.10
C ILE E 238 -0.97 -15.97 5.85
N PRO E 239 0.33 -16.08 5.50
CA PRO E 239 0.99 -17.36 5.21
C PRO E 239 0.91 -18.37 6.35
N GLU E 240 0.86 -17.88 7.58
CA GLU E 240 0.80 -18.74 8.76
C GLU E 240 -0.45 -19.62 8.74
N ILE E 241 -1.53 -19.08 8.20
CA ILE E 241 -2.77 -19.84 8.02
C ILE E 241 -2.54 -20.95 7.01
N GLY E 242 -1.77 -20.64 5.96
CA GLY E 242 -1.41 -21.61 4.95
C GLY E 242 -0.53 -22.72 5.51
N ARG E 243 0.23 -22.40 6.55
CA ARG E 243 1.11 -23.39 7.17
C ARG E 243 0.33 -24.41 8.00
N LEU E 244 -0.94 -24.13 8.28
CA LEU E 244 -1.77 -25.01 9.08
C LEU E 244 -2.09 -26.31 8.33
N ARG E 245 -1.86 -26.31 7.02
CA ARG E 245 -2.22 -27.45 6.18
C ARG E 245 -1.26 -28.64 6.32
N GLU E 246 0.02 -28.34 6.52
CA GLU E 246 1.05 -29.38 6.55
C GLU E 246 0.91 -30.35 7.73
N VAL E 247 0.29 -29.89 8.81
CA VAL E 247 0.09 -30.74 9.97
C VAL E 247 -1.28 -31.42 9.91
N LYS E 248 -1.27 -32.75 9.96
CA LYS E 248 -2.50 -33.53 9.89
C LYS E 248 -2.86 -34.09 11.26
N ASP E 249 -4.14 -34.11 11.57
CA ASP E 249 -4.61 -34.61 12.87
C ASP E 249 -4.78 -36.12 12.85
N PRO E 257 -7.40 -32.93 10.14
CA PRO E 257 -7.21 -31.63 9.47
C PRO E 257 -7.31 -30.45 10.44
N LEU E 258 -6.27 -29.65 10.50
CA LEU E 258 -6.23 -28.50 11.40
C LEU E 258 -7.00 -27.30 10.85
N ASP E 259 -6.88 -27.08 9.55
CA ASP E 259 -7.54 -25.95 8.89
C ASP E 259 -9.08 -26.03 9.00
N GLU E 260 -9.62 -27.21 8.72
CA GLU E 260 -11.06 -27.42 8.81
C GLU E 260 -11.52 -27.28 10.26
N HIS E 261 -10.67 -27.72 11.18
CA HIS E 261 -10.94 -27.60 12.60
C HIS E 261 -11.02 -26.14 13.02
N THR E 262 -10.15 -25.32 12.43
CA THR E 262 -10.13 -23.89 12.73
C THR E 262 -11.33 -23.16 12.13
N LEU E 263 -11.65 -23.49 10.88
CA LEU E 263 -12.80 -22.89 10.22
C LEU E 263 -14.10 -23.24 10.95
N LYS E 264 -14.21 -24.50 11.38
CA LYS E 264 -15.36 -24.94 12.15
C LYS E 264 -15.35 -24.31 13.54
N THR E 265 -14.15 -24.03 14.05
CA THR E 265 -14.01 -23.35 15.34
C THR E 265 -14.61 -21.94 15.26
N LEU E 266 -14.31 -21.24 14.18
CA LEU E 266 -14.87 -19.91 13.95
C LEU E 266 -16.38 -19.98 13.73
N GLU E 267 -16.79 -20.87 12.83
CA GLU E 267 -18.20 -21.06 12.50
C GLU E 267 -19.04 -21.34 13.75
N TYR E 268 -18.51 -22.17 14.64
CA TYR E 268 -19.19 -22.46 15.90
C TYR E 268 -19.10 -21.27 16.85
N LEU E 269 -17.99 -20.54 16.77
CA LEU E 269 -17.78 -19.38 17.63
C LEU E 269 -18.84 -18.33 17.39
N GLU E 270 -19.26 -18.17 16.14
CA GLU E 270 -20.31 -17.20 15.83
C GLU E 270 -21.62 -17.59 16.52
N GLN E 271 -21.95 -18.88 16.46
CA GLN E 271 -23.15 -19.40 17.11
C GLN E 271 -23.09 -19.22 18.63
N VAL E 272 -21.90 -19.43 19.20
CA VAL E 272 -21.70 -19.24 20.63
C VAL E 272 -21.85 -17.76 21.00
N ILE E 273 -21.35 -16.89 20.14
CA ILE E 273 -21.46 -15.44 20.34
C ILE E 273 -22.91 -14.99 20.33
N GLU E 274 -23.70 -15.56 19.42
CA GLU E 274 -25.13 -15.27 19.39
C GLU E 274 -25.83 -15.74 20.68
N ASP E 275 -25.31 -16.82 21.25
CA ASP E 275 -25.87 -17.42 22.46
C ASP E 275 -25.20 -16.92 23.73
N ARG E 276 -24.32 -15.93 23.61
CA ARG E 276 -23.46 -15.50 24.71
C ARG E 276 -24.19 -15.19 26.02
N ALA E 277 -25.47 -14.82 25.93
CA ALA E 277 -26.27 -14.53 27.11
C ALA E 277 -26.50 -15.77 27.95
N LYS E 278 -26.47 -16.93 27.29
CA LYS E 278 -26.70 -18.21 27.94
C LYS E 278 -25.55 -18.63 28.85
N TYR E 279 -24.34 -18.65 28.31
CA TYR E 279 -23.17 -19.13 29.04
C TYR E 279 -22.58 -18.08 29.98
N LEU E 280 -22.47 -16.85 29.50
CA LEU E 280 -21.79 -15.79 30.24
C LEU E 280 -22.69 -15.11 31.27
N SER E 281 -22.07 -14.69 32.38
CA SER E 281 -22.76 -13.92 33.41
C SER E 281 -22.99 -12.49 32.96
N ALA E 282 -23.96 -11.81 33.58
CA ALA E 282 -24.35 -10.47 33.17
C ALA E 282 -23.24 -9.44 33.35
N GLU E 283 -22.46 -9.58 34.41
CA GLU E 283 -21.37 -8.66 34.68
C GLU E 283 -20.28 -8.79 33.61
N LEU E 284 -20.15 -9.98 33.04
CA LEU E 284 -19.22 -10.21 31.95
C LEU E 284 -19.80 -9.72 30.63
N LEU E 285 -21.13 -9.78 30.52
CA LEU E 285 -21.83 -9.38 29.31
C LEU E 285 -21.97 -7.87 29.16
N GLU E 286 -21.89 -7.15 30.28
CA GLU E 286 -22.10 -5.71 30.27
C GLU E 286 -21.05 -4.98 29.44
N ASN E 287 -19.78 -5.24 29.70
CA ASN E 287 -18.69 -4.57 29.00
C ASN E 287 -18.20 -5.36 27.80
N PHE E 288 -18.81 -6.51 27.54
CA PHE E 288 -18.44 -7.33 26.39
C PHE E 288 -18.88 -6.69 25.09
N GLY E 289 -17.93 -6.53 24.16
CA GLY E 289 -18.23 -5.98 22.86
C GLY E 289 -18.25 -4.46 22.85
N LYS E 290 -18.04 -3.85 24.02
CA LYS E 290 -18.04 -2.40 24.14
C LYS E 290 -16.64 -1.81 24.07
N LYS E 291 -15.64 -2.67 23.89
CA LYS E 291 -14.26 -2.21 23.76
C LYS E 291 -13.96 -1.85 22.30
N ARG E 292 -13.62 -0.59 22.06
CA ARG E 292 -13.43 -0.10 20.70
C ARG E 292 -12.02 -0.41 20.18
N VAL E 293 -11.95 -0.91 18.95
CA VAL E 293 -10.68 -1.24 18.32
C VAL E 293 -10.61 -0.67 16.92
N LEU E 294 -9.71 0.29 16.72
CA LEU E 294 -9.52 0.94 15.43
C LEU E 294 -10.66 1.88 15.15
N GLY E 295 -11.48 2.05 16.16
CA GLY E 295 -12.51 3.08 16.19
C GLY E 295 -13.87 2.75 15.60
N GLU E 296 -13.91 1.89 14.58
CA GLU E 296 -15.18 1.36 14.10
C GLU E 296 -15.43 -0.09 14.50
N PHE E 297 -14.47 -0.72 15.15
CA PHE E 297 -14.57 -2.15 15.44
C PHE E 297 -14.53 -2.45 16.93
N THR E 298 -15.00 -3.63 17.31
CA THR E 298 -15.05 -4.02 18.70
C THR E 298 -14.10 -5.20 18.98
N ASP E 299 -14.10 -5.67 20.21
CA ASP E 299 -13.25 -6.78 20.61
C ASP E 299 -13.81 -8.13 20.13
N VAL E 300 -15.01 -8.11 19.59
CA VAL E 300 -15.63 -9.31 19.05
C VAL E 300 -14.85 -9.80 17.82
N GLU E 301 -14.47 -8.85 16.97
CA GLU E 301 -13.65 -9.17 15.81
C GLU E 301 -12.31 -9.75 16.27
N LEU E 302 -11.80 -9.22 17.37
CA LEU E 302 -10.58 -9.73 17.97
C LEU E 302 -10.78 -11.15 18.49
N LEU E 303 -11.99 -11.44 18.93
CA LEU E 303 -12.33 -12.78 19.41
C LEU E 303 -12.35 -13.76 18.24
N LYS E 304 -12.92 -13.34 17.12
CA LYS E 304 -12.97 -14.19 15.93
C LYS E 304 -11.56 -14.41 15.36
N TRP E 305 -10.75 -13.36 15.36
CA TRP E 305 -9.35 -13.49 14.99
C TRP E 305 -8.64 -14.43 15.96
N GLY E 306 -9.09 -14.41 17.20
CA GLY E 306 -8.60 -15.33 18.21
C GLY E 306 -9.00 -16.76 17.91
N ALA E 307 -10.12 -16.92 17.22
CA ALA E 307 -10.58 -18.24 16.81
C ALA E 307 -9.76 -18.76 15.63
N LEU E 308 -9.52 -17.90 14.65
CA LEU E 308 -8.72 -18.26 13.50
C LEU E 308 -7.28 -18.56 13.90
N PHE E 309 -6.79 -17.81 14.88
CA PHE E 309 -5.42 -17.96 15.35
C PHE E 309 -5.29 -18.85 16.58
N HIS E 310 -6.40 -19.46 17.00
CA HIS E 310 -6.44 -20.21 18.26
C HIS E 310 -5.28 -21.21 18.36
N ASP E 311 -5.07 -22.03 17.33
CA ASP E 311 -3.79 -22.68 17.17
C ASP E 311 -3.15 -22.26 15.85
N ILE E 312 -2.17 -21.36 15.91
CA ILE E 312 -1.33 -21.09 14.76
C ILE E 312 0.04 -21.75 14.95
N GLY E 313 0.24 -22.35 16.12
CA GLY E 313 1.55 -22.85 16.49
C GLY E 313 1.72 -24.35 16.39
N LYS E 314 0.62 -25.05 16.15
CA LYS E 314 0.67 -26.51 15.97
C LYS E 314 1.54 -26.96 14.79
N PRO E 315 1.50 -26.22 13.65
CA PRO E 315 2.46 -26.62 12.61
C PRO E 315 3.92 -26.34 12.97
N GLN E 316 4.14 -25.37 13.86
CA GLN E 316 5.50 -25.00 14.25
C GLN E 316 6.15 -26.08 15.12
N THR E 317 5.38 -26.64 16.05
CA THR E 317 5.89 -27.66 16.95
C THR E 317 5.51 -29.06 16.47
N PHE E 318 6.41 -30.01 16.65
CA PHE E 318 6.16 -31.39 16.24
C PHE E 318 6.95 -32.37 17.10
N VAL E 325 4.71 -35.80 17.78
CA VAL E 325 3.66 -36.56 18.44
C VAL E 325 2.69 -35.64 19.16
N THR E 326 3.22 -34.77 20.02
CA THR E 326 2.40 -33.84 20.78
C THR E 326 2.87 -32.40 20.60
N PHE E 327 1.97 -31.44 20.80
CA PHE E 327 2.37 -30.03 20.84
C PHE E 327 2.06 -29.41 22.20
N TYR E 328 3.06 -28.78 22.84
CA TYR E 328 2.86 -28.23 24.18
C TYR E 328 3.02 -26.71 24.36
N GLU E 329 4.17 -26.17 23.96
CA GLU E 329 4.50 -24.76 24.24
C GLU E 329 4.03 -23.80 23.15
N HIS E 330 3.47 -24.37 22.09
CA HIS E 330 3.04 -23.64 20.91
C HIS E 330 2.04 -22.53 21.18
N ASP E 331 1.16 -22.72 22.15
CA ASP E 331 0.13 -21.72 22.40
C ASP E 331 0.86 -20.42 22.72
N LYS E 332 1.95 -20.52 23.47
CA LYS E 332 2.80 -19.37 23.70
C LYS E 332 3.42 -18.90 22.38
N VAL E 333 3.86 -19.84 21.56
CA VAL E 333 4.42 -19.51 20.24
C VAL E 333 3.35 -18.89 19.35
N GLY E 334 2.16 -19.46 19.41
CA GLY E 334 0.96 -18.89 18.81
C GLY E 334 0.82 -17.42 19.13
N ALA E 335 1.04 -17.07 20.40
CA ALA E 335 0.96 -15.68 20.83
C ALA E 335 1.98 -14.81 20.11
N GLN E 336 3.21 -15.30 20.02
CA GLN E 336 4.28 -14.56 19.35
C GLN E 336 3.98 -14.36 17.86
N ILE E 337 3.53 -15.43 17.21
CA ILE E 337 3.14 -15.35 15.79
C ILE E 337 2.02 -14.34 15.59
N VAL E 338 1.02 -14.39 16.46
CA VAL E 338 -0.09 -13.44 16.41
C VAL E 338 0.42 -12.01 16.54
N ARG E 339 1.37 -11.79 17.45
CA ARG E 339 1.98 -10.48 17.62
C ARG E 339 2.68 -10.02 16.34
N GLU E 340 3.42 -10.94 15.72
CA GLU E 340 4.14 -10.64 14.48
C GLU E 340 3.18 -10.26 13.35
N ILE E 341 2.09 -11.02 13.23
CA ILE E 341 1.09 -10.76 12.21
C ILE E 341 0.42 -9.41 12.45
N GLY E 342 0.08 -9.14 13.71
CA GLY E 342 -0.54 -7.88 14.09
C GLY E 342 0.37 -6.69 13.79
N GLU E 343 1.67 -6.88 13.95
CA GLU E 343 2.63 -5.84 13.61
C GLU E 343 2.71 -5.66 12.09
N ARG E 344 2.80 -6.76 11.37
CA ARG E 344 2.90 -6.75 9.91
C ARG E 344 1.63 -6.20 9.27
N LEU E 345 0.48 -6.54 9.84
CA LEU E 345 -0.80 -6.11 9.29
C LEU E 345 -1.23 -4.76 9.85
N ARG E 346 -0.35 -4.15 10.64
CA ARG E 346 -0.56 -2.82 11.20
C ARG E 346 -1.76 -2.77 12.13
N TRP E 347 -2.02 -3.87 12.82
CA TRP E 347 -3.08 -3.92 13.82
C TRP E 347 -2.72 -3.02 15.00
N GLY E 348 -3.73 -2.57 15.72
CA GLY E 348 -3.51 -1.77 16.93
C GLY E 348 -2.67 -2.55 17.92
N ASP E 349 -1.84 -1.83 18.67
CA ASP E 349 -0.93 -2.45 19.63
C ASP E 349 -1.71 -3.23 20.69
N GLU E 350 -2.69 -2.57 21.30
CA GLU E 350 -3.54 -3.21 22.31
C GLU E 350 -4.38 -4.31 21.69
N ALA E 351 -4.68 -4.17 20.40
CA ALA E 351 -5.47 -5.17 19.69
C ALA E 351 -4.67 -6.46 19.48
N THR E 352 -3.48 -6.33 18.89
CA THR E 352 -2.65 -7.50 18.63
C THR E 352 -2.16 -8.12 19.94
N GLU E 353 -1.99 -7.28 20.97
CA GLU E 353 -1.64 -7.79 22.29
C GLU E 353 -2.81 -8.57 22.88
N PHE E 354 -4.02 -8.06 22.64
CA PHE E 354 -5.24 -8.71 23.11
C PHE E 354 -5.40 -10.09 22.47
N VAL E 355 -5.26 -10.16 21.16
CA VAL E 355 -5.39 -11.42 20.43
C VAL E 355 -4.27 -12.38 20.82
N ALA E 356 -3.05 -11.84 21.01
CA ALA E 356 -1.92 -12.66 21.41
C ALA E 356 -2.17 -13.30 22.78
N LYS E 357 -2.61 -12.49 23.73
CA LYS E 357 -2.92 -12.97 25.07
C LYS E 357 -4.09 -13.96 25.04
N LEU E 358 -5.00 -13.75 24.11
CA LEU E 358 -6.15 -14.64 23.96
C LEU E 358 -5.75 -16.01 23.45
N VAL E 359 -4.83 -16.04 22.49
CA VAL E 359 -4.32 -17.29 21.92
C VAL E 359 -3.44 -18.00 22.95
N ARG E 360 -2.68 -17.22 23.70
CA ARG E 360 -1.76 -17.73 24.72
C ARG E 360 -2.49 -18.59 25.76
N HIS E 361 -3.62 -18.09 26.25
CA HIS E 361 -4.37 -18.76 27.31
C HIS E 361 -5.49 -19.65 26.80
N HIS E 362 -5.56 -19.81 25.47
CA HIS E 362 -6.68 -20.51 24.84
C HIS E 362 -6.96 -21.92 25.40
N LEU E 363 -5.92 -22.57 25.90
CA LEU E 363 -6.05 -23.93 26.42
C LEU E 363 -6.27 -23.99 27.93
N ARG E 364 -6.28 -22.83 28.58
CA ARG E 364 -6.47 -22.75 30.03
C ARG E 364 -7.83 -23.26 30.52
N PRO E 365 -8.95 -22.84 29.87
CA PRO E 365 -10.23 -23.36 30.36
C PRO E 365 -10.37 -24.87 30.21
N PHE E 366 -9.61 -25.46 29.30
CA PHE E 366 -9.60 -26.91 29.13
C PHE E 366 -8.91 -27.57 30.31
N PHE E 367 -7.82 -26.96 30.77
CA PHE E 367 -7.10 -27.44 31.94
C PHE E 367 -7.96 -27.32 33.19
N LEU E 368 -8.58 -26.16 33.36
CA LEU E 368 -9.48 -25.93 34.50
C LEU E 368 -10.67 -26.88 34.44
N ARG E 369 -11.10 -27.23 33.24
CA ARG E 369 -12.18 -28.18 33.03
C ARG E 369 -11.75 -29.59 33.45
N GLU E 370 -10.53 -29.95 33.08
CA GLU E 370 -9.98 -31.25 33.44
C GLU E 370 -9.80 -31.37 34.94
N ALA E 371 -9.48 -30.25 35.58
CA ALA E 371 -9.37 -30.19 37.03
C ALA E 371 -10.76 -30.24 37.67
N PHE E 372 -11.75 -29.74 36.94
CA PHE E 372 -13.13 -29.71 37.41
C PHE E 372 -13.76 -31.11 37.39
N LYS E 373 -13.44 -31.88 36.36
CA LYS E 373 -14.00 -33.22 36.21
C LYS E 373 -13.52 -34.18 37.27
N LYS E 374 -12.31 -33.93 37.80
CA LYS E 374 -11.74 -34.78 38.83
C LYS E 374 -12.06 -34.25 40.22
N GLY E 375 -12.74 -33.10 40.27
CA GLY E 375 -13.11 -32.49 41.53
C GLY E 375 -11.94 -31.89 42.28
N GLU E 376 -10.82 -31.71 41.58
CA GLU E 376 -9.62 -31.15 42.19
C GLU E 376 -9.56 -29.64 41.97
N LEU E 377 -10.58 -29.09 41.33
CA LEU E 377 -10.64 -27.66 41.07
C LEU E 377 -11.09 -26.92 42.33
N LYS E 378 -10.23 -26.03 42.82
CA LYS E 378 -10.49 -25.31 44.06
C LYS E 378 -10.20 -23.83 43.91
N ARG E 379 -10.29 -23.10 45.02
CA ARG E 379 -10.10 -21.66 45.03
C ARG E 379 -8.74 -21.21 44.51
N ARG E 380 -7.72 -22.04 44.70
CA ARG E 380 -6.37 -21.69 44.26
C ARG E 380 -6.31 -21.48 42.75
N GLY E 381 -6.72 -22.50 41.99
CA GLY E 381 -6.69 -22.44 40.55
C GLY E 381 -7.61 -21.36 39.98
N MET E 382 -8.76 -21.18 40.62
CA MET E 382 -9.72 -20.17 40.19
C MET E 382 -9.17 -18.76 40.37
N ALA E 383 -8.68 -18.48 41.58
CA ALA E 383 -8.10 -17.19 41.91
C ALA E 383 -6.89 -16.91 41.02
N ASN E 384 -6.06 -17.92 40.80
CA ASN E 384 -4.92 -17.79 39.90
C ASN E 384 -5.37 -17.45 38.48
N PHE E 385 -6.44 -18.09 38.03
CA PHE E 385 -6.99 -17.86 36.71
C PHE E 385 -7.48 -16.41 36.56
N TRP E 386 -8.29 -15.96 37.51
CA TRP E 386 -8.86 -14.61 37.45
C TRP E 386 -7.81 -13.53 37.66
N ARG E 387 -6.75 -13.85 38.40
CA ARG E 387 -5.66 -12.90 38.62
C ARG E 387 -4.78 -12.77 37.38
N GLU E 388 -4.41 -13.91 36.79
CA GLU E 388 -3.59 -13.89 35.59
C GLU E 388 -4.28 -13.18 34.45
N CYS E 389 -5.44 -13.67 34.04
CA CYS E 389 -6.26 -12.96 33.07
C CYS E 389 -7.71 -12.83 33.52
N GLY E 390 -8.11 -11.61 33.84
CA GLY E 390 -9.51 -11.31 34.10
C GLY E 390 -10.16 -10.55 32.97
N ASP E 391 -9.32 -10.00 32.08
CA ASP E 391 -9.79 -9.16 30.99
C ASP E 391 -10.32 -9.97 29.81
N ILE E 392 -9.60 -11.02 29.45
CA ILE E 392 -9.96 -11.84 28.31
C ILE E 392 -10.84 -13.00 28.70
N ALA E 393 -11.21 -13.05 29.98
CA ALA E 393 -11.98 -14.15 30.55
C ALA E 393 -13.24 -14.53 29.75
N PRO E 394 -14.14 -13.56 29.46
CA PRO E 394 -15.34 -13.99 28.72
C PRO E 394 -15.01 -14.47 27.30
N HIS E 395 -14.11 -13.73 26.64
CA HIS E 395 -13.68 -14.07 25.29
C HIS E 395 -13.03 -15.45 25.28
N LEU E 396 -12.24 -15.70 26.33
CA LEU E 396 -11.57 -16.98 26.50
C LEU E 396 -12.59 -18.10 26.72
N PHE E 397 -13.67 -17.77 27.41
CA PHE E 397 -14.75 -18.72 27.67
C PHE E 397 -15.45 -19.12 26.37
N LEU E 398 -15.90 -18.13 25.62
CA LEU E 398 -16.59 -18.38 24.36
C LEU E 398 -15.68 -19.13 23.38
N LEU E 399 -14.42 -18.70 23.31
CA LEU E 399 -13.44 -19.35 22.45
C LEU E 399 -13.20 -20.80 22.86
N SER E 400 -13.20 -21.05 24.17
CA SER E 400 -13.01 -22.39 24.69
C SER E 400 -14.18 -23.29 24.34
N ILE E 401 -15.39 -22.76 24.48
CA ILE E 401 -16.60 -23.50 24.13
C ILE E 401 -16.61 -23.84 22.64
N ALA E 402 -16.29 -22.86 21.81
CA ALA E 402 -16.25 -23.04 20.37
C ALA E 402 -15.21 -24.10 19.97
N ASP E 403 -14.02 -23.99 20.56
CA ASP E 403 -12.95 -24.93 20.28
C ASP E 403 -13.31 -26.34 20.75
N ALA E 404 -14.05 -26.42 21.85
CA ALA E 404 -14.51 -27.71 22.37
C ALA E 404 -15.53 -28.34 21.43
N MET E 405 -16.43 -27.53 20.88
CA MET E 405 -17.43 -28.01 19.95
C MET E 405 -16.80 -28.46 18.62
N ALA E 406 -15.83 -27.69 18.15
CA ALA E 406 -15.18 -27.97 16.87
C ALA E 406 -14.27 -29.20 16.94
N SER E 407 -13.82 -29.54 18.15
CA SER E 407 -12.93 -30.67 18.33
C SER E 407 -13.70 -31.98 18.41
N GLY E 408 -15.02 -31.88 18.33
CA GLY E 408 -15.88 -33.05 18.41
C GLY E 408 -15.87 -33.69 19.78
N ASP E 409 -15.76 -32.85 20.80
CA ASP E 409 -15.77 -33.32 22.18
C ASP E 409 -17.15 -33.86 22.55
N GLU E 410 -17.19 -34.76 23.52
CA GLU E 410 -18.45 -35.32 24.01
C GLU E 410 -19.31 -34.23 24.63
N GLU E 411 -20.63 -34.38 24.53
CA GLU E 411 -21.56 -33.38 25.03
C GLU E 411 -21.40 -33.16 26.53
N GLU E 412 -21.09 -34.24 27.25
CA GLU E 412 -20.89 -34.18 28.69
C GLU E 412 -19.63 -33.39 29.04
N ASP E 413 -18.61 -33.51 28.20
CA ASP E 413 -17.36 -32.78 28.39
C ASP E 413 -17.57 -31.30 28.13
N ILE E 414 -18.36 -31.00 27.10
CA ILE E 414 -18.70 -29.62 26.77
C ILE E 414 -19.50 -28.98 27.90
N LYS E 415 -20.47 -29.73 28.43
CA LYS E 415 -21.26 -29.27 29.56
C LYS E 415 -20.38 -29.06 30.79
N ALA E 416 -19.39 -29.93 30.94
CA ALA E 416 -18.41 -29.81 32.02
C ALA E 416 -17.62 -28.51 31.87
N LEU E 417 -17.27 -28.18 30.63
CA LEU E 417 -16.55 -26.94 30.34
C LEU E 417 -17.40 -25.72 30.67
N MET E 418 -18.65 -25.74 30.22
CA MET E 418 -19.58 -24.64 30.46
C MET E 418 -19.83 -24.41 31.94
N GLU E 419 -20.01 -25.50 32.68
CA GLU E 419 -20.28 -25.40 34.11
C GLU E 419 -19.02 -25.03 34.88
N THR E 420 -17.86 -25.39 34.34
CA THR E 420 -16.58 -24.96 34.90
C THR E 420 -16.47 -23.45 34.78
N ILE E 421 -16.79 -22.96 33.58
CA ILE E 421 -16.83 -21.53 33.30
C ILE E 421 -17.77 -20.81 34.25
N ALA E 422 -18.96 -21.35 34.44
CA ALA E 422 -19.95 -20.76 35.34
C ALA E 422 -19.48 -20.78 36.79
N GLU E 423 -18.72 -21.81 37.16
CA GLU E 423 -18.15 -21.88 38.50
C GLU E 423 -17.09 -20.80 38.70
N LEU E 424 -16.31 -20.56 37.65
CA LEU E 424 -15.31 -19.48 37.67
C LEU E 424 -15.98 -18.13 37.83
N GLU E 425 -16.98 -17.88 36.99
CA GLU E 425 -17.73 -16.63 37.00
C GLU E 425 -18.40 -16.39 38.35
N SER E 426 -19.01 -17.45 38.89
CA SER E 426 -19.68 -17.36 40.19
C SER E 426 -18.67 -17.12 41.30
N PHE E 427 -17.50 -17.74 41.19
CA PHE E 427 -16.45 -17.57 42.18
C PHE E 427 -15.97 -16.11 42.17
N ASN E 428 -15.90 -15.53 40.98
CA ASN E 428 -15.45 -14.16 40.82
C ASN E 428 -16.50 -13.14 41.26
N ARG E 429 -17.76 -13.49 41.08
CA ARG E 429 -18.87 -12.57 41.36
C ARG E 429 -19.09 -12.34 42.86
N ASN E 430 -19.08 -13.42 43.63
CA ASN E 430 -19.40 -13.35 45.05
C ASN E 430 -18.22 -13.70 45.93
N GLU E 431 -17.70 -14.91 45.78
CA GLU E 431 -16.71 -15.45 46.71
C GLU E 431 -15.33 -14.80 46.58
N MET E 432 -15.18 -13.90 45.61
CA MET E 432 -13.95 -13.13 45.52
C MET E 432 -14.13 -11.72 46.07
N LYS E 433 -13.74 -11.52 47.33
CA LYS E 433 -13.85 -10.21 47.94
C LYS E 433 -12.49 -9.69 48.39
N LEU F 2 -27.92 -29.83 27.64
CA LEU F 2 -26.91 -28.92 27.09
C LEU F 2 -27.55 -27.62 26.62
N ASN F 3 -28.60 -27.74 25.81
CA ASN F 3 -29.31 -26.59 25.27
C ASN F 3 -30.14 -25.87 26.34
N PHE F 4 -30.50 -26.60 27.39
CA PHE F 4 -31.36 -26.05 28.45
C PHE F 4 -30.56 -25.35 29.54
N TYR F 5 -29.25 -25.23 29.32
CA TYR F 5 -28.35 -24.66 30.32
C TYR F 5 -28.44 -23.14 30.39
N LEU F 6 -28.26 -22.60 31.60
CA LEU F 6 -28.09 -21.17 31.80
C LEU F 6 -27.12 -20.97 32.95
N SER F 7 -26.28 -19.93 32.86
CA SER F 7 -25.24 -19.70 33.86
C SER F 7 -25.78 -19.59 35.28
N TYR F 8 -26.81 -18.76 35.45
CA TYR F 8 -27.37 -18.49 36.77
C TYR F 8 -28.02 -19.71 37.43
N PHE F 9 -28.29 -20.74 36.63
CA PHE F 9 -28.80 -22.00 37.15
C PHE F 9 -27.87 -22.56 38.23
N ASP F 10 -26.56 -22.37 38.03
CA ASP F 10 -25.57 -22.78 39.03
C ASP F 10 -25.86 -22.09 40.36
N ASP F 11 -26.07 -20.77 40.30
CA ASP F 11 -26.40 -19.99 41.49
C ASP F 11 -27.66 -20.52 42.14
N VAL F 12 -28.66 -20.85 41.33
CA VAL F 12 -29.91 -21.43 41.83
C VAL F 12 -29.62 -22.72 42.59
N ALA F 13 -28.78 -23.56 41.99
CA ALA F 13 -28.39 -24.83 42.59
C ALA F 13 -27.63 -24.65 43.90
N LYS F 14 -26.90 -23.54 44.02
CA LYS F 14 -26.15 -23.25 45.24
C LYS F 14 -27.08 -22.75 46.33
N VAL F 15 -28.14 -22.07 45.91
CA VAL F 15 -29.13 -21.57 46.85
C VAL F 15 -30.10 -22.66 47.28
N LEU F 16 -30.45 -23.54 46.34
CA LEU F 16 -31.41 -24.60 46.60
C LEU F 16 -30.94 -25.53 47.71
N PRO F 17 -31.81 -25.77 48.71
CA PRO F 17 -31.54 -26.71 49.80
C PRO F 17 -31.23 -28.09 49.26
N ARG F 18 -30.47 -28.86 50.04
CA ARG F 18 -30.00 -30.18 49.60
C ARG F 18 -31.14 -31.20 49.52
N GLU F 19 -32.14 -31.03 50.39
CA GLU F 19 -33.24 -31.98 50.46
C GLU F 19 -34.42 -31.57 49.58
N HIS F 20 -34.26 -30.45 48.88
CA HIS F 20 -35.32 -29.94 48.02
C HIS F 20 -34.92 -29.96 46.55
N TYR F 21 -35.90 -30.02 45.66
CA TYR F 21 -35.66 -30.16 44.23
C TYR F 21 -36.23 -28.97 43.46
N CYS F 22 -35.70 -28.73 42.26
CA CYS F 22 -36.12 -27.60 41.44
C CYS F 22 -36.34 -28.00 39.99
N PHE F 23 -37.35 -27.39 39.36
CA PHE F 23 -37.68 -27.68 37.97
C PHE F 23 -37.76 -26.40 37.14
N ILE F 24 -37.34 -26.48 35.89
CA ILE F 24 -37.44 -25.38 34.95
C ILE F 24 -38.68 -25.56 34.07
N VAL F 25 -39.59 -24.59 34.11
CA VAL F 25 -40.90 -24.73 33.49
C VAL F 25 -41.25 -23.54 32.59
N GLY F 26 -42.18 -23.77 31.66
CA GLY F 26 -42.80 -22.69 30.91
C GLY F 26 -41.97 -21.97 29.88
N GLY F 27 -41.98 -20.65 29.95
CA GLY F 27 -41.45 -19.77 28.92
C GLY F 27 -40.04 -20.03 28.44
N TRP F 28 -39.09 -20.16 29.36
CA TRP F 28 -37.70 -20.39 28.96
C TRP F 28 -37.56 -21.73 28.29
N VAL F 29 -38.18 -22.73 28.91
CA VAL F 29 -38.18 -24.07 28.37
C VAL F 29 -38.80 -24.05 26.98
N ARG F 30 -39.93 -23.36 26.83
CA ARG F 30 -40.62 -23.21 25.54
C ARG F 30 -39.82 -22.49 24.44
N ASP F 31 -39.26 -21.34 24.78
CA ASP F 31 -38.46 -20.58 23.82
C ASP F 31 -37.23 -21.35 23.37
N ARG F 32 -36.69 -22.12 24.31
CA ARG F 32 -35.59 -22.99 23.96
C ARG F 32 -36.23 -24.10 23.11
N ILE F 33 -37.48 -24.45 23.43
CA ILE F 33 -38.27 -25.38 22.68
C ILE F 33 -38.78 -24.76 21.37
N LEU F 34 -38.35 -23.55 21.05
CA LEU F 34 -38.63 -23.04 19.71
C LEU F 34 -37.37 -23.15 18.93
N GLY F 35 -36.28 -23.16 19.67
CA GLY F 35 -34.96 -23.12 19.09
C GLY F 35 -34.57 -21.71 18.76
N GLU F 36 -35.28 -20.77 19.35
CA GLU F 36 -35.04 -19.33 19.18
C GLU F 36 -33.81 -18.87 19.96
N PRO F 37 -32.95 -18.07 19.31
CA PRO F 37 -31.76 -17.51 19.98
C PRO F 37 -32.16 -16.65 21.16
N VAL F 38 -31.44 -16.80 22.28
CA VAL F 38 -31.74 -16.03 23.49
C VAL F 38 -31.53 -14.54 23.26
N GLY F 39 -32.55 -13.75 23.57
CA GLY F 39 -32.50 -12.31 23.35
C GLY F 39 -31.93 -11.55 24.52
N TYR F 40 -32.35 -10.28 24.65
CA TYR F 40 -31.87 -9.42 25.72
C TYR F 40 -32.76 -9.53 26.95
N ASN F 41 -33.90 -10.19 26.80
CA ASN F 41 -34.83 -10.39 27.91
C ASN F 41 -34.93 -11.87 28.28
N ILE F 42 -34.52 -12.20 29.49
CA ILE F 42 -34.54 -13.61 29.93
C ILE F 42 -35.52 -13.83 31.06
N ASP F 43 -36.58 -14.58 30.78
CA ASP F 43 -37.59 -14.90 31.78
C ASP F 43 -37.63 -16.40 32.03
N VAL F 44 -37.34 -16.81 33.26
CA VAL F 44 -37.33 -18.23 33.61
C VAL F 44 -38.28 -18.55 34.75
N ASP F 45 -39.10 -19.59 34.56
CA ASP F 45 -40.06 -20.00 35.58
C ASP F 45 -39.57 -21.27 36.29
N PHE F 46 -39.72 -21.31 37.61
CA PHE F 46 -39.24 -22.43 38.40
C PHE F 46 -40.33 -23.07 39.25
N LEU F 47 -40.26 -24.39 39.42
CA LEU F 47 -41.11 -25.10 40.38
C LEU F 47 -40.24 -25.80 41.42
N THR F 48 -40.31 -25.32 42.66
CA THR F 48 -39.46 -25.84 43.72
C THR F 48 -40.26 -26.36 44.90
N THR F 49 -39.68 -27.35 45.60
CA THR F 49 -40.31 -27.91 46.79
C THR F 49 -39.86 -27.17 48.04
N ALA F 50 -38.86 -26.31 47.90
CA ALA F 50 -38.37 -25.50 49.00
C ALA F 50 -39.21 -24.25 49.15
N ASP F 51 -38.85 -23.40 50.11
CA ASP F 51 -39.54 -22.12 50.28
C ASP F 51 -39.13 -21.19 49.15
N PRO F 52 -40.10 -20.84 48.28
CA PRO F 52 -39.80 -20.00 47.11
C PRO F 52 -39.30 -18.63 47.51
N VAL F 53 -39.81 -18.10 48.62
CA VAL F 53 -39.41 -16.78 49.09
C VAL F 53 -37.96 -16.77 49.54
N GLU F 54 -37.61 -17.73 50.39
CA GLU F 54 -36.24 -17.84 50.90
C GLU F 54 -35.28 -18.24 49.79
N LEU F 55 -35.71 -19.17 48.95
CA LEU F 55 -34.94 -19.61 47.79
C LEU F 55 -34.57 -18.41 46.93
N ALA F 56 -35.58 -17.64 46.57
CA ALA F 56 -35.35 -16.47 45.75
C ALA F 56 -34.47 -15.49 46.51
N LYS F 57 -34.67 -15.40 47.82
CA LYS F 57 -33.95 -14.42 48.63
C LYS F 57 -32.44 -14.67 48.58
N ASN F 58 -32.02 -15.89 48.84
CA ASN F 58 -30.60 -16.15 48.76
C ASN F 58 -30.13 -16.06 47.32
N PHE F 59 -30.98 -16.44 46.36
CA PHE F 59 -30.57 -16.36 44.95
C PHE F 59 -30.27 -14.98 44.38
N ALA F 60 -31.21 -14.05 44.47
CA ALA F 60 -30.92 -12.69 44.01
C ALA F 60 -29.95 -11.99 44.96
N LYS F 61 -29.88 -12.44 46.21
CA LYS F 61 -28.86 -11.86 47.08
C LYS F 61 -27.50 -12.26 46.49
N ARG F 62 -27.47 -13.39 45.80
CA ARG F 62 -26.27 -13.85 45.12
C ARG F 62 -26.02 -13.10 43.81
N ILE F 63 -27.08 -12.89 43.02
CA ILE F 63 -26.93 -12.24 41.71
C ILE F 63 -27.01 -10.70 41.78
N GLY F 64 -27.23 -10.16 42.96
CA GLY F 64 -27.28 -8.73 43.14
C GLY F 64 -28.52 -7.91 42.83
N GLY F 65 -29.70 -8.44 43.16
CA GLY F 65 -30.93 -7.67 43.01
C GLY F 65 -31.89 -8.04 44.13
N HIS F 66 -32.91 -7.22 44.37
CA HIS F 66 -33.85 -7.47 45.46
C HIS F 66 -35.06 -8.35 45.10
N PHE F 67 -35.93 -8.53 46.09
CA PHE F 67 -37.03 -9.49 46.06
C PHE F 67 -38.43 -8.98 45.98
N PHE F 68 -39.20 -9.55 45.07
CA PHE F 68 -40.55 -9.07 44.93
C PHE F 68 -41.45 -10.24 45.30
N VAL F 69 -42.55 -9.92 45.98
CA VAL F 69 -43.53 -10.90 46.41
C VAL F 69 -44.91 -10.37 46.04
N PHE F 70 -45.66 -11.18 45.33
CA PHE F 70 -46.96 -10.76 44.82
C PHE F 70 -48.05 -11.78 45.11
N GLU F 71 -49.22 -11.52 44.52
CA GLU F 71 -50.47 -12.25 44.74
C GLU F 71 -50.35 -13.66 45.31
N PRO F 80 -50.94 -20.98 44.97
CA PRO F 80 -49.57 -20.91 44.46
C PRO F 80 -49.00 -19.49 44.50
N THR F 81 -48.51 -19.05 45.66
CA THR F 81 -48.02 -17.69 45.79
C THR F 81 -46.56 -17.69 45.38
N ILE F 82 -46.25 -16.96 44.32
CA ILE F 82 -44.91 -16.95 43.78
C ILE F 82 -44.08 -15.69 44.03
N ALA F 83 -42.78 -15.88 44.21
CA ALA F 83 -41.84 -14.79 44.48
C ALA F 83 -40.91 -14.61 43.28
N SER F 84 -40.62 -13.35 42.93
CA SER F 84 -39.82 -13.08 41.74
C SER F 84 -38.52 -12.31 42.01
N VAL F 85 -37.61 -12.47 41.05
CA VAL F 85 -36.28 -11.86 41.07
C VAL F 85 -35.98 -11.09 39.78
N VAL F 86 -35.80 -9.79 39.89
CA VAL F 86 -35.52 -8.96 38.73
C VAL F 86 -34.12 -8.34 38.77
N LEU F 87 -33.38 -8.48 37.68
CA LEU F 87 -32.08 -7.84 37.55
C LEU F 87 -32.03 -7.02 36.27
N HIS F 88 -31.93 -5.71 36.41
CA HIS F 88 -32.09 -4.83 35.26
C HIS F 88 -30.86 -3.97 34.97
N LEU F 89 -30.24 -4.23 33.82
CA LEU F 89 -29.21 -3.32 33.30
C LEU F 89 -29.61 -3.01 31.86
N PRO F 90 -29.21 -1.83 31.34
CA PRO F 90 -29.81 -1.33 30.10
C PRO F 90 -29.85 -2.31 28.92
N PRO F 91 -28.74 -3.01 28.60
CA PRO F 91 -28.92 -3.99 27.51
C PRO F 91 -29.70 -5.26 27.90
N TYR F 92 -29.62 -5.70 29.17
CA TYR F 92 -30.21 -6.98 29.56
C TYR F 92 -31.13 -6.93 30.78
N ARG F 93 -32.27 -7.61 30.66
CA ARG F 93 -33.22 -7.74 31.76
C ARG F 93 -33.42 -9.21 32.14
N TYR F 94 -33.33 -9.50 33.44
CA TYR F 94 -33.51 -10.85 33.95
C TYR F 94 -34.71 -10.93 34.90
N ARG F 95 -35.55 -11.94 34.69
CA ARG F 95 -36.66 -12.20 35.60
C ARG F 95 -36.75 -13.69 35.92
N PHE F 96 -36.67 -14.02 37.20
CA PHE F 96 -36.78 -15.39 37.65
C PHE F 96 -37.97 -15.56 38.58
N ASP F 97 -38.97 -16.30 38.11
CA ASP F 97 -40.15 -16.60 38.92
C ASP F 97 -39.93 -17.91 39.68
N PHE F 98 -40.36 -17.94 40.93
CA PHE F 98 -40.22 -19.13 41.77
C PHE F 98 -41.56 -19.56 42.33
N SER F 99 -41.98 -20.77 42.00
CA SER F 99 -43.29 -21.27 42.39
C SER F 99 -43.19 -22.47 43.33
N PRO F 100 -44.13 -22.56 44.27
CA PRO F 100 -44.13 -23.68 45.22
C PRO F 100 -44.59 -24.97 44.55
N LEU F 101 -43.97 -26.09 44.90
CA LEU F 101 -44.43 -27.38 44.46
C LEU F 101 -44.58 -28.29 45.66
N LYS F 102 -45.82 -28.67 45.98
CA LYS F 102 -46.08 -29.44 47.18
C LYS F 102 -46.97 -30.66 46.89
N GLY F 103 -46.66 -31.75 47.56
CA GLY F 103 -47.43 -32.98 47.45
C GLY F 103 -46.67 -34.15 48.01
N LYS F 104 -47.36 -35.26 48.23
CA LYS F 104 -46.72 -36.47 48.71
C LYS F 104 -45.90 -37.12 47.60
N ASP F 105 -46.51 -37.24 46.43
CA ASP F 105 -45.81 -37.73 45.24
C ASP F 105 -45.28 -36.56 44.44
N LEU F 106 -43.97 -36.49 44.29
CA LEU F 106 -43.33 -35.37 43.60
C LEU F 106 -43.71 -35.33 42.13
N GLU F 107 -43.57 -36.46 41.45
CA GLU F 107 -43.88 -36.54 40.02
C GLU F 107 -45.35 -36.27 39.75
N LYS F 108 -46.23 -36.87 40.56
CA LYS F 108 -47.66 -36.68 40.42
C LYS F 108 -48.06 -35.23 40.65
N ALA F 109 -47.41 -34.57 41.60
CA ALA F 109 -47.68 -33.17 41.89
C ALA F 109 -47.19 -32.29 40.73
N LEU F 110 -46.04 -32.66 40.17
CA LEU F 110 -45.47 -31.95 39.03
C LEU F 110 -46.42 -32.01 37.83
N ILE F 111 -46.86 -33.22 37.50
CA ILE F 111 -47.81 -33.42 36.41
C ILE F 111 -49.10 -32.66 36.69
N GLU F 112 -49.56 -32.72 37.94
CA GLU F 112 -50.76 -32.02 38.37
C GLU F 112 -50.65 -30.52 38.12
N ASP F 113 -49.47 -29.98 38.36
CA ASP F 113 -49.22 -28.56 38.15
C ASP F 113 -49.13 -28.22 36.66
N LEU F 114 -48.52 -29.12 35.89
CA LEU F 114 -48.37 -28.92 34.45
C LEU F 114 -49.71 -28.98 33.72
N LYS F 115 -50.65 -29.75 34.24
CA LYS F 115 -51.95 -29.90 33.62
C LYS F 115 -52.84 -28.67 33.83
N GLU F 116 -52.45 -27.81 34.79
CA GLU F 116 -53.22 -26.61 35.10
C GLU F 116 -52.79 -25.41 34.27
N ARG F 117 -51.68 -25.55 33.55
CA ARG F 117 -51.13 -24.46 32.76
C ARG F 117 -51.94 -24.20 31.49
N ASP F 118 -51.79 -23.00 30.95
CA ASP F 118 -52.60 -22.53 29.82
C ASP F 118 -52.41 -23.36 28.56
N PHE F 119 -51.17 -23.46 28.07
CA PHE F 119 -50.90 -24.11 26.80
C PHE F 119 -49.92 -25.27 26.96
N THR F 120 -50.05 -26.26 26.08
CA THR F 120 -49.19 -27.43 26.08
C THR F 120 -47.72 -27.06 25.94
N ALA F 121 -47.45 -26.06 25.10
CA ALA F 121 -46.10 -25.58 24.87
C ALA F 121 -45.49 -25.02 26.15
N ASN F 122 -46.34 -24.43 26.99
CA ASN F 122 -45.87 -23.86 28.26
C ASN F 122 -45.96 -24.86 29.40
N ALA F 123 -46.47 -26.06 29.09
CA ALA F 123 -46.65 -27.09 30.10
C ALA F 123 -45.46 -28.04 30.16
N ILE F 124 -44.44 -27.75 29.38
CA ILE F 124 -43.25 -28.58 29.34
C ILE F 124 -42.26 -28.17 30.42
N ALA F 125 -41.74 -29.15 31.15
CA ALA F 125 -40.82 -28.87 32.26
C ALA F 125 -39.67 -29.87 32.31
N VAL F 126 -38.54 -29.43 32.83
CA VAL F 126 -37.37 -30.28 32.98
C VAL F 126 -36.83 -30.18 34.41
N ASN F 127 -35.99 -31.13 34.81
CA ASN F 127 -35.40 -31.08 36.14
C ASN F 127 -34.08 -30.32 36.13
N LEU F 128 -33.93 -29.40 37.08
CA LEU F 128 -32.72 -28.58 37.18
C LEU F 128 -31.47 -29.43 37.37
N ASP F 129 -31.59 -30.44 38.23
CA ASP F 129 -30.48 -31.34 38.51
C ASP F 129 -30.06 -32.09 37.26
N ASP F 130 -31.04 -32.49 36.45
CA ASP F 130 -30.77 -33.21 35.21
C ASP F 130 -30.03 -32.34 34.20
N VAL F 131 -30.40 -31.06 34.15
CA VAL F 131 -29.75 -30.12 33.25
C VAL F 131 -28.32 -29.81 33.69
N LEU F 132 -28.13 -29.70 35.00
CA LEU F 132 -26.80 -29.34 35.52
C LEU F 132 -25.86 -30.54 35.75
N SER F 133 -26.37 -31.76 35.68
CA SER F 133 -25.56 -32.95 35.97
C SER F 133 -24.66 -33.43 34.81
N ILE F 134 -23.38 -33.60 35.12
CA ILE F 134 -22.31 -33.94 34.18
C ILE F 134 -22.17 -35.44 33.86
N GLY F 135 -23.14 -36.24 34.27
CA GLY F 135 -22.98 -37.68 34.41
C GLY F 135 -23.28 -38.60 33.24
N ALA F 136 -23.05 -38.14 32.02
CA ALA F 136 -23.18 -38.99 30.83
C ALA F 136 -24.59 -39.53 30.76
N LYS F 137 -25.51 -38.61 31.06
CA LYS F 137 -26.92 -38.90 31.22
C LYS F 137 -27.76 -38.24 30.14
N GLN F 138 -28.78 -38.96 29.71
CA GLN F 138 -29.77 -38.45 28.79
C GLN F 138 -30.89 -37.70 29.53
N THR F 139 -31.09 -36.45 29.13
CA THR F 139 -31.98 -35.53 29.84
C THR F 139 -33.45 -35.93 29.71
N ILE F 140 -34.17 -35.87 30.81
CA ILE F 140 -35.58 -36.22 30.82
C ILE F 140 -36.46 -34.96 30.87
N VAL F 141 -37.41 -34.88 29.94
CA VAL F 141 -38.31 -33.75 29.88
C VAL F 141 -39.72 -34.20 30.26
N TYR F 142 -40.50 -33.29 30.83
CA TYR F 142 -41.86 -33.63 31.24
C TYR F 142 -42.89 -32.81 30.48
N ASP F 143 -43.64 -33.48 29.61
CA ASP F 143 -44.74 -32.84 28.90
C ASP F 143 -45.94 -33.80 28.77
N PRO F 144 -46.70 -33.95 29.87
CA PRO F 144 -47.86 -34.84 29.89
C PRO F 144 -48.98 -34.34 28.99
N THR F 145 -48.91 -33.05 28.63
CA THR F 145 -49.91 -32.45 27.75
C THR F 145 -49.51 -32.59 26.29
N GLY F 146 -48.29 -33.09 26.06
CA GLY F 146 -47.80 -33.27 24.70
C GLY F 146 -47.48 -31.97 24.00
N GLY F 147 -46.74 -31.09 24.67
CA GLY F 147 -46.40 -29.80 24.10
C GLY F 147 -45.47 -29.95 22.92
N ILE F 148 -44.53 -30.87 23.04
CA ILE F 148 -43.58 -31.14 21.97
C ILE F 148 -44.33 -31.63 20.74
N LYS F 149 -45.29 -32.53 20.97
CA LYS F 149 -46.14 -33.08 19.90
C LYS F 149 -46.97 -32.01 19.20
N ASP F 150 -47.47 -31.05 19.96
CA ASP F 150 -48.27 -29.96 19.38
C ASP F 150 -47.36 -29.09 18.56
N LEU F 151 -46.14 -28.95 19.06
CA LEU F 151 -45.10 -28.20 18.36
C LEU F 151 -44.69 -28.96 17.09
N GLU F 152 -44.96 -30.27 17.03
CA GLU F 152 -44.60 -31.05 15.84
C GLU F 152 -45.36 -30.59 14.63
N GLN F 153 -46.60 -30.15 14.84
CA GLN F 153 -47.43 -29.65 13.76
C GLN F 153 -47.36 -28.14 13.67
N GLY F 154 -46.53 -27.54 14.51
CA GLY F 154 -46.36 -26.10 14.55
C GLY F 154 -47.59 -25.46 15.12
N LEU F 155 -48.20 -26.15 16.09
CA LEU F 155 -49.46 -25.71 16.69
C LEU F 155 -49.31 -25.30 18.14
N LEU F 156 -49.97 -24.21 18.51
CA LEU F 156 -50.07 -23.81 19.90
C LEU F 156 -51.44 -24.21 20.41
N ARG F 157 -51.45 -25.25 21.25
CA ARG F 157 -52.71 -25.84 21.72
C ARG F 157 -52.88 -25.70 23.23
N PRO F 158 -53.94 -25.01 23.65
CA PRO F 158 -54.29 -24.93 25.08
C PRO F 158 -54.54 -26.31 25.68
N VAL F 159 -54.05 -26.53 26.90
CA VAL F 159 -54.23 -27.81 27.58
C VAL F 159 -55.71 -28.15 27.69
N SER F 160 -56.48 -27.21 28.21
CA SER F 160 -57.94 -27.34 28.25
C SER F 160 -58.58 -25.95 28.21
N ILE F 161 -59.77 -25.87 27.64
CA ILE F 161 -60.49 -24.61 27.54
C ILE F 161 -60.86 -24.10 28.93
N GLU F 162 -61.02 -25.02 29.87
CA GLU F 162 -61.34 -24.68 31.26
C GLU F 162 -60.20 -23.91 31.92
N ASN F 163 -58.97 -24.25 31.57
CA ASN F 163 -57.80 -23.54 32.07
C ASN F 163 -57.78 -22.10 31.57
N LEU F 164 -58.33 -21.91 30.38
CA LEU F 164 -58.43 -20.57 29.79
C LEU F 164 -59.57 -19.79 30.42
N LYS F 165 -60.66 -20.48 30.72
CA LYS F 165 -61.81 -19.84 31.38
C LYS F 165 -61.47 -19.45 32.81
N ARG F 166 -60.56 -20.20 33.44
CA ARG F 166 -60.15 -19.92 34.80
C ARG F 166 -59.29 -18.67 34.86
N ASP F 167 -58.40 -18.53 33.88
CA ASP F 167 -57.58 -17.32 33.76
C ASP F 167 -57.71 -16.77 32.35
N PRO F 168 -58.69 -15.88 32.14
CA PRO F 168 -59.08 -15.39 30.81
C PRO F 168 -58.03 -14.52 30.12
N VAL F 169 -57.18 -13.86 30.89
CA VAL F 169 -56.16 -12.99 30.31
C VAL F 169 -55.21 -13.77 29.41
N ARG F 170 -55.10 -15.07 29.67
CA ARG F 170 -54.25 -15.95 28.88
C ARG F 170 -54.72 -16.03 27.43
N VAL F 171 -56.00 -15.74 27.20
CA VAL F 171 -56.54 -15.74 25.85
C VAL F 171 -55.84 -14.68 25.00
N LEU F 172 -55.23 -13.70 25.65
CA LEU F 172 -54.42 -12.72 24.95
C LEU F 172 -53.09 -13.36 24.55
N ARG F 173 -52.46 -14.04 25.51
CA ARG F 173 -51.19 -14.73 25.28
C ARG F 173 -51.28 -15.62 24.05
N GLY F 174 -52.36 -16.39 23.98
CA GLY F 174 -52.60 -17.30 22.88
C GLY F 174 -52.45 -16.63 21.54
N PHE F 175 -52.92 -15.40 21.43
CA PHE F 175 -52.71 -14.63 20.20
C PHE F 175 -51.24 -14.25 20.07
N ARG F 176 -50.73 -13.58 21.10
CA ARG F 176 -49.39 -12.99 21.05
C ARG F 176 -48.34 -14.03 20.69
N ILE F 177 -48.27 -15.07 21.50
CA ILE F 177 -47.35 -16.17 21.27
C ILE F 177 -47.47 -16.69 19.84
N ALA F 178 -48.70 -16.87 19.38
CA ALA F 178 -48.93 -17.44 18.06
C ALA F 178 -48.30 -16.57 16.99
N ILE F 179 -48.35 -15.26 17.18
CA ILE F 179 -47.70 -14.33 16.25
C ILE F 179 -46.21 -14.22 16.57
N GLU F 180 -45.87 -14.28 17.85
CA GLU F 180 -44.50 -14.06 18.28
C GLU F 180 -43.62 -15.25 17.94
N LYS F 181 -44.13 -16.44 18.22
CA LYS F 181 -43.39 -17.66 18.00
C LYS F 181 -43.68 -18.30 16.65
N ASN F 182 -44.50 -17.63 15.84
CA ASN F 182 -44.93 -18.12 14.55
C ASN F 182 -45.59 -19.51 14.67
N LEU F 183 -46.65 -19.58 15.46
CA LEU F 183 -47.36 -20.83 15.68
C LEU F 183 -48.85 -20.70 15.32
N GLN F 184 -49.47 -21.82 14.99
CA GLN F 184 -50.88 -21.84 14.64
C GLN F 184 -51.76 -22.23 15.82
N LEU F 185 -52.71 -21.36 16.16
CA LEU F 185 -53.69 -21.67 17.20
C LEU F 185 -54.65 -22.73 16.71
N THR F 186 -54.99 -23.68 17.59
CA THR F 186 -55.84 -24.79 17.21
C THR F 186 -57.29 -24.37 17.03
N GLU F 187 -58.15 -25.32 16.68
CA GLU F 187 -59.54 -25.04 16.34
C GLU F 187 -60.37 -24.70 17.58
N ASP F 188 -60.22 -25.49 18.63
CA ASP F 188 -61.01 -25.30 19.85
C ASP F 188 -60.77 -23.93 20.48
N PHE F 189 -59.53 -23.46 20.42
CA PHE F 189 -59.20 -22.13 20.92
C PHE F 189 -59.95 -21.06 20.15
N TYR F 190 -59.78 -21.05 18.83
CA TYR F 190 -60.45 -20.09 17.96
C TYR F 190 -61.96 -20.08 18.20
N GLU F 191 -62.54 -21.28 18.23
CA GLU F 191 -63.96 -21.42 18.51
C GLU F 191 -64.34 -20.78 19.83
N PHE F 192 -63.57 -21.08 20.87
CA PHE F 192 -63.81 -20.53 22.21
C PHE F 192 -63.76 -19.01 22.22
N VAL F 193 -62.80 -18.43 21.51
CA VAL F 193 -62.69 -16.98 21.42
C VAL F 193 -63.87 -16.38 20.66
N LYS F 194 -64.29 -17.03 19.59
CA LYS F 194 -65.41 -16.56 18.79
C LYS F 194 -66.71 -16.57 19.60
N GLU F 195 -66.91 -17.63 20.38
CA GLU F 195 -68.14 -17.82 21.15
C GLU F 195 -68.36 -16.73 22.21
N ASP F 196 -67.37 -16.53 23.08
CA ASP F 196 -67.50 -15.55 24.15
C ASP F 196 -66.23 -14.73 24.34
N PRO F 197 -66.05 -13.68 23.52
CA PRO F 197 -64.87 -12.81 23.52
C PRO F 197 -64.73 -11.94 24.76
N ARG F 198 -65.83 -11.66 25.45
CA ARG F 198 -65.83 -10.72 26.57
C ARG F 198 -65.26 -11.33 27.86
N ILE F 199 -64.99 -12.64 27.83
CA ILE F 199 -64.50 -13.37 28.99
C ILE F 199 -63.26 -12.72 29.61
N VAL F 200 -62.48 -12.04 28.77
CA VAL F 200 -61.24 -11.38 29.19
C VAL F 200 -61.47 -10.37 30.30
N LEU F 201 -62.70 -9.87 30.42
CA LEU F 201 -63.03 -8.89 31.43
C LEU F 201 -63.02 -9.46 32.85
N LYS F 202 -62.99 -10.79 32.97
CA LYS F 202 -62.97 -11.41 34.29
C LYS F 202 -61.69 -11.09 35.07
N SER F 203 -60.55 -11.24 34.42
CA SER F 203 -59.25 -11.06 35.07
C SER F 203 -58.99 -9.61 35.46
N ALA F 204 -58.06 -9.42 36.39
CA ALA F 204 -57.70 -8.08 36.87
C ALA F 204 -57.19 -7.20 35.74
N VAL F 205 -57.50 -5.91 35.83
CA VAL F 205 -57.20 -4.96 34.77
C VAL F 205 -55.69 -4.73 34.60
N GLU F 206 -54.95 -4.82 35.69
CA GLU F 206 -53.49 -4.61 35.66
C GLU F 206 -52.80 -5.65 34.80
N ARG F 207 -53.26 -6.90 34.91
CA ARG F 207 -52.72 -7.99 34.11
C ARG F 207 -53.06 -7.79 32.64
N ILE F 208 -54.26 -7.24 32.39
CA ILE F 208 -54.69 -6.92 31.04
C ILE F 208 -53.75 -5.88 30.42
N THR F 209 -53.47 -4.83 31.18
CA THR F 209 -52.57 -3.77 30.75
C THR F 209 -51.18 -4.34 30.47
N HIS F 210 -50.70 -5.16 31.40
CA HIS F 210 -49.37 -5.77 31.28
C HIS F 210 -49.26 -6.61 30.01
N GLU F 211 -50.26 -7.45 29.76
CA GLU F 211 -50.25 -8.32 28.59
C GLU F 211 -50.40 -7.55 27.29
N LEU F 212 -51.24 -6.53 27.29
CA LEU F 212 -51.45 -5.70 26.11
C LEU F 212 -50.18 -4.93 25.77
N PHE F 213 -49.50 -4.44 26.79
CA PHE F 213 -48.22 -3.77 26.59
C PHE F 213 -47.16 -4.75 26.09
N LYS F 214 -47.20 -5.98 26.60
CA LYS F 214 -46.32 -7.04 26.10
C LYS F 214 -46.57 -7.29 24.62
N ILE F 215 -47.83 -7.16 24.21
CA ILE F 215 -48.20 -7.28 22.81
C ILE F 215 -47.63 -6.11 22.01
N MET F 216 -47.76 -4.91 22.58
CA MET F 216 -47.26 -3.70 21.93
C MET F 216 -45.73 -3.66 21.87
N LYS F 217 -45.08 -4.53 22.64
CA LYS F 217 -43.63 -4.54 22.71
C LYS F 217 -42.99 -5.12 21.47
N GLU F 218 -43.55 -6.21 20.95
CA GLU F 218 -43.00 -6.88 19.79
C GLU F 218 -43.24 -6.09 18.51
N LYS F 219 -42.44 -6.38 17.48
CA LYS F 219 -42.51 -5.67 16.22
C LYS F 219 -43.65 -6.21 15.34
N THR F 220 -44.22 -7.34 15.75
CA THR F 220 -45.34 -7.95 15.05
C THR F 220 -46.68 -7.52 15.63
N ALA F 221 -46.62 -6.55 16.56
CA ALA F 221 -47.77 -6.12 17.35
C ALA F 221 -49.05 -5.85 16.55
N HIS F 222 -48.90 -5.24 15.38
CA HIS F 222 -50.06 -4.84 14.58
C HIS F 222 -50.93 -6.03 14.17
N LYS F 223 -50.29 -7.17 13.93
CA LYS F 223 -51.02 -8.39 13.58
C LYS F 223 -51.86 -8.87 14.75
N VAL F 224 -51.27 -8.86 15.94
CA VAL F 224 -51.97 -9.27 17.15
C VAL F 224 -53.13 -8.34 17.44
N ILE F 225 -52.90 -7.04 17.24
CA ILE F 225 -53.94 -6.04 17.43
C ILE F 225 -55.10 -6.27 16.47
N ARG F 226 -54.78 -6.54 15.21
CA ARG F 226 -55.79 -6.83 14.20
C ARG F 226 -56.59 -8.08 14.58
N GLU F 227 -55.89 -9.10 15.06
CA GLU F 227 -56.54 -10.34 15.48
C GLU F 227 -57.48 -10.10 16.66
N LEU F 228 -57.05 -9.29 17.61
CA LEU F 228 -57.86 -8.97 18.78
C LEU F 228 -59.07 -8.13 18.40
N TYR F 229 -58.91 -7.30 17.37
CA TYR F 229 -60.01 -6.45 16.91
C TYR F 229 -61.06 -7.26 16.14
N GLU F 230 -60.58 -8.18 15.30
CA GLU F 230 -61.48 -8.99 14.48
C GLU F 230 -62.33 -9.95 15.31
N TYR F 231 -61.80 -10.39 16.45
CA TYR F 231 -62.53 -11.31 17.32
C TYR F 231 -63.30 -10.58 18.41
N GLY F 232 -63.22 -9.25 18.40
CA GLY F 232 -64.00 -8.43 19.32
C GLY F 232 -63.44 -8.34 20.72
N VAL F 233 -62.27 -8.93 20.94
CA VAL F 233 -61.62 -8.88 22.25
C VAL F 233 -61.16 -7.46 22.56
N LEU F 234 -60.57 -6.81 21.57
CA LEU F 234 -60.09 -5.44 21.70
C LEU F 234 -61.23 -4.49 22.01
N GLU F 235 -62.38 -4.73 21.40
CA GLU F 235 -63.58 -3.94 21.67
C GLU F 235 -64.06 -4.15 23.09
N ALA F 236 -63.94 -5.39 23.57
CA ALA F 236 -64.34 -5.72 24.94
C ALA F 236 -63.44 -4.98 25.93
N ILE F 237 -62.15 -4.96 25.65
CA ILE F 237 -61.19 -4.25 26.49
C ILE F 237 -61.31 -2.75 26.29
N ILE F 238 -61.37 -2.32 25.02
CA ILE F 238 -61.47 -0.90 24.69
C ILE F 238 -62.65 -0.65 23.76
N PRO F 239 -63.81 -0.31 24.35
CA PRO F 239 -65.07 -0.05 23.63
C PRO F 239 -64.98 1.05 22.58
N GLU F 240 -64.12 2.04 22.80
CA GLU F 240 -63.97 3.16 21.88
C GLU F 240 -63.49 2.70 20.49
N ILE F 241 -62.67 1.66 20.49
CA ILE F 241 -62.20 1.06 19.24
C ILE F 241 -63.39 0.47 18.50
N GLY F 242 -64.31 -0.12 19.26
CA GLY F 242 -65.55 -0.62 18.68
C GLY F 242 -66.39 0.55 18.18
N ARG F 243 -66.25 1.70 18.83
CA ARG F 243 -66.99 2.89 18.42
C ARG F 243 -66.39 3.51 17.16
N LEU F 244 -65.18 3.10 16.80
CA LEU F 244 -64.53 3.62 15.59
C LEU F 244 -65.21 3.13 14.31
N ARG F 245 -66.04 2.11 14.42
CA ARG F 245 -66.66 1.49 13.25
C ARG F 245 -67.85 2.29 12.70
N GLU F 246 -68.58 2.98 13.58
CA GLU F 246 -69.81 3.65 13.18
C GLU F 246 -69.56 4.80 12.20
N VAL F 247 -68.37 5.38 12.22
CA VAL F 247 -68.04 6.47 11.31
C VAL F 247 -67.37 5.95 10.04
N LYS F 248 -67.97 6.25 8.90
CA LYS F 248 -67.45 5.82 7.61
C LYS F 248 -66.80 6.99 6.87
N ASP F 249 -65.71 6.70 6.17
CA ASP F 249 -64.97 7.73 5.45
C ASP F 249 -65.57 7.96 4.06
N PRO F 257 -63.06 3.62 5.65
CA PRO F 257 -63.02 2.87 6.91
C PRO F 257 -62.00 3.44 7.90
N LEU F 258 -62.45 3.81 9.09
CA LEU F 258 -61.57 4.38 10.09
C LEU F 258 -60.76 3.31 10.81
N ASP F 259 -61.39 2.17 11.08
CA ASP F 259 -60.72 1.06 11.76
C ASP F 259 -59.55 0.53 10.95
N GLU F 260 -59.79 0.32 9.66
CA GLU F 260 -58.75 -0.15 8.74
C GLU F 260 -57.64 0.89 8.62
N HIS F 261 -58.03 2.16 8.65
CA HIS F 261 -57.09 3.27 8.61
C HIS F 261 -56.17 3.26 9.83
N THR F 262 -56.74 2.94 10.99
CA THR F 262 -55.99 2.88 12.23
C THR F 262 -55.05 1.68 12.27
N LEU F 263 -55.57 0.53 11.85
CA LEU F 263 -54.77 -0.69 11.78
C LEU F 263 -53.59 -0.52 10.82
N LYS F 264 -53.85 0.11 9.68
CA LYS F 264 -52.79 0.41 8.73
C LYS F 264 -51.84 1.47 9.29
N THR F 265 -52.36 2.37 10.12
CA THR F 265 -51.54 3.38 10.76
C THR F 265 -50.51 2.73 11.69
N LEU F 266 -50.97 1.75 12.47
CA LEU F 266 -50.08 0.99 13.35
C LEU F 266 -49.09 0.15 12.56
N GLU F 267 -49.61 -0.62 11.60
CA GLU F 267 -48.82 -1.50 10.76
C GLU F 267 -47.69 -0.74 10.07
N TYR F 268 -48.00 0.45 9.56
CA TYR F 268 -47.00 1.29 8.93
C TYR F 268 -46.09 1.93 9.99
N LEU F 269 -46.64 2.20 11.16
CA LEU F 269 -45.86 2.81 12.24
C LEU F 269 -44.71 1.92 12.66
N GLU F 270 -44.94 0.62 12.67
CA GLU F 270 -43.87 -0.33 13.02
C GLU F 270 -42.73 -0.24 12.01
N GLN F 271 -43.09 -0.17 10.73
CA GLN F 271 -42.11 -0.04 9.66
C GLN F 271 -41.34 1.28 9.77
N VAL F 272 -42.04 2.34 10.15
CA VAL F 272 -41.41 3.64 10.36
C VAL F 272 -40.43 3.58 11.53
N ILE F 273 -40.82 2.87 12.57
CA ILE F 273 -39.98 2.67 13.75
C ILE F 273 -38.71 1.91 13.37
N GLU F 274 -38.84 0.92 12.51
CA GLU F 274 -37.68 0.20 11.99
C GLU F 274 -36.77 1.13 11.18
N ASP F 275 -37.38 2.09 10.50
CA ASP F 275 -36.66 3.04 9.66
C ASP F 275 -36.32 4.35 10.37
N ARG F 276 -36.58 4.41 11.67
CA ARG F 276 -36.48 5.65 12.44
C ARG F 276 -35.15 6.39 12.28
N ALA F 277 -34.08 5.65 11.98
CA ALA F 277 -32.76 6.26 11.80
C ALA F 277 -32.73 7.12 10.54
N LYS F 278 -33.58 6.79 9.58
CA LYS F 278 -33.63 7.51 8.30
C LYS F 278 -34.22 8.92 8.45
N TYR F 279 -35.41 9.00 9.03
CA TYR F 279 -36.13 10.27 9.14
C TYR F 279 -35.64 11.15 10.29
N LEU F 280 -35.41 10.53 11.45
CA LEU F 280 -35.07 11.26 12.67
C LEU F 280 -33.60 11.62 12.78
N SER F 281 -33.32 12.77 13.39
CA SER F 281 -31.96 13.20 13.66
C SER F 281 -31.36 12.39 14.81
N ALA F 282 -30.03 12.37 14.90
CA ALA F 282 -29.33 11.54 15.88
C ALA F 282 -29.61 11.98 17.32
N GLU F 283 -29.70 13.28 17.54
CA GLU F 283 -29.96 13.80 18.88
C GLU F 283 -31.34 13.40 19.37
N LEU F 284 -32.27 13.23 18.44
CA LEU F 284 -33.61 12.74 18.77
C LEU F 284 -33.60 11.23 18.96
N LEU F 285 -32.70 10.56 18.24
CA LEU F 285 -32.61 9.10 18.29
C LEU F 285 -31.90 8.62 19.55
N GLU F 286 -31.09 9.48 20.16
CA GLU F 286 -30.28 9.11 21.31
C GLU F 286 -31.15 8.71 22.51
N ASN F 287 -32.08 9.56 22.89
CA ASN F 287 -32.93 9.31 24.05
C ASN F 287 -34.26 8.65 23.69
N PHE F 288 -34.47 8.39 22.40
CA PHE F 288 -35.68 7.75 21.94
C PHE F 288 -35.71 6.27 22.34
N GLY F 289 -36.79 5.86 23.00
CA GLY F 289 -36.95 4.48 23.40
C GLY F 289 -36.24 4.12 24.70
N LYS F 290 -35.55 5.10 25.27
CA LYS F 290 -34.82 4.87 26.52
C LYS F 290 -35.64 5.31 27.74
N LYS F 291 -36.85 5.78 27.51
CA LYS F 291 -37.74 6.18 28.60
C LYS F 291 -38.53 4.99 29.13
N ARG F 292 -38.33 4.67 30.41
CA ARG F 292 -38.95 3.48 31.00
C ARG F 292 -40.39 3.75 31.44
N VAL F 293 -41.28 2.83 31.11
CA VAL F 293 -42.69 2.95 31.49
C VAL F 293 -43.19 1.65 32.10
N LEU F 294 -43.54 1.71 33.37
CA LEU F 294 -44.03 0.54 34.10
C LEU F 294 -42.90 -0.43 34.32
N GLY F 295 -41.69 0.05 34.06
CA GLY F 295 -40.46 -0.60 34.45
C GLY F 295 -39.89 -1.66 33.52
N GLU F 296 -40.74 -2.39 32.80
CA GLU F 296 -40.26 -3.27 31.74
C GLU F 296 -40.53 -2.74 30.33
N PHE F 297 -41.22 -1.60 30.23
CA PHE F 297 -41.64 -1.11 28.92
C PHE F 297 -41.08 0.28 28.61
N THR F 298 -41.07 0.62 27.33
CA THR F 298 -40.54 1.90 26.87
C THR F 298 -41.65 2.79 26.30
N ASP F 299 -41.27 3.96 25.81
CA ASP F 299 -42.22 4.90 25.22
C ASP F 299 -42.63 4.50 23.80
N VAL F 300 -41.99 3.46 23.27
CA VAL F 300 -42.33 2.95 21.95
C VAL F 300 -43.73 2.33 21.96
N GLU F 301 -44.03 1.57 23.00
CA GLU F 301 -45.35 1.00 23.18
C GLU F 301 -46.38 2.12 23.30
N LEU F 302 -45.99 3.21 23.96
CA LEU F 302 -46.84 4.39 24.08
C LEU F 302 -47.07 5.04 22.72
N LEU F 303 -46.07 4.94 21.85
CA LEU F 303 -46.16 5.47 20.50
C LEU F 303 -47.15 4.65 19.69
N LYS F 304 -47.09 3.33 19.84
CA LYS F 304 -48.00 2.43 19.14
C LYS F 304 -49.44 2.62 19.64
N TRP F 305 -49.59 2.80 20.95
CA TRP F 305 -50.88 3.14 21.51
C TRP F 305 -51.34 4.48 20.97
N GLY F 306 -50.38 5.35 20.70
CA GLY F 306 -50.65 6.64 20.08
C GLY F 306 -51.14 6.46 18.66
N ALA F 307 -50.70 5.39 18.02
CA ALA F 307 -51.14 5.09 16.66
C ALA F 307 -52.55 4.53 16.64
N LEU F 308 -52.83 3.60 17.55
CA LEU F 308 -54.16 3.03 17.68
C LEU F 308 -55.19 4.08 18.09
N PHE F 309 -54.76 4.99 18.95
CA PHE F 309 -55.63 6.03 19.48
C PHE F 309 -55.51 7.36 18.73
N HIS F 310 -54.75 7.37 17.64
CA HIS F 310 -54.42 8.62 16.93
C HIS F 310 -55.69 9.44 16.64
N ASP F 311 -56.70 8.81 16.05
CA ASP F 311 -58.03 9.39 16.13
C ASP F 311 -58.96 8.41 16.85
N ILE F 312 -59.25 8.70 18.12
CA ILE F 312 -60.31 8.00 18.83
C ILE F 312 -61.54 8.88 18.93
N GLY F 313 -61.41 10.12 18.46
CA GLY F 313 -62.43 11.13 18.66
C GLY F 313 -63.29 11.41 17.43
N LYS F 314 -62.90 10.86 16.30
CA LYS F 314 -63.68 11.00 15.07
C LYS F 314 -65.10 10.43 15.17
N PRO F 315 -65.28 9.28 15.87
CA PRO F 315 -66.67 8.87 16.05
C PRO F 315 -67.47 9.78 16.98
N GLN F 316 -66.78 10.49 17.87
CA GLN F 316 -67.43 11.37 18.82
C GLN F 316 -67.99 12.62 18.14
N THR F 317 -67.22 13.16 17.20
CA THR F 317 -67.64 14.36 16.47
C THR F 317 -68.23 14.01 15.11
N PHE F 318 -69.25 14.76 14.71
CA PHE F 318 -69.90 14.52 13.42
C PHE F 318 -70.52 15.79 12.86
N VAL F 325 -69.98 16.42 8.84
CA VAL F 325 -69.21 16.66 7.63
C VAL F 325 -67.71 16.64 7.92
N THR F 326 -67.28 17.44 8.88
CA THR F 326 -65.87 17.52 9.24
C THR F 326 -65.68 17.30 10.74
N PHE F 327 -64.51 16.78 11.10
CA PHE F 327 -64.17 16.52 12.50
C PHE F 327 -63.22 17.59 13.02
N TYR F 328 -63.76 18.50 13.83
CA TYR F 328 -63.04 19.74 14.15
C TYR F 328 -62.23 19.78 15.44
N GLU F 329 -62.80 19.36 16.57
CA GLU F 329 -62.08 19.49 17.84
C GLU F 329 -61.64 18.18 18.46
N HIS F 330 -61.82 17.06 17.77
CA HIS F 330 -61.69 15.78 18.43
C HIS F 330 -60.29 15.59 18.98
N ASP F 331 -59.31 16.16 18.32
CA ASP F 331 -58.00 15.76 18.70
C ASP F 331 -58.04 15.93 20.21
N LYS F 332 -58.55 17.05 20.72
CA LYS F 332 -58.58 17.20 22.17
C LYS F 332 -59.45 16.11 22.80
N VAL F 333 -60.63 15.89 22.22
CA VAL F 333 -61.53 14.84 22.65
C VAL F 333 -60.78 13.51 22.71
N GLY F 334 -59.97 13.27 21.69
CA GLY F 334 -59.12 12.09 21.64
C GLY F 334 -58.18 12.00 22.81
N ALA F 335 -57.56 13.13 23.15
CA ALA F 335 -56.65 13.19 24.29
C ALA F 335 -57.37 12.85 25.59
N GLN F 336 -58.56 13.43 25.76
CA GLN F 336 -59.35 13.19 26.96
C GLN F 336 -59.76 11.73 27.08
N ILE F 337 -60.23 11.16 25.97
CA ILE F 337 -60.60 9.74 25.93
C ILE F 337 -59.41 8.85 26.28
N VAL F 338 -58.25 9.16 25.70
CA VAL F 338 -57.03 8.42 25.99
C VAL F 338 -56.70 8.49 27.49
N ARG F 339 -56.88 9.67 28.06
CA ARG F 339 -56.67 9.86 29.50
C ARG F 339 -57.62 8.97 30.31
N GLU F 340 -58.88 8.94 29.89
CA GLU F 340 -59.89 8.12 30.56
C GLU F 340 -59.56 6.63 30.50
N ILE F 341 -59.11 6.17 29.33
CA ILE F 341 -58.72 4.78 29.15
C ILE F 341 -57.52 4.47 30.03
N GLY F 342 -56.56 5.38 30.07
CA GLY F 342 -55.38 5.24 30.90
C GLY F 342 -55.75 5.13 32.37
N GLU F 343 -56.81 5.84 32.75
CA GLU F 343 -57.35 5.76 34.10
C GLU F 343 -57.98 4.40 34.37
N ARG F 344 -58.84 3.97 33.44
CA ARG F 344 -59.55 2.70 33.58
C ARG F 344 -58.59 1.51 33.49
N LEU F 345 -57.58 1.61 32.63
CA LEU F 345 -56.62 0.53 32.43
C LEU F 345 -55.45 0.63 33.39
N ARG F 346 -55.49 1.60 34.30
CA ARG F 346 -54.49 1.78 35.34
C ARG F 346 -53.10 2.06 34.79
N TRP F 347 -53.04 2.75 33.65
CA TRP F 347 -51.76 3.15 33.06
C TRP F 347 -51.04 4.18 33.92
N GLY F 348 -49.73 4.24 33.79
CA GLY F 348 -48.92 5.23 34.47
C GLY F 348 -49.34 6.64 34.12
N ASP F 349 -49.22 7.56 35.08
CA ASP F 349 -49.65 8.94 34.88
C ASP F 349 -48.92 9.61 33.74
N GLU F 350 -47.60 9.53 33.77
CA GLU F 350 -46.77 10.11 32.72
C GLU F 350 -46.98 9.37 31.40
N ALA F 351 -47.36 8.09 31.49
CA ALA F 351 -47.61 7.29 30.31
C ALA F 351 -48.89 7.72 29.60
N THR F 352 -50.00 7.76 30.34
CA THR F 352 -51.28 8.14 29.77
C THR F 352 -51.27 9.61 29.37
N GLU F 353 -50.50 10.42 30.09
CA GLU F 353 -50.33 11.82 29.72
C GLU F 353 -49.55 11.92 28.42
N PHE F 354 -48.55 11.06 28.28
CA PHE F 354 -47.74 11.01 27.07
C PHE F 354 -48.58 10.64 25.85
N VAL F 355 -49.36 9.57 25.97
CA VAL F 355 -50.20 9.13 24.86
C VAL F 355 -51.28 10.17 24.55
N ALA F 356 -51.85 10.76 25.59
CA ALA F 356 -52.88 11.79 25.42
C ALA F 356 -52.33 13.00 24.66
N LYS F 357 -51.19 13.49 25.10
CA LYS F 357 -50.53 14.64 24.46
C LYS F 357 -50.11 14.27 23.03
N LEU F 358 -49.77 13.01 22.82
CA LEU F 358 -49.37 12.53 21.51
C LEU F 358 -50.56 12.55 20.54
N VAL F 359 -51.72 12.13 21.02
CA VAL F 359 -52.93 12.13 20.21
C VAL F 359 -53.43 13.56 19.96
N ARG F 360 -53.29 14.41 20.97
CA ARG F 360 -53.71 15.81 20.89
C ARG F 360 -53.07 16.56 19.73
N HIS F 361 -51.75 16.41 19.59
CA HIS F 361 -50.98 17.14 18.58
C HIS F 361 -50.79 16.35 17.28
N HIS F 362 -51.45 15.20 17.17
CA HIS F 362 -51.24 14.28 16.05
C HIS F 362 -51.37 14.93 14.67
N LEU F 363 -52.18 15.96 14.56
CA LEU F 363 -52.41 16.61 13.27
C LEU F 363 -51.53 17.84 13.05
N ARG F 364 -50.71 18.17 14.04
CA ARG F 364 -49.82 19.34 13.96
C ARG F 364 -48.76 19.25 12.85
N PRO F 365 -48.06 18.10 12.72
CA PRO F 365 -47.07 18.04 11.63
C PRO F 365 -47.69 18.15 10.25
N PHE F 366 -48.97 17.81 10.13
CA PHE F 366 -49.69 17.95 8.87
C PHE F 366 -49.92 19.43 8.56
N PHE F 367 -50.25 20.20 9.61
CA PHE F 367 -50.42 21.63 9.47
C PHE F 367 -49.10 22.31 9.09
N LEU F 368 -48.03 21.93 9.80
CA LEU F 368 -46.70 22.46 9.51
C LEU F 368 -46.24 22.06 8.11
N ARG F 369 -46.67 20.88 7.67
CA ARG F 369 -46.36 20.42 6.32
C ARG F 369 -47.09 21.24 5.28
N GLU F 370 -48.36 21.53 5.54
CA GLU F 370 -49.18 22.33 4.63
C GLU F 370 -48.62 23.74 4.54
N ALA F 371 -48.08 24.22 5.66
CA ALA F 371 -47.42 25.53 5.68
C ALA F 371 -46.09 25.46 4.95
N PHE F 372 -45.47 24.28 4.96
CA PHE F 372 -44.20 24.06 4.30
C PHE F 372 -44.36 24.06 2.78
N LYS F 373 -45.44 23.46 2.30
CA LYS F 373 -45.71 23.35 0.88
C LYS F 373 -45.97 24.72 0.25
N LYS F 374 -46.48 25.64 1.06
CA LYS F 374 -46.77 26.99 0.59
C LYS F 374 -45.59 27.93 0.81
N GLY F 375 -44.54 27.41 1.44
CA GLY F 375 -43.35 28.21 1.71
C GLY F 375 -43.58 29.26 2.79
N GLU F 376 -44.66 29.11 3.55
CA GLU F 376 -45.01 30.05 4.59
C GLU F 376 -44.46 29.62 5.95
N LEU F 377 -43.74 28.51 5.97
CA LEU F 377 -43.17 28.00 7.21
C LEU F 377 -41.91 28.78 7.57
N LYS F 378 -41.94 29.41 8.74
CA LYS F 378 -40.83 30.26 9.19
C LYS F 378 -40.48 30.00 10.65
N ARG F 379 -39.58 30.81 11.18
CA ARG F 379 -39.07 30.64 12.54
C ARG F 379 -40.16 30.65 13.60
N ARG F 380 -41.22 31.41 13.36
CA ARG F 380 -42.31 31.53 14.33
C ARG F 380 -43.00 30.20 14.61
N GLY F 381 -43.50 29.57 13.55
CA GLY F 381 -44.22 28.31 13.68
C GLY F 381 -43.35 27.19 14.21
N MET F 382 -42.08 27.18 13.79
CA MET F 382 -41.13 26.17 14.23
C MET F 382 -40.84 26.31 15.73
N ALA F 383 -40.51 27.54 16.15
CA ALA F 383 -40.24 27.82 17.54
C ALA F 383 -41.45 27.50 18.41
N ASN F 384 -42.63 27.86 17.92
CA ASN F 384 -43.88 27.56 18.62
C ASN F 384 -44.07 26.06 18.77
N PHE F 385 -43.76 25.32 17.71
CA PHE F 385 -43.88 23.86 17.73
C PHE F 385 -42.95 23.23 18.76
N TRP F 386 -41.67 23.62 18.71
CA TRP F 386 -40.68 23.05 19.61
C TRP F 386 -40.89 23.48 21.06
N ARG F 387 -41.46 24.66 21.26
CA ARG F 387 -41.77 25.14 22.61
C ARG F 387 -42.98 24.43 23.20
N GLU F 388 -44.05 24.32 22.41
CA GLU F 388 -45.25 23.63 22.88
C GLU F 388 -44.96 22.16 23.21
N CYS F 389 -44.49 21.42 22.22
CA CYS F 389 -44.04 20.05 22.47
C CYS F 389 -42.65 19.80 21.87
N GLY F 390 -41.65 19.65 22.73
CA GLY F 390 -40.34 19.19 22.29
C GLY F 390 -40.09 17.76 22.72
N ASP F 391 -40.91 17.29 23.64
CA ASP F 391 -40.74 15.97 24.24
C ASP F 391 -41.30 14.85 23.36
N ILE F 392 -42.48 15.09 22.80
CA ILE F 392 -43.16 14.09 21.99
C ILE F 392 -42.81 14.25 20.52
N ALA F 393 -41.92 15.20 20.23
CA ALA F 393 -41.55 15.56 18.86
C ALA F 393 -41.17 14.36 17.98
N PRO F 394 -40.21 13.51 18.41
CA PRO F 394 -39.87 12.39 17.51
C PRO F 394 -41.02 11.42 17.32
N HIS F 395 -41.71 11.11 18.42
CA HIS F 395 -42.86 10.20 18.39
C HIS F 395 -43.95 10.77 17.50
N LEU F 396 -44.15 12.08 17.60
CA LEU F 396 -45.14 12.78 16.79
C LEU F 396 -44.76 12.74 15.32
N PHE F 397 -43.45 12.80 15.05
CA PHE F 397 -42.94 12.75 13.69
C PHE F 397 -43.20 11.38 13.06
N LEU F 398 -42.77 10.33 13.75
CA LEU F 398 -42.96 8.97 13.27
C LEU F 398 -44.44 8.66 13.08
N LEU F 399 -45.25 9.07 14.06
CA LEU F 399 -46.70 8.89 14.00
C LEU F 399 -47.30 9.63 12.82
N SER F 400 -46.79 10.83 12.55
CA SER F 400 -47.27 11.63 11.43
C SER F 400 -46.95 10.96 10.10
N ILE F 401 -45.74 10.44 9.98
CA ILE F 401 -45.33 9.74 8.77
C ILE F 401 -46.20 8.50 8.54
N ALA F 402 -46.40 7.73 9.61
CA ALA F 402 -47.22 6.53 9.56
C ALA F 402 -48.66 6.85 9.15
N ASP F 403 -49.22 7.87 9.78
CA ASP F 403 -50.59 8.30 9.48
C ASP F 403 -50.71 8.80 8.05
N ALA F 404 -49.65 9.43 7.55
CA ALA F 404 -49.60 9.91 6.18
C ALA F 404 -49.58 8.73 5.21
N MET F 405 -48.85 7.68 5.57
CA MET F 405 -48.79 6.48 4.74
C MET F 405 -50.13 5.75 4.72
N ALA F 406 -50.76 5.66 5.88
CA ALA F 406 -52.03 4.94 6.02
C ALA F 406 -53.20 5.68 5.35
N SER F 407 -53.05 6.99 5.19
CA SER F 407 -54.12 7.80 4.61
C SER F 407 -54.10 7.75 3.08
N GLY F 408 -53.11 7.04 2.54
CA GLY F 408 -52.97 6.91 1.10
C GLY F 408 -52.56 8.22 0.46
N ASP F 409 -51.77 9.00 1.18
CA ASP F 409 -51.27 10.28 0.67
C ASP F 409 -50.29 10.08 -0.48
N GLU F 410 -50.20 11.09 -1.34
CA GLU F 410 -49.26 11.05 -2.44
C GLU F 410 -47.83 11.00 -1.92
N GLU F 411 -46.95 10.35 -2.67
CA GLU F 411 -45.56 10.18 -2.26
C GLU F 411 -44.87 11.52 -2.05
N GLU F 412 -45.21 12.50 -2.88
CA GLU F 412 -44.64 13.83 -2.79
C GLU F 412 -45.08 14.55 -1.52
N ASP F 413 -46.31 14.29 -1.09
CA ASP F 413 -46.84 14.88 0.13
C ASP F 413 -46.16 14.27 1.34
N ILE F 414 -45.91 12.97 1.28
CA ILE F 414 -45.21 12.26 2.33
C ILE F 414 -43.78 12.75 2.45
N LYS F 415 -43.12 12.93 1.31
CA LYS F 415 -41.77 13.47 1.27
C LYS F 415 -41.75 14.90 1.81
N ALA F 416 -42.80 15.65 1.51
CA ALA F 416 -42.96 17.00 2.03
C ALA F 416 -43.05 16.97 3.55
N LEU F 417 -43.76 16.00 4.08
CA LEU F 417 -43.88 15.82 5.52
C LEU F 417 -42.53 15.48 6.14
N MET F 418 -41.82 14.55 5.51
CA MET F 418 -40.51 14.11 6.00
C MET F 418 -39.50 15.25 6.02
N GLU F 419 -39.49 16.05 4.95
CA GLU F 419 -38.57 17.17 4.85
C GLU F 419 -38.99 18.31 5.77
N THR F 420 -40.29 18.40 6.05
CA THR F 420 -40.77 19.37 7.03
C THR F 420 -40.22 19.00 8.41
N ILE F 421 -40.33 17.71 8.72
CA ILE F 421 -39.77 17.15 9.95
C ILE F 421 -38.27 17.45 10.05
N ALA F 422 -37.56 17.21 8.96
CA ALA F 422 -36.12 17.46 8.92
C ALA F 422 -35.80 18.94 9.07
N GLU F 423 -36.67 19.80 8.57
CA GLU F 423 -36.50 21.24 8.73
C GLU F 423 -36.70 21.65 10.19
N LEU F 424 -37.65 21.01 10.86
CA LEU F 424 -37.86 21.24 12.28
C LEU F 424 -36.65 20.80 13.09
N GLU F 425 -36.18 19.59 12.82
CA GLU F 425 -35.01 19.04 13.50
C GLU F 425 -33.78 19.92 13.29
N SER F 426 -33.58 20.36 12.06
CA SER F 426 -32.44 21.22 11.72
C SER F 426 -32.57 22.57 12.41
N PHE F 427 -33.80 23.08 12.50
CA PHE F 427 -34.05 24.35 13.17
C PHE F 427 -33.73 24.25 14.65
N ASN F 428 -34.07 23.11 15.25
CA ASN F 428 -33.82 22.89 16.66
C ASN F 428 -32.35 22.61 16.98
N ARG F 429 -31.65 21.99 16.05
CA ARG F 429 -30.26 21.59 16.28
C ARG F 429 -29.28 22.75 16.29
N ASN F 430 -29.41 23.65 15.32
CA ASN F 430 -28.45 24.73 15.15
C ASN F 430 -29.04 26.13 15.40
N GLU F 431 -30.05 26.49 14.61
CA GLU F 431 -30.53 27.86 14.57
C GLU F 431 -31.33 28.28 15.81
N MET F 432 -31.54 27.35 16.74
CA MET F 432 -32.16 27.71 18.01
C MET F 432 -31.13 27.87 19.11
N LYS F 433 -30.72 29.11 19.36
CA LYS F 433 -29.74 29.37 20.42
C LYS F 433 -30.32 30.31 21.48
N LEU G 2 -2.28 -28.14 -40.87
CA LEU G 2 -2.40 -28.54 -42.27
C LEU G 2 -3.03 -27.43 -43.11
N ASN G 3 -4.16 -26.92 -42.65
CA ASN G 3 -4.87 -25.84 -43.35
C ASN G 3 -4.13 -24.52 -43.26
N PHE G 4 -3.35 -24.37 -42.19
CA PHE G 4 -2.63 -23.13 -41.93
C PHE G 4 -1.24 -23.13 -42.58
N TYR G 5 -0.95 -24.17 -43.35
CA TYR G 5 0.38 -24.35 -43.90
C TYR G 5 0.66 -23.44 -45.10
N LEU G 6 1.91 -22.99 -45.20
CA LEU G 6 2.43 -22.29 -46.36
C LEU G 6 3.89 -22.65 -46.56
N SER G 7 4.33 -22.75 -47.81
CA SER G 7 5.69 -23.18 -48.13
C SER G 7 6.77 -22.32 -47.46
N TYR G 8 6.66 -21.00 -47.60
CA TYR G 8 7.67 -20.06 -47.10
C TYR G 8 7.82 -20.08 -45.58
N PHE G 9 6.82 -20.61 -44.88
CA PHE G 9 6.89 -20.79 -43.44
C PHE G 9 8.14 -21.59 -43.05
N ASP G 10 8.47 -22.58 -43.86
CA ASP G 10 9.69 -23.36 -43.67
C ASP G 10 10.92 -22.45 -43.66
N ASP G 11 10.99 -21.57 -44.65
CA ASP G 11 12.07 -20.60 -44.75
C ASP G 11 12.12 -19.74 -43.49
N VAL G 12 10.95 -19.31 -43.03
CA VAL G 12 10.87 -18.53 -41.80
C VAL G 12 11.46 -19.31 -40.62
N ALA G 13 11.11 -20.58 -40.54
CA ALA G 13 11.61 -21.46 -39.48
C ALA G 13 13.13 -21.64 -39.56
N LYS G 14 13.67 -21.56 -40.77
CA LYS G 14 15.10 -21.68 -40.96
C LYS G 14 15.83 -20.38 -40.61
N VAL G 15 15.14 -19.25 -40.81
CA VAL G 15 15.71 -17.95 -40.48
C VAL G 15 15.61 -17.69 -38.98
N LEU G 16 14.50 -18.14 -38.39
CA LEU G 16 14.22 -17.92 -36.98
C LEU G 16 15.28 -18.56 -36.07
N PRO G 17 15.81 -17.78 -35.13
CA PRO G 17 16.77 -18.27 -34.13
C PRO G 17 16.20 -19.42 -33.31
N ARG G 18 17.08 -20.26 -32.79
CA ARG G 18 16.66 -21.47 -32.08
C ARG G 18 15.99 -21.16 -30.74
N GLU G 19 16.41 -20.08 -30.10
CA GLU G 19 15.89 -19.71 -28.79
C GLU G 19 14.72 -18.73 -28.87
N HIS G 20 14.33 -18.37 -30.08
CA HIS G 20 13.23 -17.42 -30.28
C HIS G 20 12.03 -18.08 -30.95
N TYR G 21 10.86 -17.52 -30.74
CA TYR G 21 9.61 -18.14 -31.22
C TYR G 21 8.86 -17.20 -32.16
N CYS G 22 8.00 -17.78 -33.01
CA CYS G 22 7.26 -17.00 -33.99
C CYS G 22 5.79 -17.40 -34.05
N PHE G 23 4.92 -16.41 -34.26
CA PHE G 23 3.48 -16.65 -34.35
C PHE G 23 2.86 -16.06 -35.62
N ILE G 24 1.87 -16.76 -36.17
CA ILE G 24 1.13 -16.28 -37.33
C ILE G 24 -0.17 -15.64 -36.88
N VAL G 25 -0.35 -14.36 -37.24
CA VAL G 25 -1.45 -13.56 -36.70
C VAL G 25 -2.27 -12.86 -37.78
N GLY G 26 -3.50 -12.48 -37.43
CA GLY G 26 -4.32 -11.61 -38.25
C GLY G 26 -4.92 -12.16 -39.53
N GLY G 27 -4.75 -11.41 -40.61
CA GLY G 27 -5.44 -11.64 -41.86
C GLY G 27 -5.38 -13.03 -42.45
N TRP G 28 -4.18 -13.60 -42.53
CA TRP G 28 -4.01 -14.91 -43.15
C TRP G 28 -4.71 -16.00 -42.37
N VAL G 29 -4.56 -15.97 -41.04
CA VAL G 29 -5.23 -16.92 -40.16
C VAL G 29 -6.74 -16.80 -40.30
N ARG G 30 -7.23 -15.56 -40.32
CA ARG G 30 -8.65 -15.28 -40.49
C ARG G 30 -9.20 -15.87 -41.78
N ASP G 31 -8.54 -15.56 -42.89
CA ASP G 31 -8.97 -16.06 -44.21
C ASP G 31 -8.91 -17.58 -44.30
N ARG G 32 -7.92 -18.16 -43.62
CA ARG G 32 -7.75 -19.61 -43.63
C ARG G 32 -8.81 -20.33 -42.80
N ILE G 33 -9.21 -19.72 -41.69
CA ILE G 33 -10.27 -20.30 -40.85
C ILE G 33 -11.61 -20.21 -41.56
N LEU G 34 -11.76 -19.20 -42.42
CA LEU G 34 -12.98 -19.06 -43.21
C LEU G 34 -13.01 -20.02 -44.38
N GLY G 35 -11.89 -20.69 -44.62
CA GLY G 35 -11.79 -21.67 -45.70
C GLY G 35 -11.75 -21.05 -47.07
N GLU G 36 -11.40 -19.76 -47.14
CA GLU G 36 -11.29 -19.07 -48.41
C GLU G 36 -10.04 -19.50 -49.17
N PRO G 37 -10.20 -19.81 -50.46
CA PRO G 37 -9.08 -20.22 -51.32
C PRO G 37 -8.03 -19.13 -51.45
N VAL G 38 -6.76 -19.52 -51.36
CA VAL G 38 -5.66 -18.57 -51.48
C VAL G 38 -5.62 -17.94 -52.87
N GLY G 39 -5.61 -16.61 -52.91
CA GLY G 39 -5.63 -15.90 -54.18
C GLY G 39 -4.24 -15.64 -54.72
N TYR G 40 -4.11 -14.59 -55.51
CA TYR G 40 -2.83 -14.22 -56.11
C TYR G 40 -2.05 -13.28 -55.21
N ASN G 41 -2.71 -12.78 -54.17
CA ASN G 41 -2.07 -11.88 -53.21
C ASN G 41 -1.98 -12.54 -51.84
N ILE G 42 -0.76 -12.76 -51.36
CA ILE G 42 -0.56 -13.42 -50.07
C ILE G 42 0.09 -12.49 -49.05
N ASP G 43 -0.69 -12.14 -48.02
CA ASP G 43 -0.20 -11.28 -46.95
C ASP G 43 -0.24 -12.01 -45.61
N VAL G 44 0.93 -12.18 -44.99
CA VAL G 44 1.02 -12.88 -43.71
C VAL G 44 1.66 -12.01 -42.63
N ASP G 45 1.03 -11.95 -41.46
CA ASP G 45 1.56 -11.15 -40.35
C ASP G 45 2.18 -12.05 -39.28
N PHE G 46 3.33 -11.63 -38.77
CA PHE G 46 4.07 -12.41 -37.79
C PHE G 46 4.35 -11.65 -36.49
N LEU G 47 4.34 -12.39 -35.39
CA LEU G 47 4.77 -11.86 -34.09
C LEU G 47 5.94 -12.68 -33.57
N THR G 48 7.12 -12.07 -33.51
CA THR G 48 8.32 -12.80 -33.11
C THR G 48 9.02 -12.18 -31.91
N THR G 49 9.70 -13.03 -31.13
CA THR G 49 10.48 -12.57 -29.99
C THR G 49 11.90 -12.26 -30.41
N ALA G 50 12.25 -12.64 -31.64
CA ALA G 50 13.57 -12.34 -32.20
C ALA G 50 13.59 -10.95 -32.79
N ASP G 51 14.73 -10.58 -33.38
CA ASP G 51 14.86 -9.30 -34.07
C ASP G 51 14.13 -9.34 -35.40
N PRO G 52 13.05 -8.54 -35.53
CA PRO G 52 12.21 -8.54 -36.74
C PRO G 52 12.99 -8.06 -37.97
N VAL G 53 13.92 -7.14 -37.76
CA VAL G 53 14.72 -6.58 -38.85
C VAL G 53 15.65 -7.63 -39.44
N GLU G 54 16.37 -8.33 -38.56
CA GLU G 54 17.30 -9.38 -39.00
C GLU G 54 16.54 -10.54 -39.60
N LEU G 55 15.45 -10.93 -38.93
CA LEU G 55 14.57 -12.00 -39.40
C LEU G 55 14.06 -11.74 -40.80
N ALA G 56 13.48 -10.56 -41.00
CA ALA G 56 12.95 -10.17 -42.30
C ALA G 56 14.05 -10.04 -43.35
N LYS G 57 15.21 -9.55 -42.95
CA LYS G 57 16.34 -9.37 -43.87
C LYS G 57 16.82 -10.71 -44.42
N ASN G 58 17.08 -11.64 -43.51
CA ASN G 58 17.56 -12.97 -43.91
C ASN G 58 16.48 -13.76 -44.64
N PHE G 59 15.23 -13.57 -44.24
CA PHE G 59 14.11 -14.23 -44.91
C PHE G 59 13.98 -13.76 -46.35
N ALA G 60 14.03 -12.45 -46.53
CA ALA G 60 13.98 -11.84 -47.86
C ALA G 60 15.20 -12.24 -48.68
N LYS G 61 16.31 -12.47 -48.00
CA LYS G 61 17.52 -12.94 -48.66
C LYS G 61 17.37 -14.39 -49.13
N ARG G 62 16.58 -15.17 -48.38
CA ARG G 62 16.33 -16.55 -48.73
C ARG G 62 15.33 -16.69 -49.87
N ILE G 63 14.25 -15.93 -49.82
CA ILE G 63 13.22 -16.02 -50.85
C ILE G 63 13.48 -15.08 -52.02
N GLY G 64 14.47 -14.20 -51.87
CA GLY G 64 14.82 -13.28 -52.93
C GLY G 64 13.84 -12.14 -53.08
N GLY G 65 13.31 -11.66 -51.96
CA GLY G 65 12.35 -10.57 -51.96
C GLY G 65 12.96 -9.28 -51.44
N HIS G 66 12.24 -8.17 -51.61
CA HIS G 66 12.75 -6.87 -51.18
C HIS G 66 12.52 -6.69 -49.68
N PHE G 67 13.46 -6.02 -49.03
CA PHE G 67 13.43 -5.86 -47.57
C PHE G 67 13.11 -4.42 -47.16
N PHE G 68 12.07 -4.26 -46.35
CA PHE G 68 11.55 -2.97 -45.94
C PHE G 68 11.50 -2.81 -44.42
N VAL G 69 11.76 -1.60 -43.92
CA VAL G 69 11.64 -1.31 -42.49
C VAL G 69 10.88 -0.01 -42.24
N PHE G 70 9.78 -0.08 -41.49
CA PHE G 70 9.02 1.14 -41.21
C PHE G 70 8.42 1.15 -39.81
N GLU G 71 7.43 2.01 -39.59
CA GLU G 71 6.84 2.27 -38.27
C GLU G 71 7.90 2.37 -37.17
N PRO G 80 7.87 1.85 -32.12
CA PRO G 80 8.22 0.45 -32.43
C PRO G 80 8.29 0.19 -33.93
N THR G 81 9.46 -0.24 -34.39
CA THR G 81 9.71 -0.44 -35.82
C THR G 81 9.39 -1.86 -36.29
N ILE G 82 8.49 -1.97 -37.26
CA ILE G 82 8.15 -3.28 -37.83
C ILE G 82 8.80 -3.44 -39.20
N ALA G 83 9.21 -4.67 -39.51
CA ALA G 83 9.91 -4.93 -40.77
C ALA G 83 9.10 -5.80 -41.73
N SER G 84 9.09 -5.44 -43.01
CA SER G 84 8.29 -6.16 -44.00
C SER G 84 9.14 -6.76 -45.11
N VAL G 85 8.60 -7.77 -45.77
CA VAL G 85 9.26 -8.44 -46.88
C VAL G 85 8.32 -8.56 -48.07
N VAL G 86 8.68 -7.93 -49.19
CA VAL G 86 7.84 -7.95 -50.38
C VAL G 86 8.50 -8.71 -51.52
N LEU G 87 7.75 -9.64 -52.11
CA LEU G 87 8.21 -10.37 -53.29
C LEU G 87 7.18 -10.25 -54.41
N HIS G 88 7.56 -9.56 -55.49
CA HIS G 88 6.59 -9.21 -56.52
C HIS G 88 6.91 -9.80 -57.89
N LEU G 89 6.04 -10.69 -58.36
CA LEU G 89 6.09 -11.12 -59.76
C LEU G 89 4.68 -10.92 -60.32
N PRO G 90 4.57 -10.70 -61.65
CA PRO G 90 3.29 -10.20 -62.20
C PRO G 90 2.01 -10.96 -61.78
N PRO G 91 1.98 -12.30 -61.85
CA PRO G 91 0.74 -12.91 -61.34
C PRO G 91 0.60 -12.90 -59.81
N TYR G 92 1.71 -12.95 -59.06
CA TYR G 92 1.63 -13.10 -57.61
C TYR G 92 2.42 -12.07 -56.80
N ARG G 93 1.79 -11.54 -55.76
CA ARG G 93 2.44 -10.61 -54.84
C ARG G 93 2.47 -11.18 -53.42
N TYR G 94 3.66 -11.13 -52.81
CA TYR G 94 3.86 -11.62 -51.45
C TYR G 94 4.25 -10.49 -50.50
N ARG G 95 3.59 -10.43 -49.35
CA ARG G 95 3.97 -9.50 -48.30
C ARG G 95 3.99 -10.18 -46.94
N PHE G 96 5.13 -10.12 -46.28
CA PHE G 96 5.30 -10.71 -44.96
C PHE G 96 5.64 -9.63 -43.94
N ASP G 97 4.73 -9.36 -43.02
CA ASP G 97 4.96 -8.39 -41.97
C ASP G 97 5.57 -9.08 -40.76
N PHE G 98 6.53 -8.41 -40.14
CA PHE G 98 7.22 -8.92 -38.96
C PHE G 98 7.19 -7.88 -37.84
N SER G 99 6.52 -8.25 -36.75
CA SER G 99 6.38 -7.39 -35.59
C SER G 99 7.02 -8.01 -34.35
N PRO G 100 7.58 -7.16 -33.48
CA PRO G 100 8.24 -7.62 -32.25
C PRO G 100 7.26 -8.11 -31.18
N LEU G 101 7.65 -9.16 -30.46
CA LEU G 101 6.88 -9.63 -29.31
C LEU G 101 7.81 -9.77 -28.11
N LYS G 102 7.60 -8.93 -27.10
CA LYS G 102 8.49 -8.90 -25.95
C LYS G 102 7.73 -8.95 -24.63
N GLY G 103 8.28 -9.68 -23.66
CA GLY G 103 7.71 -9.76 -22.33
C GLY G 103 8.32 -10.90 -21.54
N LYS G 104 8.09 -10.91 -20.23
CA LYS G 104 8.59 -11.99 -19.38
C LYS G 104 7.79 -13.26 -19.59
N ASP G 105 6.47 -13.13 -19.59
CA ASP G 105 5.59 -14.26 -19.90
C ASP G 105 5.22 -14.22 -21.37
N LEU G 106 5.60 -15.27 -22.10
CA LEU G 106 5.39 -15.34 -23.54
C LEU G 106 3.91 -15.36 -23.90
N GLU G 107 3.16 -16.28 -23.27
CA GLU G 107 1.74 -16.42 -23.55
C GLU G 107 0.96 -15.16 -23.17
N LYS G 108 1.28 -14.61 -22.01
CA LYS G 108 0.64 -13.39 -21.54
C LYS G 108 0.92 -12.22 -22.48
N ALA G 109 2.14 -12.15 -23.00
CA ALA G 109 2.51 -11.09 -23.94
C ALA G 109 1.77 -11.26 -25.27
N LEU G 110 1.65 -12.51 -25.71
CA LEU G 110 0.93 -12.82 -26.94
C LEU G 110 -0.53 -12.39 -26.83
N ILE G 111 -1.18 -12.82 -25.75
CA ILE G 111 -2.56 -12.44 -25.49
C ILE G 111 -2.69 -10.93 -25.39
N GLU G 112 -1.74 -10.30 -24.70
CA GLU G 112 -1.72 -8.85 -24.54
C GLU G 112 -1.68 -8.14 -25.90
N ASP G 113 -0.92 -8.70 -26.83
CA ASP G 113 -0.82 -8.13 -28.16
C ASP G 113 -2.10 -8.36 -28.94
N LEU G 114 -2.71 -9.53 -28.74
CA LEU G 114 -3.95 -9.87 -29.43
C LEU G 114 -5.11 -8.99 -28.97
N LYS G 115 -5.07 -8.55 -27.72
CA LYS G 115 -6.12 -7.72 -27.14
C LYS G 115 -6.05 -6.29 -27.67
N GLU G 116 -4.93 -5.93 -28.27
CA GLU G 116 -4.73 -4.58 -28.80
C GLU G 116 -5.16 -4.47 -30.25
N ARG G 117 -5.45 -5.60 -30.89
CA ARG G 117 -5.81 -5.61 -32.30
C ARG G 117 -7.24 -5.10 -32.53
N ASP G 118 -7.49 -4.66 -33.76
CA ASP G 118 -8.75 -4.01 -34.12
C ASP G 118 -9.98 -4.90 -33.96
N PHE G 119 -9.99 -6.04 -34.66
CA PHE G 119 -11.16 -6.89 -34.71
C PHE G 119 -10.87 -8.31 -34.22
N THR G 120 -11.91 -8.95 -33.69
CA THR G 120 -11.78 -10.32 -33.18
C THR G 120 -11.32 -11.29 -34.26
N ALA G 121 -11.82 -11.08 -35.48
CA ALA G 121 -11.47 -11.94 -36.60
C ALA G 121 -9.97 -11.83 -36.91
N ASN G 122 -9.41 -10.65 -36.67
CA ASN G 122 -7.99 -10.41 -36.91
C ASN G 122 -7.16 -10.65 -35.66
N ALA G 123 -7.83 -11.01 -34.57
CA ALA G 123 -7.17 -11.21 -33.28
C ALA G 123 -6.77 -12.66 -33.06
N ILE G 124 -7.02 -13.50 -34.06
CA ILE G 124 -6.69 -14.92 -33.95
C ILE G 124 -5.24 -15.18 -34.34
N ALA G 125 -4.53 -15.95 -33.52
CA ALA G 125 -3.12 -16.24 -33.77
C ALA G 125 -2.79 -17.69 -33.49
N VAL G 126 -1.80 -18.21 -34.21
CA VAL G 126 -1.33 -19.58 -34.02
C VAL G 126 0.18 -19.63 -33.89
N ASN G 127 0.70 -20.74 -33.39
CA ASN G 127 2.15 -20.91 -33.27
C ASN G 127 2.73 -21.54 -34.54
N LEU G 128 3.78 -20.94 -35.06
CA LEU G 128 4.42 -21.43 -36.29
C LEU G 128 4.94 -22.85 -36.12
N ASP G 129 5.56 -23.11 -34.98
CA ASP G 129 6.12 -24.43 -34.69
C ASP G 129 5.03 -25.49 -34.65
N ASP G 130 3.88 -25.14 -34.08
CA ASP G 130 2.75 -26.07 -33.99
C ASP G 130 2.22 -26.40 -35.37
N VAL G 131 2.19 -25.41 -36.25
CA VAL G 131 1.72 -25.61 -37.62
C VAL G 131 2.71 -26.48 -38.38
N LEU G 132 4.00 -26.29 -38.13
CA LEU G 132 5.01 -27.07 -38.86
C LEU G 132 5.30 -28.41 -38.19
N SER G 133 4.81 -28.60 -36.96
CA SER G 133 5.02 -29.86 -36.24
C SER G 133 3.97 -30.87 -36.70
N ILE G 134 4.41 -32.04 -37.16
CA ILE G 134 3.48 -32.97 -37.80
C ILE G 134 2.59 -33.90 -36.95
N GLY G 135 3.06 -34.40 -35.81
CA GLY G 135 2.38 -35.56 -35.24
C GLY G 135 1.29 -35.47 -34.17
N ALA G 136 0.29 -36.34 -34.32
CA ALA G 136 -0.73 -36.64 -33.32
C ALA G 136 -1.38 -35.41 -32.66
N LYS G 137 -1.54 -34.33 -33.41
CA LYS G 137 -2.04 -33.09 -32.84
C LYS G 137 -3.34 -32.56 -33.42
N GLN G 138 -4.28 -32.15 -32.57
CA GLN G 138 -5.32 -31.27 -33.04
C GLN G 138 -4.71 -29.90 -32.69
N THR G 139 -4.56 -29.05 -33.69
CA THR G 139 -3.80 -27.80 -33.53
C THR G 139 -4.52 -26.80 -32.64
N ILE G 140 -3.74 -26.13 -31.77
CA ILE G 140 -4.30 -25.16 -30.83
C ILE G 140 -4.10 -23.73 -31.33
N VAL G 141 -5.20 -22.99 -31.35
CA VAL G 141 -5.24 -21.60 -31.81
C VAL G 141 -5.50 -20.65 -30.65
N TYR G 142 -5.03 -19.41 -30.77
CA TYR G 142 -5.21 -18.43 -29.70
C TYR G 142 -6.12 -17.29 -30.13
N ASP G 143 -7.31 -17.24 -29.54
CA ASP G 143 -8.25 -16.15 -29.78
C ASP G 143 -8.98 -15.78 -28.48
N PRO G 144 -8.30 -15.02 -27.61
CA PRO G 144 -8.87 -14.61 -26.32
C PRO G 144 -10.07 -13.68 -26.49
N THR G 145 -10.19 -13.08 -27.67
CA THR G 145 -11.29 -12.17 -27.96
C THR G 145 -12.48 -12.92 -28.53
N GLY G 146 -12.30 -14.21 -28.79
CA GLY G 146 -13.36 -15.04 -29.35
C GLY G 146 -13.65 -14.72 -30.80
N GLY G 147 -12.59 -14.66 -31.60
CA GLY G 147 -12.72 -14.34 -33.01
C GLY G 147 -13.42 -15.43 -33.79
N ILE G 148 -13.13 -16.68 -33.45
CA ILE G 148 -13.74 -17.83 -34.12
C ILE G 148 -15.26 -17.83 -33.90
N LYS G 149 -15.67 -17.56 -32.66
CA LYS G 149 -17.09 -17.50 -32.32
C LYS G 149 -17.81 -16.44 -33.15
N ASP G 150 -17.15 -15.32 -33.37
CA ASP G 150 -17.73 -14.22 -34.15
C ASP G 150 -17.78 -14.57 -35.63
N LEU G 151 -16.77 -15.28 -36.11
CA LEU G 151 -16.74 -15.70 -37.52
C LEU G 151 -17.78 -16.78 -37.80
N GLU G 152 -18.08 -17.59 -36.79
CA GLU G 152 -19.09 -18.64 -36.92
C GLU G 152 -20.49 -18.05 -37.09
N GLN G 153 -20.71 -16.89 -36.48
CA GLN G 153 -21.99 -16.22 -36.55
C GLN G 153 -22.03 -15.22 -37.70
N GLY G 154 -20.93 -15.15 -38.45
CA GLY G 154 -20.83 -14.26 -39.58
C GLY G 154 -20.78 -12.80 -39.15
N LEU G 155 -20.17 -12.56 -38.00
CA LEU G 155 -20.10 -11.21 -37.46
C LEU G 155 -18.67 -10.69 -37.40
N LEU G 156 -18.47 -9.44 -37.81
CA LEU G 156 -17.18 -8.79 -37.63
C LEU G 156 -17.28 -7.84 -36.44
N ARG G 157 -16.65 -8.23 -35.34
CA ARG G 157 -16.76 -7.48 -34.09
C ARG G 157 -15.41 -6.92 -33.63
N PRO G 158 -15.32 -5.60 -33.51
CA PRO G 158 -14.12 -4.97 -32.93
C PRO G 158 -13.89 -5.44 -31.50
N VAL G 159 -12.63 -5.68 -31.14
CA VAL G 159 -12.28 -6.12 -29.80
C VAL G 159 -12.77 -5.10 -28.77
N SER G 160 -12.41 -3.84 -28.99
CA SER G 160 -12.92 -2.74 -28.18
C SER G 160 -12.97 -1.47 -29.00
N ILE G 161 -13.92 -0.60 -28.67
CA ILE G 161 -14.07 0.68 -29.37
C ILE G 161 -12.84 1.57 -29.17
N GLU G 162 -12.18 1.37 -28.03
CA GLU G 162 -10.97 2.12 -27.70
C GLU G 162 -9.83 1.80 -28.67
N ASN G 163 -9.77 0.55 -29.12
CA ASN G 163 -8.78 0.13 -30.09
C ASN G 163 -9.03 0.80 -31.44
N LEU G 164 -10.30 1.10 -31.71
CA LEU G 164 -10.68 1.78 -32.94
C LEU G 164 -10.38 3.27 -32.85
N LYS G 165 -10.60 3.84 -31.67
CA LYS G 165 -10.31 5.25 -31.43
C LYS G 165 -8.81 5.51 -31.44
N ARG G 166 -8.04 4.50 -31.05
CA ARG G 166 -6.59 4.61 -31.03
C ARG G 166 -6.01 4.62 -32.44
N ASP G 167 -6.54 3.75 -33.29
CA ASP G 167 -6.16 3.71 -34.69
C ASP G 167 -7.41 3.79 -35.57
N PRO G 168 -7.81 5.01 -35.93
CA PRO G 168 -9.08 5.30 -36.60
C PRO G 168 -9.18 4.78 -38.03
N VAL G 169 -8.05 4.62 -38.72
CA VAL G 169 -8.07 4.17 -40.11
C VAL G 169 -8.67 2.77 -40.21
N ARG G 170 -8.59 2.01 -39.12
CA ARG G 170 -9.15 0.67 -39.07
C ARG G 170 -10.66 0.68 -39.24
N VAL G 171 -11.29 1.82 -38.93
CA VAL G 171 -12.73 1.95 -39.11
C VAL G 171 -13.10 1.82 -40.59
N LEU G 172 -12.13 2.04 -41.46
CA LEU G 172 -12.33 1.79 -42.88
C LEU G 172 -12.31 0.29 -43.14
N ARG G 173 -11.29 -0.37 -42.58
CA ARG G 173 -11.14 -1.83 -42.72
C ARG G 173 -12.43 -2.54 -42.32
N GLY G 174 -12.98 -2.13 -41.18
CA GLY G 174 -14.22 -2.68 -40.67
C GLY G 174 -15.32 -2.73 -41.71
N PHE G 175 -15.42 -1.68 -42.51
CA PHE G 175 -16.38 -1.69 -43.61
C PHE G 175 -15.92 -2.66 -44.68
N ARG G 176 -14.68 -2.45 -45.15
CA ARG G 176 -14.14 -3.18 -46.29
C ARG G 176 -14.21 -4.68 -46.06
N ILE G 177 -13.59 -5.13 -44.98
CA ILE G 177 -13.63 -6.54 -44.60
C ILE G 177 -15.05 -7.07 -44.57
N ALA G 178 -15.96 -6.29 -43.98
CA ALA G 178 -17.34 -6.72 -43.83
C ALA G 178 -17.97 -6.99 -45.19
N ILE G 179 -17.59 -6.17 -46.17
CA ILE G 179 -18.05 -6.38 -47.55
C ILE G 179 -17.22 -7.45 -48.24
N GLU G 180 -15.92 -7.49 -47.90
CA GLU G 180 -14.99 -8.40 -48.57
C GLU G 180 -15.20 -9.85 -48.15
N LYS G 181 -15.33 -10.07 -46.84
CA LYS G 181 -15.52 -11.42 -46.31
C LYS G 181 -17.00 -11.74 -46.16
N ASN G 182 -17.85 -10.80 -46.56
CA ASN G 182 -19.30 -10.91 -46.40
C ASN G 182 -19.66 -11.17 -44.94
N LEU G 183 -19.34 -10.20 -44.09
CA LEU G 183 -19.60 -10.31 -42.66
C LEU G 183 -20.45 -9.16 -42.15
N GLN G 184 -21.15 -9.38 -41.04
CA GLN G 184 -22.00 -8.36 -40.45
C GLN G 184 -21.28 -7.61 -39.33
N LEU G 185 -21.21 -6.29 -39.47
CA LEU G 185 -20.66 -5.43 -38.43
C LEU G 185 -21.61 -5.35 -37.25
N THR G 186 -21.05 -5.42 -36.04
CA THR G 186 -21.87 -5.41 -34.82
C THR G 186 -22.45 -4.03 -34.55
N GLU G 187 -23.22 -3.92 -33.47
CA GLU G 187 -23.95 -2.70 -33.16
C GLU G 187 -23.02 -1.58 -32.66
N ASP G 188 -22.12 -1.92 -31.75
CA ASP G 188 -21.22 -0.94 -31.15
C ASP G 188 -20.34 -0.23 -32.18
N PHE G 189 -19.90 -0.98 -33.19
CA PHE G 189 -19.10 -0.41 -34.27
C PHE G 189 -19.88 0.67 -35.02
N TYR G 190 -21.05 0.27 -35.54
CA TYR G 190 -21.92 1.18 -36.27
C TYR G 190 -22.25 2.42 -35.45
N GLU G 191 -22.61 2.21 -34.18
CA GLU G 191 -22.88 3.30 -33.26
C GLU G 191 -21.69 4.25 -33.18
N PHE G 192 -20.50 3.67 -33.00
CA PHE G 192 -19.27 4.45 -32.92
C PHE G 192 -19.03 5.30 -34.16
N VAL G 193 -19.29 4.72 -35.33
CA VAL G 193 -19.14 5.46 -36.59
C VAL G 193 -20.16 6.59 -36.68
N LYS G 194 -21.39 6.32 -36.26
CA LYS G 194 -22.45 7.31 -36.28
C LYS G 194 -22.16 8.51 -35.38
N GLU G 195 -21.62 8.24 -34.19
CA GLU G 195 -21.36 9.30 -33.22
C GLU G 195 -20.34 10.32 -33.72
N ASP G 196 -19.17 9.84 -34.12
CA ASP G 196 -18.09 10.73 -34.59
C ASP G 196 -17.39 10.18 -35.83
N PRO G 197 -17.98 10.42 -37.01
CA PRO G 197 -17.46 9.92 -38.29
C PRO G 197 -16.12 10.54 -38.70
N ARG G 198 -15.82 11.73 -38.20
CA ARG G 198 -14.62 12.45 -38.62
C ARG G 198 -13.35 11.92 -37.96
N ILE G 199 -13.51 11.01 -37.01
CA ILE G 199 -12.40 10.45 -36.24
C ILE G 199 -11.30 9.88 -37.12
N VAL G 200 -11.69 9.43 -38.31
CA VAL G 200 -10.76 8.82 -39.27
C VAL G 200 -9.63 9.77 -39.66
N LEU G 201 -9.85 11.06 -39.49
CA LEU G 201 -8.84 12.07 -39.84
C LEU G 201 -7.64 12.05 -38.90
N LYS G 202 -7.75 11.33 -37.77
CA LYS G 202 -6.63 11.26 -36.83
C LYS G 202 -5.41 10.56 -37.43
N SER G 203 -5.63 9.43 -38.08
CA SER G 203 -4.54 8.63 -38.63
C SER G 203 -3.85 9.33 -39.80
N ALA G 204 -2.64 8.90 -40.10
CA ALA G 204 -1.86 9.49 -41.18
C ALA G 204 -2.57 9.37 -42.53
N VAL G 205 -2.39 10.38 -43.37
CA VAL G 205 -3.09 10.47 -44.65
C VAL G 205 -2.64 9.39 -45.63
N GLU G 206 -1.38 8.99 -45.55
CA GLU G 206 -0.84 7.97 -46.45
C GLU G 206 -1.53 6.62 -46.22
N ARG G 207 -1.79 6.31 -44.95
CA ARG G 207 -2.49 5.09 -44.59
C ARG G 207 -3.94 5.14 -45.06
N ILE G 208 -4.54 6.34 -44.99
CA ILE G 208 -5.89 6.54 -45.49
C ILE G 208 -5.96 6.27 -46.99
N THR G 209 -5.00 6.83 -47.73
CA THR G 209 -4.91 6.62 -49.17
C THR G 209 -4.72 5.15 -49.50
N HIS G 210 -3.82 4.50 -48.77
CA HIS G 210 -3.52 3.08 -48.98
C HIS G 210 -4.77 2.23 -48.77
N GLU G 211 -5.49 2.51 -47.69
CA GLU G 211 -6.69 1.74 -47.36
C GLU G 211 -7.83 2.00 -48.35
N LEU G 212 -7.96 3.25 -48.78
CA LEU G 212 -9.00 3.62 -49.75
C LEU G 212 -8.74 2.95 -51.09
N PHE G 213 -7.48 2.90 -51.50
CA PHE G 213 -7.10 2.20 -52.72
C PHE G 213 -7.34 0.70 -52.56
N LYS G 214 -7.07 0.18 -51.37
CA LYS G 214 -7.37 -1.22 -51.06
C LYS G 214 -8.86 -1.50 -51.22
N ILE G 215 -9.68 -0.50 -50.86
CA ILE G 215 -11.12 -0.60 -51.06
C ILE G 215 -11.46 -0.58 -52.55
N MET G 216 -10.80 0.30 -53.29
CA MET G 216 -11.02 0.43 -54.73
C MET G 216 -10.53 -0.79 -55.50
N LYS G 217 -9.74 -1.64 -54.84
CA LYS G 217 -9.17 -2.80 -55.51
C LYS G 217 -10.20 -3.91 -55.74
N GLU G 218 -11.06 -4.15 -54.75
CA GLU G 218 -12.05 -5.22 -54.83
C GLU G 218 -13.19 -4.87 -55.79
N LYS G 219 -13.89 -5.90 -56.27
CA LYS G 219 -14.97 -5.73 -57.22
C LYS G 219 -16.27 -5.32 -56.54
N THR G 220 -16.29 -5.39 -55.21
CA THR G 220 -17.45 -4.99 -54.42
C THR G 220 -17.31 -3.55 -53.96
N ALA G 221 -16.28 -2.87 -54.46
CA ALA G 221 -15.88 -1.53 -54.02
C ALA G 221 -17.02 -0.52 -53.90
N HIS G 222 -17.94 -0.53 -54.86
CA HIS G 222 -19.01 0.47 -54.89
C HIS G 222 -19.89 0.42 -53.64
N LYS G 223 -20.09 -0.78 -53.11
CA LYS G 223 -20.87 -0.97 -51.90
C LYS G 223 -20.17 -0.33 -50.70
N VAL G 224 -18.85 -0.56 -50.62
CA VAL G 224 -18.05 -0.02 -49.54
C VAL G 224 -18.01 1.51 -49.62
N ILE G 225 -17.89 2.02 -50.83
CA ILE G 225 -17.90 3.46 -51.07
C ILE G 225 -19.23 4.07 -50.64
N ARG G 226 -20.32 3.40 -51.00
CA ARG G 226 -21.65 3.85 -50.61
C ARG G 226 -21.79 3.86 -49.09
N GLU G 227 -21.25 2.83 -48.44
CA GLU G 227 -21.27 2.73 -46.99
C GLU G 227 -20.49 3.87 -46.33
N LEU G 228 -19.34 4.21 -46.91
CA LEU G 228 -18.51 5.29 -46.38
C LEU G 228 -19.17 6.65 -46.60
N TYR G 229 -19.92 6.78 -47.69
CA TYR G 229 -20.61 8.02 -48.01
C TYR G 229 -21.82 8.24 -47.11
N GLU G 230 -22.58 7.17 -46.87
CA GLU G 230 -23.80 7.27 -46.07
C GLU G 230 -23.53 7.63 -44.61
N TYR G 231 -22.36 7.23 -44.11
CA TYR G 231 -22.00 7.53 -42.72
C TYR G 231 -21.17 8.80 -42.60
N GLY G 232 -20.93 9.46 -43.73
CA GLY G 232 -20.24 10.75 -43.74
C GLY G 232 -18.74 10.65 -43.60
N VAL G 233 -18.22 9.42 -43.59
CA VAL G 233 -16.79 9.19 -43.51
C VAL G 233 -16.08 9.68 -44.77
N LEU G 234 -16.68 9.38 -45.92
CA LEU G 234 -16.14 9.78 -47.21
C LEU G 234 -16.08 11.30 -47.33
N GLU G 235 -17.10 11.97 -46.78
CA GLU G 235 -17.14 13.43 -46.76
C GLU G 235 -16.04 13.98 -45.86
N ALA G 236 -15.79 13.28 -44.75
CA ALA G 236 -14.72 13.67 -43.82
C ALA G 236 -13.37 13.58 -44.51
N ILE G 237 -13.16 12.50 -45.26
CA ILE G 237 -11.93 12.32 -46.01
C ILE G 237 -11.90 13.23 -47.23
N ILE G 238 -12.99 13.26 -47.98
CA ILE G 238 -13.09 14.08 -49.19
C ILE G 238 -14.33 14.96 -49.17
N PRO G 239 -14.20 16.21 -48.68
CA PRO G 239 -15.29 17.18 -48.57
C PRO G 239 -15.96 17.49 -49.91
N GLU G 240 -15.19 17.40 -50.99
CA GLU G 240 -15.70 17.68 -52.33
C GLU G 240 -16.85 16.73 -52.69
N ILE G 241 -16.77 15.50 -52.20
CA ILE G 241 -17.85 14.54 -52.36
C ILE G 241 -19.09 15.01 -51.62
N GLY G 242 -18.87 15.58 -50.44
CA GLY G 242 -19.95 16.14 -49.65
C GLY G 242 -20.60 17.33 -50.33
N ARG G 243 -19.83 18.04 -51.16
CA ARG G 243 -20.34 19.19 -51.88
C ARG G 243 -21.27 18.80 -53.04
N LEU G 244 -21.26 17.52 -53.41
CA LEU G 244 -22.08 17.03 -54.51
C LEU G 244 -23.57 17.04 -54.18
N ARG G 245 -23.90 17.17 -52.91
CA ARG G 245 -25.29 17.06 -52.46
C ARG G 245 -26.09 18.34 -52.70
N GLU G 246 -25.42 19.49 -52.63
CA GLU G 246 -26.10 20.78 -52.73
C GLU G 246 -26.72 21.01 -54.11
N VAL G 247 -26.15 20.37 -55.13
CA VAL G 247 -26.67 20.49 -56.49
C VAL G 247 -27.66 19.38 -56.80
N LYS G 248 -28.89 19.76 -57.15
CA LYS G 248 -29.93 18.79 -57.47
C LYS G 248 -30.18 18.73 -58.97
N ASP G 249 -30.44 17.53 -59.48
CA ASP G 249 -30.67 17.34 -60.90
C ASP G 249 -32.14 17.60 -61.27
N PRO G 257 -30.50 13.74 -58.35
CA PRO G 257 -29.42 13.53 -57.38
C PRO G 257 -28.08 13.21 -58.06
N LEU G 258 -27.07 14.02 -57.77
CA LEU G 258 -25.74 13.82 -58.37
C LEU G 258 -24.96 12.71 -57.68
N ASP G 259 -25.09 12.65 -56.35
CA ASP G 259 -24.38 11.64 -55.56
C ASP G 259 -24.77 10.22 -55.93
N GLU G 260 -26.08 9.99 -56.04
CA GLU G 260 -26.58 8.68 -56.43
C GLU G 260 -26.17 8.35 -57.86
N HIS G 261 -26.11 9.38 -58.70
CA HIS G 261 -25.66 9.23 -60.08
C HIS G 261 -24.21 8.77 -60.13
N THR G 262 -23.40 9.31 -59.24
CA THR G 262 -21.99 8.96 -59.16
C THR G 262 -21.78 7.55 -58.61
N LEU G 263 -22.50 7.23 -57.54
CA LEU G 263 -22.42 5.91 -56.94
C LEU G 263 -22.85 4.84 -57.94
N LYS G 264 -23.92 5.13 -58.67
CA LYS G 264 -24.39 4.23 -59.72
C LYS G 264 -23.41 4.18 -60.89
N THR G 265 -22.69 5.29 -61.09
CA THR G 265 -21.66 5.34 -62.13
C THR G 265 -20.55 4.35 -61.80
N LEU G 266 -20.14 4.33 -60.53
CA LEU G 266 -19.13 3.38 -60.07
C LEU G 266 -19.64 1.94 -60.12
N GLU G 267 -20.84 1.73 -59.57
CA GLU G 267 -21.46 0.41 -59.52
C GLU G 267 -21.57 -0.20 -60.92
N TYR G 268 -21.96 0.62 -61.88
CA TYR G 268 -22.04 0.17 -63.27
C TYR G 268 -20.65 0.00 -63.88
N LEU G 269 -19.72 0.84 -63.44
CA LEU G 269 -18.35 0.79 -63.96
C LEU G 269 -17.69 -0.54 -63.64
N GLU G 270 -17.99 -1.08 -62.46
CA GLU G 270 -17.44 -2.39 -62.09
C GLU G 270 -17.94 -3.48 -63.04
N GLN G 271 -19.23 -3.43 -63.34
CA GLN G 271 -19.84 -4.39 -64.27
C GLN G 271 -19.27 -4.26 -65.67
N VAL G 272 -19.01 -3.02 -66.10
CA VAL G 272 -18.40 -2.76 -67.40
C VAL G 272 -16.98 -3.31 -67.43
N ILE G 273 -16.26 -3.13 -66.32
CA ILE G 273 -14.89 -3.63 -66.19
C ILE G 273 -14.87 -5.15 -66.29
N GLU G 274 -15.85 -5.80 -65.68
CA GLU G 274 -15.97 -7.26 -65.82
C GLU G 274 -16.24 -7.65 -67.27
N ASP G 275 -16.97 -6.79 -67.97
CA ASP G 275 -17.36 -7.04 -69.37
C ASP G 275 -16.40 -6.40 -70.37
N ARG G 276 -15.29 -5.84 -69.87
CA ARG G 276 -14.37 -5.04 -70.69
C ARG G 276 -13.93 -5.70 -72.00
N ALA G 277 -13.91 -7.03 -72.02
CA ALA G 277 -13.49 -7.77 -73.22
C ALA G 277 -14.47 -7.56 -74.36
N LYS G 278 -15.72 -7.28 -74.03
CA LYS G 278 -16.76 -7.08 -75.03
C LYS G 278 -16.59 -5.78 -75.82
N TYR G 279 -16.46 -4.68 -75.11
CA TYR G 279 -16.40 -3.36 -75.73
C TYR G 279 -15.01 -3.01 -76.26
N LEU G 280 -13.98 -3.32 -75.49
CA LEU G 280 -12.61 -2.93 -75.83
C LEU G 280 -11.93 -3.87 -76.80
N SER G 281 -11.07 -3.31 -77.65
CA SER G 281 -10.25 -4.10 -78.57
C SER G 281 -9.12 -4.79 -77.82
N ALA G 282 -8.56 -5.84 -78.42
CA ALA G 282 -7.54 -6.66 -77.77
C ALA G 282 -6.26 -5.90 -77.49
N GLU G 283 -5.87 -5.00 -78.40
CA GLU G 283 -4.66 -4.21 -78.22
C GLU G 283 -4.79 -3.25 -77.04
N LEU G 284 -6.02 -2.82 -76.78
CA LEU G 284 -6.30 -1.98 -75.62
C LEU G 284 -6.38 -2.82 -74.35
N LEU G 285 -6.83 -4.06 -74.49
CA LEU G 285 -7.00 -4.97 -73.36
C LEU G 285 -5.69 -5.55 -72.87
N GLU G 286 -4.69 -5.59 -73.76
CA GLU G 286 -3.41 -6.21 -73.45
C GLU G 286 -2.68 -5.51 -72.32
N ASN G 287 -2.52 -4.19 -72.45
CA ASN G 287 -1.80 -3.40 -71.45
C ASN G 287 -2.73 -2.78 -70.40
N PHE G 288 -4.02 -3.04 -70.53
CA PHE G 288 -4.99 -2.51 -69.57
C PHE G 288 -4.86 -3.20 -68.21
N GLY G 289 -4.73 -2.39 -67.17
CA GLY G 289 -4.64 -2.90 -65.81
C GLY G 289 -3.23 -3.35 -65.43
N LYS G 290 -2.29 -3.22 -66.36
CA LYS G 290 -0.92 -3.63 -66.11
C LYS G 290 -0.02 -2.47 -65.68
N LYS G 291 -0.61 -1.28 -65.56
CA LYS G 291 0.12 -0.11 -65.11
C LYS G 291 0.13 -0.04 -63.59
N ARG G 292 1.31 -0.09 -62.99
CA ARG G 292 1.44 -0.13 -61.53
C ARG G 292 1.36 1.25 -60.89
N VAL G 293 0.61 1.40 -59.82
CA VAL G 293 0.78 2.62 -59.03
C VAL G 293 0.86 2.34 -57.54
N LEU G 294 1.81 2.96 -56.90
CA LEU G 294 1.94 2.85 -55.46
C LEU G 294 2.22 1.40 -55.23
N GLY G 295 2.62 0.75 -56.30
CA GLY G 295 3.34 -0.50 -56.22
C GLY G 295 2.54 -1.77 -55.95
N GLU G 296 1.44 -1.67 -55.21
CA GLU G 296 0.52 -2.80 -55.08
C GLU G 296 -0.78 -2.63 -55.87
N PHE G 297 -0.94 -1.47 -56.50
CA PHE G 297 -2.20 -1.15 -57.17
C PHE G 297 -2.03 -0.90 -58.66
N THR G 298 -3.13 -0.99 -59.40
CA THR G 298 -3.11 -0.80 -60.85
C THR G 298 -3.88 0.46 -61.25
N ASP G 299 -3.98 0.70 -62.55
CA ASP G 299 -4.69 1.87 -63.06
C ASP G 299 -6.20 1.68 -63.04
N VAL G 300 -6.64 0.47 -62.71
CA VAL G 300 -8.06 0.17 -62.60
C VAL G 300 -8.67 0.92 -61.42
N GLU G 301 -7.94 0.92 -60.31
CA GLU G 301 -8.34 1.68 -59.13
C GLU G 301 -8.41 3.17 -59.46
N LEU G 302 -7.48 3.62 -60.30
CA LEU G 302 -7.48 5.00 -60.78
C LEU G 302 -8.70 5.26 -61.65
N LEU G 303 -9.16 4.23 -62.34
CA LEU G 303 -10.35 4.32 -63.17
C LEU G 303 -11.58 4.48 -62.29
N LYS G 304 -11.63 3.71 -61.21
CA LYS G 304 -12.76 3.80 -60.27
C LYS G 304 -12.79 5.14 -59.54
N TRP G 305 -11.61 5.63 -59.16
CA TRP G 305 -11.50 6.97 -58.60
C TRP G 305 -11.93 8.01 -59.64
N GLY G 306 -11.66 7.69 -60.90
CA GLY G 306 -12.11 8.52 -62.01
C GLY G 306 -13.61 8.51 -62.14
N ALA G 307 -14.23 7.41 -61.72
CA ALA G 307 -15.68 7.29 -61.75
C ALA G 307 -16.31 8.09 -60.62
N LEU G 308 -15.74 7.98 -59.43
CA LEU G 308 -16.24 8.74 -58.28
C LEU G 308 -16.05 10.24 -58.51
N PHE G 309 -14.96 10.60 -59.17
CA PHE G 309 -14.64 11.99 -59.43
C PHE G 309 -15.07 12.48 -60.80
N HIS G 310 -15.79 11.63 -61.54
CA HIS G 310 -16.11 11.92 -62.95
C HIS G 310 -16.73 13.32 -63.12
N ASP G 311 -17.74 13.64 -62.33
CA ASP G 311 -18.09 15.05 -62.14
C ASP G 311 -17.93 15.42 -60.67
N ILE G 312 -16.85 16.10 -60.33
CA ILE G 312 -16.72 16.73 -59.03
C ILE G 312 -16.93 18.24 -59.14
N GLY G 313 -17.09 18.71 -60.37
CA GLY G 313 -17.13 20.14 -60.64
C GLY G 313 -18.51 20.72 -60.89
N LYS G 314 -19.49 19.85 -61.02
CA LYS G 314 -20.88 20.28 -61.19
C LYS G 314 -21.42 21.13 -60.03
N PRO G 315 -21.06 20.80 -58.77
CA PRO G 315 -21.49 21.73 -57.71
C PRO G 315 -20.77 23.07 -57.76
N GLN G 316 -19.58 23.11 -58.35
CA GLN G 316 -18.80 24.34 -58.43
C GLN G 316 -19.43 25.35 -59.40
N THR G 317 -19.92 24.83 -60.53
CA THR G 317 -20.53 25.68 -61.55
C THR G 317 -22.06 25.67 -61.45
N PHE G 318 -22.67 26.82 -61.71
CA PHE G 318 -24.12 26.93 -61.65
C PHE G 318 -24.63 28.01 -62.60
N VAL G 325 -28.03 27.15 -64.57
CA VAL G 325 -28.84 26.41 -65.51
C VAL G 325 -28.06 25.23 -66.10
N THR G 326 -26.89 25.52 -66.66
CA THR G 326 -26.04 24.49 -67.25
C THR G 326 -24.63 24.52 -66.68
N PHE G 327 -23.97 23.37 -66.68
CA PHE G 327 -22.60 23.26 -66.18
C PHE G 327 -21.61 23.21 -67.34
N TYR G 328 -21.03 24.38 -67.57
CA TYR G 328 -20.40 24.77 -68.82
C TYR G 328 -18.88 24.74 -68.86
N GLU G 329 -18.25 25.35 -67.86
CA GLU G 329 -16.82 25.24 -67.74
C GLU G 329 -16.53 23.99 -66.92
N HIS G 330 -16.82 22.83 -67.50
CA HIS G 330 -16.86 21.58 -66.75
C HIS G 330 -15.91 20.51 -67.30
N ASP G 331 -15.31 19.77 -66.38
CA ASP G 331 -14.27 18.78 -66.66
C ASP G 331 -12.94 19.45 -66.87
N LYS G 332 -12.84 20.74 -66.59
CA LYS G 332 -11.52 21.27 -66.25
C LYS G 332 -11.41 21.56 -64.76
N VAL G 333 -12.44 22.19 -64.22
CA VAL G 333 -12.53 22.44 -62.79
C VAL G 333 -12.43 21.12 -62.03
N GLY G 334 -13.12 20.11 -62.55
CA GLY G 334 -13.05 18.77 -62.00
C GLY G 334 -11.65 18.23 -61.99
N ALA G 335 -10.93 18.45 -63.09
CA ALA G 335 -9.54 18.00 -63.20
C ALA G 335 -8.66 18.67 -62.14
N GLN G 336 -8.83 19.98 -61.99
CA GLN G 336 -8.06 20.74 -61.00
C GLN G 336 -8.34 20.26 -59.58
N ILE G 337 -9.63 20.08 -59.26
CA ILE G 337 -10.04 19.57 -57.97
C ILE G 337 -9.43 18.19 -57.71
N VAL G 338 -9.49 17.32 -58.71
CA VAL G 338 -8.89 15.99 -58.61
C VAL G 338 -7.39 16.08 -58.32
N ARG G 339 -6.72 17.03 -58.99
CA ARG G 339 -5.31 17.26 -58.74
C ARG G 339 -5.07 17.66 -57.29
N GLU G 340 -5.91 18.56 -56.78
CA GLU G 340 -5.82 19.02 -55.41
C GLU G 340 -6.01 17.88 -54.40
N ILE G 341 -7.00 17.03 -54.65
CA ILE G 341 -7.27 15.88 -53.80
C ILE G 341 -6.10 14.89 -53.82
N GLY G 342 -5.61 14.60 -55.01
CA GLY G 342 -4.49 13.70 -55.18
C GLY G 342 -3.24 14.19 -54.49
N GLU G 343 -3.07 15.52 -54.49
CA GLU G 343 -1.96 16.14 -53.78
C GLU G 343 -2.15 16.01 -52.27
N ARG G 344 -3.36 16.34 -51.80
CA ARG G 344 -3.69 16.30 -50.39
C ARG G 344 -3.67 14.88 -49.83
N LEU G 345 -4.11 13.93 -50.64
CA LEU G 345 -4.18 12.54 -50.22
C LEU G 345 -2.88 11.79 -50.49
N ARG G 346 -1.86 12.54 -50.94
CA ARG G 346 -0.52 12.01 -51.17
C ARG G 346 -0.50 10.95 -52.26
N TRP G 347 -1.39 11.10 -53.24
CA TRP G 347 -1.40 10.20 -54.38
C TRP G 347 -0.15 10.41 -55.22
N GLY G 348 0.23 9.39 -55.98
CA GLY G 348 1.35 9.50 -56.90
C GLY G 348 1.09 10.61 -57.90
N ASP G 349 2.16 11.29 -58.32
CA ASP G 349 2.02 12.42 -59.23
C ASP G 349 1.41 11.99 -60.55
N GLU G 350 1.95 10.90 -61.12
CA GLU G 350 1.43 10.35 -62.37
C GLU G 350 0.02 9.79 -62.16
N ALA G 351 -0.27 9.36 -60.93
CA ALA G 351 -1.58 8.82 -60.59
C ALA G 351 -2.65 9.92 -60.58
N THR G 352 -2.38 10.98 -59.83
CA THR G 352 -3.34 12.08 -59.73
C THR G 352 -3.45 12.81 -61.05
N GLU G 353 -2.36 12.82 -61.82
CA GLU G 353 -2.38 13.39 -63.17
C GLU G 353 -3.25 12.53 -64.08
N PHE G 354 -3.14 11.21 -63.91
CA PHE G 354 -3.94 10.27 -64.68
C PHE G 354 -5.44 10.46 -64.41
N VAL G 355 -5.80 10.51 -63.14
CA VAL G 355 -7.21 10.68 -62.76
C VAL G 355 -7.72 12.05 -63.20
N ALA G 356 -6.88 13.07 -63.06
CA ALA G 356 -7.25 14.42 -63.48
C ALA G 356 -7.54 14.48 -64.97
N LYS G 357 -6.62 13.92 -65.76
CA LYS G 357 -6.78 13.89 -67.21
C LYS G 357 -7.99 13.03 -67.60
N LEU G 358 -8.27 12.02 -66.81
CA LEU G 358 -9.42 11.15 -67.05
C LEU G 358 -10.73 11.88 -66.83
N VAL G 359 -10.78 12.68 -65.77
CA VAL G 359 -11.98 13.47 -65.45
C VAL G 359 -12.17 14.60 -66.48
N ARG G 360 -11.05 15.18 -66.90
CA ARG G 360 -11.07 16.27 -67.87
C ARG G 360 -11.77 15.90 -69.18
N HIS G 361 -11.46 14.73 -69.70
CA HIS G 361 -11.99 14.29 -71.00
C HIS G 361 -13.25 13.44 -70.89
N HIS G 362 -13.79 13.32 -69.67
CA HIS G 362 -14.90 12.40 -69.40
C HIS G 362 -16.11 12.60 -70.34
N LEU G 363 -16.31 13.82 -70.83
CA LEU G 363 -17.46 14.13 -71.67
C LEU G 363 -17.13 14.05 -73.16
N ARG G 364 -15.88 13.76 -73.49
CA ARG G 364 -15.45 13.69 -74.88
C ARG G 364 -16.12 12.56 -75.68
N PRO G 365 -16.18 11.33 -75.10
CA PRO G 365 -16.86 10.27 -75.88
C PRO G 365 -18.34 10.55 -76.11
N PHE G 366 -18.95 11.37 -75.26
CA PHE G 366 -20.34 11.76 -75.45
C PHE G 366 -20.47 12.69 -76.64
N PHE G 367 -19.51 13.60 -76.77
CA PHE G 367 -19.47 14.51 -77.91
C PHE G 367 -19.23 13.74 -79.21
N LEU G 368 -18.26 12.84 -79.17
CA LEU G 368 -17.96 12.00 -80.33
C LEU G 368 -19.14 11.10 -80.69
N ARG G 369 -19.89 10.71 -79.67
CA ARG G 369 -21.09 9.90 -79.89
C ARG G 369 -22.17 10.72 -80.57
N GLU G 370 -22.34 11.97 -80.11
CA GLU G 370 -23.32 12.87 -80.70
C GLU G 370 -22.96 13.18 -82.15
N ALA G 371 -21.66 13.27 -82.41
CA ALA G 371 -21.18 13.47 -83.78
C ALA G 371 -21.38 12.21 -84.61
N PHE G 372 -21.36 11.06 -83.94
CA PHE G 372 -21.55 9.78 -84.61
C PHE G 372 -23.00 9.58 -85.02
N LYS G 373 -23.92 10.00 -84.16
CA LYS G 373 -25.35 9.86 -84.40
C LYS G 373 -25.82 10.71 -85.57
N LYS G 374 -25.12 11.82 -85.81
CA LYS G 374 -25.48 12.72 -86.91
C LYS G 374 -24.72 12.37 -88.18
N GLY G 375 -23.84 11.38 -88.08
CA GLY G 375 -23.03 10.95 -89.21
C GLY G 375 -21.98 11.97 -89.58
N GLU G 376 -21.70 12.90 -88.66
CA GLU G 376 -20.72 13.95 -88.90
C GLU G 376 -19.36 13.56 -88.33
N LEU G 377 -19.28 12.36 -87.77
CA LEU G 377 -18.02 11.88 -87.21
C LEU G 377 -17.10 11.37 -88.31
N LYS G 378 -15.93 11.98 -88.41
CA LYS G 378 -14.98 11.64 -89.47
C LYS G 378 -13.56 11.51 -88.92
N ARG G 379 -12.61 11.32 -89.82
CA ARG G 379 -11.21 11.12 -89.44
C ARG G 379 -10.62 12.26 -88.62
N ARG G 380 -11.12 13.48 -88.84
CA ARG G 380 -10.60 14.64 -88.14
C ARG G 380 -10.80 14.51 -86.63
N GLY G 381 -12.05 14.31 -86.21
CA GLY G 381 -12.38 14.19 -84.81
C GLY G 381 -11.73 12.98 -84.15
N MET G 382 -11.66 11.88 -84.90
CA MET G 382 -11.07 10.65 -84.39
C MET G 382 -9.57 10.82 -84.15
N ALA G 383 -8.86 11.32 -85.16
CA ALA G 383 -7.43 11.55 -85.07
C ALA G 383 -7.11 12.56 -83.97
N ASN G 384 -7.93 13.61 -83.87
CA ASN G 384 -7.78 14.59 -82.81
C ASN G 384 -7.96 13.94 -81.44
N PHE G 385 -8.94 13.04 -81.33
CA PHE G 385 -9.19 12.33 -80.09
C PHE G 385 -8.01 11.46 -79.68
N TRP G 386 -7.52 10.66 -80.60
CA TRP G 386 -6.42 9.75 -80.31
C TRP G 386 -5.10 10.49 -80.08
N ARG G 387 -4.94 11.65 -80.70
CA ARG G 387 -3.74 12.46 -80.51
C ARG G 387 -3.76 13.16 -79.16
N GLU G 388 -4.89 13.76 -78.82
CA GLU G 388 -5.04 14.45 -77.54
C GLU G 388 -4.86 13.47 -76.38
N CYS G 389 -5.71 12.45 -76.34
CA CYS G 389 -5.52 11.38 -75.36
C CYS G 389 -5.58 10.00 -76.01
N GLY G 390 -4.44 9.33 -76.09
CA GLY G 390 -4.42 7.94 -76.49
C GLY G 390 -4.15 7.03 -75.29
N ASP G 391 -3.71 7.63 -74.20
CA ASP G 391 -3.31 6.90 -73.01
C ASP G 391 -4.50 6.50 -72.14
N ILE G 392 -5.43 7.43 -71.96
CA ILE G 392 -6.59 7.20 -71.10
C ILE G 392 -7.77 6.67 -71.90
N ALA G 393 -7.54 6.44 -73.20
CA ALA G 393 -8.60 6.06 -74.13
C ALA G 393 -9.47 4.89 -73.66
N PRO G 394 -8.87 3.73 -73.29
CA PRO G 394 -9.75 2.64 -72.87
C PRO G 394 -10.52 2.95 -71.59
N HIS G 395 -9.81 3.56 -70.63
CA HIS G 395 -10.39 3.95 -69.36
C HIS G 395 -11.51 4.97 -69.60
N LEU G 396 -11.25 5.88 -70.53
CA LEU G 396 -12.24 6.90 -70.88
C LEU G 396 -13.47 6.27 -71.51
N PHE G 397 -13.24 5.19 -72.27
CA PHE G 397 -14.33 4.46 -72.91
C PHE G 397 -15.22 3.79 -71.87
N LEU G 398 -14.60 3.00 -71.00
CA LEU G 398 -15.33 2.30 -69.95
C LEU G 398 -16.08 3.29 -69.05
N LEU G 399 -15.39 4.37 -68.68
CA LEU G 399 -15.98 5.41 -67.86
C LEU G 399 -17.17 6.07 -68.57
N SER G 400 -17.05 6.26 -69.88
CA SER G 400 -18.11 6.87 -70.66
C SER G 400 -19.34 5.97 -70.71
N ILE G 401 -19.11 4.67 -70.92
CA ILE G 401 -20.21 3.71 -70.95
C ILE G 401 -20.92 3.65 -69.60
N ALA G 402 -20.12 3.57 -68.52
CA ALA G 402 -20.68 3.53 -67.17
C ALA G 402 -21.49 4.79 -66.85
N ASP G 403 -20.93 5.94 -67.17
CA ASP G 403 -21.60 7.22 -66.93
C ASP G 403 -22.87 7.33 -67.76
N ALA G 404 -22.85 6.74 -68.96
CA ALA G 404 -24.03 6.73 -69.81
C ALA G 404 -25.11 5.85 -69.22
N MET G 405 -24.71 4.73 -68.63
CA MET G 405 -25.65 3.83 -67.97
C MET G 405 -26.28 4.47 -66.74
N ALA G 406 -25.45 5.17 -65.97
CA ALA G 406 -25.91 5.80 -64.73
C ALA G 406 -26.80 7.00 -65.03
N SER G 407 -26.66 7.57 -66.22
CA SER G 407 -27.43 8.75 -66.60
C SER G 407 -28.81 8.35 -67.11
N GLY G 408 -29.07 7.06 -67.18
CA GLY G 408 -30.35 6.55 -67.63
C GLY G 408 -30.56 6.80 -69.12
N ASP G 409 -29.48 6.73 -69.88
CA ASP G 409 -29.56 6.91 -71.33
C ASP G 409 -30.32 5.78 -72.00
N GLU G 410 -30.91 6.07 -73.15
CA GLU G 410 -31.63 5.05 -73.92
C GLU G 410 -30.67 3.96 -74.38
N GLU G 411 -31.18 2.74 -74.50
CA GLU G 411 -30.36 1.59 -74.89
C GLU G 411 -29.71 1.79 -76.25
N GLU G 412 -30.45 2.42 -77.15
CA GLU G 412 -29.97 2.67 -78.50
C GLU G 412 -28.83 3.68 -78.47
N ASP G 413 -28.92 4.63 -77.55
CA ASP G 413 -27.89 5.66 -77.38
C ASP G 413 -26.63 5.05 -76.79
N ILE G 414 -26.81 4.13 -75.86
CA ILE G 414 -25.69 3.40 -75.25
C ILE G 414 -24.97 2.56 -76.30
N LYS G 415 -25.74 1.85 -77.11
CA LYS G 415 -25.18 1.06 -78.20
C LYS G 415 -24.46 1.97 -79.20
N ALA G 416 -25.01 3.16 -79.43
CA ALA G 416 -24.38 4.15 -80.28
C ALA G 416 -23.03 4.57 -79.72
N LEU G 417 -22.96 4.72 -78.41
CA LEU G 417 -21.71 5.06 -77.74
C LEU G 417 -20.69 3.94 -77.89
N MET G 418 -21.13 2.71 -77.67
CA MET G 418 -20.27 1.54 -77.78
C MET G 418 -19.70 1.38 -79.19
N GLU G 419 -20.56 1.56 -80.19
CA GLU G 419 -20.13 1.43 -81.58
C GLU G 419 -19.27 2.61 -82.00
N THR G 420 -19.48 3.76 -81.37
CA THR G 420 -18.61 4.92 -81.59
C THR G 420 -17.21 4.59 -81.08
N ILE G 421 -17.15 4.04 -79.88
CA ILE G 421 -15.91 3.57 -79.29
C ILE G 421 -15.20 2.57 -80.20
N ALA G 422 -15.96 1.60 -80.71
CA ALA G 422 -15.40 0.59 -81.60
C ALA G 422 -14.91 1.20 -82.90
N GLU G 423 -15.57 2.25 -83.37
CA GLU G 423 -15.14 2.95 -84.57
C GLU G 423 -13.82 3.69 -84.32
N LEU G 424 -13.69 4.25 -83.12
CA LEU G 424 -12.44 4.91 -82.74
C LEU G 424 -11.29 3.91 -82.68
N GLU G 425 -11.52 2.79 -81.98
CA GLU G 425 -10.52 1.75 -81.84
C GLU G 425 -10.11 1.18 -83.19
N SER G 426 -11.10 0.94 -84.05
CA SER G 426 -10.84 0.40 -85.37
C SER G 426 -10.08 1.40 -86.23
N PHE G 427 -10.40 2.68 -86.08
CA PHE G 427 -9.73 3.74 -86.82
C PHE G 427 -8.26 3.82 -86.40
N ASN G 428 -8.01 3.65 -85.11
CA ASN G 428 -6.64 3.72 -84.60
C ASN G 428 -5.81 2.47 -84.91
N ARG G 429 -6.48 1.33 -85.00
CA ARG G 429 -5.79 0.05 -85.17
C ARG G 429 -5.23 -0.15 -86.58
N ASN G 430 -6.03 0.17 -87.59
CA ASN G 430 -5.66 -0.09 -88.97
C ASN G 430 -5.46 1.18 -89.79
N GLU G 431 -6.51 1.98 -89.90
CA GLU G 431 -6.54 3.10 -90.85
C GLU G 431 -5.64 4.26 -90.43
N MET G 432 -5.02 4.16 -89.26
CA MET G 432 -4.05 5.17 -88.84
C MET G 432 -2.63 4.68 -89.06
N LYS G 433 -2.02 5.08 -90.17
CA LYS G 433 -0.65 4.69 -90.46
C LYS G 433 0.24 5.92 -90.62
N LEU H 2 -27.79 -5.33 -78.50
CA LEU H 2 -26.95 -4.74 -77.45
C LEU H 2 -26.15 -5.80 -76.71
N ASN H 3 -26.85 -6.85 -76.26
CA ASN H 3 -26.21 -7.94 -75.52
C ASN H 3 -25.34 -8.80 -76.44
N PHE H 4 -25.68 -8.83 -77.72
CA PHE H 4 -24.99 -9.66 -78.69
C PHE H 4 -23.81 -8.93 -79.34
N TYR H 5 -23.51 -7.73 -78.85
CA TYR H 5 -22.49 -6.90 -79.47
C TYR H 5 -21.06 -7.32 -79.14
N LEU H 6 -20.18 -7.14 -80.11
CA LEU H 6 -18.74 -7.26 -79.93
C LEU H 6 -18.06 -6.24 -80.83
N SER H 7 -16.96 -5.65 -80.35
CA SER H 7 -16.27 -4.58 -81.09
C SER H 7 -15.83 -5.00 -82.48
N TYR H 8 -15.15 -6.14 -82.58
CA TYR H 8 -14.56 -6.58 -83.83
C TYR H 8 -15.59 -6.83 -84.93
N PHE H 9 -16.85 -6.98 -84.54
CA PHE H 9 -17.93 -7.12 -85.49
C PHE H 9 -17.93 -5.95 -86.47
N ASP H 10 -17.62 -4.77 -85.95
CA ASP H 10 -17.51 -3.57 -86.80
C ASP H 10 -16.53 -3.83 -87.93
N ASP H 11 -15.36 -4.34 -87.58
CA ASP H 11 -14.35 -4.67 -88.58
C ASP H 11 -14.92 -5.64 -89.61
N VAL H 12 -15.67 -6.63 -89.13
CA VAL H 12 -16.30 -7.60 -90.02
C VAL H 12 -17.22 -6.87 -90.99
N ALA H 13 -17.99 -5.93 -90.47
CA ALA H 13 -18.92 -5.17 -91.30
C ALA H 13 -18.17 -4.38 -92.37
N LYS H 14 -16.93 -3.98 -92.05
CA LYS H 14 -16.10 -3.27 -93.00
C LYS H 14 -15.47 -4.23 -94.01
N VAL H 15 -15.21 -5.46 -93.56
CA VAL H 15 -14.63 -6.46 -94.45
C VAL H 15 -15.71 -7.07 -95.34
N LEU H 16 -16.89 -7.25 -94.77
CA LEU H 16 -18.01 -7.86 -95.48
C LEU H 16 -18.43 -7.03 -96.70
N PRO H 17 -18.53 -7.69 -97.87
CA PRO H 17 -19.00 -7.04 -99.10
C PRO H 17 -20.38 -6.43 -98.93
N ARG H 18 -20.68 -5.41 -99.72
CA ARG H 18 -21.93 -4.67 -99.58
C ARG H 18 -23.13 -5.50 -100.00
N GLU H 19 -22.93 -6.39 -100.97
CA GLU H 19 -24.02 -7.20 -101.50
C GLU H 19 -24.14 -8.55 -100.79
N HIS H 20 -23.29 -8.76 -99.79
CA HIS H 20 -23.28 -10.02 -99.05
C HIS H 20 -23.68 -9.82 -97.59
N TYR H 21 -24.19 -10.87 -96.96
CA TYR H 21 -24.70 -10.79 -95.59
C TYR H 21 -23.93 -11.74 -94.68
N CYS H 22 -23.96 -11.45 -93.38
CA CYS H 22 -23.22 -12.25 -92.41
C CYS H 22 -24.05 -12.55 -91.16
N PHE H 23 -23.88 -13.76 -90.63
CA PHE H 23 -24.62 -14.18 -89.44
C PHE H 23 -23.70 -14.70 -88.33
N ILE H 24 -24.10 -14.42 -87.09
CA ILE H 24 -23.39 -14.92 -85.90
C ILE H 24 -24.10 -16.16 -85.37
N VAL H 25 -23.38 -17.26 -85.29
CA VAL H 25 -24.00 -18.55 -84.99
C VAL H 25 -23.32 -19.30 -83.85
N GLY H 26 -24.06 -20.23 -83.24
CA GLY H 26 -23.51 -21.20 -82.30
C GLY H 26 -23.09 -20.70 -80.93
N GLY H 27 -21.88 -21.09 -80.54
CA GLY H 27 -21.39 -20.93 -79.18
C GLY H 27 -21.49 -19.56 -78.56
N TRP H 28 -21.05 -18.54 -79.30
CA TRP H 28 -21.03 -17.17 -78.77
C TRP H 28 -22.44 -16.67 -78.50
N VAL H 29 -23.34 -16.92 -79.46
CA VAL H 29 -24.75 -16.55 -79.32
C VAL H 29 -25.37 -17.26 -78.13
N ARG H 30 -25.09 -18.56 -78.02
CA ARG H 30 -25.58 -19.38 -76.92
C ARG H 30 -25.15 -18.83 -75.55
N ASP H 31 -23.85 -18.59 -75.41
CA ASP H 31 -23.29 -18.08 -74.17
C ASP H 31 -23.84 -16.70 -73.83
N ARG H 32 -24.11 -15.91 -74.87
CA ARG H 32 -24.65 -14.57 -74.70
C ARG H 32 -26.11 -14.62 -74.25
N ILE H 33 -26.86 -15.60 -74.74
CA ILE H 33 -28.25 -15.79 -74.34
C ILE H 33 -28.32 -16.29 -72.90
N LEU H 34 -27.29 -17.01 -72.47
CA LEU H 34 -27.22 -17.50 -71.10
C LEU H 34 -26.81 -16.39 -70.13
N GLY H 35 -26.39 -15.26 -70.68
CA GLY H 35 -26.00 -14.11 -69.87
C GLY H 35 -24.68 -14.32 -69.15
N GLU H 36 -23.89 -15.28 -69.63
CA GLU H 36 -22.59 -15.56 -69.05
C GLU H 36 -21.59 -14.47 -69.41
N PRO H 37 -20.85 -13.97 -68.41
CA PRO H 37 -19.83 -12.94 -68.62
C PRO H 37 -18.73 -13.43 -69.56
N VAL H 38 -18.32 -12.57 -70.50
CA VAL H 38 -17.27 -12.94 -71.44
C VAL H 38 -15.94 -13.17 -70.72
N GLY H 39 -15.34 -14.33 -70.96
CA GLY H 39 -14.10 -14.71 -70.31
C GLY H 39 -12.88 -14.22 -71.05
N TYR H 40 -11.77 -14.93 -70.87
CA TYR H 40 -10.52 -14.57 -71.53
C TYR H 40 -10.39 -15.23 -72.89
N ASN H 41 -11.29 -16.17 -73.18
CA ASN H 41 -11.30 -16.86 -74.46
C ASN H 41 -12.56 -16.53 -75.26
N ILE H 42 -12.37 -15.90 -76.42
CA ILE H 42 -13.51 -15.51 -77.25
C ILE H 42 -13.54 -16.26 -78.58
N ASP H 43 -14.54 -17.11 -78.75
CA ASP H 43 -14.71 -17.87 -79.98
C ASP H 43 -16.05 -17.52 -80.64
N VAL H 44 -16.00 -17.00 -81.86
CA VAL H 44 -17.21 -16.61 -82.57
C VAL H 44 -17.32 -17.33 -83.90
N ASP H 45 -18.50 -17.89 -84.18
CA ASP H 45 -18.73 -18.61 -85.43
C ASP H 45 -19.59 -17.78 -86.39
N PHE H 46 -19.22 -17.77 -87.67
CA PHE H 46 -19.90 -16.97 -88.67
C PHE H 46 -20.42 -17.79 -89.86
N LEU H 47 -21.57 -17.38 -90.37
CA LEU H 47 -22.11 -17.91 -91.62
C LEU H 47 -22.27 -16.78 -92.62
N THR H 48 -21.47 -16.81 -93.68
CA THR H 48 -21.49 -15.71 -94.64
C THR H 48 -21.79 -16.17 -96.06
N THR H 49 -22.40 -15.27 -96.84
CA THR H 49 -22.70 -15.56 -98.23
C THR H 49 -21.54 -15.13 -99.14
N ALA H 50 -20.60 -14.41 -98.54
CA ALA H 50 -19.40 -13.98 -99.27
C ALA H 50 -18.34 -15.08 -99.23
N ASP H 51 -17.18 -14.80 -99.83
CA ASP H 51 -16.06 -15.72 -99.79
C ASP H 51 -15.41 -15.72 -98.40
N PRO H 52 -15.49 -16.85 -97.69
CA PRO H 52 -14.98 -16.96 -96.32
C PRO H 52 -13.48 -16.77 -96.23
N VAL H 53 -12.75 -17.19 -97.26
CA VAL H 53 -11.29 -17.08 -97.26
C VAL H 53 -10.84 -15.63 -97.35
N GLU H 54 -11.40 -14.88 -98.29
CA GLU H 54 -11.06 -13.48 -98.47
C GLU H 54 -11.54 -12.67 -97.26
N LEU H 55 -12.75 -12.96 -96.81
CA LEU H 55 -13.34 -12.32 -95.65
C LEU H 55 -12.43 -12.47 -94.43
N ALA H 56 -12.05 -13.71 -94.13
CA ALA H 56 -11.18 -14.01 -93.00
C ALA H 56 -9.81 -13.38 -93.17
N LYS H 57 -9.32 -13.37 -94.41
CA LYS H 57 -8.00 -12.81 -94.70
C LYS H 57 -7.94 -11.33 -94.39
N ASN H 58 -8.91 -10.58 -94.92
CA ASN H 58 -8.96 -9.14 -94.70
C ASN H 58 -9.29 -8.79 -93.26
N PHE H 59 -10.12 -9.63 -92.62
CA PHE H 59 -10.46 -9.43 -91.22
C PHE H 59 -9.23 -9.60 -90.33
N ALA H 60 -8.49 -10.68 -90.57
CA ALA H 60 -7.26 -10.93 -89.83
C ALA H 60 -6.20 -9.88 -90.13
N LYS H 61 -6.26 -9.31 -91.32
CA LYS H 61 -5.35 -8.21 -91.68
C LYS H 61 -5.74 -6.93 -90.94
N ARG H 62 -7.02 -6.78 -90.65
CA ARG H 62 -7.51 -5.60 -89.93
C ARG H 62 -7.21 -5.69 -88.44
N ILE H 63 -7.45 -6.86 -87.85
CA ILE H 63 -7.24 -7.02 -86.42
C ILE H 63 -5.83 -7.48 -86.09
N GLY H 64 -5.05 -7.83 -87.11
CA GLY H 64 -3.68 -8.26 -86.90
C GLY H 64 -3.58 -9.67 -86.34
N GLY H 65 -4.48 -10.54 -86.78
CA GLY H 65 -4.50 -11.92 -86.30
C GLY H 65 -4.01 -12.90 -87.36
N HIS H 66 -3.78 -14.14 -86.96
CA HIS H 66 -3.26 -15.15 -87.88
C HIS H 66 -4.41 -15.73 -88.71
N PHE H 67 -4.10 -16.04 -89.97
CA PHE H 67 -5.13 -16.52 -90.91
C PHE H 67 -4.96 -18.00 -91.21
N PHE H 68 -6.02 -18.77 -91.00
CA PHE H 68 -6.01 -20.23 -91.14
C PHE H 68 -7.07 -20.72 -92.11
N VAL H 69 -6.77 -21.78 -92.85
CA VAL H 69 -7.74 -22.43 -93.73
C VAL H 69 -7.72 -23.94 -93.55
N PHE H 70 -8.86 -24.54 -93.19
CA PHE H 70 -8.87 -25.99 -93.00
C PHE H 70 -10.20 -26.61 -93.45
N GLU H 71 -10.47 -27.82 -93.00
CA GLU H 71 -11.60 -28.63 -93.48
C GLU H 71 -11.78 -28.55 -94.99
N PRO H 80 -15.81 -29.03 -98.23
CA PRO H 80 -15.94 -27.59 -98.00
C PRO H 80 -14.98 -27.07 -96.93
N THR H 81 -14.12 -26.14 -97.33
CA THR H 81 -13.06 -25.61 -96.46
C THR H 81 -13.50 -24.38 -95.67
N ILE H 82 -13.40 -24.44 -94.34
CA ILE H 82 -13.79 -23.28 -93.54
C ILE H 82 -12.54 -22.54 -93.10
N ALA H 83 -12.65 -21.21 -93.02
CA ALA H 83 -11.47 -20.39 -92.70
C ALA H 83 -11.56 -19.73 -91.33
N SER H 84 -10.46 -19.75 -90.59
CA SER H 84 -10.45 -19.24 -89.23
C SER H 84 -9.46 -18.09 -89.05
N VAL H 85 -9.69 -17.27 -88.02
CA VAL H 85 -8.82 -16.16 -87.69
C VAL H 85 -8.45 -16.21 -86.21
N VAL H 86 -7.16 -16.37 -85.93
CA VAL H 86 -6.70 -16.47 -84.55
C VAL H 86 -5.84 -15.28 -84.15
N LEU H 87 -6.16 -14.68 -83.02
CA LEU H 87 -5.37 -13.59 -82.45
C LEU H 87 -5.01 -13.92 -81.02
N HIS H 88 -3.72 -14.13 -80.77
CA HIS H 88 -3.29 -14.66 -79.47
C HIS H 88 -2.37 -13.72 -78.71
N LEU H 89 -2.85 -13.23 -77.57
CA LEU H 89 -1.99 -12.53 -76.62
C LEU H 89 -2.18 -13.20 -75.26
N PRO H 90 -1.17 -13.15 -74.38
CA PRO H 90 -1.17 -14.04 -73.20
C PRO H 90 -2.45 -14.04 -72.35
N PRO H 91 -3.00 -12.87 -71.97
CA PRO H 91 -4.28 -13.00 -71.24
C PRO H 91 -5.49 -13.39 -72.11
N TYR H 92 -5.51 -13.01 -73.39
CA TYR H 92 -6.69 -13.22 -74.22
C TYR H 92 -6.44 -13.93 -75.56
N ARG H 93 -7.31 -14.89 -75.87
CA ARG H 93 -7.27 -15.59 -77.15
C ARG H 93 -8.55 -15.37 -77.95
N TYR H 94 -8.40 -15.03 -79.22
CA TYR H 94 -9.52 -14.80 -80.12
C TYR H 94 -9.53 -15.81 -81.26
N ARG H 95 -10.68 -16.42 -81.51
CA ARG H 95 -10.85 -17.30 -82.65
C ARG H 95 -12.16 -16.99 -83.37
N PHE H 96 -12.06 -16.68 -84.65
CA PHE H 96 -13.24 -16.40 -85.46
C PHE H 96 -13.34 -17.40 -86.61
N ASP H 97 -14.35 -18.25 -86.55
CA ASP H 97 -14.59 -19.23 -87.59
C ASP H 97 -15.50 -18.63 -88.67
N PHE H 98 -15.19 -18.93 -89.92
CA PHE H 98 -15.95 -18.46 -91.06
C PHE H 98 -16.36 -19.62 -91.96
N SER H 99 -17.67 -19.79 -92.05
CA SER H 99 -18.29 -20.85 -92.84
C SER H 99 -19.19 -20.27 -93.93
N PRO H 100 -19.25 -20.94 -95.09
CA PRO H 100 -20.05 -20.50 -96.25
C PRO H 100 -21.55 -20.69 -96.04
N LEU H 101 -22.33 -19.74 -96.56
CA LEU H 101 -23.79 -19.85 -96.58
C LEU H 101 -24.30 -19.63 -98.00
N LYS H 102 -24.88 -20.68 -98.58
CA LYS H 102 -25.30 -20.63 -99.98
C LYS H 102 -26.73 -21.12 -100.21
N GLY H 103 -27.43 -20.46 -101.13
CA GLY H 103 -28.76 -20.86 -101.54
C GLY H 103 -29.46 -19.78 -102.32
N LYS H 104 -30.54 -20.15 -102.99
CA LYS H 104 -31.36 -19.17 -103.71
C LYS H 104 -32.15 -18.37 -102.70
N ASP H 105 -32.77 -19.08 -101.76
CA ASP H 105 -33.47 -18.44 -100.65
C ASP H 105 -32.52 -18.34 -99.46
N LEU H 106 -32.22 -17.12 -99.04
CA LEU H 106 -31.27 -16.87 -97.96
C LEU H 106 -31.74 -17.45 -96.63
N GLU H 107 -32.98 -17.11 -96.26
CA GLU H 107 -33.55 -17.55 -95.00
C GLU H 107 -33.66 -19.07 -94.95
N LYS H 108 -34.13 -19.67 -96.05
CA LYS H 108 -34.27 -21.12 -96.14
C LYS H 108 -32.92 -21.81 -96.01
N ALA H 109 -31.89 -21.21 -96.59
CA ALA H 109 -30.53 -21.76 -96.52
C ALA H 109 -29.99 -21.66 -95.10
N LEU H 110 -30.27 -20.53 -94.44
CA LEU H 110 -29.84 -20.31 -93.06
C LEU H 110 -30.46 -21.34 -92.14
N ILE H 111 -31.79 -21.48 -92.21
CA ILE H 111 -32.51 -22.46 -91.43
C ILE H 111 -32.00 -23.88 -91.72
N GLU H 112 -31.78 -24.15 -93.01
CA GLU H 112 -31.26 -25.44 -93.45
C GLU H 112 -29.93 -25.75 -92.79
N ASP H 113 -29.09 -24.73 -92.66
CA ASP H 113 -27.79 -24.89 -92.03
C ASP H 113 -27.92 -25.08 -90.51
N LEU H 114 -28.88 -24.36 -89.92
CA LEU H 114 -29.11 -24.44 -88.48
C LEU H 114 -29.64 -25.80 -88.07
N LYS H 115 -30.41 -26.43 -88.95
CA LYS H 115 -31.00 -27.74 -88.65
C LYS H 115 -29.97 -28.86 -88.73
N GLU H 116 -28.81 -28.58 -89.33
CA GLU H 116 -27.76 -29.57 -89.48
C GLU H 116 -26.80 -29.57 -88.30
N ARG H 117 -26.93 -28.56 -87.44
CA ARG H 117 -26.04 -28.42 -86.29
C ARG H 117 -26.36 -29.44 -85.20
N ASP H 118 -25.39 -29.69 -84.34
CA ASP H 118 -25.48 -30.73 -83.32
C ASP H 118 -26.60 -30.50 -82.30
N PHE H 119 -26.58 -29.35 -81.63
CA PHE H 119 -27.53 -29.10 -80.54
C PHE H 119 -28.35 -27.84 -80.77
N THR H 120 -29.56 -27.83 -80.21
CA THR H 120 -30.47 -26.70 -80.34
C THR H 120 -29.87 -25.40 -79.81
N ALA H 121 -29.13 -25.51 -78.70
CA ALA H 121 -28.48 -24.35 -78.09
C ALA H 121 -27.45 -23.74 -79.02
N ASN H 122 -26.80 -24.58 -79.82
CA ASN H 122 -25.79 -24.12 -80.76
C ASN H 122 -26.40 -23.82 -82.13
N ALA H 123 -27.70 -24.04 -82.26
CA ALA H 123 -28.38 -23.85 -83.53
C ALA H 123 -29.00 -22.46 -83.64
N ILE H 124 -28.76 -21.63 -82.62
CA ILE H 124 -29.31 -20.27 -82.60
C ILE H 124 -28.37 -19.31 -83.32
N ALA H 125 -28.95 -18.48 -84.19
CA ALA H 125 -28.16 -17.54 -84.98
C ALA H 125 -28.84 -16.18 -85.10
N VAL H 126 -28.02 -15.14 -85.25
CA VAL H 126 -28.53 -13.78 -85.41
C VAL H 126 -27.88 -13.11 -86.61
N ASN H 127 -28.48 -12.02 -87.09
CA ASN H 127 -27.92 -11.27 -88.20
C ASN H 127 -27.00 -10.15 -87.72
N LEU H 128 -25.82 -10.06 -88.31
CA LEU H 128 -24.82 -9.05 -87.93
C LEU H 128 -25.36 -7.63 -88.10
N ASP H 129 -26.05 -7.40 -89.21
CA ASP H 129 -26.61 -6.09 -89.52
C ASP H 129 -27.65 -5.70 -88.46
N ASP H 130 -28.42 -6.68 -88.01
CA ASP H 130 -29.43 -6.46 -86.98
C ASP H 130 -28.77 -6.07 -85.66
N VAL H 131 -27.63 -6.69 -85.37
CA VAL H 131 -26.88 -6.41 -84.16
C VAL H 131 -26.30 -5.00 -84.20
N LEU H 132 -25.85 -4.59 -85.38
CA LEU H 132 -25.23 -3.27 -85.53
C LEU H 132 -26.23 -2.14 -85.78
N SER H 133 -27.50 -2.47 -85.96
CA SER H 133 -28.53 -1.47 -86.27
C SER H 133 -28.96 -0.70 -85.03
N ILE H 134 -28.92 0.63 -85.12
CA ILE H 134 -29.14 1.48 -83.95
C ILE H 134 -30.60 1.73 -83.52
N GLY H 135 -31.54 1.85 -84.45
CA GLY H 135 -32.83 2.38 -84.05
C GLY H 135 -33.97 1.42 -83.74
N ALA H 136 -34.64 1.69 -82.63
CA ALA H 136 -35.93 1.08 -82.27
C ALA H 136 -36.03 -0.44 -82.47
N LYS H 137 -34.96 -1.19 -82.29
CA LYS H 137 -35.03 -2.62 -82.55
C LYS H 137 -34.77 -3.58 -81.41
N GLN H 138 -35.65 -4.56 -81.34
CA GLN H 138 -35.41 -5.79 -80.62
C GLN H 138 -34.85 -6.73 -81.68
N THR H 139 -33.66 -7.27 -81.42
CA THR H 139 -32.94 -8.05 -82.44
C THR H 139 -33.67 -9.34 -82.74
N ILE H 140 -33.68 -9.74 -84.01
CA ILE H 140 -34.40 -10.92 -84.42
C ILE H 140 -33.43 -12.10 -84.45
N VAL H 141 -33.83 -13.15 -83.74
CA VAL H 141 -33.01 -14.35 -83.62
C VAL H 141 -33.64 -15.51 -84.36
N TYR H 142 -32.79 -16.42 -84.83
CA TYR H 142 -33.27 -17.57 -85.57
C TYR H 142 -32.94 -18.86 -84.82
N ASP H 143 -33.97 -19.52 -84.30
CA ASP H 143 -33.79 -20.82 -83.65
C ASP H 143 -34.95 -21.74 -84.01
N PRO H 144 -34.90 -22.31 -85.23
CA PRO H 144 -35.94 -23.22 -85.72
C PRO H 144 -35.97 -24.52 -84.93
N THR H 145 -34.88 -24.80 -84.23
CA THR H 145 -34.76 -26.01 -83.41
C THR H 145 -35.27 -25.75 -81.99
N GLY H 146 -35.57 -24.49 -81.70
CA GLY H 146 -36.06 -24.11 -80.39
C GLY H 146 -34.98 -24.15 -79.33
N GLY H 147 -33.83 -23.56 -79.64
CA GLY H 147 -32.71 -23.55 -78.71
C GLY H 147 -32.98 -22.71 -77.48
N ILE H 148 -33.65 -21.58 -77.68
CA ILE H 148 -33.99 -20.68 -76.58
C ILE H 148 -34.93 -21.35 -75.60
N LYS H 149 -35.93 -22.05 -76.13
CA LYS H 149 -36.89 -22.78 -75.30
C LYS H 149 -36.20 -23.83 -74.44
N ASP H 150 -35.21 -24.49 -75.01
CA ASP H 150 -34.45 -25.52 -74.30
C ASP H 150 -33.53 -24.90 -73.25
N LEU H 151 -32.95 -23.76 -73.56
CA LEU H 151 -32.07 -23.06 -72.61
C LEU H 151 -32.86 -22.49 -71.44
N GLU H 152 -34.11 -22.12 -71.69
CA GLU H 152 -34.98 -21.61 -70.64
C GLU H 152 -35.31 -22.70 -69.63
N GLN H 153 -35.39 -23.94 -70.12
CA GLN H 153 -35.70 -25.08 -69.27
C GLN H 153 -34.42 -25.76 -68.77
N GLY H 154 -33.27 -25.19 -69.15
CA GLY H 154 -31.99 -25.69 -68.72
C GLY H 154 -31.65 -27.06 -69.29
N LEU H 155 -32.10 -27.32 -70.51
CA LEU H 155 -31.86 -28.61 -71.16
C LEU H 155 -30.99 -28.46 -72.40
N LEU H 156 -30.02 -29.36 -72.55
CA LEU H 156 -29.25 -29.42 -73.79
C LEU H 156 -29.76 -30.58 -74.64
N ARG H 157 -30.46 -30.25 -75.71
CA ARG H 157 -31.11 -31.24 -76.56
C ARG H 157 -30.56 -31.21 -77.98
N PRO H 158 -29.99 -32.35 -78.43
CA PRO H 158 -29.55 -32.48 -79.81
C PRO H 158 -30.69 -32.28 -80.80
N VAL H 159 -30.40 -31.59 -81.90
CA VAL H 159 -31.41 -31.33 -82.93
C VAL H 159 -31.99 -32.64 -83.45
N SER H 160 -31.11 -33.55 -83.85
CA SER H 160 -31.51 -34.88 -84.24
C SER H 160 -30.37 -35.86 -83.96
N ILE H 161 -30.73 -37.11 -83.66
CA ILE H 161 -29.74 -38.14 -83.38
C ILE H 161 -28.88 -38.41 -84.62
N GLU H 162 -29.47 -38.18 -85.80
CA GLU H 162 -28.76 -38.36 -87.06
C GLU H 162 -27.60 -37.37 -87.19
N ASN H 163 -27.79 -36.15 -86.68
CA ASN H 163 -26.74 -35.14 -86.70
C ASN H 163 -25.57 -35.55 -85.81
N LEU H 164 -25.86 -36.30 -84.75
CA LEU H 164 -24.82 -36.79 -83.86
C LEU H 164 -24.12 -38.00 -84.46
N LYS H 165 -24.89 -38.85 -85.15
CA LYS H 165 -24.32 -40.02 -85.80
C LYS H 165 -23.44 -39.63 -86.99
N ARG H 166 -23.76 -38.50 -87.59
CA ARG H 166 -23.00 -37.99 -88.73
C ARG H 166 -21.64 -37.46 -88.29
N ASP H 167 -21.64 -36.73 -87.17
CA ASP H 167 -20.41 -36.24 -86.56
C ASP H 167 -20.35 -36.65 -85.10
N PRO H 168 -19.76 -37.82 -84.83
CA PRO H 168 -19.79 -38.47 -83.51
C PRO H 168 -18.98 -37.75 -82.43
N VAL H 169 -17.96 -36.99 -82.79
CA VAL H 169 -17.12 -36.32 -81.81
C VAL H 169 -17.93 -35.32 -80.97
N ARG H 170 -19.03 -34.83 -81.56
CA ARG H 170 -19.92 -33.90 -80.87
C ARG H 170 -20.55 -34.53 -79.64
N VAL H 171 -20.62 -35.86 -79.61
CA VAL H 171 -21.16 -36.56 -78.45
C VAL H 171 -20.32 -36.28 -77.22
N LEU H 172 -19.07 -35.87 -77.43
CA LEU H 172 -18.24 -35.43 -76.31
C LEU H 172 -18.70 -34.06 -75.83
N ARG H 173 -18.89 -33.15 -76.79
CA ARG H 173 -19.36 -31.80 -76.49
C ARG H 173 -20.60 -31.83 -75.62
N GLY H 174 -21.55 -32.68 -76.02
CA GLY H 174 -22.80 -32.85 -75.30
C GLY H 174 -22.59 -33.07 -73.82
N PHE H 175 -21.58 -33.86 -73.46
CA PHE H 175 -21.24 -34.04 -72.06
C PHE H 175 -20.63 -32.75 -71.51
N ARG H 176 -19.56 -32.30 -72.17
CA ARG H 176 -18.75 -31.19 -71.69
C ARG H 176 -19.61 -29.95 -71.43
N ILE H 177 -20.30 -29.50 -72.48
CA ILE H 177 -21.20 -28.36 -72.39
C ILE H 177 -22.18 -28.54 -71.23
N ALA H 178 -22.74 -29.74 -71.10
CA ALA H 178 -23.75 -30.01 -70.07
C ALA H 178 -23.17 -29.74 -68.69
N ILE H 179 -21.90 -30.08 -68.52
CA ILE H 179 -21.22 -29.82 -67.26
C ILE H 179 -20.73 -28.36 -67.22
N GLU H 180 -20.34 -27.84 -68.39
CA GLU H 180 -19.76 -26.50 -68.46
C GLU H 180 -20.80 -25.41 -68.25
N LYS H 181 -21.93 -25.54 -68.94
CA LYS H 181 -23.00 -24.56 -68.84
C LYS H 181 -24.03 -24.96 -67.79
N ASN H 182 -23.75 -26.06 -67.10
CA ASN H 182 -24.66 -26.63 -66.11
C ASN H 182 -26.04 -26.89 -66.71
N LEU H 183 -26.08 -27.78 -67.69
CA LEU H 183 -27.33 -28.12 -68.38
C LEU H 183 -27.60 -29.61 -68.30
N GLN H 184 -28.88 -29.97 -68.40
CA GLN H 184 -29.27 -31.37 -68.34
C GLN H 184 -29.46 -31.96 -69.74
N LEU H 185 -28.74 -33.04 -70.02
CA LEU H 185 -28.90 -33.76 -71.28
C LEU H 185 -30.23 -34.50 -71.32
N THR H 186 -30.90 -34.46 -72.47
CA THR H 186 -32.21 -35.07 -72.61
C THR H 186 -32.12 -36.59 -72.65
N GLU H 187 -33.27 -37.26 -72.75
CA GLU H 187 -33.34 -38.71 -72.67
C GLU H 187 -32.79 -39.39 -73.93
N ASP H 188 -33.18 -38.89 -75.09
CA ASP H 188 -32.78 -39.50 -76.36
C ASP H 188 -31.26 -39.51 -76.54
N PHE H 189 -30.61 -38.45 -76.08
CA PHE H 189 -29.15 -38.38 -76.14
C PHE H 189 -28.52 -39.50 -75.32
N TYR H 190 -28.88 -39.55 -74.04
CA TYR H 190 -28.37 -40.58 -73.13
C TYR H 190 -28.61 -41.99 -73.68
N GLU H 191 -29.83 -42.24 -74.15
CA GLU H 191 -30.17 -43.51 -74.77
C GLU H 191 -29.24 -43.82 -75.93
N PHE H 192 -29.04 -42.83 -76.80
CA PHE H 192 -28.16 -42.97 -77.95
C PHE H 192 -26.74 -43.34 -77.55
N VAL H 193 -26.23 -42.70 -76.50
CA VAL H 193 -24.89 -43.01 -75.99
C VAL H 193 -24.83 -44.43 -75.42
N LYS H 194 -25.88 -44.81 -74.70
CA LYS H 194 -25.96 -46.14 -74.10
C LYS H 194 -25.96 -47.25 -75.14
N GLU H 195 -26.69 -47.04 -76.23
CA GLU H 195 -26.83 -48.07 -77.27
C GLU H 195 -25.51 -48.41 -77.95
N ASP H 196 -24.81 -47.38 -78.46
CA ASP H 196 -23.55 -47.61 -79.17
C ASP H 196 -22.49 -46.56 -78.79
N PRO H 197 -21.79 -46.79 -77.67
CA PRO H 197 -20.78 -45.87 -77.14
C PRO H 197 -19.53 -45.75 -78.02
N ARG H 198 -19.26 -46.77 -78.84
CA ARG H 198 -18.03 -46.80 -79.63
C ARG H 198 -18.10 -45.90 -80.87
N ILE H 199 -19.29 -45.35 -81.12
CA ILE H 199 -19.53 -44.52 -82.30
C ILE H 199 -18.53 -43.37 -82.44
N VAL H 200 -18.02 -42.90 -81.30
CA VAL H 200 -17.08 -41.79 -81.26
C VAL H 200 -15.82 -42.06 -82.08
N LEU H 201 -15.53 -43.34 -82.31
CA LEU H 201 -14.34 -43.72 -83.07
C LEU H 201 -14.45 -43.37 -84.56
N LYS H 202 -15.65 -43.03 -85.02
CA LYS H 202 -15.83 -42.68 -86.43
C LYS H 202 -15.06 -41.41 -86.83
N SER H 203 -15.17 -40.36 -86.03
CA SER H 203 -14.56 -39.08 -86.35
C SER H 203 -13.03 -39.13 -86.28
N ALA H 204 -12.38 -38.16 -86.91
CA ALA H 204 -10.93 -38.09 -86.94
C ALA H 204 -10.35 -37.99 -85.53
N VAL H 205 -9.18 -38.60 -85.33
CA VAL H 205 -8.56 -38.69 -84.02
C VAL H 205 -8.09 -37.32 -83.50
N GLU H 206 -7.69 -36.43 -84.40
CA GLU H 206 -7.21 -35.11 -84.01
C GLU H 206 -8.31 -34.29 -83.35
N ARG H 207 -9.52 -34.40 -83.89
CA ARG H 207 -10.68 -33.72 -83.34
C ARG H 207 -11.03 -34.29 -81.97
N ILE H 208 -10.86 -35.60 -81.82
CA ILE H 208 -11.07 -36.26 -80.54
C ILE H 208 -10.11 -35.73 -79.49
N THR H 209 -8.83 -35.64 -79.86
CA THR H 209 -7.81 -35.11 -78.97
C THR H 209 -8.12 -33.66 -78.58
N HIS H 210 -8.50 -32.87 -79.59
CA HIS H 210 -8.83 -31.47 -79.38
C HIS H 210 -9.99 -31.31 -78.38
N GLU H 211 -11.04 -32.09 -78.58
CA GLU H 211 -12.21 -32.01 -77.72
C GLU H 211 -11.94 -32.52 -76.31
N LEU H 212 -11.16 -33.60 -76.20
CA LEU H 212 -10.81 -34.17 -74.90
C LEU H 212 -9.95 -33.20 -74.10
N PHE H 213 -9.03 -32.53 -74.78
CA PHE H 213 -8.21 -31.50 -74.14
C PHE H 213 -9.08 -30.31 -73.74
N LYS H 214 -10.05 -29.97 -74.57
CA LYS H 214 -11.02 -28.92 -74.24
C LYS H 214 -11.78 -29.29 -72.97
N ILE H 215 -12.05 -30.59 -72.81
CA ILE H 215 -12.69 -31.09 -71.60
C ILE H 215 -11.76 -30.94 -70.41
N MET H 216 -10.48 -31.29 -70.61
CA MET H 216 -9.48 -31.18 -69.55
C MET H 216 -9.17 -29.73 -69.19
N LYS H 217 -9.61 -28.80 -70.02
CA LYS H 217 -9.32 -27.38 -69.81
C LYS H 217 -10.13 -26.80 -68.66
N GLU H 218 -11.41 -27.15 -68.58
CA GLU H 218 -12.30 -26.63 -67.55
C GLU H 218 -11.99 -27.24 -66.19
N LYS H 219 -12.43 -26.55 -65.13
CA LYS H 219 -12.17 -26.98 -63.77
C LYS H 219 -13.14 -28.06 -63.31
N THR H 220 -14.18 -28.29 -64.10
CA THR H 220 -15.18 -29.31 -63.81
C THR H 220 -14.86 -30.62 -64.52
N ALA H 221 -13.67 -30.66 -65.15
CA ALA H 221 -13.25 -31.76 -66.02
C ALA H 221 -13.47 -33.16 -65.46
N HIS H 222 -13.21 -33.35 -64.16
CA HIS H 222 -13.28 -34.68 -63.56
C HIS H 222 -14.68 -35.30 -63.66
N LYS H 223 -15.70 -34.45 -63.59
CA LYS H 223 -17.08 -34.91 -63.70
C LYS H 223 -17.35 -35.43 -65.11
N VAL H 224 -16.87 -34.69 -66.10
CA VAL H 224 -17.03 -35.08 -67.50
C VAL H 224 -16.28 -36.37 -67.79
N ILE H 225 -15.08 -36.48 -67.22
CA ILE H 225 -14.28 -37.69 -67.38
C ILE H 225 -14.98 -38.90 -66.77
N ARG H 226 -15.55 -38.71 -65.58
CA ARG H 226 -16.30 -39.78 -64.93
C ARG H 226 -17.50 -40.19 -65.77
N GLU H 227 -18.19 -39.20 -66.34
CA GLU H 227 -19.32 -39.47 -67.20
C GLU H 227 -18.92 -40.25 -68.45
N LEU H 228 -17.77 -39.89 -69.03
CA LEU H 228 -17.28 -40.56 -70.22
C LEU H 228 -16.84 -41.99 -69.91
N TYR H 229 -16.35 -42.20 -68.69
CA TYR H 229 -15.92 -43.53 -68.28
C TYR H 229 -17.12 -44.44 -68.00
N GLU H 230 -18.13 -43.89 -67.34
CA GLU H 230 -19.31 -44.66 -66.97
C GLU H 230 -20.12 -45.11 -68.19
N TYR H 231 -20.07 -44.32 -69.26
CA TYR H 231 -20.80 -44.65 -70.48
C TYR H 231 -19.93 -45.41 -71.47
N GLY H 232 -18.68 -45.67 -71.09
CA GLY H 232 -17.79 -46.48 -71.89
C GLY H 232 -17.14 -45.75 -73.06
N VAL H 233 -17.39 -44.44 -73.16
CA VAL H 233 -16.80 -43.64 -74.22
C VAL H 233 -15.29 -43.53 -74.05
N LEU H 234 -14.87 -43.29 -72.80
CA LEU H 234 -13.45 -43.16 -72.48
C LEU H 234 -12.69 -44.44 -72.77
N GLU H 235 -13.31 -45.58 -72.52
CA GLU H 235 -12.72 -46.88 -72.82
C GLU H 235 -12.61 -47.07 -74.33
N ALA H 236 -13.61 -46.58 -75.06
CA ALA H 236 -13.61 -46.67 -76.52
C ALA H 236 -12.46 -45.86 -77.09
N ILE H 237 -12.27 -44.66 -76.56
CA ILE H 237 -11.15 -43.81 -76.98
C ILE H 237 -9.82 -44.34 -76.44
N ILE H 238 -9.80 -44.67 -75.14
CA ILE H 238 -8.59 -45.15 -74.48
C ILE H 238 -8.86 -46.46 -73.74
N PRO H 239 -8.63 -47.61 -74.41
CA PRO H 239 -8.83 -48.95 -73.87
C PRO H 239 -8.03 -49.21 -72.58
N GLU H 240 -6.88 -48.58 -72.46
CA GLU H 240 -6.02 -48.75 -71.30
C GLU H 240 -6.74 -48.33 -70.02
N ILE H 241 -7.59 -47.32 -70.13
CA ILE H 241 -8.44 -46.89 -69.03
C ILE H 241 -9.42 -48.00 -68.66
N GLY H 242 -9.94 -48.67 -69.69
CA GLY H 242 -10.84 -49.79 -69.50
C GLY H 242 -10.15 -50.96 -68.83
N ARG H 243 -8.84 -51.09 -69.03
CA ARG H 243 -8.08 -52.17 -68.41
C ARG H 243 -7.86 -51.97 -66.91
N LEU H 244 -8.13 -50.76 -66.42
CA LEU H 244 -7.93 -50.45 -65.00
C LEU H 244 -8.93 -51.16 -64.09
N ARG H 245 -10.00 -51.70 -64.68
CA ARG H 245 -11.08 -52.31 -63.90
C ARG H 245 -10.75 -53.72 -63.42
N GLU H 246 -9.96 -54.45 -64.21
CA GLU H 246 -9.67 -55.85 -63.91
C GLU H 246 -8.84 -56.03 -62.65
N VAL H 247 -8.06 -55.01 -62.28
CA VAL H 247 -7.24 -55.06 -61.09
C VAL H 247 -7.97 -54.46 -59.88
N LYS H 248 -8.11 -55.27 -58.83
CA LYS H 248 -8.80 -54.84 -57.63
C LYS H 248 -7.82 -54.54 -56.50
N ASP H 249 -8.12 -53.51 -55.71
CA ASP H 249 -7.25 -53.10 -54.61
C ASP H 249 -7.51 -53.91 -53.36
N PRO H 257 -10.89 -50.47 -55.72
CA PRO H 257 -11.12 -50.02 -57.11
C PRO H 257 -10.06 -49.03 -57.58
N LEU H 258 -9.38 -49.35 -58.67
CA LEU H 258 -8.33 -48.50 -59.21
C LEU H 258 -8.91 -47.33 -60.00
N ASP H 259 -9.98 -47.59 -60.75
CA ASP H 259 -10.64 -46.58 -61.56
C ASP H 259 -11.17 -45.43 -60.70
N GLU H 260 -11.85 -45.79 -59.62
CA GLU H 260 -12.38 -44.80 -58.68
C GLU H 260 -11.25 -44.02 -58.02
N HIS H 261 -10.15 -44.73 -57.75
CA HIS H 261 -8.96 -44.10 -57.18
C HIS H 261 -8.38 -43.05 -58.11
N THR H 262 -8.40 -43.36 -59.41
CA THR H 262 -7.89 -42.44 -60.43
C THR H 262 -8.81 -41.24 -60.61
N LEU H 263 -10.11 -41.50 -60.67
CA LEU H 263 -11.11 -40.43 -60.81
C LEU H 263 -11.04 -39.48 -59.62
N LYS H 264 -10.89 -40.05 -58.42
CA LYS H 264 -10.73 -39.25 -57.22
C LYS H 264 -9.39 -38.53 -57.21
N THR H 265 -8.39 -39.13 -57.84
CA THR H 265 -7.08 -38.50 -57.97
C THR H 265 -7.19 -37.23 -58.80
N LEU H 266 -7.92 -37.31 -59.90
CA LEU H 266 -8.15 -36.14 -60.75
C LEU H 266 -9.00 -35.10 -60.03
N GLU H 267 -10.11 -35.56 -59.45
CA GLU H 267 -11.04 -34.69 -58.73
C GLU H 267 -10.33 -33.89 -57.63
N TYR H 268 -9.45 -34.56 -56.90
CA TYR H 268 -8.67 -33.90 -55.87
C TYR H 268 -7.59 -33.02 -56.50
N LEU H 269 -7.06 -33.45 -57.63
CA LEU H 269 -6.00 -32.71 -58.32
C LEU H 269 -6.49 -31.33 -58.73
N GLU H 270 -7.75 -31.23 -59.14
CA GLU H 270 -8.32 -29.93 -59.50
C GLU H 270 -8.33 -28.98 -58.30
N GLN H 271 -8.74 -29.50 -57.14
CA GLN H 271 -8.77 -28.73 -55.91
C GLN H 271 -7.37 -28.30 -55.50
N VAL H 272 -6.40 -29.19 -55.69
CA VAL H 272 -5.00 -28.87 -55.40
C VAL H 272 -4.49 -27.77 -56.33
N ILE H 273 -4.89 -27.85 -57.60
CA ILE H 273 -4.52 -26.86 -58.60
C ILE H 273 -5.07 -25.49 -58.23
N GLU H 274 -6.31 -25.47 -57.74
CA GLU H 274 -6.88 -24.22 -57.26
C GLU H 274 -6.10 -23.68 -56.05
N ASP H 275 -5.57 -24.60 -55.25
CA ASP H 275 -4.82 -24.26 -54.04
C ASP H 275 -3.31 -24.19 -54.27
N ARG H 276 -2.89 -24.30 -55.54
CA ARG H 276 -1.48 -24.45 -55.90
C ARG H 276 -0.55 -23.41 -55.27
N ALA H 277 -1.08 -22.22 -54.95
CA ALA H 277 -0.28 -21.16 -54.35
C ALA H 277 0.18 -21.54 -52.95
N LYS H 278 -0.59 -22.40 -52.28
CA LYS H 278 -0.29 -22.81 -50.92
C LYS H 278 0.94 -23.71 -50.84
N TYR H 279 0.95 -24.78 -51.62
CA TYR H 279 2.02 -25.78 -51.55
C TYR H 279 3.27 -25.36 -52.31
N LEU H 280 3.07 -24.81 -53.51
CA LEU H 280 4.18 -24.50 -54.40
C LEU H 280 4.85 -23.16 -54.11
N SER H 281 6.15 -23.08 -54.36
CA SER H 281 6.91 -21.85 -54.23
C SER H 281 6.61 -20.92 -55.40
N ALA H 282 6.88 -19.63 -55.22
CA ALA H 282 6.54 -18.62 -56.22
C ALA H 282 7.31 -18.78 -57.53
N GLU H 283 8.58 -19.17 -57.44
CA GLU H 283 9.40 -19.34 -58.63
C GLU H 283 8.90 -20.51 -59.48
N LEU H 284 8.29 -21.49 -58.83
CA LEU H 284 7.68 -22.62 -59.55
C LEU H 284 6.32 -22.20 -60.11
N LEU H 285 5.66 -21.29 -59.43
CA LEU H 285 4.33 -20.83 -59.83
C LEU H 285 4.37 -19.84 -60.99
N GLU H 286 5.51 -19.18 -61.15
CA GLU H 286 5.65 -18.13 -62.17
C GLU H 286 5.46 -18.68 -63.58
N ASN H 287 6.20 -19.73 -63.91
CA ASN H 287 6.13 -20.32 -65.24
C ASN H 287 5.15 -21.48 -65.32
N PHE H 288 4.50 -21.78 -64.19
CA PHE H 288 3.52 -22.86 -64.14
C PHE H 288 2.26 -22.49 -64.90
N GLY H 289 1.86 -23.36 -65.83
CA GLY H 289 0.65 -23.14 -66.60
C GLY H 289 0.86 -22.21 -67.80
N LYS H 290 2.08 -21.70 -67.95
CA LYS H 290 2.39 -20.80 -69.05
C LYS H 290 3.02 -21.53 -70.23
N LYS H 291 3.17 -22.84 -70.12
CA LYS H 291 3.70 -23.64 -71.22
C LYS H 291 2.61 -24.05 -72.19
N ARG H 292 2.72 -23.61 -73.43
CA ARG H 292 1.68 -23.83 -74.43
C ARG H 292 1.78 -25.22 -75.06
N VAL H 293 0.64 -25.91 -75.16
CA VAL H 293 0.58 -27.23 -75.76
C VAL H 293 -0.55 -27.33 -76.77
N LEU H 294 -0.20 -27.62 -78.01
CA LEU H 294 -1.10 -27.64 -79.12
C LEU H 294 -1.76 -26.27 -79.41
N GLY H 295 -1.17 -25.25 -78.78
CA GLY H 295 -1.43 -23.87 -79.05
C GLY H 295 -2.60 -23.16 -78.38
N GLU H 296 -3.65 -23.89 -78.05
CA GLU H 296 -4.70 -23.33 -77.19
C GLU H 296 -4.68 -23.88 -75.76
N PHE H 297 -3.79 -24.82 -75.49
CA PHE H 297 -3.80 -25.52 -74.20
C PHE H 297 -2.48 -25.35 -73.45
N THR H 298 -2.52 -25.59 -72.14
CA THR H 298 -1.36 -25.44 -71.29
C THR H 298 -0.90 -26.78 -70.73
N ASP H 299 0.13 -26.76 -69.89
CA ASP H 299 0.67 -27.96 -69.28
C ASP H 299 -0.20 -28.46 -68.12
N VAL H 300 -1.21 -27.65 -67.75
CA VAL H 300 -2.15 -28.03 -66.71
C VAL H 300 -2.99 -29.21 -67.17
N GLU H 301 -3.44 -29.16 -68.42
CA GLU H 301 -4.18 -30.26 -69.02
C GLU H 301 -3.30 -31.50 -69.07
N LEU H 302 -2.01 -31.31 -69.32
CA LEU H 302 -1.04 -32.40 -69.30
C LEU H 302 -0.90 -32.96 -67.88
N LEU H 303 -1.09 -32.10 -66.88
CA LEU H 303 -1.04 -32.53 -65.50
C LEU H 303 -2.25 -33.39 -65.18
N LYS H 304 -3.42 -32.99 -65.66
CA LYS H 304 -4.65 -33.76 -65.45
C LYS H 304 -4.59 -35.10 -66.18
N TRP H 305 -4.06 -35.09 -67.40
CA TRP H 305 -3.81 -36.33 -68.13
C TRP H 305 -2.81 -37.18 -67.38
N GLY H 306 -1.89 -36.53 -66.68
CA GLY H 306 -0.94 -37.19 -65.82
C GLY H 306 -1.62 -37.83 -64.62
N ALA H 307 -2.74 -37.25 -64.22
CA ALA H 307 -3.53 -37.79 -63.12
C ALA H 307 -4.32 -39.01 -63.57
N LEU H 308 -4.95 -38.91 -64.73
CA LEU H 308 -5.70 -40.04 -65.29
C LEU H 308 -4.78 -41.21 -65.60
N PHE H 309 -3.57 -40.90 -66.05
CA PHE H 309 -2.59 -41.91 -66.43
C PHE H 309 -1.60 -42.24 -65.31
N HIS H 310 -1.80 -41.67 -64.13
CA HIS H 310 -0.81 -41.76 -63.04
C HIS H 310 -0.39 -43.21 -62.79
N ASP H 311 -1.35 -44.11 -62.63
CA ASP H 311 -1.06 -45.52 -62.81
C ASP H 311 -1.90 -46.09 -63.94
N ILE H 312 -1.29 -46.28 -65.11
CA ILE H 312 -1.90 -47.06 -66.18
C ILE H 312 -1.27 -48.44 -66.24
N GLY H 313 -0.25 -48.66 -65.42
CA GLY H 313 0.56 -49.87 -65.50
C GLY H 313 0.26 -50.89 -64.43
N LYS H 314 -0.55 -50.51 -63.44
CA LYS H 314 -0.96 -51.43 -62.40
C LYS H 314 -1.75 -52.63 -62.92
N PRO H 315 -2.63 -52.44 -63.93
CA PRO H 315 -3.24 -53.65 -64.49
C PRO H 315 -2.25 -54.52 -65.26
N GLN H 316 -1.17 -53.91 -65.76
CA GLN H 316 -0.18 -54.64 -66.53
C GLN H 316 0.65 -55.57 -65.65
N THR H 317 1.00 -55.09 -64.46
CA THR H 317 1.80 -55.87 -63.53
C THR H 317 0.92 -56.54 -62.47
N PHE H 318 1.29 -57.76 -62.09
CA PHE H 318 0.54 -58.50 -61.09
C PHE H 318 1.43 -59.47 -60.32
N VAL H 325 0.81 -59.60 -56.49
CA VAL H 325 0.80 -59.11 -55.12
C VAL H 325 1.16 -57.63 -55.06
N THR H 326 2.31 -57.28 -55.65
CA THR H 326 2.78 -55.91 -55.66
C THR H 326 3.09 -55.44 -57.09
N PHE H 327 3.03 -54.15 -57.33
CA PHE H 327 3.47 -53.62 -58.63
C PHE H 327 4.73 -52.78 -58.49
N TYR H 328 5.80 -53.16 -59.17
CA TYR H 328 7.07 -52.45 -59.08
C TYR H 328 7.45 -51.58 -60.28
N GLU H 329 7.36 -52.15 -61.48
CA GLU H 329 7.82 -51.46 -62.69
C GLU H 329 6.73 -50.66 -63.40
N HIS H 330 5.52 -50.74 -62.86
CA HIS H 330 4.35 -50.11 -63.49
C HIS H 330 4.51 -48.63 -63.80
N ASP H 331 5.54 -47.99 -63.23
CA ASP H 331 5.83 -46.60 -63.54
C ASP H 331 6.44 -46.43 -64.93
N LYS H 332 7.46 -47.22 -65.24
CA LYS H 332 8.09 -47.18 -66.56
C LYS H 332 7.13 -47.68 -67.63
N VAL H 333 6.46 -48.79 -67.33
CA VAL H 333 5.43 -49.35 -68.20
C VAL H 333 4.36 -48.29 -68.45
N GLY H 334 3.99 -47.59 -67.38
CA GLY H 334 3.04 -46.50 -67.47
C GLY H 334 3.50 -45.41 -68.41
N ALA H 335 4.78 -45.06 -68.32
CA ALA H 335 5.35 -44.04 -69.20
C ALA H 335 5.28 -44.47 -70.67
N GLN H 336 5.65 -45.72 -70.93
CA GLN H 336 5.63 -46.25 -72.29
C GLN H 336 4.20 -46.27 -72.85
N ILE H 337 3.25 -46.74 -72.04
CA ILE H 337 1.85 -46.76 -72.44
C ILE H 337 1.34 -45.35 -72.75
N VAL H 338 1.70 -44.40 -71.89
CA VAL H 338 1.33 -43.00 -72.10
C VAL H 338 1.90 -42.50 -73.43
N ARG H 339 3.13 -42.88 -73.73
CA ARG H 339 3.76 -42.54 -74.99
C ARG H 339 2.97 -43.10 -76.16
N GLU H 340 2.55 -44.35 -76.03
CA GLU H 340 1.75 -45.02 -77.06
C GLU H 340 0.43 -44.33 -77.30
N ILE H 341 -0.24 -43.94 -76.22
CA ILE H 341 -1.52 -43.24 -76.30
C ILE H 341 -1.34 -41.87 -76.96
N GLY H 342 -0.30 -41.16 -76.56
CA GLY H 342 0.01 -39.86 -77.14
C GLY H 342 0.32 -39.93 -78.61
N GLU H 343 0.97 -41.02 -79.03
CA GLU H 343 1.24 -41.24 -80.44
C GLU H 343 -0.05 -41.55 -81.20
N ARG H 344 -0.84 -42.46 -80.65
CA ARG H 344 -2.09 -42.89 -81.27
C ARG H 344 -3.11 -41.76 -81.33
N LEU H 345 -3.14 -40.92 -80.29
CA LEU H 345 -4.09 -39.82 -80.23
C LEU H 345 -3.53 -38.56 -80.87
N ARG H 346 -2.34 -38.70 -81.46
CA ARG H 346 -1.68 -37.61 -82.19
C ARG H 346 -1.35 -36.43 -81.30
N TRP H 347 -1.04 -36.71 -80.03
CA TRP H 347 -0.61 -35.68 -79.11
C TRP H 347 0.75 -35.14 -79.54
N GLY H 348 1.05 -33.91 -79.12
CA GLY H 348 2.35 -33.32 -79.39
C GLY H 348 3.47 -34.17 -78.79
N ASP H 349 4.61 -34.19 -79.48
CA ASP H 349 5.73 -35.02 -79.06
C ASP H 349 6.22 -34.63 -77.67
N GLU H 350 6.44 -33.33 -77.48
CA GLU H 350 6.87 -32.81 -76.19
C GLU H 350 5.77 -32.97 -75.14
N ALA H 351 4.52 -32.99 -75.61
CA ALA H 351 3.37 -33.15 -74.73
C ALA H 351 3.31 -34.59 -74.18
N THR H 352 3.32 -35.56 -75.08
CA THR H 352 3.25 -36.96 -74.67
C THR H 352 4.51 -37.36 -73.91
N GLU H 353 5.63 -36.72 -74.24
CA GLU H 353 6.87 -36.93 -73.50
C GLU H 353 6.74 -36.37 -72.09
N PHE H 354 6.08 -35.22 -71.99
CA PHE H 354 5.84 -34.57 -70.70
C PHE H 354 4.97 -35.44 -69.80
N VAL H 355 3.85 -35.92 -70.34
CA VAL H 355 2.94 -36.77 -69.58
C VAL H 355 3.61 -38.09 -69.21
N ALA H 356 4.37 -38.65 -70.14
CA ALA H 356 5.09 -39.90 -69.90
C ALA H 356 6.08 -39.74 -68.74
N LYS H 357 6.88 -38.68 -68.81
CA LYS H 357 7.86 -38.40 -67.76
C LYS H 357 7.17 -38.10 -66.44
N LEU H 358 5.98 -37.51 -66.51
CA LEU H 358 5.20 -37.20 -65.32
C LEU H 358 4.70 -38.47 -64.63
N VAL H 359 4.24 -39.43 -65.43
CA VAL H 359 3.76 -40.71 -64.91
C VAL H 359 4.91 -41.55 -64.38
N ARG H 360 6.04 -41.48 -65.07
CA ARG H 360 7.24 -42.24 -64.70
C ARG H 360 7.70 -41.93 -63.27
N HIS H 361 7.76 -40.65 -62.93
CA HIS H 361 8.27 -40.21 -61.64
C HIS H 361 7.18 -40.03 -60.58
N HIS H 362 5.96 -40.41 -60.92
CA HIS H 362 4.79 -40.14 -60.06
C HIS H 362 4.94 -40.64 -58.62
N LEU H 363 5.73 -41.69 -58.42
CA LEU H 363 5.91 -42.27 -57.10
C LEU H 363 7.15 -41.75 -56.37
N ARG H 364 7.91 -40.88 -57.03
CA ARG H 364 9.13 -40.34 -56.45
C ARG H 364 8.90 -39.47 -55.19
N PRO H 365 7.93 -38.55 -55.23
CA PRO H 365 7.74 -37.74 -54.00
C PRO H 365 7.27 -38.57 -52.80
N PHE H 366 6.67 -39.73 -53.06
CA PHE H 366 6.27 -40.62 -51.98
C PHE H 366 7.49 -41.27 -51.33
N PHE H 367 8.46 -41.66 -52.17
CA PHE H 367 9.71 -42.21 -51.69
C PHE H 367 10.49 -41.17 -50.90
N LEU H 368 10.59 -39.96 -51.45
CA LEU H 368 11.27 -38.86 -50.79
C LEU H 368 10.57 -38.50 -49.47
N ARG H 369 9.25 -38.68 -49.46
CA ARG H 369 8.45 -38.45 -48.26
C ARG H 369 8.79 -39.50 -47.20
N GLU H 370 8.90 -40.75 -47.64
CA GLU H 370 9.23 -41.84 -46.74
C GLU H 370 10.62 -41.65 -46.16
N ALA H 371 11.51 -41.08 -46.96
CA ALA H 371 12.86 -40.75 -46.50
C ALA H 371 12.82 -39.55 -45.55
N PHE H 372 11.84 -38.68 -45.75
CA PHE H 372 11.66 -37.50 -44.91
C PHE H 372 11.15 -37.85 -43.52
N LYS H 373 10.22 -38.80 -43.46
CA LYS H 373 9.61 -39.22 -42.20
C LYS H 373 10.62 -39.90 -41.29
N LYS H 374 11.63 -40.54 -41.89
CA LYS H 374 12.66 -41.23 -41.12
C LYS H 374 13.84 -40.31 -40.84
N GLY H 375 13.78 -39.09 -41.37
CA GLY H 375 14.84 -38.12 -41.20
C GLY H 375 16.10 -38.47 -41.97
N GLU H 376 15.96 -39.37 -42.94
CA GLU H 376 17.09 -39.81 -43.75
C GLU H 376 17.20 -38.99 -45.04
N LEU H 377 16.30 -38.04 -45.20
CA LEU H 377 16.30 -37.19 -46.39
C LEU H 377 17.37 -36.10 -46.26
N LYS H 378 18.31 -36.10 -47.19
CA LYS H 378 19.44 -35.17 -47.13
C LYS H 378 19.70 -34.53 -48.49
N ARG H 379 20.78 -33.76 -48.58
CA ARG H 379 21.12 -33.02 -49.79
C ARG H 379 21.29 -33.92 -51.01
N ARG H 380 21.74 -35.15 -50.79
CA ARG H 380 21.99 -36.09 -51.88
C ARG H 380 20.71 -36.41 -52.65
N GLY H 381 19.69 -36.88 -51.95
CA GLY H 381 18.43 -37.24 -52.57
C GLY H 381 17.72 -36.06 -53.20
N MET H 382 17.81 -34.91 -52.55
CA MET H 382 17.19 -33.69 -53.04
C MET H 382 17.83 -33.23 -54.35
N ALA H 383 19.16 -33.14 -54.34
CA ALA H 383 19.91 -32.74 -55.51
C ALA H 383 19.69 -33.72 -56.65
N ASN H 384 19.67 -35.00 -56.33
CA ASN H 384 19.37 -36.04 -57.33
C ASN H 384 17.98 -35.85 -57.94
N PHE H 385 17.02 -35.52 -57.09
CA PHE H 385 15.65 -35.29 -57.53
C PHE H 385 15.57 -34.10 -58.49
N TRP H 386 16.16 -32.98 -58.10
CA TRP H 386 16.10 -31.77 -58.90
C TRP H 386 16.91 -31.88 -60.19
N ARG H 387 17.96 -32.70 -60.16
CA ARG H 387 18.77 -32.93 -61.35
C ARG H 387 18.07 -33.85 -62.34
N GLU H 388 17.51 -34.94 -61.84
CA GLU H 388 16.79 -35.89 -62.69
C GLU H 388 15.60 -35.22 -63.36
N CYS H 389 14.67 -34.71 -62.56
CA CYS H 389 13.57 -33.91 -63.09
C CYS H 389 13.40 -32.59 -62.35
N GLY H 390 13.74 -31.50 -63.01
CA GLY H 390 13.44 -30.17 -62.49
C GLY H 390 12.29 -29.54 -63.24
N ASP H 391 11.95 -30.11 -64.40
CA ASP H 391 10.93 -29.55 -65.27
C ASP H 391 9.51 -29.89 -64.84
N ILE H 392 9.31 -31.14 -64.44
CA ILE H 392 7.99 -31.62 -64.05
C ILE H 392 7.76 -31.48 -62.55
N ALA H 393 8.72 -30.87 -61.87
CA ALA H 393 8.70 -30.77 -60.41
C ALA H 393 7.40 -30.23 -59.82
N PRO H 394 6.92 -29.05 -60.27
CA PRO H 394 5.68 -28.56 -59.65
C PRO H 394 4.48 -29.46 -59.94
N HIS H 395 4.39 -29.91 -61.19
CA HIS H 395 3.32 -30.80 -61.63
C HIS H 395 3.38 -32.11 -60.85
N LEU H 396 4.60 -32.60 -60.65
CA LEU H 396 4.82 -33.83 -59.90
C LEU H 396 4.42 -33.65 -58.44
N PHE H 397 4.64 -32.45 -57.91
CA PHE H 397 4.27 -32.14 -56.53
C PHE H 397 2.76 -32.16 -56.36
N LEU H 398 2.06 -31.40 -57.20
CA LEU H 398 0.61 -31.34 -57.14
C LEU H 398 -0.02 -32.72 -57.36
N LEU H 399 0.51 -33.45 -58.34
CA LEU H 399 0.05 -34.80 -58.64
C LEU H 399 0.28 -35.74 -57.46
N SER H 400 1.41 -35.57 -56.77
CA SER H 400 1.73 -36.38 -55.61
C SER H 400 0.77 -36.11 -54.46
N ILE H 401 0.47 -34.84 -54.24
CA ILE H 401 -0.48 -34.45 -53.19
C ILE H 401 -1.87 -35.02 -53.49
N ALA H 402 -2.30 -34.88 -54.74
CA ALA H 402 -3.59 -35.40 -55.17
C ALA H 402 -3.68 -36.91 -54.99
N ASP H 403 -2.63 -37.60 -55.43
CA ASP H 403 -2.57 -39.05 -55.31
C ASP H 403 -2.57 -39.49 -53.86
N ALA H 404 -1.94 -38.69 -53.01
CA ALA H 404 -1.92 -38.97 -51.57
C ALA H 404 -3.31 -38.81 -50.96
N MET H 405 -4.04 -37.80 -51.43
CA MET H 405 -5.40 -37.56 -50.96
C MET H 405 -6.36 -38.65 -51.41
N ALA H 406 -6.22 -39.09 -52.66
CA ALA H 406 -7.11 -40.09 -53.22
C ALA H 406 -6.88 -41.49 -52.65
N SER H 407 -5.68 -41.72 -52.12
CA SER H 407 -5.34 -43.03 -51.57
C SER H 407 -5.85 -43.18 -50.14
N GLY H 408 -6.46 -42.11 -49.62
CA GLY H 408 -6.99 -42.12 -48.27
C GLY H 408 -5.89 -42.19 -47.22
N ASP H 409 -4.76 -41.55 -47.53
CA ASP H 409 -3.63 -41.50 -46.60
C ASP H 409 -3.99 -40.65 -45.39
N GLU H 410 -3.32 -40.92 -44.27
CA GLU H 410 -3.52 -40.15 -43.05
C GLU H 410 -3.12 -38.70 -43.28
N GLU H 411 -3.79 -37.79 -42.59
CA GLU H 411 -3.54 -36.35 -42.73
C GLU H 411 -2.09 -36.00 -42.40
N GLU H 412 -1.53 -36.70 -41.43
CA GLU H 412 -0.16 -36.45 -40.99
C GLU H 412 0.83 -36.83 -42.09
N ASP H 413 0.50 -37.89 -42.82
CA ASP H 413 1.35 -38.37 -43.91
C ASP H 413 1.29 -37.40 -45.09
N ILE H 414 0.09 -36.87 -45.34
CA ILE H 414 -0.10 -35.88 -46.39
C ILE H 414 0.67 -34.60 -46.07
N LYS H 415 0.59 -34.16 -44.82
CA LYS H 415 1.33 -33.00 -44.37
C LYS H 415 2.83 -33.24 -44.48
N ALA H 416 3.24 -34.48 -44.20
CA ALA H 416 4.64 -34.89 -44.36
C ALA H 416 5.06 -34.75 -45.82
N LEU H 417 4.17 -35.14 -46.73
CA LEU H 417 4.43 -35.01 -48.16
C LEU H 417 4.58 -33.54 -48.56
N MET H 418 3.65 -32.71 -48.11
CA MET H 418 3.67 -31.29 -48.43
C MET H 418 4.94 -30.61 -47.92
N GLU H 419 5.33 -30.95 -46.69
CA GLU H 419 6.52 -30.35 -46.09
C GLU H 419 7.78 -30.89 -46.74
N THR H 420 7.72 -32.11 -47.24
CA THR H 420 8.82 -32.69 -48.01
C THR H 420 9.00 -31.90 -49.30
N ILE H 421 7.89 -31.66 -49.98
CA ILE H 421 7.86 -30.85 -51.19
C ILE H 421 8.45 -29.47 -50.94
N ALA H 422 8.02 -28.83 -49.85
CA ALA H 422 8.50 -27.51 -49.50
C ALA H 422 9.99 -27.52 -49.16
N GLU H 423 10.45 -28.63 -48.60
CA GLU H 423 11.88 -28.78 -48.30
C GLU H 423 12.69 -28.90 -49.60
N LEU H 424 12.12 -29.60 -50.58
CA LEU H 424 12.75 -29.71 -51.89
C LEU H 424 12.84 -28.35 -52.57
N GLU H 425 11.72 -27.63 -52.61
CA GLU H 425 11.66 -26.31 -53.22
C GLU H 425 12.61 -25.34 -52.54
N SER H 426 12.63 -25.36 -51.22
CA SER H 426 13.51 -24.49 -50.45
C SER H 426 14.98 -24.83 -50.69
N PHE H 427 15.27 -26.13 -50.81
CA PHE H 427 16.63 -26.57 -51.07
C PHE H 427 17.09 -26.09 -52.43
N ASN H 428 16.17 -26.11 -53.40
CA ASN H 428 16.49 -25.69 -54.76
C ASN H 428 16.61 -24.18 -54.90
N ARG H 429 15.85 -23.45 -54.09
CA ARG H 429 15.79 -21.99 -54.19
C ARG H 429 17.05 -21.29 -53.69
N ASN H 430 17.55 -21.71 -52.54
CA ASN H 430 18.67 -21.04 -51.89
C ASN H 430 19.93 -21.90 -51.82
N GLU H 431 19.82 -23.04 -51.14
CA GLU H 431 21.00 -23.84 -50.78
C GLU H 431 21.63 -24.56 -51.98
N MET H 432 21.03 -24.43 -53.16
CA MET H 432 21.64 -24.97 -54.36
C MET H 432 22.32 -23.87 -55.16
N LYS H 433 23.63 -23.73 -54.98
CA LYS H 433 24.39 -22.73 -55.72
C LYS H 433 25.50 -23.38 -56.55
S SO4 I . -2.30 39.68 -17.67
O1 SO4 I . -2.75 40.12 -16.35
O2 SO4 I . -1.52 38.45 -17.52
O3 SO4 I . -3.45 39.42 -18.52
O4 SO4 I . -1.47 40.72 -18.26
S SO4 J . -2.35 30.88 21.49
O1 SO4 J . -2.12 31.64 22.72
O2 SO4 J . -1.70 29.58 21.58
O3 SO4 J . -3.79 30.69 21.30
O4 SO4 J . -1.82 31.62 20.35
S SO4 K . 42.48 -39.03 41.49
O1 SO4 K . 41.53 -38.36 42.35
O2 SO4 K . 43.51 -39.68 42.29
O3 SO4 K . 41.79 -40.02 40.68
O4 SO4 K . 43.11 -38.04 40.61
S SO4 L . 22.88 -5.30 43.90
O1 SO4 L . 22.30 -4.88 45.18
O2 SO4 L . 23.72 -6.48 44.11
O3 SO4 L . 21.82 -5.62 42.97
O4 SO4 L . 23.70 -4.22 43.36
S SO4 M . -19.45 -0.68 1.60
O1 SO4 M . -20.62 -0.43 0.76
O2 SO4 M . -18.25 -0.20 0.91
O3 SO4 M . -19.60 0.04 2.87
O4 SO4 M . -19.32 -2.11 1.86
S SO4 N . -43.78 -15.82 28.07
O1 SO4 N . -44.23 -15.43 29.40
O2 SO4 N . -43.10 -17.10 28.14
O3 SO4 N . -44.92 -15.92 27.17
O4 SO4 N . -42.85 -14.81 27.55
S SO4 O . -5.56 -7.84 -45.93
O1 SO4 O . -6.39 -7.49 -44.71
O2 SO4 O . -5.09 -9.28 -45.76
O3 SO4 O . -6.48 -7.87 -47.03
O4 SO4 O . -4.40 -7.04 -45.87
S SO4 P . -17.79 -24.13 -77.16
O1 SO4 P . -18.74 -23.84 -76.08
O2 SO4 P . -16.96 -25.26 -76.76
O3 SO4 P . -18.51 -24.47 -78.38
O4 SO4 P . -16.95 -22.97 -77.40
#